data_8W1P
#
_entry.id   8W1P
#
_cell.length_a   1.00
_cell.length_b   1.00
_cell.length_c   1.00
_cell.angle_alpha   90.00
_cell.angle_beta   90.00
_cell.angle_gamma   90.00
#
_symmetry.space_group_name_H-M   'P 1'
#
loop_
_entity.id
_entity.type
_entity.pdbx_description
1 polymer Cas7
2 polymer Cas8
3 polymer Cas5
4 polymer Cas6
5 polymer 'Non-target strand DNA'
6 polymer crRNA
7 polymer 'Target strand DNA'
#
loop_
_entity_poly.entity_id
_entity_poly.type
_entity_poly.pdbx_seq_one_letter_code
_entity_poly.pdbx_strand_id
1 'polypeptide(L)'
;MAANKKATNVTLKSRPENLSFARCLNTTEAKFWQTDFLKRHTFKLPLLITDKAVLASKGHEMPPDKLEKEIMDPNPQKSQ
SCTLSTECDTLRIDFGIKVLPVKESMYSCSDYNYRTAIYQKIDEYIAEDGFLTLAKRYVNNIANARFLWRNRKGAEIIET
IVTIEDKEYPSFNSKSFNLDTFVEDNATINEIAQQIADTFAGKREYLNIYVTCFVKIGCAMEVYPSQEMTFDDDDKGKKL
FKFEGSAGMHSQKINNALRTIDTWYPDYTTYEFPIPVENYGAARSIGIPFRPDTKSFYKLIDRMILKNEDLPIEDKHYVM
AILIRGGMFSKKQEK
;
A,B,C,D,E,F
2 'polypeptide(L)'
;MLRSKHHHHSGHHHTGHHHHSGSHHHTGGSGENLYFQGSGGLRNKILAAISQKIPEEQKINKYIEGLFQSIDKNHLATHV
AKFTETNSPGNIGAYDILSSDMNCGYLDTANAGWKEPDIVTNDAKYKRPQGFVAMEMSDGRTVMEHLQEDSAELRHEMEE
LTDKYDEIRDGILNMPSMQPYRTNQFIKQVFFPVGGSYHLLSILPSTVLNYEVSDRLYRSKIPKIRLRLLSSNAASTTGS
RLVSKNKWPLVFQALPPKFLEKNLAKALDKEYLLPDINIDELEGVDNGCLIDEALLPLIIDEGKRKGEGNYRPRHLRDER
KEETVQAFLDKYGYCNIPVGYEVHHIVPLSQGGADSIKNMIMLSIEHHERVTEAHASYFKWRNT
;
G
3 'polypeptide(L)'
;MMKGYILLEKVNIENANAFNNIIVGIPAITSFLGFARALERKLNAKEIAIRINGVGLEFHEYELKGYKNKRGQYVTSCPL
PGSIPGQNEKKLDAHIMNQAYIDLNMSFLLEVEGPHVDMSTCKSIKSTMETLRIAGGIIRNYKKIRLIDTLADIPYGYFL
TLRQDNLNDAAGDDMLDKMIHALQQEDTLVPIAVGFKALSEVGHVEGQRDPEKDHCFVESIFSLGGFECSKILEDINSCL
WRYKTEEGLYLCTII
;
H
4 'polypeptide(L)'
;MFSQILIIKPGTGISPNIIISEDIFPVLHSLFVEHDKKFGITFPAYSFDKKGHLGNIIEVLSEDKEALASLCLEEHLAEV
TDYVKVKKEITFTDDYVLFKRIREENQYETTARRMRKRGHTELGRPLEMHIKKKNQQIFCHAYIKVKSASTGQSYNIFLA
PTDIKHGSFSAYGLLRGDTHA
;
I
5 'polydeoxyribonucleotide'
;(DG)(DA)(DG)(DT)(DT)(DG)(DC)(DA)(DG)(DC)(DA)(DA)(DG)(DC)(DG)(DT)(DA)(DC)(DG)(DG)
(DA)(DG)(DA)(DA)(DG)(DT)(DC)(DA)(DT)(DT)(DT)(DA)(DA)(DT)(DA)(DA)(DG)(DG)(DC)(DC)
(DA)(DC)(DT)(DG)(DT)(DT)(DA)(DA)(DA)(DA)(DA)(DG)(DC)(DA)(DA)(DC)(DA)(DG)(DC)(DT)
(DG)(DA)(DT)(DT)(DG)(DC)
;
N
6 'polyribonucleotide' UUUAGAAGGAGAAGUCAUUUAAUAAGGCCACUGUUAAAAAGUGUACCGCCGGAUAGGCGGU R
7 'polydeoxyribonucleotide'
;(DG)(DC)(DA)(DA)(DT)(DC)(DA)(DG)(DC)(DT)(DG)(DT)(DT)(DG)(DC)(DT)(DT)(DT)(DT)(DT)
(DA)(DA)(DC)(DA)(DG)(DT)(DG)(DG)(DC)(DC)(DT)(DT)(DA)(DT)(DT)(DA)(DA)(DA)(DT)(DG)
(DA)(DC)(DT)(DT)(DC)(DT)(DC)(DC)(DG)(DT)(DA)(DC)(DG)(DC)(DT)(DT)(DG)(DC)(DT)(DG)
(DC)(DA)(DA)(DC)(DT)(DC)
;
T
#
# COMPACT_ATOMS: atom_id res chain seq x y z
N THR A 11 4.84 -66.22 -34.63
CA THR A 11 4.72 -65.82 -33.21
C THR A 11 5.59 -64.60 -32.90
N LEU A 12 5.25 -63.89 -31.83
CA LEU A 12 6.04 -62.75 -31.39
C LEU A 12 7.37 -63.22 -30.82
N LYS A 13 8.47 -62.77 -31.43
CA LYS A 13 9.79 -63.13 -30.93
C LYS A 13 10.10 -62.40 -29.62
N SER A 14 9.91 -61.08 -29.62
CA SER A 14 10.40 -60.23 -28.55
C SER A 14 9.59 -58.94 -28.54
N ARG A 15 9.71 -58.20 -27.44
CA ARG A 15 9.08 -56.90 -27.25
C ARG A 15 9.41 -55.92 -28.37
N PRO A 16 8.58 -54.90 -28.61
CA PRO A 16 8.87 -53.93 -29.68
C PRO A 16 9.97 -52.97 -29.25
N GLU A 17 10.51 -52.28 -30.27
CA GLU A 17 11.62 -51.35 -30.03
C GLU A 17 11.22 -50.06 -29.31
N ASN A 18 9.95 -49.69 -29.26
CA ASN A 18 9.56 -48.40 -28.67
C ASN A 18 8.15 -48.43 -28.07
N LEU A 19 7.86 -49.38 -27.17
CA LEU A 19 6.62 -49.34 -26.41
C LEU A 19 6.68 -48.24 -25.34
N SER A 20 5.67 -47.37 -25.33
CA SER A 20 5.58 -46.29 -24.35
C SER A 20 4.13 -46.04 -23.96
N PHE A 21 3.87 -45.97 -22.66
CA PHE A 21 2.55 -45.68 -22.10
C PHE A 21 2.57 -44.36 -21.35
N ALA A 22 1.68 -43.45 -21.73
CA ALA A 22 1.41 -42.28 -20.92
C ALA A 22 0.71 -42.68 -19.62
N ARG A 23 1.04 -41.97 -18.54
CA ARG A 23 0.39 -42.17 -17.26
C ARG A 23 -1.12 -41.96 -17.38
N CYS A 24 -1.89 -42.96 -16.97
CA CYS A 24 -3.34 -42.90 -17.11
C CYS A 24 -4.04 -42.16 -15.97
N LEU A 25 -3.43 -42.09 -14.79
CA LEU A 25 -4.04 -41.48 -13.61
C LEU A 25 -3.26 -40.23 -13.22
N ASN A 26 -3.47 -39.16 -13.97
CA ASN A 26 -2.73 -37.91 -13.75
C ASN A 26 -3.23 -37.20 -12.49
N THR A 27 -2.30 -36.56 -11.79
CA THR A 27 -2.58 -35.74 -10.62
C THR A 27 -1.85 -34.42 -10.74
N THR A 28 -2.50 -33.35 -10.30
CA THR A 28 -1.94 -32.00 -10.38
C THR A 28 -1.32 -31.60 -9.04
N GLU A 29 -0.49 -30.56 -9.08
CA GLU A 29 0.04 -29.94 -7.87
C GLU A 29 -1.09 -29.49 -6.96
N ALA A 30 -0.87 -29.64 -5.65
CA ALA A 30 -1.82 -29.26 -4.61
C ALA A 30 -1.35 -28.00 -3.92
N LYS A 31 -2.26 -27.04 -3.75
CA LYS A 31 -2.03 -25.95 -2.80
C LYS A 31 -2.42 -26.37 -1.40
N PHE A 32 -1.76 -25.78 -0.40
CA PHE A 32 -2.27 -25.74 0.95
C PHE A 32 -2.98 -24.42 1.23
N TRP A 33 -4.08 -24.51 1.97
CA TRP A 33 -4.76 -23.38 2.57
C TRP A 33 -4.93 -23.69 4.05
N GLN A 34 -5.16 -22.65 4.86
CA GLN A 34 -5.45 -22.80 6.28
C GLN A 34 -6.82 -22.21 6.61
N THR A 35 -7.46 -22.78 7.62
CA THR A 35 -8.81 -22.37 8.00
C THR A 35 -9.07 -22.75 9.45
N ASP A 36 -10.22 -22.31 9.96
CA ASP A 36 -10.76 -22.77 11.22
C ASP A 36 -11.82 -23.83 10.90
N PHE A 37 -11.72 -24.99 11.56
CA PHE A 37 -12.51 -26.18 11.22
C PHE A 37 -14.00 -25.89 11.12
N LEU A 38 -14.55 -25.16 12.08
CA LEU A 38 -15.99 -24.90 12.09
C LEU A 38 -16.42 -23.90 11.03
N LYS A 39 -15.47 -23.24 10.36
CA LYS A 39 -15.73 -22.32 9.26
C LYS A 39 -15.18 -22.83 7.94
N ARG A 40 -14.68 -24.07 7.91
CA ARG A 40 -13.90 -24.60 6.78
C ARG A 40 -14.64 -24.54 5.45
N HIS A 41 -15.98 -24.58 5.47
CA HIS A 41 -16.73 -24.56 4.22
C HIS A 41 -16.72 -23.21 3.51
N THR A 42 -16.36 -22.12 4.20
CA THR A 42 -16.46 -20.77 3.65
C THR A 42 -15.18 -19.95 3.82
N PHE A 43 -14.41 -20.25 4.87
CA PHE A 43 -13.25 -19.45 5.27
C PHE A 43 -11.97 -20.16 4.87
N LYS A 44 -11.09 -19.44 4.17
CA LYS A 44 -9.73 -19.92 3.92
C LYS A 44 -8.77 -18.75 3.81
N LEU A 45 -7.55 -18.94 4.31
CA LEU A 45 -6.44 -18.00 4.21
C LEU A 45 -5.23 -18.66 3.56
N PRO A 46 -4.37 -17.91 2.87
CA PRO A 46 -3.15 -18.52 2.33
C PRO A 46 -2.23 -19.02 3.43
N LEU A 47 -1.49 -20.08 3.13
CA LEU A 47 -0.46 -20.63 4.00
C LEU A 47 0.91 -20.39 3.35
N LEU A 48 1.79 -19.70 4.07
CA LEU A 48 3.05 -19.20 3.53
C LEU A 48 4.22 -20.05 4.00
N ILE A 49 5.15 -20.33 3.09
CA ILE A 49 6.45 -20.89 3.45
C ILE A 49 7.31 -19.78 4.02
N THR A 50 7.80 -19.97 5.25
CA THR A 50 8.59 -18.98 5.97
C THR A 50 10.04 -19.43 6.03
N ASP A 51 10.97 -18.51 5.80
CA ASP A 51 12.39 -18.78 5.99
C ASP A 51 12.69 -18.87 7.48
N LYS A 52 13.56 -19.82 7.85
CA LYS A 52 13.89 -20.06 9.25
C LYS A 52 15.32 -20.61 9.31
N ALA A 53 16.30 -19.70 9.35
CA ALA A 53 17.69 -20.08 9.56
C ALA A 53 17.92 -20.53 11.00
N VAL A 54 18.82 -21.52 11.16
CA VAL A 54 18.92 -22.30 12.39
C VAL A 54 20.40 -22.50 12.74
N LEU A 55 20.72 -22.41 14.02
CA LEU A 55 22.04 -22.75 14.55
C LEU A 55 22.00 -24.15 15.15
N ALA A 56 22.89 -25.01 14.68
CA ALA A 56 23.02 -26.39 15.16
C ALA A 56 24.30 -26.60 15.96
N SER A 57 24.29 -27.66 16.75
CA SER A 57 25.52 -28.35 17.13
C SER A 57 25.92 -29.33 16.03
N LYS A 58 27.22 -29.64 15.98
CA LYS A 58 27.69 -30.73 15.14
C LYS A 58 27.51 -32.06 15.88
N GLY A 59 26.60 -32.90 15.38
CA GLY A 59 26.25 -34.17 16.00
C GLY A 59 26.27 -35.37 15.06
N HIS A 60 26.61 -35.15 13.79
CA HIS A 60 26.72 -36.28 12.86
C HIS A 60 27.90 -37.17 13.20
N GLU A 61 27.84 -38.40 12.70
CA GLU A 61 28.87 -39.40 12.96
C GLU A 61 30.17 -39.04 12.26
N MET A 62 31.24 -38.87 13.03
CA MET A 62 32.56 -38.45 12.55
C MET A 62 33.64 -39.45 12.98
N PRO A 63 34.70 -39.65 12.18
CA PRO A 63 35.80 -40.51 12.63
C PRO A 63 36.55 -39.85 13.78
N PRO A 64 37.10 -40.64 14.73
CA PRO A 64 37.57 -40.02 15.99
C PRO A 64 38.69 -39.00 15.83
N ASP A 65 39.53 -39.12 14.81
CA ASP A 65 40.60 -38.15 14.61
C ASP A 65 40.06 -36.79 14.15
N LYS A 66 38.93 -36.79 13.45
CA LYS A 66 38.25 -35.54 13.10
C LYS A 66 37.34 -35.06 14.23
N LEU A 67 36.71 -35.99 14.95
CA LEU A 67 35.78 -35.65 16.03
C LEU A 67 36.39 -34.71 17.06
N GLU A 68 37.58 -35.05 17.58
CA GLU A 68 38.18 -34.24 18.63
C GLU A 68 38.51 -32.81 18.19
N LYS A 69 38.59 -32.55 16.89
CA LYS A 69 38.74 -31.21 16.36
C LYS A 69 37.40 -30.51 16.19
N GLU A 70 36.37 -31.24 15.74
CA GLU A 70 35.08 -30.67 15.34
C GLU A 70 34.03 -30.66 16.45
N ILE A 71 34.16 -31.54 17.45
CA ILE A 71 33.04 -31.95 18.31
C ILE A 71 32.31 -30.78 18.97
N MET A 72 33.03 -29.74 19.39
CA MET A 72 32.43 -28.62 20.12
C MET A 72 32.07 -27.43 19.25
N ASP A 73 32.36 -27.46 17.95
CA ASP A 73 32.08 -26.31 17.10
C ASP A 73 30.57 -26.03 17.01
N PRO A 74 30.15 -24.76 16.96
CA PRO A 74 28.78 -24.46 16.51
C PRO A 74 28.65 -24.71 15.01
N ASN A 75 27.39 -24.75 14.53
CA ASN A 75 27.10 -25.03 13.13
C ASN A 75 25.82 -24.34 12.65
N PRO A 76 25.91 -23.21 11.94
CA PRO A 76 24.71 -22.63 11.34
C PRO A 76 24.19 -23.44 10.16
N GLN A 77 22.87 -23.44 9.98
CA GLN A 77 22.24 -24.03 8.81
C GLN A 77 21.04 -23.23 8.34
N LYS A 78 20.92 -23.08 7.03
CA LYS A 78 19.73 -22.51 6.41
C LYS A 78 18.61 -23.54 6.38
N SER A 79 17.37 -23.07 6.53
CA SER A 79 16.21 -23.94 6.38
C SER A 79 14.98 -23.09 6.12
N GLN A 80 13.93 -23.76 5.61
CA GLN A 80 12.59 -23.21 5.51
C GLN A 80 11.61 -24.11 6.24
N SER A 81 10.57 -23.49 6.79
CA SER A 81 9.57 -24.20 7.59
C SER A 81 8.22 -23.52 7.40
N CYS A 82 7.16 -24.28 7.66
CA CYS A 82 5.78 -23.86 7.42
C CYS A 82 4.93 -24.16 8.64
N THR A 83 4.17 -23.15 9.09
CA THR A 83 3.37 -23.25 10.30
C THR A 83 2.02 -22.58 10.08
N LEU A 84 0.96 -23.19 10.58
CA LEU A 84 -0.34 -22.53 10.65
C LEU A 84 -0.24 -21.26 11.49
N SER A 85 -1.18 -20.34 11.27
CA SER A 85 -1.32 -19.20 12.15
C SER A 85 -1.73 -19.64 13.56
N THR A 86 -1.64 -18.70 14.50
CA THR A 86 -2.15 -18.93 15.85
C THR A 86 -3.67 -18.92 15.91
N GLU A 87 -4.36 -18.45 14.87
CA GLU A 87 -5.81 -18.30 14.86
C GLU A 87 -6.52 -19.45 14.14
N CYS A 88 -5.95 -19.91 13.03
CA CYS A 88 -6.45 -21.10 12.36
C CYS A 88 -6.04 -22.35 13.12
N ASP A 89 -6.73 -23.45 12.82
CA ASP A 89 -6.39 -24.76 13.36
C ASP A 89 -6.47 -25.91 12.36
N THR A 90 -6.94 -25.68 11.13
CA THR A 90 -7.20 -26.74 10.16
C THR A 90 -6.41 -26.46 8.89
N LEU A 91 -5.64 -27.46 8.45
CA LEU A 91 -5.03 -27.44 7.14
C LEU A 91 -6.04 -27.86 6.09
N ARG A 92 -5.99 -27.21 4.92
CA ARG A 92 -6.82 -27.55 3.77
C ARG A 92 -5.94 -27.84 2.56
N ILE A 93 -6.22 -28.94 1.86
CA ILE A 93 -5.56 -29.29 0.60
C ILE A 93 -6.63 -29.32 -0.48
N ASP A 94 -6.35 -28.69 -1.62
CA ASP A 94 -7.13 -28.88 -2.85
C ASP A 94 -6.22 -29.37 -3.96
N PHE A 95 -6.59 -30.47 -4.61
CA PHE A 95 -5.86 -30.95 -5.78
C PHE A 95 -6.82 -31.64 -6.75
N GLY A 96 -6.43 -31.65 -8.03
CA GLY A 96 -7.18 -32.30 -9.08
C GLY A 96 -6.58 -33.62 -9.54
N ILE A 97 -7.43 -34.46 -10.14
CA ILE A 97 -7.03 -35.70 -10.79
C ILE A 97 -7.70 -35.72 -12.16
N LYS A 98 -7.01 -36.27 -13.17
CA LYS A 98 -7.60 -36.57 -14.47
C LYS A 98 -7.26 -37.99 -14.88
N VAL A 99 -8.30 -38.78 -15.22
CA VAL A 99 -8.17 -40.18 -15.62
C VAL A 99 -8.40 -40.29 -17.12
N LEU A 100 -7.56 -41.09 -17.80
CA LEU A 100 -7.64 -41.35 -19.23
C LEU A 100 -7.72 -42.85 -19.53
N PRO A 101 -8.35 -43.24 -20.65
CA PRO A 101 -8.49 -44.69 -20.95
C PRO A 101 -7.15 -45.36 -21.25
N VAL A 102 -7.03 -46.60 -20.77
CA VAL A 102 -5.75 -47.30 -20.78
C VAL A 102 -5.26 -47.58 -22.20
N LYS A 103 -6.14 -48.13 -23.06
CA LYS A 103 -5.72 -48.51 -24.41
C LYS A 103 -5.25 -47.32 -25.23
N GLU A 104 -5.93 -46.19 -25.14
CA GLU A 104 -5.60 -45.04 -25.97
C GLU A 104 -4.40 -44.25 -25.47
N SER A 105 -3.91 -44.52 -24.25
CA SER A 105 -2.73 -43.85 -23.72
C SER A 105 -1.41 -44.42 -24.21
N MET A 106 -1.41 -45.48 -25.02
CA MET A 106 -0.18 -46.09 -25.53
C MET A 106 0.40 -45.19 -26.63
N TYR A 107 1.16 -44.18 -26.19
CA TYR A 107 1.64 -43.14 -27.11
C TYR A 107 2.58 -43.67 -28.19
N SER A 108 3.17 -44.86 -28.05
CA SER A 108 3.88 -45.42 -29.19
C SER A 108 4.03 -46.93 -29.05
N CYS A 109 4.22 -47.57 -30.21
CA CYS A 109 4.65 -48.96 -30.33
C CYS A 109 5.06 -49.19 -31.77
N SER A 110 6.20 -49.86 -31.96
CA SER A 110 6.80 -50.05 -33.27
C SER A 110 6.52 -51.41 -33.91
N ASP A 111 5.57 -52.19 -33.40
CA ASP A 111 5.25 -53.50 -33.95
C ASP A 111 3.74 -53.70 -33.90
N TYR A 112 3.08 -53.65 -35.06
CA TYR A 112 1.63 -53.77 -35.12
C TYR A 112 1.13 -55.11 -34.59
N ASN A 113 1.92 -56.18 -34.76
CA ASN A 113 1.53 -57.48 -34.20
C ASN A 113 1.46 -57.43 -32.68
N TYR A 114 2.48 -56.84 -32.05
CA TYR A 114 2.48 -56.68 -30.61
C TYR A 114 1.38 -55.74 -30.15
N ARG A 115 1.16 -54.65 -30.89
CA ARG A 115 0.06 -53.73 -30.57
C ARG A 115 -1.28 -54.45 -30.58
N THR A 116 -1.51 -55.32 -31.55
CA THR A 116 -2.71 -56.14 -31.60
C THR A 116 -2.80 -57.05 -30.38
N ALA A 117 -1.68 -57.69 -30.02
CA ALA A 117 -1.69 -58.61 -28.89
C ALA A 117 -2.01 -57.90 -27.58
N ILE A 118 -1.37 -56.75 -27.32
CA ILE A 118 -1.61 -56.02 -26.08
C ILE A 118 -3.05 -55.50 -26.02
N TYR A 119 -3.59 -55.00 -27.14
CA TYR A 119 -5.01 -54.62 -27.14
C TYR A 119 -5.91 -55.81 -26.84
N GLN A 120 -5.61 -56.98 -27.41
CA GLN A 120 -6.40 -58.17 -27.13
C GLN A 120 -6.37 -58.54 -25.65
N LYS A 121 -5.19 -58.49 -25.04
CA LYS A 121 -5.11 -58.85 -23.62
C LYS A 121 -5.78 -57.82 -22.72
N ILE A 122 -5.75 -56.55 -23.10
CA ILE A 122 -6.49 -55.55 -22.32
C ILE A 122 -7.99 -55.76 -22.45
N ASP A 123 -8.46 -56.12 -23.64
CA ASP A 123 -9.89 -56.43 -23.80
C ASP A 123 -10.28 -57.65 -22.97
N GLU A 124 -9.42 -58.67 -22.93
CA GLU A 124 -9.65 -59.81 -22.03
C GLU A 124 -9.74 -59.36 -20.58
N TYR A 125 -8.84 -58.48 -20.14
CA TYR A 125 -8.91 -58.00 -18.76
C TYR A 125 -10.18 -57.20 -18.49
N ILE A 126 -10.61 -56.39 -19.46
CA ILE A 126 -11.88 -55.68 -19.33
C ILE A 126 -13.04 -56.65 -19.19
N ALA A 127 -12.96 -57.80 -19.86
CA ALA A 127 -14.00 -58.82 -19.68
C ALA A 127 -13.91 -59.48 -18.29
N GLU A 128 -12.70 -59.69 -17.79
CA GLU A 128 -12.56 -60.34 -16.48
C GLU A 128 -12.95 -59.41 -15.33
N ASP A 129 -12.62 -58.12 -15.43
CA ASP A 129 -12.71 -57.20 -14.30
C ASP A 129 -13.23 -55.82 -14.67
N GLY A 130 -13.29 -55.46 -15.94
CA GLY A 130 -13.29 -54.06 -16.31
C GLY A 130 -11.98 -53.42 -15.87
N PHE A 131 -12.02 -52.51 -14.90
CA PHE A 131 -10.86 -52.19 -14.08
C PHE A 131 -11.25 -52.00 -12.61
N LEU A 132 -12.34 -52.60 -12.17
CA LEU A 132 -12.99 -52.18 -10.93
C LEU A 132 -12.14 -52.43 -9.69
N THR A 133 -11.39 -53.54 -9.63
CA THR A 133 -10.60 -53.80 -8.42
C THR A 133 -9.48 -52.79 -8.24
N LEU A 134 -8.81 -52.43 -9.33
CA LEU A 134 -7.78 -51.39 -9.27
C LEU A 134 -8.41 -50.03 -8.97
N ALA A 135 -9.53 -49.73 -9.63
CA ALA A 135 -10.21 -48.46 -9.39
C ALA A 135 -10.65 -48.34 -7.93
N LYS A 136 -11.12 -49.45 -7.33
CA LYS A 136 -11.43 -49.45 -5.91
C LYS A 136 -10.21 -49.15 -5.07
N ARG A 137 -9.08 -49.79 -5.36
CA ARG A 137 -7.90 -49.53 -4.53
C ARG A 137 -7.39 -48.09 -4.67
N TYR A 138 -7.41 -47.53 -5.89
CA TYR A 138 -7.05 -46.12 -6.05
C TYR A 138 -8.00 -45.19 -5.29
N VAL A 139 -9.30 -45.41 -5.42
CA VAL A 139 -10.27 -44.60 -4.68
C VAL A 139 -10.09 -44.79 -3.18
N ASN A 140 -9.73 -46.00 -2.74
CA ASN A 140 -9.47 -46.23 -1.33
C ASN A 140 -8.26 -45.44 -0.85
N ASN A 141 -7.24 -45.30 -1.70
CA ASN A 141 -6.11 -44.46 -1.33
C ASN A 141 -6.43 -42.99 -1.35
N ILE A 142 -7.45 -42.56 -2.11
CA ILE A 142 -7.98 -41.21 -1.89
C ILE A 142 -8.73 -41.15 -0.56
N ALA A 143 -9.54 -42.18 -0.29
CA ALA A 143 -10.34 -42.21 0.93
C ALA A 143 -9.47 -42.32 2.18
N ASN A 144 -8.37 -43.06 2.10
CA ASN A 144 -7.44 -43.16 3.23
C ASN A 144 -6.77 -41.84 3.59
N ALA A 145 -6.82 -40.83 2.72
CA ALA A 145 -6.00 -39.61 2.85
C ALA A 145 -4.52 -39.95 3.00
N ARG A 146 -4.07 -41.00 2.32
CA ARG A 146 -2.66 -41.37 2.36
C ARG A 146 -1.78 -40.28 1.76
N PHE A 147 -2.32 -39.52 0.79
CA PHE A 147 -1.59 -38.40 0.17
C PHE A 147 -1.18 -37.31 1.16
N LEU A 148 -1.70 -37.30 2.39
CA LEU A 148 -1.21 -36.38 3.41
C LEU A 148 0.24 -36.66 3.80
N TRP A 149 0.75 -37.88 3.60
CA TRP A 149 2.08 -38.34 4.02
C TRP A 149 2.32 -37.93 5.48
N ARG A 150 3.40 -37.19 5.80
CA ARG A 150 3.72 -36.85 7.18
C ARG A 150 2.63 -36.03 7.86
N ASN A 151 1.82 -35.30 7.10
CA ASN A 151 0.76 -34.50 7.71
C ASN A 151 -0.32 -35.36 8.38
N ARG A 152 -0.40 -36.65 8.04
CA ARG A 152 -1.37 -37.54 8.68
C ARG A 152 -0.96 -37.99 10.08
N LYS A 153 0.33 -37.87 10.44
CA LYS A 153 0.85 -38.52 11.65
C LYS A 153 0.15 -38.10 12.93
N GLY A 154 -0.49 -36.93 12.96
CA GLY A 154 -1.44 -36.65 14.02
C GLY A 154 -2.44 -35.57 13.65
N ALA A 155 -3.72 -35.92 13.71
CA ALA A 155 -4.79 -34.95 13.53
C ALA A 155 -6.00 -35.37 14.34
N GLU A 156 -6.73 -34.38 14.86
CA GLU A 156 -7.91 -34.69 15.67
C GLU A 156 -9.03 -35.23 14.77
N ILE A 157 -9.27 -34.57 13.63
CA ILE A 157 -10.31 -34.96 12.68
C ILE A 157 -9.73 -34.78 11.29
N ILE A 158 -10.08 -35.68 10.37
CA ILE A 158 -9.74 -35.54 8.96
C ILE A 158 -11.01 -35.77 8.14
N GLU A 159 -11.25 -34.90 7.16
CA GLU A 159 -12.32 -35.05 6.18
C GLU A 159 -11.74 -34.99 4.78
N THR A 160 -12.18 -35.90 3.91
CA THR A 160 -11.89 -35.87 2.47
C THR A 160 -13.19 -35.72 1.70
N ILE A 161 -13.25 -34.72 0.82
CA ILE A 161 -14.42 -34.45 -0.02
C ILE A 161 -13.98 -34.64 -1.47
N VAL A 162 -14.68 -35.52 -2.18
CA VAL A 162 -14.40 -35.82 -3.59
C VAL A 162 -15.49 -35.20 -4.44
N THR A 163 -15.09 -34.40 -5.43
CA THR A 163 -15.99 -33.73 -6.35
C THR A 163 -15.72 -34.23 -7.77
N ILE A 164 -16.76 -34.74 -8.43
CA ILE A 164 -16.66 -35.26 -9.79
C ILE A 164 -17.66 -34.49 -10.64
N GLU A 165 -17.15 -33.71 -11.59
CA GLU A 165 -17.95 -32.91 -12.52
C GLU A 165 -19.05 -32.11 -11.82
N ASP A 166 -18.64 -31.42 -10.74
CA ASP A 166 -19.48 -30.59 -9.88
C ASP A 166 -20.50 -31.34 -9.03
N LYS A 167 -20.60 -32.66 -9.12
CA LYS A 167 -21.27 -33.43 -8.08
C LYS A 167 -20.31 -33.61 -6.90
N GLU A 168 -20.79 -33.30 -5.69
CA GLU A 168 -20.01 -33.50 -4.47
C GLU A 168 -20.52 -34.72 -3.73
N TYR A 169 -19.65 -35.71 -3.57
CA TYR A 169 -19.89 -36.89 -2.76
C TYR A 169 -19.75 -36.57 -1.26
N PRO A 170 -20.31 -37.41 -0.38
CA PRO A 170 -20.21 -37.14 1.06
C PRO A 170 -18.77 -37.20 1.58
N SER A 171 -18.55 -36.48 2.68
CA SER A 171 -17.25 -36.41 3.33
C SER A 171 -16.83 -37.76 3.92
N PHE A 172 -15.72 -38.31 3.44
CA PHE A 172 -15.10 -39.45 4.09
C PHE A 172 -14.51 -39.05 5.43
N ASN A 173 -14.78 -39.84 6.47
CA ASN A 173 -14.00 -39.77 7.71
C ASN A 173 -12.74 -40.62 7.50
N SER A 174 -11.77 -40.02 6.80
CA SER A 174 -10.60 -40.75 6.32
C SER A 174 -9.73 -41.33 7.43
N LYS A 175 -9.89 -40.87 8.68
CA LYS A 175 -9.14 -41.44 9.78
C LYS A 175 -9.64 -42.83 10.18
N SER A 176 -10.84 -43.21 9.75
CA SER A 176 -11.40 -44.52 10.11
C SER A 176 -10.77 -45.69 9.34
N PHE A 177 -10.02 -45.43 8.27
CA PHE A 177 -9.41 -46.50 7.49
C PHE A 177 -8.02 -46.86 8.02
N ASN A 178 -7.76 -48.17 8.10
CA ASN A 178 -6.41 -48.66 8.32
C ASN A 178 -5.67 -48.68 6.99
N LEU A 179 -4.47 -48.09 6.98
CA LEU A 179 -3.71 -47.98 5.73
C LEU A 179 -3.28 -49.34 5.18
N ASP A 180 -3.26 -50.37 6.00
CA ASP A 180 -2.88 -51.71 5.55
C ASP A 180 -4.01 -52.48 4.86
N THR A 181 -5.26 -52.02 4.97
CA THR A 181 -6.42 -52.81 4.54
C THR A 181 -7.26 -51.97 3.58
N PHE A 182 -7.61 -52.57 2.44
CA PHE A 182 -8.49 -51.98 1.45
C PHE A 182 -9.91 -52.50 1.63
N VAL A 183 -10.88 -51.59 1.51
CA VAL A 183 -12.27 -51.83 1.88
C VAL A 183 -13.09 -52.00 0.60
N GLU A 184 -13.77 -53.14 0.48
CA GLU A 184 -14.51 -53.49 -0.73
C GLU A 184 -15.91 -52.90 -0.79
N ASP A 185 -16.52 -52.53 0.35
CA ASP A 185 -17.97 -52.44 0.46
C ASP A 185 -18.50 -51.06 0.85
N ASN A 186 -17.65 -50.05 1.02
CA ASN A 186 -18.13 -48.70 1.24
C ASN A 186 -18.81 -48.20 -0.04
N ALA A 187 -20.07 -47.76 0.08
CA ALA A 187 -20.88 -47.46 -1.11
C ALA A 187 -20.33 -46.30 -1.92
N THR A 188 -19.73 -45.29 -1.27
CA THR A 188 -19.23 -44.14 -1.99
C THR A 188 -17.93 -44.48 -2.72
N ILE A 189 -17.08 -45.29 -2.07
CA ILE A 189 -15.89 -45.82 -2.71
C ILE A 189 -16.30 -46.64 -3.93
N ASN A 190 -17.31 -47.49 -3.78
CA ASN A 190 -17.78 -48.29 -4.90
C ASN A 190 -18.28 -47.43 -6.06
N GLU A 191 -19.04 -46.37 -5.78
CA GLU A 191 -19.56 -45.52 -6.85
C GLU A 191 -18.45 -44.79 -7.59
N ILE A 192 -17.52 -44.17 -6.84
CA ILE A 192 -16.42 -43.47 -7.49
C ILE A 192 -15.51 -44.46 -8.22
N ALA A 193 -15.30 -45.64 -7.64
CA ALA A 193 -14.51 -46.67 -8.29
C ALA A 193 -15.15 -47.14 -9.59
N GLN A 194 -16.48 -47.23 -9.62
CA GLN A 194 -17.15 -47.56 -10.88
C GLN A 194 -16.94 -46.46 -11.91
N GLN A 195 -17.02 -45.19 -11.50
CA GLN A 195 -16.78 -44.11 -12.45
C GLN A 195 -15.35 -44.16 -13.02
N ILE A 196 -14.37 -44.43 -12.16
CA ILE A 196 -12.99 -44.54 -12.60
C ILE A 196 -12.80 -45.76 -13.50
N ALA A 197 -13.37 -46.90 -13.10
CA ALA A 197 -13.25 -48.12 -13.90
C ALA A 197 -13.85 -47.93 -15.28
N ASP A 198 -15.03 -47.29 -15.35
CA ASP A 198 -15.61 -46.94 -16.64
C ASP A 198 -14.66 -46.06 -17.45
N THR A 199 -13.95 -45.16 -16.79
CA THR A 199 -13.00 -44.31 -17.53
C THR A 199 -11.83 -45.15 -18.06
N PHE A 200 -11.25 -46.00 -17.21
CA PHE A 200 -10.14 -46.85 -17.64
C PHE A 200 -10.52 -47.79 -18.78
N ALA A 201 -11.72 -48.37 -18.72
CA ALA A 201 -12.14 -49.32 -19.75
C ALA A 201 -12.36 -48.68 -21.11
N GLY A 202 -12.45 -47.35 -21.18
CA GLY A 202 -12.74 -46.65 -22.41
C GLY A 202 -14.21 -46.37 -22.64
N LYS A 203 -15.07 -46.58 -21.63
CA LYS A 203 -16.46 -46.20 -21.73
C LYS A 203 -16.65 -44.69 -21.60
N ARG A 204 -15.64 -43.96 -21.16
CA ARG A 204 -15.56 -42.52 -21.32
C ARG A 204 -14.15 -42.15 -21.74
N GLU A 205 -14.02 -41.01 -22.41
CA GLU A 205 -12.73 -40.56 -22.91
C GLU A 205 -11.91 -39.83 -21.85
N TYR A 206 -12.54 -39.34 -20.79
CA TYR A 206 -11.82 -38.67 -19.71
C TYR A 206 -12.70 -38.63 -18.48
N LEU A 207 -12.08 -38.34 -17.33
CA LEU A 207 -12.83 -38.03 -16.12
C LEU A 207 -12.02 -37.10 -15.25
N ASN A 208 -12.62 -35.99 -14.83
CA ASN A 208 -12.02 -35.05 -13.89
C ASN A 208 -12.54 -35.32 -12.49
N ILE A 209 -11.62 -35.44 -11.53
CA ILE A 209 -11.95 -35.60 -10.12
C ILE A 209 -11.19 -34.53 -9.35
N TYR A 210 -11.91 -33.71 -8.58
CA TYR A 210 -11.33 -32.70 -7.71
C TYR A 210 -11.49 -33.16 -6.27
N VAL A 211 -10.39 -33.16 -5.52
CA VAL A 211 -10.37 -33.58 -4.12
C VAL A 211 -10.09 -32.37 -3.24
N THR A 212 -10.90 -32.19 -2.20
CA THR A 212 -10.61 -31.31 -1.09
C THR A 212 -10.44 -32.16 0.16
N CYS A 213 -9.43 -31.84 0.98
CA CYS A 213 -9.15 -32.53 2.23
C CYS A 213 -8.87 -31.54 3.34
N PHE A 214 -9.45 -31.78 4.52
CA PHE A 214 -9.29 -30.94 5.70
C PHE A 214 -8.64 -31.75 6.81
N VAL A 215 -7.55 -31.23 7.38
CA VAL A 215 -6.85 -31.85 8.50
C VAL A 215 -6.87 -30.86 9.67
N LYS A 216 -7.57 -31.20 10.75
CA LYS A 216 -7.59 -30.39 11.97
C LYS A 216 -6.40 -30.76 12.83
N ILE A 217 -5.34 -29.96 12.78
CA ILE A 217 -4.09 -30.25 13.49
C ILE A 217 -4.08 -29.58 14.87
N GLY A 218 -4.33 -28.29 14.91
CA GLY A 218 -4.17 -27.48 16.10
C GLY A 218 -3.55 -26.15 15.76
N CYS A 219 -3.76 -25.17 16.63
CA CYS A 219 -3.24 -23.83 16.42
C CYS A 219 -1.71 -23.81 16.40
N ALA A 220 -1.15 -23.05 15.47
CA ALA A 220 0.29 -22.86 15.30
C ALA A 220 1.07 -24.16 15.08
N MET A 221 0.42 -25.26 14.73
CA MET A 221 1.14 -26.51 14.49
C MET A 221 1.85 -26.47 13.14
N GLU A 222 2.90 -27.28 13.03
CA GLU A 222 3.71 -27.35 11.82
C GLU A 222 2.97 -28.09 10.69
N VAL A 223 3.28 -27.69 9.46
CA VAL A 223 2.74 -28.30 8.24
C VAL A 223 3.91 -28.64 7.33
N TYR A 224 3.77 -29.73 6.56
CA TYR A 224 4.86 -30.31 5.77
C TYR A 224 4.50 -30.33 4.28
N PRO A 225 4.80 -29.28 3.52
CA PRO A 225 4.89 -29.43 2.07
C PRO A 225 6.11 -30.25 1.67
N SER A 226 6.11 -30.69 0.42
CA SER A 226 7.23 -31.46 -0.11
C SER A 226 8.44 -30.57 -0.35
N GLN A 227 9.63 -31.10 -0.08
CA GLN A 227 10.86 -30.41 -0.43
C GLN A 227 11.06 -30.37 -1.95
N GLU A 228 11.65 -29.28 -2.42
CA GLU A 228 12.27 -29.28 -3.74
C GLU A 228 13.50 -30.18 -3.71
N MET A 229 13.87 -30.70 -4.87
CA MET A 229 15.24 -31.16 -5.11
C MET A 229 15.93 -30.13 -5.99
N THR A 230 16.96 -29.48 -5.45
CA THR A 230 17.77 -28.52 -6.18
C THR A 230 19.23 -28.72 -5.82
N PHE A 231 20.10 -28.39 -6.77
CA PHE A 231 21.54 -28.45 -6.59
C PHE A 231 22.08 -27.03 -6.73
N ASP A 232 22.77 -26.56 -5.71
CA ASP A 232 23.34 -25.22 -5.70
C ASP A 232 24.68 -25.25 -4.97
N ASP A 233 25.53 -24.28 -5.30
CA ASP A 233 26.88 -24.25 -4.73
C ASP A 233 26.86 -23.94 -3.23
N ASP A 234 26.02 -23.00 -2.82
CA ASP A 234 25.97 -22.55 -1.42
C ASP A 234 24.82 -23.18 -0.64
N ASP A 235 23.58 -22.99 -1.08
CA ASP A 235 22.41 -23.39 -0.30
C ASP A 235 22.18 -24.88 -0.44
N LYS A 236 22.84 -25.65 0.43
CA LYS A 236 22.47 -27.03 0.68
C LYS A 236 21.29 -27.16 1.64
N GLY A 237 20.87 -26.06 2.27
CA GLY A 237 19.78 -26.09 3.21
C GLY A 237 18.43 -26.42 2.59
N LYS A 238 17.55 -26.92 3.46
CA LYS A 238 16.22 -27.38 3.08
C LYS A 238 15.42 -26.29 2.37
N LYS A 239 14.95 -26.59 1.16
CA LYS A 239 14.10 -25.70 0.36
C LYS A 239 12.75 -26.36 0.12
N LEU A 240 11.67 -25.69 0.53
CA LEU A 240 10.32 -26.20 0.38
C LEU A 240 9.70 -25.74 -0.93
N PHE A 241 8.65 -26.45 -1.36
CA PHE A 241 7.93 -26.17 -2.60
C PHE A 241 6.93 -25.03 -2.40
N LYS A 242 7.28 -23.83 -2.85
CA LYS A 242 6.31 -22.77 -3.09
C LYS A 242 5.55 -23.04 -4.39
N PHE A 243 4.22 -23.08 -4.31
CA PHE A 243 3.34 -23.16 -5.48
C PHE A 243 2.49 -21.90 -5.52
N GLU A 244 2.76 -21.05 -6.51
CA GLU A 244 2.14 -19.72 -6.63
C GLU A 244 2.28 -18.92 -5.33
N GLY A 245 3.43 -19.06 -4.69
CA GLY A 245 3.70 -18.42 -3.42
C GLY A 245 3.12 -19.09 -2.18
N SER A 246 2.00 -19.79 -2.31
CA SER A 246 1.50 -20.64 -1.24
C SER A 246 2.26 -21.96 -1.22
N ALA A 247 2.29 -22.58 -0.05
CA ALA A 247 2.88 -23.91 0.07
C ALA A 247 2.12 -24.91 -0.80
N GLY A 248 2.83 -25.93 -1.29
CA GLY A 248 2.19 -26.98 -2.05
C GLY A 248 2.91 -28.31 -1.97
N MET A 249 2.26 -29.33 -2.52
CA MET A 249 2.85 -30.65 -2.72
C MET A 249 3.14 -30.91 -4.19
N HIS A 250 4.31 -31.49 -4.44
CA HIS A 250 4.64 -31.98 -5.77
C HIS A 250 3.59 -32.98 -6.24
N SER A 251 3.26 -32.93 -7.53
CA SER A 251 2.28 -33.84 -8.10
C SER A 251 2.74 -35.29 -8.00
N GLN A 252 4.05 -35.53 -8.16
CA GLN A 252 4.55 -36.89 -8.17
C GLN A 252 4.40 -37.56 -6.81
N LYS A 253 4.44 -36.80 -5.72
CA LYS A 253 4.32 -37.41 -4.40
C LYS A 253 2.87 -37.80 -4.09
N ILE A 254 1.90 -36.99 -4.54
CA ILE A 254 0.50 -37.38 -4.43
C ILE A 254 0.23 -38.62 -5.28
N ASN A 255 0.72 -38.61 -6.53
CA ASN A 255 0.55 -39.78 -7.39
C ASN A 255 1.16 -41.03 -6.75
N ASN A 256 2.38 -40.91 -6.22
CA ASN A 256 3.00 -42.04 -5.54
C ASN A 256 2.22 -42.49 -4.31
N ALA A 257 1.45 -41.58 -3.69
CA ALA A 257 0.56 -42.03 -2.63
C ALA A 257 -0.56 -42.88 -3.20
N LEU A 258 -1.16 -42.44 -4.29
CA LEU A 258 -2.26 -43.21 -4.89
C LEU A 258 -1.79 -44.58 -5.40
N ARG A 259 -0.61 -44.65 -6.02
CA ARG A 259 -0.10 -45.92 -6.55
C ARG A 259 0.16 -47.01 -5.51
N THR A 260 0.04 -46.74 -4.21
CA THR A 260 0.25 -47.78 -3.18
C THR A 260 -0.95 -48.72 -3.05
N ILE A 261 -1.28 -49.39 -4.16
CA ILE A 261 -2.36 -50.39 -4.19
C ILE A 261 -1.86 -51.82 -4.00
N ASP A 262 -0.56 -52.06 -4.15
CA ASP A 262 -0.03 -53.38 -4.45
C ASP A 262 0.17 -54.17 -3.17
N THR A 263 -0.58 -55.28 -3.03
CA THR A 263 -0.36 -56.27 -1.99
C THR A 263 -0.16 -57.67 -2.58
N TRP A 264 0.21 -57.76 -3.86
CA TRP A 264 0.29 -59.01 -4.59
C TRP A 264 1.72 -59.57 -4.68
N TYR A 265 2.73 -58.77 -4.34
CA TYR A 265 4.11 -59.20 -4.44
C TYR A 265 4.36 -60.43 -3.56
N PRO A 266 5.30 -61.31 -3.94
CA PRO A 266 5.30 -62.69 -3.39
C PRO A 266 5.55 -62.79 -1.90
N ASP A 267 6.33 -61.89 -1.30
CA ASP A 267 6.67 -61.97 0.11
C ASP A 267 5.58 -61.45 1.04
N TYR A 268 4.42 -61.05 0.50
CA TYR A 268 3.44 -60.24 1.22
C TYR A 268 3.01 -60.83 2.56
N THR A 269 2.94 -62.16 2.68
CA THR A 269 2.59 -62.77 3.96
C THR A 269 3.57 -62.44 5.07
N THR A 270 4.80 -62.02 4.73
CA THR A 270 5.80 -61.58 5.69
C THR A 270 5.93 -60.07 5.76
N TYR A 271 5.39 -59.33 4.79
CA TYR A 271 5.38 -57.87 4.76
C TYR A 271 3.93 -57.45 4.53
N GLU A 272 3.16 -57.28 5.60
CA GLU A 272 1.71 -57.13 5.45
C GLU A 272 1.29 -55.76 4.90
N PHE A 273 2.28 -54.79 4.66
CA PHE A 273 1.94 -53.46 4.14
C PHE A 273 1.90 -53.45 2.60
N PRO A 274 1.06 -52.61 1.98
CA PRO A 274 1.16 -52.40 0.52
C PRO A 274 2.37 -51.56 0.14
N ILE A 275 2.76 -51.67 -1.13
CA ILE A 275 3.90 -50.95 -1.70
C ILE A 275 3.46 -50.21 -2.96
N PRO A 276 4.24 -49.21 -3.41
CA PRO A 276 3.99 -48.61 -4.73
C PRO A 276 4.15 -49.59 -5.87
N VAL A 277 3.25 -49.50 -6.84
CA VAL A 277 3.36 -50.25 -8.09
C VAL A 277 4.59 -49.77 -8.84
N GLU A 278 5.52 -50.69 -9.13
CA GLU A 278 6.75 -50.36 -9.83
C GLU A 278 7.22 -51.61 -10.58
N ASN A 279 8.01 -51.36 -11.64
CA ASN A 279 8.42 -52.43 -12.57
C ASN A 279 9.09 -53.60 -11.88
N TYR A 280 9.90 -53.33 -10.84
CA TYR A 280 10.54 -54.35 -10.04
C TYR A 280 10.10 -54.32 -8.58
N GLY A 281 9.00 -53.64 -8.27
CA GLY A 281 8.56 -53.51 -6.89
C GLY A 281 9.53 -52.77 -6.00
N ALA A 282 10.32 -51.87 -6.56
CA ALA A 282 11.18 -51.03 -5.74
C ALA A 282 10.33 -50.08 -4.91
N ALA A 283 10.61 -50.02 -3.61
CA ALA A 283 9.89 -49.18 -2.67
C ALA A 283 10.91 -48.49 -1.79
N ARG A 284 10.98 -47.16 -1.89
CA ARG A 284 12.07 -46.40 -1.29
C ARG A 284 12.15 -46.52 0.23
N SER A 285 11.08 -46.97 0.88
CA SER A 285 11.11 -47.21 2.32
C SER A 285 11.82 -48.51 2.71
N ILE A 286 12.15 -49.38 1.75
CA ILE A 286 12.80 -50.65 2.03
C ILE A 286 13.93 -50.83 1.03
N GLY A 287 15.06 -51.34 1.50
CA GLY A 287 16.31 -51.39 0.77
C GLY A 287 16.44 -52.50 -0.24
N ILE A 288 15.38 -53.25 -0.53
CA ILE A 288 15.41 -54.40 -1.43
C ILE A 288 14.20 -54.32 -2.36
N PRO A 289 14.34 -54.52 -3.68
CA PRO A 289 13.13 -54.63 -4.51
C PRO A 289 12.33 -55.87 -4.14
N PHE A 290 11.01 -55.70 -4.06
CA PHE A 290 10.12 -56.81 -3.73
C PHE A 290 9.81 -57.72 -4.91
N ARG A 291 10.15 -57.34 -6.14
CA ARG A 291 9.99 -58.21 -7.32
C ARG A 291 11.23 -58.20 -8.21
N PRO A 292 12.32 -58.81 -7.75
CA PRO A 292 13.32 -59.32 -8.70
C PRO A 292 12.80 -60.57 -9.40
N ASP A 293 13.52 -60.98 -10.44
CA ASP A 293 13.40 -62.30 -11.08
C ASP A 293 11.94 -62.54 -11.54
N THR A 294 11.40 -63.75 -11.32
CA THR A 294 10.26 -64.26 -12.08
C THR A 294 9.00 -63.42 -11.98
N LYS A 295 8.80 -62.69 -10.88
CA LYS A 295 7.61 -61.86 -10.73
C LYS A 295 7.76 -60.45 -11.28
N SER A 296 8.98 -60.02 -11.64
CA SER A 296 9.19 -58.69 -12.18
C SER A 296 8.33 -58.47 -13.42
N PHE A 297 7.93 -57.20 -13.61
CA PHE A 297 6.95 -56.83 -14.64
C PHE A 297 7.35 -57.29 -16.03
N TYR A 298 8.63 -57.13 -16.39
CA TYR A 298 9.08 -57.54 -17.71
C TYR A 298 8.86 -59.04 -17.95
N LYS A 299 9.19 -59.86 -16.95
CA LYS A 299 9.00 -61.31 -17.07
C LYS A 299 7.51 -61.67 -17.18
N LEU A 300 6.66 -60.97 -16.43
CA LEU A 300 5.23 -61.26 -16.47
C LEU A 300 4.61 -60.86 -17.80
N ILE A 301 4.89 -59.65 -18.29
CA ILE A 301 4.29 -59.22 -19.54
C ILE A 301 4.81 -60.03 -20.71
N ASP A 302 6.11 -60.39 -20.69
CA ASP A 302 6.64 -61.29 -21.72
C ASP A 302 5.95 -62.64 -21.68
N ARG A 303 5.77 -63.20 -20.48
CA ARG A 303 5.07 -64.48 -20.33
C ARG A 303 3.63 -64.37 -20.79
N MET A 304 2.98 -63.23 -20.55
CA MET A 304 1.58 -63.06 -20.91
C MET A 304 1.36 -62.88 -22.41
N ILE A 305 2.28 -62.21 -23.11
CA ILE A 305 2.07 -61.82 -24.50
C ILE A 305 2.91 -62.66 -25.45
N LEU A 306 4.18 -62.91 -25.13
CA LEU A 306 4.99 -63.73 -26.01
C LEU A 306 4.62 -65.21 -25.90
N LYS A 307 4.49 -65.72 -24.68
CA LYS A 307 4.15 -67.12 -24.44
C LYS A 307 2.65 -67.36 -24.27
N ASN A 308 1.82 -66.31 -24.28
CA ASN A 308 0.36 -66.40 -24.21
C ASN A 308 -0.15 -67.21 -23.00
N GLU A 309 0.62 -67.27 -21.92
CA GLU A 309 0.15 -67.95 -20.71
C GLU A 309 -0.96 -67.16 -20.03
N ASP A 310 -1.95 -67.88 -19.51
CA ASP A 310 -3.03 -67.29 -18.70
C ASP A 310 -2.56 -67.12 -17.27
N LEU A 311 -1.97 -65.95 -17.00
CA LEU A 311 -1.49 -65.61 -15.67
C LEU A 311 -2.63 -65.60 -14.64
N PRO A 312 -2.35 -65.95 -13.38
CA PRO A 312 -3.38 -65.78 -12.34
C PRO A 312 -3.76 -64.32 -12.17
N ILE A 313 -5.01 -64.10 -11.76
CA ILE A 313 -5.64 -62.78 -11.77
C ILE A 313 -4.86 -61.74 -10.97
N GLU A 314 -4.17 -62.14 -9.90
CA GLU A 314 -3.34 -61.19 -9.16
C GLU A 314 -2.22 -60.63 -10.03
N ASP A 315 -1.63 -61.46 -10.89
CA ASP A 315 -0.57 -60.98 -11.76
C ASP A 315 -1.12 -60.10 -12.89
N LYS A 316 -2.34 -60.37 -13.35
CA LYS A 316 -2.98 -59.43 -14.27
C LYS A 316 -3.29 -58.10 -13.59
N HIS A 317 -3.73 -58.12 -12.33
CA HIS A 317 -3.92 -56.89 -11.58
C HIS A 317 -2.64 -56.07 -11.53
N TYR A 318 -1.52 -56.72 -11.19
CA TYR A 318 -0.24 -56.03 -11.13
C TYR A 318 0.19 -55.47 -12.49
N VAL A 319 0.13 -56.30 -13.54
CA VAL A 319 0.54 -55.87 -14.87
C VAL A 319 -0.30 -54.69 -15.35
N MET A 320 -1.62 -54.79 -15.24
CA MET A 320 -2.48 -53.69 -15.65
C MET A 320 -2.29 -52.46 -14.78
N ALA A 321 -1.95 -52.64 -13.50
CA ALA A 321 -1.63 -51.50 -12.67
C ALA A 321 -0.37 -50.78 -13.15
N ILE A 322 0.60 -51.53 -13.68
CA ILE A 322 1.78 -50.86 -14.27
C ILE A 322 1.42 -50.19 -15.58
N LEU A 323 0.54 -50.77 -16.38
CA LEU A 323 0.07 -50.06 -17.57
C LEU A 323 -0.64 -48.77 -17.20
N ILE A 324 -1.39 -48.77 -16.10
CA ILE A 324 -2.01 -47.53 -15.62
C ILE A 324 -0.94 -46.55 -15.15
N ARG A 325 0.09 -47.05 -14.45
CA ARG A 325 1.22 -46.22 -14.04
C ARG A 325 1.86 -45.52 -15.26
N GLY A 326 1.98 -46.24 -16.36
CA GLY A 326 2.68 -45.73 -17.52
C GLY A 326 4.18 -45.77 -17.35
N GLY A 327 4.88 -45.67 -18.47
CA GLY A 327 6.32 -45.83 -18.47
C GLY A 327 6.84 -46.12 -19.86
N MET A 328 8.13 -46.47 -19.90
CA MET A 328 8.87 -46.74 -21.12
C MET A 328 9.34 -48.19 -21.05
N PHE A 329 8.88 -49.03 -22.00
CA PHE A 329 8.86 -50.48 -21.83
C PHE A 329 9.47 -51.22 -23.04
N SER A 330 10.38 -50.59 -23.78
CA SER A 330 10.89 -51.21 -24.99
C SER A 330 11.70 -52.49 -24.69
N LYS A 331 12.01 -53.21 -25.77
CA LYS A 331 13.07 -54.21 -25.78
C LYS A 331 14.34 -53.65 -25.14
N LYS A 332 15.08 -54.52 -24.45
CA LYS A 332 16.41 -54.17 -23.99
C LYS A 332 17.28 -53.76 -25.17
N GLN A 333 17.66 -52.49 -25.21
CA GLN A 333 18.31 -51.92 -26.38
C GLN A 333 19.70 -52.50 -26.59
N GLU A 334 20.15 -52.47 -27.85
CA GLU A 334 21.39 -53.09 -28.29
C GLU A 334 22.21 -52.07 -29.07
N LYS A 335 23.51 -52.34 -29.17
CA LYS A 335 24.45 -51.45 -29.85
C LYS A 335 24.07 -51.17 -31.29
N THR B 11 23.41 -61.73 12.99
CA THR B 11 22.53 -61.40 11.84
C THR B 11 22.74 -59.97 11.35
N LEU B 12 22.34 -59.00 12.17
CA LEU B 12 22.47 -57.60 11.82
C LEU B 12 23.94 -57.20 11.76
N LYS B 13 24.45 -56.99 10.54
CA LYS B 13 25.86 -56.67 10.37
C LYS B 13 26.16 -55.21 10.72
N SER B 14 25.28 -54.28 10.37
CA SER B 14 25.55 -52.87 10.60
C SER B 14 24.26 -52.07 10.53
N ARG B 15 24.34 -50.84 11.03
CA ARG B 15 23.23 -49.90 10.97
C ARG B 15 22.92 -49.52 9.51
N PRO B 16 21.65 -49.22 9.18
CA PRO B 16 21.25 -49.20 7.76
C PRO B 16 21.87 -48.08 6.93
N GLU B 17 21.71 -48.23 5.62
CA GLU B 17 22.07 -47.19 4.66
C GLU B 17 21.33 -45.88 4.93
N ASN B 18 20.05 -45.97 5.31
CA ASN B 18 19.27 -44.80 5.71
C ASN B 18 18.52 -45.11 6.99
N LEU B 19 18.58 -44.19 7.94
CA LEU B 19 17.83 -44.33 9.19
C LEU B 19 17.51 -42.95 9.74
N SER B 20 16.22 -42.63 9.84
CA SER B 20 15.76 -41.30 10.25
C SER B 20 14.60 -41.46 11.21
N PHE B 21 14.59 -40.63 12.25
CA PHE B 21 13.50 -40.56 13.23
C PHE B 21 12.90 -39.16 13.24
N ALA B 22 11.59 -39.08 13.07
CA ALA B 22 10.87 -37.82 13.17
C ALA B 22 10.81 -37.32 14.61
N ARG B 23 10.89 -36.00 14.76
CA ARG B 23 10.69 -35.31 16.03
C ARG B 23 9.41 -35.76 16.70
N CYS B 24 9.53 -36.37 17.89
CA CYS B 24 8.35 -36.83 18.61
C CYS B 24 7.70 -35.76 19.49
N LEU B 25 8.49 -34.82 20.00
CA LEU B 25 7.99 -33.75 20.86
C LEU B 25 7.88 -32.45 20.05
N ASN B 26 6.96 -32.47 19.09
CA ASN B 26 6.80 -31.35 18.18
C ASN B 26 6.36 -30.11 18.95
N THR B 27 6.99 -28.97 18.64
CA THR B 27 6.78 -27.72 19.36
C THR B 27 6.57 -26.58 18.36
N THR B 28 5.57 -25.74 18.63
CA THR B 28 5.27 -24.58 17.81
C THR B 28 6.30 -23.48 18.05
N GLU B 29 6.31 -22.48 17.17
CA GLU B 29 6.84 -21.17 17.53
C GLU B 29 6.06 -20.61 18.71
N ALA B 30 6.70 -19.68 19.43
CA ALA B 30 6.10 -18.99 20.56
C ALA B 30 5.91 -17.51 20.25
N LYS B 31 4.74 -16.99 20.59
CA LYS B 31 4.36 -15.60 20.35
C LYS B 31 4.34 -14.88 21.69
N PHE B 32 4.97 -13.70 21.74
CA PHE B 32 4.95 -12.86 22.93
C PHE B 32 3.73 -11.95 22.96
N TRP B 33 3.23 -11.71 24.17
CA TRP B 33 2.20 -10.72 24.45
C TRP B 33 2.65 -9.95 25.70
N GLN B 34 2.05 -8.77 25.91
CA GLN B 34 2.31 -7.95 27.09
C GLN B 34 1.00 -7.66 27.81
N THR B 35 1.08 -7.49 29.12
CA THR B 35 -0.10 -7.48 29.98
C THR B 35 0.26 -6.79 31.30
N ASP B 36 -0.77 -6.42 32.07
CA ASP B 36 -0.63 -6.03 33.48
C ASP B 36 -1.05 -7.22 34.34
N PHE B 37 -0.20 -7.58 35.30
CA PHE B 37 -0.30 -8.88 35.96
C PHE B 37 -1.61 -9.07 36.74
N LEU B 38 -2.15 -8.03 37.34
CA LEU B 38 -3.43 -8.17 38.05
C LEU B 38 -4.58 -8.50 37.11
N LYS B 39 -4.52 -8.06 35.86
CA LYS B 39 -5.59 -8.23 34.89
C LYS B 39 -5.40 -9.46 34.01
N ARG B 40 -4.36 -10.26 34.26
CA ARG B 40 -3.76 -11.10 33.23
C ARG B 40 -4.70 -12.13 32.64
N HIS B 41 -5.72 -12.57 33.37
CA HIS B 41 -6.66 -13.53 32.79
C HIS B 41 -7.59 -12.89 31.76
N THR B 42 -7.67 -11.56 31.68
CA THR B 42 -8.70 -10.86 30.92
C THR B 42 -8.17 -9.92 29.85
N PHE B 43 -6.86 -9.79 29.68
CA PHE B 43 -6.29 -8.60 29.02
C PHE B 43 -4.92 -8.92 28.47
N LYS B 44 -4.75 -8.74 27.15
CA LYS B 44 -3.45 -8.85 26.49
C LYS B 44 -3.36 -7.88 25.33
N LEU B 45 -2.14 -7.37 25.11
CA LEU B 45 -1.79 -6.47 24.02
C LEU B 45 -0.62 -7.04 23.22
N PRO B 46 -0.51 -6.75 21.91
CA PRO B 46 0.68 -7.18 21.17
C PRO B 46 1.94 -6.53 21.71
N LEU B 47 3.06 -7.26 21.62
CA LEU B 47 4.39 -6.76 21.95
C LEU B 47 5.23 -6.73 20.68
N LEU B 48 5.60 -5.53 20.23
CA LEU B 48 6.24 -5.30 18.95
C LEU B 48 7.76 -5.23 19.10
N ILE B 49 8.45 -5.38 17.96
CA ILE B 49 9.91 -5.25 17.87
C ILE B 49 10.25 -3.92 17.19
N THR B 50 11.09 -3.14 17.85
CA THR B 50 11.43 -1.78 17.43
C THR B 50 12.82 -1.76 16.79
N ASP B 51 12.91 -1.20 15.58
CA ASP B 51 14.21 -0.98 14.97
C ASP B 51 15.01 0.05 15.77
N LYS B 52 16.31 -0.21 15.89
CA LYS B 52 17.24 0.74 16.52
C LYS B 52 18.54 0.77 15.72
N ALA B 53 19.26 1.89 15.84
CA ALA B 53 20.65 1.98 15.42
C ALA B 53 21.42 2.74 16.47
N VAL B 54 22.67 2.34 16.69
CA VAL B 54 23.38 2.59 17.95
C VAL B 54 24.81 3.00 17.65
N LEU B 55 25.27 4.06 18.33
CA LEU B 55 26.63 4.59 18.19
C LEU B 55 27.54 3.93 19.23
N ALA B 56 28.14 2.81 18.85
CA ALA B 56 29.10 2.11 19.68
C ALA B 56 30.43 2.86 19.80
N SER B 57 31.33 2.30 20.60
CA SER B 57 32.74 2.62 20.61
C SER B 57 33.53 1.40 20.14
N LYS B 58 34.69 1.65 19.55
CA LYS B 58 35.62 0.57 19.17
C LYS B 58 36.31 0.00 20.40
N GLY B 59 35.58 -0.83 21.14
CA GLY B 59 36.08 -1.42 22.37
C GLY B 59 36.67 -2.81 22.23
N HIS B 60 36.59 -3.40 21.03
CA HIS B 60 37.15 -4.72 20.81
C HIS B 60 38.68 -4.70 20.96
N GLU B 61 39.23 -5.89 21.21
CA GLU B 61 40.67 -6.05 21.40
C GLU B 61 41.40 -5.83 20.08
N MET B 62 42.31 -4.85 20.07
CA MET B 62 43.03 -4.41 18.88
C MET B 62 44.55 -4.55 19.06
N PRO B 63 45.30 -4.94 18.01
CA PRO B 63 46.75 -4.87 18.11
C PRO B 63 47.25 -3.43 18.12
N PRO B 64 48.43 -3.16 18.71
CA PRO B 64 48.80 -1.76 19.01
C PRO B 64 48.91 -0.86 17.79
N ASP B 65 49.38 -1.39 16.65
CA ASP B 65 49.51 -0.54 15.46
C ASP B 65 48.16 -0.10 14.92
N LYS B 66 47.13 -0.95 15.05
CA LYS B 66 45.78 -0.53 14.73
C LYS B 66 45.18 0.33 15.82
N LEU B 67 45.40 -0.06 17.09
CA LEU B 67 44.82 0.63 18.23
C LEU B 67 45.13 2.12 18.24
N GLU B 68 46.41 2.48 18.13
CA GLU B 68 46.82 3.88 18.20
C GLU B 68 46.28 4.74 17.06
N LYS B 69 45.71 4.14 16.01
CA LYS B 69 45.12 4.86 14.90
C LYS B 69 43.60 5.00 15.01
N GLU B 70 42.92 4.05 15.65
CA GLU B 70 41.46 3.97 15.68
C GLU B 70 40.83 4.03 17.07
N ILE B 71 41.64 3.99 18.14
CA ILE B 71 41.17 3.82 19.53
C ILE B 71 40.02 4.75 19.92
N MET B 72 40.01 5.98 19.40
CA MET B 72 39.00 6.97 19.80
C MET B 72 37.80 7.06 18.85
N ASP B 73 37.81 6.36 17.72
CA ASP B 73 36.79 6.54 16.70
C ASP B 73 35.40 6.13 17.22
N PRO B 74 34.32 6.82 16.80
CA PRO B 74 32.97 6.28 17.01
C PRO B 74 32.68 5.08 16.13
N ASN B 75 31.59 4.37 16.45
CA ASN B 75 31.22 3.14 15.75
C ASN B 75 29.68 3.01 15.66
N PRO B 76 29.05 3.49 14.58
CA PRO B 76 27.60 3.29 14.42
C PRO B 76 27.26 1.86 14.04
N GLN B 77 26.12 1.37 14.57
CA GLN B 77 25.69 0.00 14.36
C GLN B 77 24.18 -0.10 14.21
N LYS B 78 23.72 -0.96 13.30
CA LYS B 78 22.32 -1.34 13.20
C LYS B 78 21.93 -2.29 14.32
N SER B 79 20.64 -2.34 14.65
CA SER B 79 20.16 -3.17 15.74
C SER B 79 18.63 -3.29 15.67
N GLN B 80 18.09 -4.15 16.53
CA GLN B 80 16.67 -4.19 16.88
C GLN B 80 16.55 -4.51 18.36
N SER B 81 15.41 -4.16 18.96
CA SER B 81 15.16 -4.45 20.37
C SER B 81 13.67 -4.60 20.62
N CYS B 82 13.34 -5.16 21.78
CA CYS B 82 11.97 -5.39 22.23
C CYS B 82 11.82 -4.94 23.69
N THR B 83 10.81 -4.12 23.96
CA THR B 83 10.59 -3.54 25.28
C THR B 83 9.10 -3.48 25.59
N LEU B 84 8.75 -3.83 26.83
CA LEU B 84 7.39 -3.65 27.31
C LEU B 84 7.00 -2.17 27.30
N SER B 85 5.70 -1.92 27.15
CA SER B 85 5.17 -0.57 27.27
C SER B 85 5.36 -0.02 28.68
N THR B 86 5.18 1.30 28.80
CA THR B 86 5.24 1.99 30.09
C THR B 86 3.98 1.82 30.93
N GLU B 87 3.05 0.93 30.58
CA GLU B 87 1.83 0.65 31.33
C GLU B 87 1.73 -0.79 31.76
N CYS B 88 2.11 -1.73 30.89
CA CYS B 88 2.14 -3.13 31.24
C CYS B 88 3.32 -3.45 32.16
N ASP B 89 3.27 -4.61 32.82
CA ASP B 89 4.34 -5.06 33.70
C ASP B 89 4.61 -6.56 33.69
N THR B 90 3.89 -7.36 32.90
CA THR B 90 4.14 -8.79 32.76
C THR B 90 4.24 -9.17 31.29
N LEU B 91 5.22 -10.03 31.00
CA LEU B 91 5.35 -10.69 29.70
C LEU B 91 4.54 -11.98 29.68
N ARG B 92 3.95 -12.28 28.53
CA ARG B 92 3.19 -13.52 28.33
C ARG B 92 3.72 -14.26 27.10
N ILE B 93 3.94 -15.57 27.25
CA ILE B 93 4.37 -16.46 26.16
C ILE B 93 3.28 -17.50 25.94
N ASP B 94 2.79 -17.59 24.71
CA ASP B 94 1.92 -18.68 24.27
C ASP B 94 2.66 -19.57 23.29
N PHE B 95 2.67 -20.88 23.54
CA PHE B 95 3.15 -21.83 22.54
C PHE B 95 2.49 -23.19 22.79
N GLY B 96 2.56 -24.04 21.76
CA GLY B 96 2.00 -25.38 21.79
C GLY B 96 3.01 -26.49 21.66
N ILE B 97 2.65 -27.68 22.14
CA ILE B 97 3.39 -28.91 21.95
C ILE B 97 2.43 -29.92 21.35
N LYS B 98 2.95 -30.82 20.51
CA LYS B 98 2.16 -31.91 19.92
C LYS B 98 2.99 -33.20 20.01
N VAL B 99 2.68 -34.02 21.00
CA VAL B 99 3.39 -35.27 21.27
C VAL B 99 2.89 -36.36 20.33
N LEU B 100 3.81 -37.16 19.79
CA LEU B 100 3.54 -38.28 18.89
C LEU B 100 4.14 -39.57 19.45
N PRO B 101 3.59 -40.74 19.08
CA PRO B 101 4.20 -42.02 19.51
C PRO B 101 5.64 -42.19 19.04
N VAL B 102 6.48 -42.67 19.95
CA VAL B 102 7.89 -42.93 19.62
C VAL B 102 7.99 -44.13 18.67
N LYS B 103 7.20 -45.18 18.91
CA LYS B 103 7.28 -46.39 18.10
C LYS B 103 6.97 -46.11 16.63
N GLU B 104 5.96 -45.29 16.36
CA GLU B 104 5.55 -44.96 15.00
C GLU B 104 6.29 -43.75 14.42
N SER B 105 7.36 -43.29 15.06
CA SER B 105 8.09 -42.11 14.61
C SER B 105 9.20 -42.42 13.60
N MET B 106 9.56 -43.68 13.42
CA MET B 106 10.70 -44.06 12.58
C MET B 106 10.40 -43.70 11.13
N TYR B 107 11.04 -42.64 10.62
CA TYR B 107 10.62 -42.04 9.36
C TYR B 107 11.17 -42.77 8.13
N SER B 108 12.36 -43.36 8.23
CA SER B 108 12.93 -44.11 7.10
C SER B 108 13.83 -45.22 7.62
N CYS B 109 13.93 -46.27 6.82
CA CYS B 109 14.84 -47.38 7.10
C CYS B 109 15.34 -47.92 5.77
N SER B 110 16.26 -48.90 5.85
CA SER B 110 16.69 -49.65 4.68
C SER B 110 16.93 -51.12 5.00
N ASP B 111 16.36 -51.62 6.10
CA ASP B 111 16.55 -53.02 6.49
C ASP B 111 15.40 -53.37 7.41
N TYR B 112 14.49 -54.23 6.94
CA TYR B 112 13.33 -54.57 7.75
C TYR B 112 13.71 -55.33 9.01
N ASN B 113 14.85 -56.03 9.00
CA ASN B 113 15.34 -56.65 10.22
C ASN B 113 15.68 -55.59 11.26
N TYR B 114 16.33 -54.51 10.85
CA TYR B 114 16.67 -53.43 11.78
C TYR B 114 15.42 -52.75 12.33
N ARG B 115 14.44 -52.45 11.46
CA ARG B 115 13.16 -51.93 11.92
C ARG B 115 12.52 -52.85 12.96
N THR B 116 12.55 -54.16 12.70
CA THR B 116 11.98 -55.10 13.66
C THR B 116 12.76 -55.08 14.99
N ALA B 117 14.07 -54.98 14.91
CA ALA B 117 14.88 -54.96 16.12
C ALA B 117 14.62 -53.70 16.96
N ILE B 118 14.61 -52.53 16.33
CA ILE B 118 14.37 -51.30 17.07
C ILE B 118 12.96 -51.29 17.66
N TYR B 119 11.96 -51.80 16.93
CA TYR B 119 10.63 -51.90 17.52
C TYR B 119 10.61 -52.87 18.70
N GLN B 120 11.38 -53.96 18.61
CA GLN B 120 11.49 -54.88 19.73
C GLN B 120 12.12 -54.21 20.95
N LYS B 121 13.14 -53.38 20.73
CA LYS B 121 13.78 -52.70 21.86
C LYS B 121 12.90 -51.62 22.46
N ILE B 122 12.12 -50.92 21.63
CA ILE B 122 11.17 -49.95 22.19
C ILE B 122 10.07 -50.66 22.98
N ASP B 123 9.59 -51.80 22.49
CA ASP B 123 8.62 -52.58 23.26
C ASP B 123 9.23 -53.11 24.56
N GLU B 124 10.49 -53.53 24.52
CA GLU B 124 11.19 -53.95 25.73
C GLU B 124 11.30 -52.79 26.71
N TYR B 125 11.61 -51.59 26.23
CA TYR B 125 11.67 -50.43 27.12
C TYR B 125 10.31 -50.12 27.71
N ILE B 126 9.25 -50.16 26.89
CA ILE B 126 7.88 -49.98 27.38
C ILE B 126 7.46 -51.06 28.37
N ALA B 127 8.14 -52.21 28.37
CA ALA B 127 7.91 -53.22 29.42
C ALA B 127 8.74 -52.97 30.67
N GLU B 128 10.02 -52.63 30.51
CA GLU B 128 10.88 -52.33 31.67
C GLU B 128 10.35 -51.12 32.42
N ASP B 129 9.88 -50.11 31.69
CA ASP B 129 9.41 -48.86 32.25
C ASP B 129 8.32 -48.33 31.34
N GLY B 130 7.54 -47.38 31.83
CA GLY B 130 6.88 -46.47 30.93
C GLY B 130 7.91 -45.56 30.29
N PHE B 131 7.44 -44.74 29.35
CA PHE B 131 8.12 -43.48 29.03
C PHE B 131 7.96 -42.36 30.15
N LEU B 132 7.34 -42.72 31.28
CA LEU B 132 7.06 -41.79 32.37
C LEU B 132 8.32 -41.12 32.90
N THR B 133 9.43 -41.86 33.02
CA THR B 133 10.62 -41.27 33.64
C THR B 133 11.25 -40.18 32.78
N LEU B 134 11.06 -40.23 31.46
CA LEU B 134 11.41 -39.10 30.58
C LEU B 134 10.32 -38.03 30.59
N ALA B 135 9.06 -38.45 30.52
CA ALA B 135 7.94 -37.52 30.49
C ALA B 135 7.93 -36.60 31.69
N LYS B 136 8.22 -37.14 32.89
CA LYS B 136 8.30 -36.29 34.08
C LYS B 136 9.37 -35.23 33.96
N ARG B 137 10.48 -35.53 33.29
CA ARG B 137 11.53 -34.53 33.12
C ARG B 137 11.14 -33.46 32.10
N TYR B 138 10.50 -33.86 31.01
CA TYR B 138 9.98 -32.86 30.08
C TYR B 138 8.93 -31.95 30.72
N VAL B 139 8.02 -32.53 31.51
CA VAL B 139 7.02 -31.72 32.20
C VAL B 139 7.68 -30.84 33.27
N ASN B 140 8.74 -31.34 33.92
CA ASN B 140 9.53 -30.50 34.81
C ASN B 140 10.12 -29.30 34.07
N ASN B 141 10.67 -29.52 32.88
CA ASN B 141 11.22 -28.40 32.11
C ASN B 141 10.14 -27.46 31.59
N ILE B 142 8.88 -27.90 31.54
CA ILE B 142 7.79 -26.94 31.37
C ILE B 142 7.58 -26.16 32.66
N ALA B 143 7.47 -26.86 33.78
CA ALA B 143 7.24 -26.21 35.07
C ALA B 143 8.41 -25.32 35.47
N ASN B 144 9.64 -25.74 35.14
CA ASN B 144 10.82 -24.91 35.42
C ASN B 144 10.83 -23.60 34.65
N ALA B 145 10.02 -23.48 33.59
CA ALA B 145 10.08 -22.33 32.69
C ALA B 145 11.49 -22.09 32.13
N ARG B 146 12.22 -23.18 31.87
CA ARG B 146 13.54 -23.07 31.25
C ARG B 146 13.46 -22.38 29.89
N PHE B 147 12.35 -22.59 29.16
CA PHE B 147 12.19 -21.97 27.84
C PHE B 147 12.22 -20.44 27.86
N LEU B 148 12.08 -19.81 29.03
CA LEU B 148 12.27 -18.37 29.12
C LEU B 148 13.69 -17.94 28.77
N TRP B 149 14.68 -18.82 29.01
CA TRP B 149 16.09 -18.49 28.88
C TRP B 149 16.44 -17.16 29.58
N ARG B 150 16.96 -16.16 28.87
CA ARG B 150 17.38 -14.92 29.53
C ARG B 150 16.23 -14.20 30.22
N ASN B 151 15.00 -14.37 29.71
CA ASN B 151 13.85 -13.71 30.33
C ASN B 151 13.58 -14.18 31.76
N ARG B 152 14.10 -15.34 32.16
CA ARG B 152 13.92 -15.81 33.53
C ARG B 152 14.73 -15.02 34.55
N LYS B 153 15.79 -14.34 34.13
CA LYS B 153 16.68 -13.66 35.07
C LYS B 153 15.99 -12.45 35.69
N GLY B 154 15.78 -12.51 37.00
CA GLY B 154 15.27 -11.39 37.77
C GLY B 154 13.81 -11.03 37.56
N ALA B 155 13.00 -11.97 37.08
CA ALA B 155 11.56 -11.81 37.15
C ALA B 155 11.08 -11.86 38.60
N GLU B 156 9.98 -11.17 38.88
CA GLU B 156 9.47 -11.11 40.24
C GLU B 156 8.70 -12.38 40.60
N ILE B 157 7.74 -12.75 39.77
CA ILE B 157 7.00 -14.01 39.91
C ILE B 157 6.71 -14.56 38.53
N ILE B 158 6.77 -15.88 38.40
CA ILE B 158 6.59 -16.58 37.12
C ILE B 158 5.49 -17.62 37.32
N GLU B 159 4.40 -17.49 36.56
CA GLU B 159 3.27 -18.40 36.62
C GLU B 159 3.10 -19.07 35.27
N THR B 160 3.17 -20.41 35.26
CA THR B 160 2.99 -21.21 34.05
C THR B 160 1.68 -21.97 34.14
N ILE B 161 0.87 -21.90 33.08
CA ILE B 161 -0.44 -22.53 32.99
C ILE B 161 -0.38 -23.53 31.84
N VAL B 162 -0.73 -24.79 32.11
CA VAL B 162 -0.74 -25.85 31.10
C VAL B 162 -2.19 -26.21 30.79
N THR B 163 -2.55 -26.15 29.52
CA THR B 163 -3.89 -26.50 29.02
C THR B 163 -3.75 -27.70 28.09
N ILE B 164 -4.58 -28.72 28.31
CA ILE B 164 -4.63 -29.91 27.46
C ILE B 164 -6.08 -30.05 27.02
N GLU B 165 -6.34 -29.72 25.76
CA GLU B 165 -7.64 -29.86 25.08
C GLU B 165 -8.81 -29.41 25.95
N ASP B 166 -8.73 -28.16 26.40
CA ASP B 166 -9.76 -27.47 27.18
C ASP B 166 -9.92 -28.02 28.59
N LYS B 167 -8.95 -28.77 29.12
CA LYS B 167 -8.73 -28.87 30.56
C LYS B 167 -7.55 -28.00 30.91
N GLU B 168 -7.74 -27.10 31.90
CA GLU B 168 -6.68 -26.23 32.39
C GLU B 168 -6.22 -26.75 33.75
N TYR B 169 -4.95 -27.13 33.84
CA TYR B 169 -4.33 -27.62 35.06
C TYR B 169 -3.96 -26.46 36.00
N PRO B 170 -3.95 -26.69 37.31
CA PRO B 170 -3.54 -25.63 38.24
C PRO B 170 -2.12 -25.13 37.97
N SER B 171 -1.97 -23.81 38.00
CA SER B 171 -0.76 -23.16 37.51
C SER B 171 0.46 -23.50 38.35
N PHE B 172 1.63 -23.48 37.70
CA PHE B 172 2.91 -23.74 38.36
C PHE B 172 3.56 -22.45 38.81
N ASN B 173 3.99 -22.39 40.07
CA ASN B 173 4.84 -21.31 40.57
C ASN B 173 6.29 -21.62 40.21
N SER B 174 6.69 -21.24 38.99
CA SER B 174 7.96 -21.67 38.43
C SER B 174 9.19 -21.13 39.17
N LYS B 175 9.02 -20.15 40.06
CA LYS B 175 10.13 -19.74 40.92
C LYS B 175 10.59 -20.85 41.85
N SER B 176 9.69 -21.74 42.25
CA SER B 176 9.96 -22.67 43.34
C SER B 176 10.86 -23.84 42.95
N PHE B 177 11.14 -24.06 41.67
CA PHE B 177 11.88 -25.24 41.21
C PHE B 177 13.35 -24.89 40.97
N ASN B 178 14.23 -25.60 41.66
CA ASN B 178 15.67 -25.49 41.40
C ASN B 178 15.99 -26.21 40.09
N LEU B 179 16.53 -25.47 39.13
CA LEU B 179 16.75 -26.00 37.78
C LEU B 179 17.64 -27.24 37.77
N ASP B 180 18.51 -27.40 38.77
CA ASP B 180 19.39 -28.55 38.83
C ASP B 180 18.69 -29.83 39.30
N THR B 181 17.42 -29.77 39.71
CA THR B 181 16.71 -30.91 40.27
C THR B 181 15.40 -31.11 39.52
N PHE B 182 15.01 -32.38 39.38
CA PHE B 182 13.74 -32.77 38.78
C PHE B 182 12.85 -33.37 39.86
N VAL B 183 11.66 -32.81 40.03
CA VAL B 183 10.73 -33.18 41.09
C VAL B 183 9.87 -34.34 40.64
N GLU B 184 9.82 -35.40 41.45
CA GLU B 184 9.12 -36.64 41.11
C GLU B 184 7.69 -36.69 41.63
N ASP B 185 7.35 -35.94 42.69
CA ASP B 185 6.13 -36.17 43.46
C ASP B 185 5.11 -35.06 43.35
N ASN B 186 5.33 -34.04 42.53
CA ASN B 186 4.32 -33.02 42.31
C ASN B 186 3.16 -33.63 41.52
N ALA B 187 1.95 -33.55 42.08
CA ALA B 187 0.79 -34.24 41.50
C ALA B 187 0.47 -33.77 40.09
N THR B 188 0.56 -32.46 39.83
CA THR B 188 0.19 -31.94 38.52
C THR B 188 1.21 -32.37 37.46
N ILE B 189 2.49 -32.35 37.83
CA ILE B 189 3.55 -32.85 36.94
C ILE B 189 3.30 -34.31 36.60
N ASN B 190 2.92 -35.12 37.59
CA ASN B 190 2.67 -36.52 37.33
C ASN B 190 1.44 -36.74 36.46
N GLU B 191 0.38 -35.96 36.67
CA GLU B 191 -0.83 -36.13 35.86
C GLU B 191 -0.58 -35.74 34.40
N ILE B 192 0.20 -34.68 34.15
CA ILE B 192 0.55 -34.35 32.77
C ILE B 192 1.50 -35.42 32.19
N ALA B 193 2.49 -35.82 32.99
CA ALA B 193 3.50 -36.77 32.52
C ALA B 193 2.89 -38.13 32.22
N GLN B 194 1.83 -38.52 32.92
CA GLN B 194 1.14 -39.77 32.57
C GLN B 194 0.55 -39.71 31.17
N GLN B 195 -0.08 -38.59 30.81
CA GLN B 195 -0.62 -38.48 29.46
C GLN B 195 0.48 -38.45 28.41
N ILE B 196 1.59 -37.77 28.71
CA ILE B 196 2.73 -37.77 27.78
C ILE B 196 3.30 -39.18 27.64
N ALA B 197 3.44 -39.90 28.76
CA ALA B 197 3.95 -41.26 28.72
C ALA B 197 3.04 -42.18 27.92
N ASP B 198 1.72 -42.06 28.12
CA ASP B 198 0.77 -42.81 27.32
C ASP B 198 0.92 -42.48 25.84
N THR B 199 1.21 -41.21 25.52
CA THR B 199 1.36 -40.84 24.11
C THR B 199 2.63 -41.45 23.52
N PHE B 200 3.77 -41.33 24.22
CA PHE B 200 5.02 -41.90 23.72
C PHE B 200 4.95 -43.41 23.55
N ALA B 201 4.28 -44.11 24.47
CA ALA B 201 4.15 -45.55 24.36
C ALA B 201 3.25 -46.01 23.22
N GLY B 202 2.53 -45.09 22.57
CA GLY B 202 1.60 -45.43 21.53
C GLY B 202 0.25 -45.90 22.03
N LYS B 203 -0.05 -45.66 23.32
CA LYS B 203 -1.39 -45.91 23.85
C LYS B 203 -2.38 -44.83 23.46
N ARG B 204 -1.90 -43.72 22.91
CA ARG B 204 -2.73 -42.67 22.33
C ARG B 204 -2.06 -42.20 21.05
N GLU B 205 -2.88 -41.68 20.13
CA GLU B 205 -2.38 -41.34 18.81
C GLU B 205 -1.65 -40.00 18.78
N TYR B 206 -2.03 -39.07 19.64
CA TYR B 206 -1.42 -37.74 19.67
C TYR B 206 -1.81 -37.09 20.99
N LEU B 207 -1.12 -36.00 21.32
CA LEU B 207 -1.52 -35.19 22.48
C LEU B 207 -1.06 -33.76 22.25
N ASN B 208 -2.02 -32.84 22.09
CA ASN B 208 -1.73 -31.42 21.94
C ASN B 208 -1.73 -30.76 23.32
N ILE B 209 -0.58 -30.20 23.71
CA ILE B 209 -0.42 -29.46 24.95
C ILE B 209 -0.16 -28.00 24.60
N TYR B 210 -0.97 -27.09 25.13
CA TYR B 210 -0.74 -25.65 25.04
C TYR B 210 -0.40 -25.14 26.42
N VAL B 211 0.57 -24.22 26.50
CA VAL B 211 0.95 -23.59 27.76
C VAL B 211 0.98 -22.07 27.59
N THR B 212 0.57 -21.37 28.66
CA THR B 212 0.69 -19.92 28.77
C THR B 212 1.57 -19.61 29.97
N CYS B 213 2.67 -18.89 29.72
CA CYS B 213 3.65 -18.54 30.75
C CYS B 213 3.65 -17.03 30.98
N PHE B 214 3.40 -16.62 32.23
CA PHE B 214 3.38 -15.21 32.64
C PHE B 214 4.63 -14.90 33.44
N VAL B 215 5.41 -13.93 32.97
CA VAL B 215 6.62 -13.46 33.66
C VAL B 215 6.39 -12.02 34.08
N LYS B 216 6.33 -11.76 35.39
CA LYS B 216 6.24 -10.39 35.89
C LYS B 216 7.65 -9.82 35.96
N ILE B 217 7.96 -8.89 35.06
CA ILE B 217 9.30 -8.36 34.90
C ILE B 217 9.39 -7.07 35.69
N GLY B 218 8.52 -6.13 35.36
CA GLY B 218 8.64 -4.75 35.79
C GLY B 218 8.15 -3.89 34.64
N CYS B 219 7.67 -2.70 34.96
CA CYS B 219 7.21 -1.78 33.94
C CYS B 219 8.35 -1.34 33.02
N ALA B 220 8.01 -1.22 31.73
CA ALA B 220 8.90 -0.71 30.68
C ALA B 220 10.19 -1.53 30.49
N MET B 221 10.30 -2.71 31.08
CA MET B 221 11.56 -3.45 31.03
C MET B 221 11.73 -4.12 29.66
N GLU B 222 12.99 -4.46 29.37
CA GLU B 222 13.35 -5.14 28.13
C GLU B 222 12.87 -6.59 28.11
N VAL B 223 12.62 -7.08 26.89
CA VAL B 223 12.21 -8.47 26.64
C VAL B 223 13.13 -9.04 25.57
N TYR B 224 13.49 -10.31 25.72
CA TYR B 224 14.49 -10.97 24.89
C TYR B 224 13.89 -12.07 24.01
N PRO B 225 13.37 -11.76 22.83
CA PRO B 225 13.07 -12.81 21.85
C PRO B 225 14.33 -13.44 21.30
N SER B 226 14.16 -14.54 20.56
CA SER B 226 15.29 -15.21 19.94
C SER B 226 15.80 -14.42 18.75
N GLN B 227 17.12 -14.31 18.65
CA GLN B 227 17.76 -13.59 17.56
C GLN B 227 17.82 -14.44 16.29
N GLU B 228 17.76 -13.78 15.14
CA GLU B 228 17.86 -14.46 13.85
C GLU B 228 19.31 -14.71 13.46
N MET B 229 19.53 -15.82 12.77
CA MET B 229 20.80 -16.10 12.11
C MET B 229 20.94 -15.29 10.82
N THR B 230 22.18 -14.89 10.54
CA THR B 230 22.53 -14.16 9.32
C THR B 230 23.84 -14.67 8.76
N PHE B 231 23.95 -14.72 7.43
CA PHE B 231 25.04 -15.41 6.73
C PHE B 231 25.78 -14.40 5.85
N ASP B 232 26.55 -13.51 6.49
CA ASP B 232 27.24 -12.42 5.80
C ASP B 232 26.27 -11.53 5.02
N ASP B 233 25.00 -11.46 5.45
CA ASP B 233 24.03 -10.58 4.82
C ASP B 233 24.43 -9.12 5.00
N ASP B 234 23.97 -8.28 4.07
CA ASP B 234 24.37 -6.87 4.03
C ASP B 234 24.05 -6.17 5.34
N ASP B 235 22.93 -6.53 5.97
CA ASP B 235 22.65 -6.15 7.36
C ASP B 235 23.32 -7.16 8.28
N LYS B 236 24.49 -6.80 8.81
CA LYS B 236 25.16 -7.60 9.83
C LYS B 236 24.59 -7.38 11.22
N GLY B 237 23.78 -6.34 11.41
CA GLY B 237 23.31 -6.00 12.74
C GLY B 237 22.23 -6.95 13.23
N LYS B 238 22.12 -7.02 14.57
CA LYS B 238 21.18 -7.85 15.30
C LYS B 238 19.75 -7.73 14.78
N LYS B 239 19.23 -8.81 14.20
CA LYS B 239 17.82 -8.94 13.82
C LYS B 239 17.13 -9.95 14.73
N LEU B 240 15.96 -9.57 15.26
CA LEU B 240 15.18 -10.40 16.17
C LEU B 240 14.02 -11.07 15.45
N PHE B 241 13.59 -12.21 15.98
CA PHE B 241 12.54 -13.02 15.37
C PHE B 241 11.18 -12.38 15.59
N LYS B 242 10.45 -12.14 14.50
CA LYS B 242 9.04 -11.75 14.53
C LYS B 242 8.18 -12.91 14.05
N PHE B 243 7.17 -13.27 14.86
CA PHE B 243 6.17 -14.27 14.51
C PHE B 243 4.81 -13.58 14.48
N GLU B 244 4.20 -13.55 13.29
CA GLU B 244 2.94 -12.82 13.07
C GLU B 244 3.08 -11.35 13.48
N GLY B 245 4.23 -10.76 13.18
CA GLY B 245 4.50 -9.37 13.45
C GLY B 245 4.92 -9.02 14.87
N SER B 246 4.35 -9.68 15.88
CA SER B 246 4.87 -9.55 17.24
C SER B 246 6.16 -10.34 17.39
N ALA B 247 6.86 -10.09 18.49
CA ALA B 247 8.06 -10.84 18.81
C ALA B 247 7.72 -12.31 19.04
N GLY B 248 8.74 -13.16 18.88
CA GLY B 248 8.57 -14.57 19.21
C GLY B 248 9.89 -15.24 19.54
N MET B 249 9.80 -16.53 19.86
CA MET B 249 10.93 -17.43 19.98
C MET B 249 10.85 -18.55 18.95
N HIS B 250 12.02 -18.95 18.44
CA HIS B 250 12.09 -20.11 17.57
C HIS B 250 11.60 -21.35 18.30
N SER B 251 11.00 -22.27 17.55
CA SER B 251 10.64 -23.57 18.12
C SER B 251 11.88 -24.35 18.54
N GLN B 252 12.99 -24.19 17.82
CA GLN B 252 14.23 -24.88 18.16
C GLN B 252 14.70 -24.54 19.58
N LYS B 253 14.63 -23.26 19.96
CA LYS B 253 15.19 -22.84 21.24
C LYS B 253 14.34 -23.31 22.42
N ILE B 254 13.01 -23.34 22.24
CA ILE B 254 12.15 -23.90 23.28
C ILE B 254 12.36 -25.39 23.39
N ASN B 255 12.37 -26.10 22.25
CA ASN B 255 12.59 -27.54 22.28
C ASN B 255 13.92 -27.88 22.95
N ASN B 256 14.98 -27.12 22.64
CA ASN B 256 16.27 -27.27 23.32
C ASN B 256 16.13 -27.08 24.82
N ALA B 257 15.37 -26.07 25.26
CA ALA B 257 15.17 -25.89 26.69
C ALA B 257 14.50 -27.10 27.32
N LEU B 258 13.49 -27.65 26.64
CA LEU B 258 12.82 -28.85 27.14
C LEU B 258 13.73 -30.07 27.14
N ARG B 259 14.61 -30.21 26.15
CA ARG B 259 15.53 -31.36 26.11
C ARG B 259 16.57 -31.38 27.22
N THR B 260 16.68 -30.35 28.07
CA THR B 260 17.68 -30.33 29.15
C THR B 260 17.25 -31.26 30.30
N ILE B 261 17.22 -32.56 30.01
CA ILE B 261 16.78 -33.59 30.94
C ILE B 261 17.91 -34.53 31.35
N ASP B 262 19.06 -34.47 30.69
CA ASP B 262 20.05 -35.54 30.74
C ASP B 262 20.92 -35.39 31.99
N THR B 263 20.82 -36.36 32.91
CA THR B 263 21.71 -36.47 34.06
C THR B 263 22.33 -37.86 34.14
N TRP B 264 22.60 -38.48 32.97
CA TRP B 264 23.16 -39.83 32.89
C TRP B 264 24.53 -39.88 32.23
N TYR B 265 25.05 -38.76 31.75
CA TYR B 265 26.42 -38.70 31.26
C TYR B 265 27.41 -39.02 32.39
N PRO B 266 28.61 -39.52 32.06
CA PRO B 266 29.45 -40.13 33.12
C PRO B 266 30.02 -39.16 34.13
N ASP B 267 30.42 -37.96 33.70
CA ASP B 267 31.03 -36.96 34.58
C ASP B 267 30.05 -36.29 35.54
N TYR B 268 28.76 -36.65 35.51
CA TYR B 268 27.70 -35.92 36.21
C TYR B 268 28.00 -35.67 37.69
N THR B 269 28.55 -36.68 38.38
CA THR B 269 28.83 -36.52 39.81
C THR B 269 29.84 -35.42 40.11
N THR B 270 30.61 -34.94 39.12
CA THR B 270 31.55 -33.84 39.30
C THR B 270 30.99 -32.49 38.83
N TYR B 271 29.81 -32.45 38.19
CA TYR B 271 29.18 -31.22 37.70
C TYR B 271 27.76 -31.04 38.23
N GLU B 272 27.01 -32.13 38.35
CA GLU B 272 25.70 -32.13 39.03
C GLU B 272 24.70 -31.14 38.43
N PHE B 273 24.66 -31.02 37.11
CA PHE B 273 23.63 -30.24 36.42
C PHE B 273 23.22 -30.92 35.12
N PRO B 274 21.96 -30.79 34.70
CA PRO B 274 21.52 -31.47 33.47
C PRO B 274 21.92 -30.74 32.19
N ILE B 275 22.36 -31.52 31.19
CA ILE B 275 22.74 -31.01 29.89
C ILE B 275 21.64 -31.25 28.86
N PRO B 276 21.66 -30.60 27.68
CA PRO B 276 20.76 -30.99 26.60
C PRO B 276 21.07 -32.38 26.08
N VAL B 277 20.01 -33.16 25.83
CA VAL B 277 20.15 -34.47 25.20
C VAL B 277 20.75 -34.29 23.81
N GLU B 278 21.94 -34.85 23.59
CA GLU B 278 22.73 -34.61 22.40
C GLU B 278 23.49 -35.88 22.04
N ASN B 279 23.83 -36.01 20.75
CA ASN B 279 24.43 -37.25 20.25
C ASN B 279 25.77 -37.53 20.91
N TYR B 280 26.57 -36.49 21.15
CA TYR B 280 27.83 -36.58 21.88
C TYR B 280 27.76 -35.92 23.26
N GLY B 281 26.58 -35.50 23.70
CA GLY B 281 26.47 -34.74 24.94
C GLY B 281 27.26 -33.44 24.93
N ALA B 282 27.30 -32.77 23.79
CA ALA B 282 27.98 -31.48 23.68
C ALA B 282 27.12 -30.40 24.32
N ALA B 283 27.39 -30.08 25.58
CA ALA B 283 26.82 -28.88 26.17
C ALA B 283 27.40 -27.66 25.49
N ARG B 284 26.63 -26.57 25.47
CA ARG B 284 27.08 -25.31 24.90
C ARG B 284 27.46 -24.28 25.96
N SER B 285 26.83 -24.33 27.13
CA SER B 285 27.24 -23.47 28.23
C SER B 285 28.60 -23.83 28.80
N ILE B 286 29.05 -25.08 28.62
CA ILE B 286 30.39 -25.51 29.04
C ILE B 286 31.04 -26.20 27.83
N GLY B 287 32.19 -25.70 27.41
CA GLY B 287 32.87 -26.18 26.22
C GLY B 287 33.72 -27.43 26.36
N ILE B 288 33.22 -28.47 27.03
CA ILE B 288 33.79 -29.82 26.95
C ILE B 288 32.68 -30.84 26.70
N PRO B 289 32.80 -31.76 25.72
CA PRO B 289 31.71 -32.72 25.52
C PRO B 289 31.73 -33.79 26.60
N PHE B 290 30.54 -34.08 27.13
CA PHE B 290 30.41 -35.01 28.25
C PHE B 290 30.33 -36.48 27.82
N ARG B 291 30.01 -36.76 26.56
CA ARG B 291 29.97 -38.14 26.05
C ARG B 291 30.57 -38.25 24.66
N PRO B 292 31.87 -38.01 24.53
CA PRO B 292 32.59 -38.56 23.37
C PRO B 292 32.81 -40.06 23.56
N ASP B 293 33.15 -40.72 22.46
CA ASP B 293 33.56 -42.13 22.47
C ASP B 293 32.57 -43.07 23.16
N THR B 294 32.97 -43.72 24.26
CA THR B 294 32.38 -44.99 24.70
C THR B 294 30.87 -44.93 24.96
N LYS B 295 30.35 -43.79 25.42
CA LYS B 295 28.92 -43.60 25.65
C LYS B 295 28.26 -42.63 24.67
N SER B 296 28.94 -42.26 23.58
CA SER B 296 28.27 -41.53 22.53
C SER B 296 27.09 -42.35 21.99
N PHE B 297 26.06 -41.65 21.52
CA PHE B 297 24.81 -42.28 21.10
C PHE B 297 25.02 -43.41 20.11
N TYR B 298 25.85 -43.17 19.09
CA TYR B 298 26.10 -44.17 18.06
C TYR B 298 26.59 -45.49 18.65
N LYS B 299 27.58 -45.43 19.54
CA LYS B 299 28.10 -46.66 20.13
C LYS B 299 27.11 -47.29 21.09
N LEU B 300 26.26 -46.50 21.76
CA LEU B 300 25.26 -47.10 22.64
C LEU B 300 24.16 -47.80 21.86
N ILE B 301 23.62 -47.17 20.81
CA ILE B 301 22.57 -47.81 20.04
C ILE B 301 23.12 -49.03 19.29
N ASP B 302 24.34 -48.93 18.76
CA ASP B 302 24.95 -50.09 18.11
C ASP B 302 25.17 -51.23 19.10
N ARG B 303 25.61 -50.90 20.32
CA ARG B 303 25.77 -51.91 21.36
C ARG B 303 24.43 -52.49 21.79
N MET B 304 23.37 -51.67 21.80
CA MET B 304 22.05 -52.15 22.20
C MET B 304 21.43 -53.07 21.17
N ILE B 305 21.68 -52.83 19.87
CA ILE B 305 21.01 -53.55 18.78
C ILE B 305 21.96 -54.53 18.10
N LEU B 306 23.06 -54.04 17.54
CA LEU B 306 23.96 -54.92 16.78
C LEU B 306 24.59 -55.97 17.68
N LYS B 307 25.09 -55.56 18.84
CA LYS B 307 25.60 -56.50 19.85
C LYS B 307 24.49 -57.07 20.74
N ASN B 308 23.25 -56.60 20.60
CA ASN B 308 22.09 -57.08 21.37
C ASN B 308 22.32 -57.06 22.90
N GLU B 309 23.19 -56.16 23.38
CA GLU B 309 23.57 -56.16 24.79
C GLU B 309 22.52 -55.42 25.62
N ASP B 310 22.22 -55.97 26.80
CA ASP B 310 21.25 -55.38 27.74
C ASP B 310 21.91 -54.24 28.51
N LEU B 311 21.90 -53.06 27.88
CA LEU B 311 22.39 -51.81 28.47
C LEU B 311 21.72 -51.47 29.81
N PRO B 312 22.42 -50.84 30.76
CA PRO B 312 21.75 -50.40 31.98
C PRO B 312 20.70 -49.33 31.70
N ILE B 313 19.68 -49.30 32.56
CA ILE B 313 18.44 -48.55 32.32
C ILE B 313 18.68 -47.06 32.09
N GLU B 314 19.74 -46.49 32.66
CA GLU B 314 20.01 -45.08 32.44
C GLU B 314 20.55 -44.80 31.04
N ASP B 315 21.26 -45.77 30.47
CA ASP B 315 21.67 -45.62 29.07
C ASP B 315 20.49 -45.81 28.13
N LYS B 316 19.55 -46.69 28.48
CA LYS B 316 18.32 -46.79 27.72
C LYS B 316 17.51 -45.51 27.80
N HIS B 317 17.47 -44.87 28.98
CA HIS B 317 16.82 -43.57 29.11
C HIS B 317 17.42 -42.56 28.14
N TYR B 318 18.75 -42.46 28.10
CA TYR B 318 19.40 -41.52 27.19
C TYR B 318 19.11 -41.85 25.72
N VAL B 319 19.25 -43.12 25.34
CA VAL B 319 19.00 -43.54 23.96
C VAL B 319 17.57 -43.19 23.54
N MET B 320 16.59 -43.55 24.38
CA MET B 320 15.21 -43.26 24.07
C MET B 320 14.93 -41.76 24.06
N ALA B 321 15.67 -40.98 24.84
CA ALA B 321 15.52 -39.53 24.76
C ALA B 321 16.05 -38.97 23.44
N ILE B 322 17.08 -39.59 22.85
CA ILE B 322 17.50 -39.15 21.51
C ILE B 322 16.50 -39.60 20.45
N LEU B 323 15.95 -40.81 20.59
CA LEU B 323 14.90 -41.21 19.65
C LEU B 323 13.69 -40.30 19.75
N ILE B 324 13.38 -39.79 20.95
CA ILE B 324 12.34 -38.78 21.07
C ILE B 324 12.75 -37.51 20.34
N ARG B 325 14.01 -37.09 20.50
CA ARG B 325 14.49 -35.91 19.77
C ARG B 325 14.36 -36.09 18.26
N GLY B 326 14.63 -37.29 17.76
CA GLY B 326 14.73 -37.52 16.33
C GLY B 326 16.09 -37.11 15.79
N GLY B 327 16.36 -37.54 14.56
CA GLY B 327 17.67 -37.30 13.99
C GLY B 327 17.89 -38.14 12.75
N MET B 328 19.05 -37.90 12.13
CA MET B 328 19.57 -38.72 11.05
C MET B 328 20.72 -39.56 11.60
N PHE B 329 20.60 -40.89 11.44
CA PHE B 329 21.58 -41.85 11.94
C PHE B 329 22.10 -42.77 10.84
N SER B 330 21.91 -42.39 9.57
CA SER B 330 22.39 -43.16 8.43
C SER B 330 23.88 -43.48 8.53
N LYS B 331 24.22 -44.73 8.21
CA LYS B 331 25.60 -45.22 8.19
C LYS B 331 26.04 -45.45 6.75
N LYS B 332 27.13 -44.81 6.37
CA LYS B 332 27.76 -45.04 5.07
C LYS B 332 28.33 -46.46 5.01
N GLN B 333 27.99 -47.19 3.94
CA GLN B 333 28.43 -48.57 3.75
C GLN B 333 29.59 -48.61 2.76
N GLU B 334 30.71 -49.17 3.19
CA GLU B 334 31.84 -49.42 2.30
C GLU B 334 31.55 -50.63 1.42
N VAL C 10 44.56 -25.57 38.06
CA VAL C 10 45.44 -25.71 36.87
C VAL C 10 45.65 -24.33 36.25
N THR C 11 46.83 -24.13 35.69
CA THR C 11 47.16 -22.88 35.00
C THR C 11 46.17 -22.58 33.87
N LEU C 12 45.87 -21.30 33.71
CA LEU C 12 45.07 -20.80 32.60
C LEU C 12 46.00 -20.12 31.61
N LYS C 13 45.99 -20.59 30.36
CA LYS C 13 46.95 -20.12 29.38
C LYS C 13 46.45 -18.94 28.56
N SER C 14 45.14 -18.83 28.34
CA SER C 14 44.60 -17.72 27.58
C SER C 14 43.11 -17.62 27.87
N ARG C 15 42.54 -16.47 27.52
CA ARG C 15 41.09 -16.30 27.60
C ARG C 15 40.38 -17.26 26.64
N PRO C 16 39.16 -17.71 26.97
CA PRO C 16 38.47 -18.67 26.12
C PRO C 16 38.04 -18.06 24.79
N GLU C 17 37.69 -18.96 23.86
CA GLU C 17 37.29 -18.56 22.52
C GLU C 17 35.92 -17.90 22.45
N ASN C 18 35.04 -18.16 23.42
CA ASN C 18 33.84 -17.34 23.66
C ASN C 18 33.83 -16.87 25.10
N LEU C 19 33.59 -15.56 25.29
CA LEU C 19 33.35 -15.03 26.62
C LEU C 19 32.43 -13.81 26.52
N SER C 20 31.35 -13.81 27.31
CA SER C 20 30.39 -12.72 27.30
C SER C 20 29.81 -12.50 28.69
N PHE C 21 29.54 -11.24 29.02
CA PHE C 21 28.81 -10.86 30.23
C PHE C 21 27.56 -10.06 29.85
N ALA C 22 26.44 -10.41 30.47
CA ALA C 22 25.24 -9.59 30.40
C ALA C 22 25.40 -8.33 31.24
N ARG C 23 24.67 -7.28 30.86
CA ARG C 23 24.55 -6.09 31.70
C ARG C 23 24.07 -6.48 33.09
N CYS C 24 24.53 -5.72 34.09
CA CYS C 24 23.99 -5.78 35.44
C CYS C 24 23.10 -4.59 35.80
N LEU C 25 23.08 -3.52 34.99
CA LEU C 25 22.14 -2.41 35.13
C LEU C 25 21.30 -2.30 33.85
N ASN C 26 20.16 -2.98 33.82
CA ASN C 26 19.21 -2.86 32.71
C ASN C 26 18.39 -1.59 32.89
N THR C 27 18.83 -0.51 32.25
CA THR C 27 18.00 0.69 32.14
C THR C 27 16.88 0.50 31.12
N THR C 28 15.69 0.99 31.45
CA THR C 28 14.61 1.13 30.49
C THR C 28 14.88 2.30 29.55
N GLU C 29 14.07 2.40 28.49
CA GLU C 29 13.92 3.68 27.82
C GLU C 29 13.32 4.69 28.79
N ALA C 30 13.52 5.97 28.49
CA ALA C 30 12.91 7.06 29.24
C ALA C 30 11.83 7.75 28.41
N LYS C 31 10.72 8.07 29.06
CA LYS C 31 9.61 8.78 28.45
C LYS C 31 9.56 10.18 29.05
N PHE C 32 9.52 11.19 28.19
CA PHE C 32 9.35 12.56 28.65
C PHE C 32 7.89 12.92 28.87
N TRP C 33 7.65 13.75 29.89
CA TRP C 33 6.37 14.38 30.18
C TRP C 33 6.65 15.86 30.43
N GLN C 34 5.58 16.65 30.47
CA GLN C 34 5.66 18.05 30.87
C GLN C 34 4.64 18.31 31.99
N THR C 35 4.93 19.33 32.79
CA THR C 35 4.08 19.67 33.93
C THR C 35 4.37 21.11 34.36
N ASP C 36 3.61 21.56 35.37
CA ASP C 36 3.82 22.85 36.02
C ASP C 36 4.27 22.57 37.45
N PHE C 37 5.42 23.15 37.83
CA PHE C 37 6.19 22.70 38.99
C PHE C 37 5.37 22.70 40.28
N LEU C 38 4.54 23.72 40.49
CA LEU C 38 3.75 23.77 41.73
C LEU C 38 2.75 22.63 41.81
N LYS C 39 2.30 22.12 40.66
CA LYS C 39 1.31 21.06 40.56
C LYS C 39 1.92 19.70 40.25
N ARG C 40 3.27 19.63 40.15
CA ARG C 40 3.97 18.51 39.51
C ARG C 40 3.62 17.15 40.10
N HIS C 41 3.27 17.08 41.38
CA HIS C 41 2.89 15.81 41.98
C HIS C 41 1.55 15.28 41.50
N THR C 42 0.73 16.11 40.83
CA THR C 42 -0.67 15.82 40.59
C THR C 42 -1.08 15.97 39.12
N PHE C 43 -0.14 16.30 38.23
CA PHE C 43 -0.48 16.80 36.91
C PHE C 43 0.68 16.51 35.97
N LYS C 44 0.38 15.84 34.86
CA LYS C 44 1.35 15.62 33.79
C LYS C 44 0.62 15.58 32.45
N LEU C 45 1.28 16.08 31.41
CA LEU C 45 0.79 16.07 30.03
C LEU C 45 1.83 15.46 29.10
N PRO C 46 1.40 14.83 28.00
CA PRO C 46 2.39 14.33 27.02
C PRO C 46 3.19 15.45 26.39
N LEU C 47 4.41 15.12 25.97
CA LEU C 47 5.33 16.05 25.30
C LEU C 47 5.69 15.47 23.92
N LEU C 48 4.97 15.89 22.89
CA LEU C 48 5.12 15.38 21.54
C LEU C 48 6.32 16.01 20.83
N ILE C 49 6.77 15.33 19.76
CA ILE C 49 7.85 15.81 18.90
C ILE C 49 7.24 16.41 17.64
N THR C 50 7.67 17.63 17.30
CA THR C 50 7.12 18.40 16.20
C THR C 50 8.08 18.40 15.00
N ASP C 51 7.57 18.00 13.83
CA ASP C 51 8.32 18.12 12.58
C ASP C 51 8.55 19.60 12.24
N LYS C 52 9.76 19.92 11.75
CA LYS C 52 10.12 21.33 11.55
C LYS C 52 11.19 21.44 10.45
N ALA C 53 10.76 21.74 9.23
CA ALA C 53 11.71 22.04 8.16
C ALA C 53 12.41 23.36 8.43
N VAL C 54 13.69 23.44 8.05
CA VAL C 54 14.54 24.60 8.37
C VAL C 54 15.38 24.96 7.15
N LEU C 55 15.38 26.25 6.79
CA LEU C 55 16.17 26.79 5.68
C LEU C 55 17.52 27.26 6.20
N ALA C 56 18.58 26.55 5.84
CA ALA C 56 19.93 26.88 6.25
C ALA C 56 20.60 27.88 5.32
N SER C 57 21.72 28.43 5.77
CA SER C 57 22.75 29.00 4.91
C SER C 57 23.80 27.95 4.58
N LYS C 58 24.61 28.23 3.55
CA LYS C 58 25.87 27.52 3.34
C LYS C 58 27.00 28.26 4.05
N GLY C 59 27.11 28.03 5.36
CA GLY C 59 28.13 28.59 6.21
C GLY C 59 29.25 27.63 6.56
N HIS C 60 29.17 26.38 6.12
CA HIS C 60 30.24 25.42 6.37
C HIS C 60 31.49 25.78 5.59
N GLU C 61 32.64 25.36 6.13
CA GLU C 61 33.93 25.71 5.57
C GLU C 61 34.10 25.04 4.21
N MET C 62 34.39 25.84 3.17
CA MET C 62 34.53 25.40 1.80
C MET C 62 35.86 25.85 1.22
N PRO C 63 36.46 25.09 0.29
CA PRO C 63 37.65 25.58 -0.38
C PRO C 63 37.31 26.73 -1.34
N PRO C 64 38.28 27.61 -1.64
CA PRO C 64 37.90 28.92 -2.24
C PRO C 64 37.19 28.84 -3.58
N ASP C 65 37.61 27.94 -4.48
CA ASP C 65 37.00 27.88 -5.80
C ASP C 65 35.55 27.42 -5.73
N LYS C 66 35.25 26.48 -4.84
CA LYS C 66 33.86 26.10 -4.60
C LYS C 66 33.10 27.18 -3.85
N LEU C 67 33.78 27.82 -2.88
CA LEU C 67 33.17 28.88 -2.08
C LEU C 67 32.63 30.00 -2.95
N GLU C 68 33.44 30.50 -3.90
CA GLU C 68 33.03 31.62 -4.75
C GLU C 68 31.71 31.40 -5.50
N LYS C 69 31.38 30.14 -5.78
CA LYS C 69 30.11 29.80 -6.43
C LYS C 69 28.99 29.54 -5.41
N GLU C 70 29.29 28.76 -4.37
CA GLU C 70 28.28 28.28 -3.44
C GLU C 70 27.84 29.32 -2.40
N ILE C 71 28.72 30.27 -2.04
CA ILE C 71 28.64 31.03 -0.79
C ILE C 71 27.31 31.74 -0.57
N MET C 72 26.64 32.21 -1.63
CA MET C 72 25.38 32.94 -1.47
C MET C 72 24.14 32.05 -1.41
N ASP C 73 24.28 30.78 -1.79
CA ASP C 73 23.12 29.93 -2.07
C ASP C 73 22.32 29.58 -0.80
N PRO C 74 20.98 29.52 -0.88
CA PRO C 74 20.19 28.93 0.22
C PRO C 74 20.36 27.41 0.32
N ASN C 75 19.88 26.86 1.43
CA ASN C 75 20.08 25.44 1.76
C ASN C 75 18.88 24.89 2.56
N PRO C 76 17.84 24.37 1.88
CA PRO C 76 16.64 23.87 2.59
C PRO C 76 16.79 22.41 3.03
N GLN C 77 16.70 22.15 4.34
CA GLN C 77 16.75 20.79 4.88
C GLN C 77 15.70 20.58 5.97
N LYS C 78 15.22 19.33 6.07
CA LYS C 78 14.24 18.90 7.05
C LYS C 78 14.87 18.69 8.43
N SER C 79 14.04 18.79 9.46
CA SER C 79 14.47 18.52 10.84
C SER C 79 13.25 18.26 11.72
N GLN C 80 13.52 17.81 12.95
CA GLN C 80 12.52 17.74 14.02
C GLN C 80 13.05 18.44 15.26
N SER C 81 12.11 18.91 16.09
CA SER C 81 12.43 19.57 17.34
C SER C 81 11.37 19.24 18.38
N CYS C 82 11.71 19.48 19.65
CA CYS C 82 10.81 19.30 20.79
C CYS C 82 10.81 20.56 21.64
N THR C 83 9.64 20.93 22.16
CA THR C 83 9.47 22.18 22.91
C THR C 83 8.30 22.01 23.88
N LEU C 84 8.47 22.51 25.10
CA LEU C 84 7.40 22.54 26.08
C LEU C 84 6.24 23.41 25.61
N SER C 85 5.04 23.10 26.09
CA SER C 85 3.90 23.96 25.85
C SER C 85 4.11 25.33 26.52
N THR C 86 3.27 26.29 26.11
CA THR C 86 3.33 27.64 26.66
C THR C 86 2.85 27.71 28.11
N GLU C 87 2.01 26.76 28.53
CA GLU C 87 1.51 26.75 29.90
C GLU C 87 2.46 26.04 30.86
N CYS C 88 2.95 24.86 30.46
CA CYS C 88 3.86 24.10 31.30
C CYS C 88 5.24 24.73 31.30
N ASP C 89 5.95 24.55 32.42
CA ASP C 89 7.32 25.05 32.59
C ASP C 89 8.33 23.98 33.02
N THR C 90 7.89 22.78 33.40
CA THR C 90 8.74 21.76 34.00
C THR C 90 8.72 20.53 33.11
N LEU C 91 9.90 20.14 32.63
CA LEU C 91 10.09 18.85 32.00
C LEU C 91 10.10 17.75 33.06
N ARG C 92 9.56 16.58 32.70
CA ARG C 92 9.57 15.40 33.57
C ARG C 92 10.10 14.20 32.79
N ILE C 93 10.91 13.38 33.47
CA ILE C 93 11.45 12.14 32.93
C ILE C 93 11.08 11.00 33.86
N ASP C 94 10.51 9.93 33.30
CA ASP C 94 10.34 8.65 33.99
C ASP C 94 11.23 7.60 33.32
N PHE C 95 12.01 6.89 34.12
CA PHE C 95 12.74 5.72 33.63
C PHE C 95 13.01 4.77 34.80
N GLY C 96 13.31 3.52 34.46
CA GLY C 96 13.58 2.49 35.44
C GLY C 96 14.96 1.88 35.28
N ILE C 97 15.50 1.36 36.38
CA ILE C 97 16.72 0.56 36.42
C ILE C 97 16.36 -0.78 37.05
N LYS C 98 16.82 -1.86 36.43
CA LYS C 98 16.75 -3.20 37.00
C LYS C 98 18.18 -3.70 37.24
N VAL C 99 18.46 -4.08 38.49
CA VAL C 99 19.80 -4.49 38.92
C VAL C 99 19.84 -6.01 39.04
N LEU C 100 20.88 -6.63 38.46
CA LEU C 100 21.08 -8.08 38.43
C LEU C 100 22.42 -8.48 39.07
N PRO C 101 22.51 -9.65 39.73
CA PRO C 101 23.75 -10.03 40.40
C PRO C 101 24.90 -10.25 39.43
N VAL C 102 26.09 -9.76 39.82
CA VAL C 102 27.24 -9.78 38.93
C VAL C 102 27.76 -11.21 38.73
N LYS C 103 27.80 -12.00 39.81
CA LYS C 103 28.35 -13.35 39.73
C LYS C 103 27.58 -14.24 38.75
N GLU C 104 26.27 -14.05 38.68
CA GLU C 104 25.41 -14.84 37.79
C GLU C 104 25.30 -14.25 36.39
N SER C 105 25.93 -13.12 36.11
CA SER C 105 25.75 -12.42 34.84
C SER C 105 26.57 -12.98 33.68
N MET C 106 27.48 -13.92 33.93
CA MET C 106 28.27 -14.50 32.84
C MET C 106 27.37 -15.28 31.90
N TYR C 107 27.27 -14.80 30.66
CA TYR C 107 26.30 -15.37 29.72
C TYR C 107 26.81 -16.64 29.05
N SER C 108 28.05 -16.61 28.56
CA SER C 108 28.68 -17.79 27.97
C SER C 108 30.18 -17.75 28.20
N CYS C 109 30.77 -18.93 28.36
CA CYS C 109 32.21 -19.03 28.63
C CYS C 109 32.67 -20.44 28.27
N SER C 110 33.47 -20.56 27.22
CA SER C 110 33.82 -21.85 26.65
C SER C 110 35.02 -22.52 27.32
N ASP C 111 35.24 -22.26 28.61
CA ASP C 111 36.32 -22.93 29.33
C ASP C 111 35.97 -22.89 30.80
N TYR C 112 35.65 -24.05 31.38
CA TYR C 112 35.19 -24.11 32.76
C TYR C 112 36.24 -23.64 33.77
N ASN C 113 37.53 -23.71 33.42
CA ASN C 113 38.55 -23.20 34.31
C ASN C 113 38.46 -21.68 34.43
N TYR C 114 38.22 -20.99 33.33
CA TYR C 114 38.12 -19.53 33.36
C TYR C 114 36.90 -19.08 34.15
N ARG C 115 35.76 -19.73 33.93
CA ARG C 115 34.58 -19.50 34.77
C ARG C 115 34.90 -19.70 36.26
N THR C 116 35.62 -20.76 36.59
CA THR C 116 35.98 -21.01 37.99
C THR C 116 36.83 -19.87 38.55
N ALA C 117 37.83 -19.42 37.78
CA ALA C 117 38.69 -18.33 38.23
C ALA C 117 37.91 -17.04 38.43
N ILE C 118 37.08 -16.69 37.44
CA ILE C 118 36.26 -15.48 37.53
C ILE C 118 35.37 -15.51 38.77
N TYR C 119 34.67 -16.63 38.98
CA TYR C 119 33.79 -16.72 40.15
C TYR C 119 34.56 -16.62 41.46
N GLN C 120 35.79 -17.14 41.51
CA GLN C 120 36.56 -17.01 42.74
C GLN C 120 36.99 -15.57 42.97
N LYS C 121 37.48 -14.89 41.93
CA LYS C 121 37.92 -13.51 42.09
C LYS C 121 36.75 -12.59 42.42
N ILE C 122 35.55 -12.86 41.89
CA ILE C 122 34.37 -12.10 42.29
C ILE C 122 34.04 -12.35 43.75
N ASP C 123 34.13 -13.60 44.21
CA ASP C 123 33.90 -13.84 45.64
C ASP C 123 34.92 -13.13 46.52
N GLU C 124 36.17 -13.04 46.06
CA GLU C 124 37.17 -12.27 46.79
C GLU C 124 36.83 -10.79 46.85
N TYR C 125 36.41 -10.21 45.73
CA TYR C 125 36.02 -8.80 45.75
C TYR C 125 34.80 -8.55 46.62
N ILE C 126 33.83 -9.46 46.59
CA ILE C 126 32.67 -9.35 47.46
C ILE C 126 33.08 -9.41 48.92
N ALA C 127 34.11 -10.20 49.25
CA ALA C 127 34.61 -10.19 50.62
C ALA C 127 35.35 -8.91 50.95
N GLU C 128 36.07 -8.33 49.98
CA GLU C 128 36.79 -7.08 50.24
C GLU C 128 35.87 -5.89 50.40
N ASP C 129 34.85 -5.77 49.54
CA ASP C 129 34.17 -4.49 49.33
C ASP C 129 32.67 -4.61 49.15
N GLY C 130 32.10 -5.81 49.20
CA GLY C 130 30.78 -6.03 48.64
C GLY C 130 30.76 -5.56 47.20
N PHE C 131 29.87 -4.63 46.85
CA PHE C 131 30.04 -3.76 45.69
C PHE C 131 29.77 -2.30 46.07
N LEU C 132 30.00 -1.96 47.34
CA LEU C 132 29.40 -0.75 47.90
C LEU C 132 29.97 0.53 47.32
N THR C 133 31.27 0.57 47.03
CA THR C 133 31.85 1.79 46.48
C THR C 133 31.32 2.10 45.07
N LEU C 134 31.15 1.05 44.27
CA LEU C 134 30.55 1.24 42.95
C LEU C 134 29.07 1.61 43.06
N ALA C 135 28.35 0.94 43.94
CA ALA C 135 26.94 1.27 44.13
C ALA C 135 26.77 2.72 44.60
N LYS C 136 27.66 3.18 45.48
CA LYS C 136 27.66 4.59 45.87
C LYS C 136 27.89 5.50 44.68
N ARG C 137 28.82 5.16 43.79
CA ARG C 137 29.07 6.04 42.65
C ARG C 137 27.93 6.02 41.63
N TYR C 138 27.27 4.87 41.43
CA TYR C 138 26.09 4.84 40.55
C TYR C 138 24.92 5.63 41.14
N VAL C 139 24.66 5.49 42.44
CA VAL C 139 23.58 6.28 43.04
C VAL C 139 23.94 7.77 43.02
N ASN C 140 25.22 8.10 43.21
CA ASN C 140 25.68 9.47 42.99
C ASN C 140 25.33 9.98 41.60
N ASN C 141 25.50 9.13 40.57
CA ASN C 141 25.16 9.55 39.22
C ASN C 141 23.66 9.57 38.96
N ILE C 142 22.85 8.92 39.79
CA ILE C 142 21.41 9.20 39.77
C ILE C 142 21.13 10.57 40.39
N ALA C 143 21.66 10.80 41.60
CA ALA C 143 21.37 12.04 42.31
C ALA C 143 21.93 13.26 41.60
N ASN C 144 23.07 13.12 40.91
CA ASN C 144 23.62 14.24 40.13
C ASN C 144 22.76 14.62 38.94
N ALA C 145 21.82 13.77 38.54
CA ALA C 145 21.03 13.98 37.31
C ALA C 145 21.92 14.21 36.09
N ARG C 146 23.02 13.44 36.01
CA ARG C 146 23.83 13.44 34.79
C ARG C 146 23.02 13.03 33.57
N PHE C 147 22.08 12.09 33.75
CA PHE C 147 21.27 11.57 32.65
C PHE C 147 20.41 12.62 31.94
N LEU C 148 20.30 13.84 32.46
CA LEU C 148 19.66 14.92 31.73
C LEU C 148 20.45 15.36 30.51
N TRP C 149 21.77 15.14 30.50
CA TRP C 149 22.67 15.60 29.44
C TRP C 149 22.46 17.09 29.12
N ARG C 150 22.17 17.46 27.86
CA ARG C 150 22.03 18.87 27.52
C ARG C 150 20.85 19.55 28.22
N ASN C 151 19.86 18.79 28.69
CA ASN C 151 18.75 19.39 29.43
C ASN C 151 19.16 19.94 30.78
N ARG C 152 20.33 19.56 31.31
CA ARG C 152 20.73 19.98 32.65
C ARG C 152 21.14 21.44 32.74
N LYS C 153 21.58 22.05 31.64
CA LYS C 153 22.37 23.27 31.72
C LYS C 153 21.57 24.45 32.25
N GLY C 154 20.38 24.70 31.68
CA GLY C 154 19.65 25.91 32.00
C GLY C 154 18.69 25.85 33.17
N ALA C 155 18.43 24.67 33.73
CA ALA C 155 17.32 24.48 34.64
C ALA C 155 17.50 25.26 35.94
N GLU C 156 16.38 25.78 36.47
CA GLU C 156 16.38 26.47 37.75
C GLU C 156 16.34 25.50 38.92
N ILE C 157 15.50 24.47 38.84
CA ILE C 157 15.37 23.45 39.88
C ILE C 157 15.41 22.10 39.19
N ILE C 158 16.12 21.14 39.81
CA ILE C 158 16.21 19.77 39.30
C ILE C 158 15.96 18.84 40.48
N GLU C 159 14.73 18.35 40.62
CA GLU C 159 14.35 17.41 41.66
C GLU C 159 14.37 15.99 41.08
N THR C 160 15.07 15.08 41.76
CA THR C 160 15.12 13.67 41.38
C THR C 160 14.53 12.82 42.49
N ILE C 161 13.53 12.01 42.15
CA ILE C 161 12.82 11.13 43.09
C ILE C 161 13.12 9.69 42.69
N VAL C 162 13.56 8.88 43.65
CA VAL C 162 13.92 7.48 43.44
C VAL C 162 12.94 6.61 44.23
N THR C 163 12.34 5.63 43.55
CA THR C 163 11.41 4.68 44.16
C THR C 163 11.99 3.28 44.05
N ILE C 164 12.15 2.61 45.20
CA ILE C 164 12.48 1.19 45.26
C ILE C 164 11.22 0.47 45.69
N GLU C 165 10.68 -0.35 44.77
CA GLU C 165 9.54 -1.26 44.98
C GLU C 165 8.44 -0.69 45.89
N ASP C 166 7.94 0.48 45.48
CA ASP C 166 6.87 1.23 46.13
C ASP C 166 7.26 1.88 47.46
N LYS C 167 8.54 1.89 47.84
CA LYS C 167 9.05 2.86 48.80
C LYS C 167 9.62 4.04 48.02
N GLU C 168 9.12 5.25 48.29
CA GLU C 168 9.59 6.46 47.63
C GLU C 168 10.50 7.22 48.58
N TYR C 169 11.75 7.40 48.16
CA TYR C 169 12.79 8.01 48.97
C TYR C 169 12.69 9.54 48.95
N PRO C 170 13.18 10.22 50.00
CA PRO C 170 13.23 11.70 49.97
C PRO C 170 14.03 12.22 48.78
N SER C 171 13.48 13.24 48.13
CA SER C 171 13.94 13.66 46.80
C SER C 171 15.29 14.36 46.86
N PHE C 172 16.12 14.13 45.84
CA PHE C 172 17.42 14.78 45.70
C PHE C 172 17.28 16.13 45.03
N ASN C 173 17.77 17.20 45.69
CA ASN C 173 17.97 18.49 45.03
C ASN C 173 19.23 18.37 44.18
N SER C 174 19.06 17.97 42.92
CA SER C 174 20.20 17.56 42.09
C SER C 174 21.17 18.70 41.78
N LYS C 175 20.72 19.96 41.84
CA LYS C 175 21.65 21.08 41.68
C LYS C 175 22.67 21.19 42.80
N SER C 176 22.45 20.55 43.94
CA SER C 176 23.40 20.63 45.05
C SER C 176 24.63 19.76 44.88
N PHE C 177 24.62 18.81 43.94
CA PHE C 177 25.74 17.90 43.72
C PHE C 177 26.64 18.40 42.61
N ASN C 178 27.94 18.26 42.81
CA ASN C 178 28.97 18.68 41.88
C ASN C 178 29.40 17.48 41.05
N LEU C 179 29.27 17.60 39.72
CA LEU C 179 29.42 16.46 38.82
C LEU C 179 30.80 15.80 38.93
N ASP C 180 31.83 16.56 39.28
CA ASP C 180 33.19 16.05 39.30
C ASP C 180 33.54 15.26 40.55
N THR C 181 32.73 15.31 41.61
CA THR C 181 33.08 14.76 42.91
C THR C 181 31.95 13.92 43.46
N PHE C 182 32.28 12.74 43.96
CA PHE C 182 31.30 11.74 44.41
C PHE C 182 31.21 11.74 45.93
N VAL C 183 29.98 11.78 46.43
CA VAL C 183 29.69 12.02 47.85
C VAL C 183 29.28 10.70 48.50
N GLU C 184 29.89 10.37 49.64
CA GLU C 184 29.73 9.08 50.29
C GLU C 184 28.95 9.14 51.60
N ASP C 185 28.50 10.31 52.05
CA ASP C 185 27.93 10.50 53.39
C ASP C 185 26.46 10.91 53.39
N ASN C 186 25.83 11.10 52.24
CA ASN C 186 24.40 11.37 52.18
C ASN C 186 23.63 10.11 52.53
N ALA C 187 22.77 10.19 53.56
CA ALA C 187 22.09 9.00 54.07
C ALA C 187 21.16 8.37 53.05
N THR C 188 20.59 9.16 52.14
CA THR C 188 19.70 8.60 51.12
C THR C 188 20.49 7.84 50.07
N ILE C 189 21.61 8.44 49.62
CA ILE C 189 22.50 7.76 48.69
C ILE C 189 23.02 6.46 49.31
N ASN C 190 23.36 6.49 50.59
CA ASN C 190 23.87 5.28 51.25
C ASN C 190 22.79 4.22 51.38
N GLU C 191 21.55 4.60 51.70
CA GLU C 191 20.49 3.61 51.84
C GLU C 191 20.16 2.96 50.50
N ILE C 192 20.16 3.73 49.41
CA ILE C 192 19.94 3.12 48.09
C ILE C 192 21.16 2.28 47.69
N ALA C 193 22.36 2.80 47.91
CA ALA C 193 23.58 2.12 47.50
C ALA C 193 23.79 0.80 48.23
N GLN C 194 23.34 0.70 49.49
CA GLN C 194 23.41 -0.57 50.20
C GLN C 194 22.58 -1.65 49.50
N GLN C 195 21.40 -1.28 49.01
CA GLN C 195 20.56 -2.26 48.34
C GLN C 195 21.04 -2.60 46.94
N ILE C 196 21.60 -1.61 46.23
CA ILE C 196 22.25 -1.92 44.95
C ILE C 196 23.44 -2.85 45.16
N ALA C 197 24.28 -2.55 46.15
CA ALA C 197 25.44 -3.38 46.43
C ALA C 197 25.04 -4.80 46.83
N ASP C 198 24.03 -4.92 47.69
CA ASP C 198 23.50 -6.24 48.02
C ASP C 198 23.00 -6.97 46.79
N THR C 199 22.42 -6.26 45.84
CA THR C 199 21.96 -6.91 44.61
C THR C 199 23.13 -7.40 43.78
N PHE C 200 24.16 -6.56 43.60
CA PHE C 200 25.36 -7.00 42.87
C PHE C 200 26.03 -8.19 43.55
N ALA C 201 26.08 -8.19 44.87
CA ALA C 201 26.69 -9.30 45.60
C ALA C 201 25.86 -10.57 45.60
N GLY C 202 24.67 -10.59 45.00
CA GLY C 202 23.84 -11.77 44.96
C GLY C 202 23.08 -12.05 46.22
N LYS C 203 23.01 -11.10 47.15
CA LYS C 203 22.21 -11.24 48.35
C LYS C 203 20.73 -10.95 48.09
N ARG C 204 20.41 -10.37 46.93
CA ARG C 204 19.06 -10.30 46.41
C ARG C 204 19.05 -10.89 45.00
N GLU C 205 17.90 -11.42 44.60
CA GLU C 205 17.76 -11.91 43.24
C GLU C 205 17.70 -10.79 42.22
N TYR C 206 17.08 -9.67 42.59
CA TYR C 206 16.90 -8.54 41.67
C TYR C 206 16.57 -7.30 42.49
N LEU C 207 16.64 -6.15 41.85
CA LEU C 207 16.12 -4.91 42.41
C LEU C 207 15.62 -4.01 41.28
N ASN C 208 14.41 -3.49 41.43
CA ASN C 208 13.81 -2.56 40.47
C ASN C 208 13.81 -1.15 41.06
N ILE C 209 14.49 -0.23 40.39
CA ILE C 209 14.61 1.17 40.82
C ILE C 209 13.94 2.02 39.74
N TYR C 210 12.91 2.77 40.13
CA TYR C 210 12.23 3.70 39.23
C TYR C 210 12.57 5.14 39.64
N VAL C 211 13.09 5.91 38.68
CA VAL C 211 13.52 7.30 38.90
C VAL C 211 12.53 8.23 38.20
N THR C 212 12.04 9.23 38.94
CA THR C 212 11.26 10.34 38.39
C THR C 212 12.06 11.62 38.60
N CYS C 213 12.33 12.34 37.52
CA CYS C 213 13.14 13.56 37.52
C CYS C 213 12.32 14.72 36.99
N PHE C 214 12.26 15.81 37.75
CA PHE C 214 11.60 17.05 37.36
C PHE C 214 12.64 18.12 37.08
N VAL C 215 12.62 18.67 35.86
CA VAL C 215 13.54 19.73 35.45
C VAL C 215 12.70 20.98 35.16
N LYS C 216 12.75 21.96 36.06
CA LYS C 216 12.08 23.24 35.84
C LYS C 216 12.96 24.09 34.91
N ILE C 217 12.52 24.29 33.68
CA ILE C 217 13.24 25.09 32.69
C ILE C 217 12.65 26.48 32.58
N GLY C 218 11.35 26.55 32.35
CA GLY C 218 10.65 27.79 32.06
C GLY C 218 9.66 27.54 30.94
N CYS C 219 8.61 28.38 30.91
CA CYS C 219 7.55 28.26 29.92
C CYS C 219 8.07 28.22 28.49
N ALA C 220 7.51 27.30 27.70
CA ALA C 220 7.77 27.14 26.27
C ALA C 220 9.22 26.82 25.92
N MET C 221 10.08 26.53 26.89
CA MET C 221 11.49 26.36 26.58
C MET C 221 11.76 25.05 25.85
N GLU C 222 12.91 25.02 25.16
CA GLU C 222 13.32 23.89 24.33
C GLU C 222 13.78 22.69 25.17
N VAL C 223 13.49 21.50 24.66
CA VAL C 223 13.82 20.22 25.30
C VAL C 223 14.59 19.36 24.31
N TYR C 224 15.58 18.62 24.81
CA TYR C 224 16.50 17.82 23.99
C TYR C 224 16.37 16.33 24.27
N PRO C 225 15.45 15.63 23.60
CA PRO C 225 15.53 14.16 23.55
C PRO C 225 16.71 13.70 22.72
N SER C 226 17.00 12.40 22.80
CA SER C 226 18.14 11.82 22.08
C SER C 226 17.82 11.71 20.59
N GLN C 227 18.73 12.24 19.77
CA GLN C 227 18.60 12.12 18.32
C GLN C 227 18.84 10.68 17.87
N GLU C 228 18.04 10.23 16.90
CA GLU C 228 18.15 8.86 16.39
C GLU C 228 19.21 8.75 15.29
N MET C 229 19.82 7.57 15.22
CA MET C 229 20.82 7.26 14.20
C MET C 229 20.21 7.26 12.81
N THR C 230 20.97 7.77 11.82
CA THR C 230 20.53 7.87 10.43
C THR C 230 21.63 7.40 9.48
N PHE C 231 21.40 6.25 8.84
CA PHE C 231 22.29 5.74 7.78
C PHE C 231 21.84 6.15 6.38
N ASP C 232 20.57 6.50 6.20
CA ASP C 232 20.05 6.88 4.89
C ASP C 232 20.81 8.07 4.30
N ASP C 233 21.20 7.94 3.04
CA ASP C 233 21.87 9.01 2.32
C ASP C 233 20.96 10.18 1.99
N ASP C 234 19.65 9.96 1.95
CA ASP C 234 18.69 11.04 1.67
C ASP C 234 18.27 11.77 2.94
N ASP C 235 17.65 11.06 3.87
CA ASP C 235 17.09 11.66 5.09
C ASP C 235 18.15 11.91 6.17
N LYS C 236 19.13 12.75 5.80
CA LYS C 236 20.14 13.20 6.76
C LYS C 236 19.61 14.19 7.78
N GLY C 237 18.38 14.70 7.58
CA GLY C 237 17.80 15.63 8.54
C GLY C 237 17.57 14.98 9.90
N LYS C 238 17.83 15.75 10.95
CA LYS C 238 17.69 15.34 12.35
C LYS C 238 16.33 14.73 12.63
N LYS C 239 16.33 13.45 12.99
CA LYS C 239 15.16 12.73 13.48
C LYS C 239 15.34 12.38 14.95
N LEU C 240 14.35 12.73 15.77
CA LEU C 240 14.41 12.50 17.22
C LEU C 240 13.73 11.20 17.59
N PHE C 241 14.09 10.70 18.77
CA PHE C 241 13.54 9.46 19.31
C PHE C 241 12.13 9.69 19.84
N LYS C 242 11.16 8.98 19.26
CA LYS C 242 9.81 8.85 19.81
C LYS C 242 9.70 7.53 20.56
N PHE C 243 9.25 7.59 21.82
CA PHE C 243 8.90 6.42 22.61
C PHE C 243 7.41 6.49 22.92
N GLU C 244 6.64 5.56 22.36
CA GLU C 244 5.18 5.55 22.48
C GLU C 244 4.54 6.86 22.04
N GLY C 245 5.17 7.56 21.10
CA GLY C 245 4.70 8.83 20.58
C GLY C 245 5.16 10.04 21.36
N SER C 246 5.45 9.89 22.66
CA SER C 246 6.12 10.94 23.40
C SER C 246 7.60 10.96 23.04
N ALA C 247 8.25 12.10 23.32
CA ALA C 247 9.70 12.15 23.24
C ALA C 247 10.30 11.20 24.28
N GLY C 248 11.52 10.73 24.01
CA GLY C 248 12.23 9.91 24.97
C GLY C 248 13.73 10.07 24.87
N MET C 249 14.43 9.31 25.71
CA MET C 249 15.87 9.08 25.59
C MET C 249 16.15 7.58 25.42
N HIS C 250 17.15 7.28 24.60
CA HIS C 250 17.63 5.92 24.47
C HIS C 250 18.13 5.42 25.82
N SER C 251 17.80 4.17 26.15
CA SER C 251 18.37 3.52 27.33
C SER C 251 19.89 3.51 27.29
N GLN C 252 20.47 3.41 26.09
CA GLN C 252 21.92 3.49 25.91
C GLN C 252 22.50 4.77 26.51
N LYS C 253 21.94 5.93 26.17
CA LYS C 253 22.51 7.19 26.61
C LYS C 253 22.33 7.44 28.10
N ILE C 254 21.22 6.97 28.69
CA ILE C 254 21.08 7.06 30.13
C ILE C 254 22.07 6.14 30.83
N ASN C 255 22.25 4.93 30.32
CA ASN C 255 23.23 4.02 30.91
C ASN C 255 24.62 4.63 30.82
N ASN C 256 24.98 5.18 29.66
CA ASN C 256 26.26 5.87 29.50
C ASN C 256 26.39 7.07 30.42
N ALA C 257 25.28 7.67 30.85
CA ALA C 257 25.38 8.68 31.90
C ALA C 257 25.74 8.05 33.23
N LEU C 258 25.03 6.99 33.62
CA LEU C 258 25.27 6.37 34.91
C LEU C 258 26.68 5.78 35.06
N ARG C 259 27.27 5.26 33.97
CA ARG C 259 28.62 4.69 34.05
C ARG C 259 29.76 5.70 34.20
N THR C 260 29.49 7.01 34.26
CA THR C 260 30.56 7.99 34.45
C THR C 260 31.04 8.00 35.91
N ILE C 261 31.77 6.95 36.27
CA ILE C 261 32.26 6.74 37.64
C ILE C 261 33.77 6.52 37.68
N ASP C 262 34.42 6.36 36.54
CA ASP C 262 35.84 6.03 36.50
C ASP C 262 36.66 7.27 36.84
N THR C 263 37.23 7.28 38.05
CA THR C 263 38.24 8.27 38.46
C THR C 263 39.57 7.61 38.80
N TRP C 264 39.84 6.41 38.26
CA TRP C 264 41.01 5.62 38.57
C TRP C 264 42.00 5.52 37.42
N TYR C 265 41.68 6.07 36.25
CA TYR C 265 42.60 6.05 35.12
C TYR C 265 43.87 6.83 35.47
N PRO C 266 45.02 6.46 34.87
CA PRO C 266 46.30 6.95 35.41
C PRO C 266 46.52 8.45 35.30
N ASP C 267 45.97 9.11 34.28
CA ASP C 267 46.13 10.54 34.08
C ASP C 267 45.27 11.40 35.00
N TYR C 268 44.47 10.79 35.89
CA TYR C 268 43.44 11.52 36.64
C TYR C 268 43.99 12.70 37.44
N THR C 269 45.21 12.59 37.98
CA THR C 269 45.78 13.70 38.75
C THR C 269 45.98 14.97 37.92
N THR C 270 45.91 14.90 36.59
CA THR C 270 45.90 16.05 35.71
C THR C 270 44.52 16.37 35.16
N TYR C 271 43.52 15.50 35.39
CA TYR C 271 42.17 15.65 34.84
C TYR C 271 41.17 15.26 35.93
N GLU C 272 40.64 16.26 36.64
CA GLU C 272 39.80 16.00 37.80
C GLU C 272 38.48 15.31 37.47
N PHE C 273 38.06 15.30 36.20
CA PHE C 273 36.75 14.78 35.84
C PHE C 273 36.71 13.24 35.80
N PRO C 274 35.56 12.61 36.13
CA PRO C 274 35.36 11.20 35.79
C PRO C 274 35.07 11.00 34.30
N ILE C 275 35.23 9.75 33.86
CA ILE C 275 34.96 9.35 32.47
C ILE C 275 34.07 8.11 32.47
N PRO C 276 33.42 7.81 31.35
CA PRO C 276 32.65 6.56 31.26
C PRO C 276 33.54 5.34 31.35
N VAL C 277 33.13 4.38 32.18
CA VAL C 277 33.81 3.09 32.31
C VAL C 277 33.76 2.39 30.96
N GLU C 278 34.92 2.25 30.30
CA GLU C 278 35.03 1.64 28.98
C GLU C 278 36.35 0.88 28.90
N ASN C 279 36.41 -0.07 27.95
CA ASN C 279 37.52 -1.00 27.87
C ASN C 279 38.86 -0.28 27.67
N TYR C 280 38.86 0.83 26.92
CA TYR C 280 40.03 1.69 26.76
C TYR C 280 39.84 3.07 27.39
N GLY C 281 38.76 3.30 28.12
CA GLY C 281 38.51 4.61 28.70
C GLY C 281 38.35 5.72 27.69
N ALA C 282 37.65 5.45 26.59
CA ALA C 282 37.32 6.50 25.64
C ALA C 282 36.33 7.47 26.26
N ALA C 283 36.53 8.76 26.00
CA ALA C 283 35.53 9.79 26.29
C ALA C 283 35.44 10.71 25.07
N ARG C 284 34.38 10.52 24.27
CA ARG C 284 34.23 11.22 23.01
C ARG C 284 34.24 12.74 23.16
N SER C 285 33.72 13.25 24.28
CA SER C 285 33.65 14.69 24.48
C SER C 285 35.02 15.36 24.65
N ILE C 286 36.08 14.59 24.91
CA ILE C 286 37.38 15.15 25.28
C ILE C 286 38.51 14.60 24.41
N GLY C 287 38.36 13.45 23.76
CA GLY C 287 39.27 13.03 22.71
C GLY C 287 40.57 12.40 23.16
N ILE C 288 40.82 12.28 24.47
CA ILE C 288 42.00 11.59 24.99
C ILE C 288 41.62 10.14 25.27
N PRO C 289 42.39 9.12 24.80
CA PRO C 289 42.22 7.76 25.35
C PRO C 289 42.93 7.64 26.69
N PHE C 290 42.14 7.47 27.76
CA PHE C 290 42.69 7.49 29.11
C PHE C 290 43.22 6.16 29.63
N ARG C 291 42.87 5.03 29.00
CA ARG C 291 43.40 3.71 29.39
C ARG C 291 43.89 2.88 28.20
N PRO C 292 44.86 3.37 27.45
CA PRO C 292 45.63 2.47 26.58
C PRO C 292 46.65 1.67 27.37
N ASP C 293 47.08 0.56 26.77
CA ASP C 293 48.20 -0.26 27.24
C ASP C 293 47.98 -0.74 28.67
N THR C 294 48.89 -0.45 29.62
CA THR C 294 49.03 -1.20 30.86
C THR C 294 47.83 -1.08 31.81
N LYS C 295 46.92 -0.15 31.59
CA LYS C 295 45.70 -0.01 32.40
C LYS C 295 44.43 -0.29 31.60
N SER C 296 44.55 -0.73 30.34
CA SER C 296 43.39 -1.21 29.62
C SER C 296 42.83 -2.43 30.34
N PHE C 297 41.51 -2.60 30.22
CA PHE C 297 40.83 -3.74 30.84
C PHE C 297 41.42 -5.09 30.44
N TYR C 298 41.70 -5.27 29.15
CA TYR C 298 42.20 -6.57 28.69
C TYR C 298 43.49 -6.98 29.40
N LYS C 299 44.44 -6.06 29.55
CA LYS C 299 45.67 -6.41 30.24
C LYS C 299 45.48 -6.54 31.75
N LEU C 300 44.49 -5.83 32.32
CA LEU C 300 44.23 -6.00 33.75
C LEU C 300 43.52 -7.32 34.07
N ILE C 301 42.58 -7.74 33.23
CA ILE C 301 41.93 -9.04 33.46
C ILE C 301 42.91 -10.18 33.18
N ASP C 302 43.72 -10.06 32.12
CA ASP C 302 44.75 -11.06 31.88
C ASP C 302 45.73 -11.14 33.05
N ARG C 303 46.11 -10.00 33.63
CA ARG C 303 46.98 -10.01 34.80
C ARG C 303 46.29 -10.59 36.02
N MET C 304 44.99 -10.31 36.20
CA MET C 304 44.29 -10.77 37.41
C MET C 304 43.93 -12.25 37.35
N ILE C 305 43.70 -12.81 36.16
CA ILE C 305 43.24 -14.20 36.00
C ILE C 305 44.38 -15.09 35.49
N LEU C 306 44.93 -14.78 34.33
CA LEU C 306 45.95 -15.65 33.73
C LEU C 306 47.24 -15.64 34.55
N LYS C 307 47.76 -14.45 34.85
CA LYS C 307 48.93 -14.33 35.72
C LYS C 307 48.58 -14.42 37.21
N ASN C 308 47.28 -14.41 37.56
CA ASN C 308 46.80 -14.54 38.95
C ASN C 308 47.49 -13.54 39.89
N GLU C 309 47.64 -12.30 39.44
CA GLU C 309 48.15 -11.23 40.28
C GLU C 309 47.05 -10.67 41.18
N ASP C 310 47.44 -10.27 42.39
CA ASP C 310 46.55 -9.55 43.33
C ASP C 310 46.64 -8.06 43.07
N LEU C 311 45.76 -7.58 42.19
CA LEU C 311 45.75 -6.19 41.76
C LEU C 311 45.49 -5.22 42.92
N PRO C 312 45.93 -3.96 42.83
CA PRO C 312 45.48 -2.95 43.79
C PRO C 312 44.00 -2.65 43.63
N ILE C 313 43.41 -2.18 44.73
CA ILE C 313 41.96 -2.04 44.87
C ILE C 313 41.34 -1.14 43.80
N GLU C 314 42.02 -0.06 43.39
CA GLU C 314 41.45 0.81 42.37
C GLU C 314 41.30 0.09 41.02
N ASP C 315 42.17 -0.88 40.74
CA ASP C 315 42.06 -1.63 39.50
C ASP C 315 41.04 -2.75 39.62
N LYS C 316 40.85 -3.30 40.82
CA LYS C 316 39.70 -4.16 41.06
C LYS C 316 38.40 -3.40 40.83
N HIS C 317 38.32 -2.16 41.34
CA HIS C 317 37.13 -1.33 41.10
C HIS C 317 36.85 -1.17 39.61
N TYR C 318 37.88 -0.80 38.83
CA TYR C 318 37.66 -0.62 37.39
C TYR C 318 37.28 -1.93 36.68
N VAL C 319 37.95 -3.04 37.02
CA VAL C 319 37.65 -4.33 36.39
C VAL C 319 36.20 -4.75 36.69
N MET C 320 35.81 -4.70 37.96
CA MET C 320 34.45 -5.10 38.29
C MET C 320 33.42 -4.11 37.74
N ALA C 321 33.78 -2.84 37.59
CA ALA C 321 32.85 -1.90 36.96
C ALA C 321 32.62 -2.20 35.48
N ILE C 322 33.64 -2.68 34.76
CA ILE C 322 33.41 -3.04 33.36
C ILE C 322 32.77 -4.42 33.23
N LEU C 323 32.94 -5.31 34.21
CA LEU C 323 32.08 -6.49 34.25
C LEU C 323 30.62 -6.09 34.46
N ILE C 324 30.36 -5.14 35.35
CA ILE C 324 29.01 -4.61 35.55
C ILE C 324 28.46 -4.02 34.25
N ARG C 325 29.31 -3.37 33.45
CA ARG C 325 28.83 -2.90 32.14
C ARG C 325 28.34 -4.06 31.28
N GLY C 326 29.14 -5.11 31.17
CA GLY C 326 28.92 -6.18 30.20
C GLY C 326 29.71 -5.96 28.93
N GLY C 327 29.89 -7.03 28.18
CA GLY C 327 30.66 -6.95 26.95
C GLY C 327 30.98 -8.33 26.42
N MET C 328 31.61 -8.33 25.25
CA MET C 328 32.27 -9.50 24.69
C MET C 328 33.78 -9.36 24.82
N PHE C 329 34.42 -10.39 25.37
CA PHE C 329 35.86 -10.43 25.63
C PHE C 329 36.54 -11.63 24.98
N SER C 330 35.90 -12.26 23.98
CA SER C 330 36.44 -13.42 23.28
C SER C 330 37.84 -13.17 22.74
N LYS C 331 38.77 -14.07 23.08
CA LYS C 331 40.09 -14.12 22.48
C LYS C 331 40.01 -14.82 21.12
N LYS C 332 40.96 -14.49 20.24
CA LYS C 332 41.16 -15.30 19.04
C LYS C 332 41.93 -16.58 19.36
N GLN C 333 41.69 -17.60 18.54
CA GLN C 333 42.24 -18.93 18.77
C GLN C 333 41.83 -19.49 20.12
N THR D 11 52.18 23.40 21.52
CA THR D 11 51.49 24.41 20.65
C THR D 11 50.43 23.73 19.79
N LEU D 12 49.54 24.55 19.23
CA LEU D 12 48.39 24.06 18.45
C LEU D 12 48.65 24.24 16.96
N LYS D 13 48.50 23.14 16.21
CA LYS D 13 48.75 23.13 14.77
C LYS D 13 47.49 23.27 13.93
N SER D 14 46.33 22.90 14.46
CA SER D 14 45.09 23.00 13.70
C SER D 14 43.91 22.94 14.66
N ARG D 15 42.75 23.35 14.14
CA ARG D 15 41.49 23.00 14.78
C ARG D 15 41.32 21.48 14.84
N PRO D 16 40.59 20.95 15.83
CA PRO D 16 40.48 19.50 15.98
C PRO D 16 39.54 18.88 14.94
N GLU D 17 39.50 17.54 14.98
CA GLU D 17 38.61 16.78 14.10
C GLU D 17 37.14 17.00 14.42
N ASN D 18 36.81 17.33 15.67
CA ASN D 18 35.46 17.74 16.06
C ASN D 18 35.52 19.01 16.89
N LEU D 19 34.75 20.02 16.49
CA LEU D 19 34.53 21.22 17.30
C LEU D 19 33.11 21.70 17.08
N SER D 20 32.39 21.97 18.17
CA SER D 20 31.02 22.46 18.08
C SER D 20 30.67 23.28 19.31
N PHE D 21 29.74 24.23 19.12
CA PHE D 21 29.23 25.08 20.19
C PHE D 21 27.71 25.07 20.19
N ALA D 22 27.11 24.88 21.36
CA ALA D 22 25.68 25.06 21.52
C ALA D 22 25.31 26.55 21.46
N ARG D 23 24.07 26.81 21.05
CA ARG D 23 23.46 28.14 21.20
C ARG D 23 23.64 28.67 22.62
N CYS D 24 24.08 29.92 22.71
CA CYS D 24 24.05 30.64 23.98
C CYS D 24 22.80 31.48 24.17
N LEU D 25 22.29 32.05 23.09
CA LEU D 25 21.10 32.90 23.13
C LEU D 25 19.90 32.11 22.61
N ASN D 26 19.45 31.17 23.45
CA ASN D 26 18.38 30.27 23.05
C ASN D 26 17.06 31.02 22.97
N THR D 27 16.22 30.61 22.01
CA THR D 27 14.91 31.22 21.80
C THR D 27 13.88 30.14 21.53
N THR D 28 12.69 30.30 22.13
CA THR D 28 11.53 29.47 21.85
C THR D 28 10.70 30.01 20.69
N GLU D 29 9.75 29.18 20.26
CA GLU D 29 8.74 29.61 19.30
C GLU D 29 7.94 30.80 19.85
N ALA D 30 7.40 31.60 18.93
CA ALA D 30 6.49 32.69 19.25
C ALA D 30 5.04 32.33 18.90
N LYS D 31 4.12 32.73 19.79
CA LYS D 31 2.69 32.51 19.61
C LYS D 31 2.03 33.88 19.43
N PHE D 32 1.16 33.99 18.43
CA PHE D 32 0.41 35.22 18.21
C PHE D 32 -0.90 35.25 18.99
N TRP D 33 -1.32 36.46 19.35
CA TRP D 33 -2.65 36.75 19.87
C TRP D 33 -3.16 38.01 19.18
N GLN D 34 -4.46 38.30 19.34
CA GLN D 34 -5.08 39.53 18.84
C GLN D 34 -5.82 40.22 19.97
N THR D 35 -5.88 41.55 19.89
CA THR D 35 -6.35 42.35 21.04
C THR D 35 -6.82 43.73 20.57
N ASP D 36 -7.70 44.35 21.36
CA ASP D 36 -8.01 45.77 21.24
C ASP D 36 -7.01 46.57 22.08
N PHE D 37 -6.38 47.58 21.45
CA PHE D 37 -5.21 48.25 22.03
C PHE D 37 -5.47 48.84 23.42
N LEU D 38 -6.63 49.49 23.62
CA LEU D 38 -6.91 50.09 24.92
C LEU D 38 -7.09 49.06 26.01
N LYS D 39 -7.52 47.85 25.67
CA LYS D 39 -7.73 46.77 26.63
C LYS D 39 -6.47 45.95 26.90
N ARG D 40 -5.37 46.24 26.20
CA ARG D 40 -4.29 45.29 25.98
C ARG D 40 -3.66 44.71 27.24
N HIS D 41 -3.73 45.41 28.37
CA HIS D 41 -3.20 44.85 29.60
C HIS D 41 -4.11 43.81 30.24
N THR D 42 -5.30 43.56 29.69
CA THR D 42 -6.36 42.80 30.35
C THR D 42 -7.05 41.75 29.49
N PHE D 43 -6.77 41.66 28.18
CA PHE D 43 -7.66 40.95 27.27
C PHE D 43 -6.90 40.50 26.03
N LYS D 44 -6.96 39.20 25.73
CA LYS D 44 -6.37 38.61 24.54
C LYS D 44 -7.27 37.51 24.00
N LEU D 45 -7.31 37.39 22.66
CA LEU D 45 -8.02 36.33 21.94
C LEU D 45 -7.07 35.56 21.03
N PRO D 46 -7.33 34.27 20.77
CA PRO D 46 -6.49 33.54 19.80
C PRO D 46 -6.58 34.15 18.40
N LEU D 47 -5.58 33.82 17.58
CA LEU D 47 -5.51 34.26 16.18
C LEU D 47 -5.23 33.04 15.29
N LEU D 48 -6.30 32.39 14.83
CA LEU D 48 -6.21 31.14 14.08
C LEU D 48 -5.82 31.38 12.61
N ILE D 49 -5.06 30.44 12.06
CA ILE D 49 -4.78 30.44 10.62
C ILE D 49 -6.03 30.00 9.87
N THR D 50 -6.32 30.68 8.76
CA THR D 50 -7.44 30.36 7.88
C THR D 50 -6.93 29.76 6.58
N ASP D 51 -7.52 28.64 6.17
CA ASP D 51 -7.29 28.13 4.83
C ASP D 51 -7.95 29.03 3.79
N LYS D 52 -7.26 29.25 2.67
CA LYS D 52 -7.79 30.11 1.60
C LYS D 52 -7.13 29.67 0.29
N ALA D 53 -7.84 28.84 -0.48
CA ALA D 53 -7.38 28.50 -1.82
C ALA D 53 -7.56 29.69 -2.75
N VAL D 54 -6.64 29.82 -3.72
CA VAL D 54 -6.52 31.02 -4.55
C VAL D 54 -6.25 30.63 -5.99
N LEU D 55 -6.90 31.36 -6.91
CA LEU D 55 -6.78 31.16 -8.35
C LEU D 55 -5.81 32.19 -8.90
N ALA D 56 -4.81 31.73 -9.66
CA ALA D 56 -3.70 32.56 -10.10
C ALA D 56 -3.59 32.63 -11.62
N SER D 57 -3.17 33.79 -12.11
CA SER D 57 -2.61 33.91 -13.45
C SER D 57 -1.28 33.18 -13.54
N LYS D 58 -1.00 32.64 -14.73
CA LYS D 58 0.37 32.25 -15.07
C LYS D 58 1.22 33.48 -15.39
N GLY D 59 1.55 34.27 -14.38
CA GLY D 59 2.21 35.54 -14.58
C GLY D 59 3.73 35.49 -14.65
N HIS D 60 4.33 34.32 -14.40
CA HIS D 60 5.76 34.17 -14.54
C HIS D 60 6.20 34.39 -15.99
N GLU D 61 7.45 34.83 -16.13
CA GLU D 61 8.01 35.19 -17.44
C GLU D 61 8.12 33.95 -18.32
N MET D 62 7.52 34.03 -19.51
CA MET D 62 7.55 32.97 -20.51
C MET D 62 7.94 33.53 -21.87
N PRO D 63 8.70 32.80 -22.70
CA PRO D 63 9.00 33.29 -24.04
C PRO D 63 7.74 33.38 -24.90
N PRO D 64 7.72 34.28 -25.90
CA PRO D 64 6.44 34.64 -26.53
C PRO D 64 5.73 33.51 -27.24
N ASP D 65 6.45 32.52 -27.76
CA ASP D 65 5.79 31.39 -28.41
C ASP D 65 5.06 30.52 -27.38
N LYS D 66 5.72 30.22 -26.26
CA LYS D 66 5.05 29.53 -25.17
C LYS D 66 3.95 30.38 -24.55
N LEU D 67 4.21 31.70 -24.43
CA LEU D 67 3.26 32.63 -23.83
C LEU D 67 1.89 32.60 -24.50
N GLU D 68 1.87 32.72 -25.84
CA GLU D 68 0.62 32.87 -26.57
C GLU D 68 -0.37 31.73 -26.33
N LYS D 69 0.12 30.52 -26.08
CA LYS D 69 -0.76 29.39 -25.80
C LYS D 69 -1.27 29.38 -24.36
N GLU D 70 -0.37 29.47 -23.38
CA GLU D 70 -0.69 29.20 -21.98
C GLU D 70 -1.18 30.41 -21.19
N ILE D 71 -0.88 31.63 -21.65
CA ILE D 71 -0.98 32.86 -20.86
C ILE D 71 -2.32 33.01 -20.15
N MET D 72 -3.43 32.77 -20.86
CA MET D 72 -4.75 33.07 -20.31
C MET D 72 -5.21 32.07 -19.25
N ASP D 73 -4.64 30.88 -19.19
CA ASP D 73 -5.18 29.81 -18.34
C ASP D 73 -5.01 30.08 -16.84
N PRO D 74 -6.08 30.14 -16.04
CA PRO D 74 -5.88 30.18 -14.58
C PRO D 74 -5.47 28.84 -14.01
N ASN D 75 -4.85 28.89 -12.82
CA ASN D 75 -4.48 27.69 -12.04
C ASN D 75 -4.98 27.79 -10.60
N PRO D 76 -5.65 26.76 -10.07
CA PRO D 76 -5.90 26.70 -8.62
C PRO D 76 -4.67 26.34 -7.80
N GLN D 77 -4.50 27.02 -6.67
CA GLN D 77 -3.52 26.65 -5.65
C GLN D 77 -4.18 26.57 -4.28
N LYS D 78 -3.76 25.60 -3.48
CA LYS D 78 -3.99 25.66 -2.03
C LYS D 78 -3.12 26.77 -1.43
N SER D 79 -3.65 27.43 -0.40
CA SER D 79 -2.89 28.42 0.34
C SER D 79 -3.56 28.65 1.69
N GLN D 80 -2.83 29.31 2.60
CA GLN D 80 -3.32 29.73 3.89
C GLN D 80 -3.00 31.20 4.10
N SER D 81 -3.77 31.86 4.97
CA SER D 81 -3.53 33.25 5.32
C SER D 81 -4.07 33.51 6.71
N CYS D 82 -3.58 34.58 7.33
CA CYS D 82 -3.89 34.95 8.71
C CYS D 82 -4.30 36.41 8.77
N THR D 83 -5.45 36.68 9.40
CA THR D 83 -6.03 38.02 9.45
C THR D 83 -6.61 38.25 10.83
N LEU D 84 -6.39 39.46 11.36
CA LEU D 84 -7.08 39.89 12.57
C LEU D 84 -8.59 39.86 12.37
N SER D 85 -9.32 39.71 13.47
CA SER D 85 -10.77 39.85 13.43
C SER D 85 -11.16 41.26 13.02
N THR D 86 -12.45 41.43 12.71
CA THR D 86 -13.01 42.72 12.36
C THR D 86 -13.14 43.68 13.55
N GLU D 87 -12.81 43.26 14.78
CA GLU D 87 -13.00 44.08 15.98
C GLU D 87 -11.76 44.21 16.85
N CYS D 88 -10.70 43.44 16.61
CA CYS D 88 -9.42 43.60 17.29
C CYS D 88 -8.44 44.23 16.31
N ASP D 89 -7.73 45.27 16.78
CA ASP D 89 -6.85 46.06 15.91
C ASP D 89 -5.35 45.86 16.16
N THR D 90 -4.94 45.20 17.25
CA THR D 90 -3.53 44.94 17.53
C THR D 90 -3.19 43.48 17.31
N LEU D 91 -1.98 43.24 16.80
CA LEU D 91 -1.31 41.97 16.97
C LEU D 91 -0.56 41.95 18.31
N ARG D 92 -0.43 40.76 18.90
CA ARG D 92 0.42 40.53 20.07
C ARG D 92 1.30 39.32 19.83
N ILE D 93 2.59 39.44 20.16
CA ILE D 93 3.55 38.33 20.14
C ILE D 93 4.01 38.05 21.56
N ASP D 94 3.92 36.78 21.97
CA ASP D 94 4.63 36.27 23.14
C ASP D 94 5.77 35.37 22.68
N PHE D 95 6.97 35.59 23.22
CA PHE D 95 8.06 34.61 23.12
C PHE D 95 9.05 34.89 24.23
N GLY D 96 9.98 33.94 24.41
CA GLY D 96 11.00 34.04 25.44
C GLY D 96 12.39 33.66 24.93
N ILE D 97 13.39 34.16 25.66
CA ILE D 97 14.80 33.93 25.40
C ILE D 97 15.41 33.36 26.68
N LYS D 98 16.28 32.35 26.53
CA LYS D 98 17.09 31.84 27.64
C LYS D 98 18.57 31.97 27.29
N VAL D 99 19.30 32.72 28.12
CA VAL D 99 20.71 33.02 27.92
C VAL D 99 21.55 32.07 28.77
N LEU D 100 22.61 31.51 28.18
CA LEU D 100 23.51 30.54 28.81
C LEU D 100 24.96 31.00 28.76
N PRO D 101 25.79 30.66 29.76
CA PRO D 101 27.19 31.13 29.76
C PRO D 101 28.01 30.52 28.63
N VAL D 102 28.61 31.39 27.79
CA VAL D 102 29.29 30.95 26.59
C VAL D 102 30.52 30.09 26.91
N LYS D 103 31.14 30.28 28.07
CA LYS D 103 32.30 29.47 28.41
C LYS D 103 31.90 28.00 28.60
N GLU D 104 30.73 27.75 29.16
CA GLU D 104 30.29 26.39 29.45
C GLU D 104 29.77 25.66 28.22
N SER D 105 29.32 26.37 27.19
CA SER D 105 28.52 25.79 26.11
C SER D 105 29.35 25.29 24.93
N MET D 106 30.64 25.02 25.10
CA MET D 106 31.36 24.21 24.12
C MET D 106 30.85 22.78 24.22
N TYR D 107 30.19 22.30 23.16
CA TYR D 107 29.48 21.03 23.26
C TYR D 107 30.44 19.84 23.16
N SER D 108 31.33 19.85 22.16
CA SER D 108 32.38 18.86 22.08
C SER D 108 33.62 19.47 21.45
N CYS D 109 34.79 18.97 21.88
CA CYS D 109 36.07 19.41 21.33
C CYS D 109 37.08 18.31 21.59
N SER D 110 37.59 17.69 20.54
CA SER D 110 38.39 16.47 20.65
C SER D 110 39.87 16.73 20.84
N ASP D 111 40.25 17.89 21.37
CA ASP D 111 41.65 18.20 21.64
C ASP D 111 41.68 19.11 22.86
N TYR D 112 42.13 18.58 24.00
CA TYR D 112 42.08 19.33 25.25
C TYR D 112 42.97 20.56 25.25
N ASN D 113 44.01 20.59 24.42
CA ASN D 113 44.81 21.81 24.28
C ASN D 113 43.97 22.92 23.69
N TYR D 114 43.12 22.60 22.71
CA TYR D 114 42.30 23.61 22.06
C TYR D 114 41.20 24.12 22.97
N ARG D 115 40.55 23.23 23.71
CA ARG D 115 39.60 23.65 24.74
C ARG D 115 40.25 24.59 25.74
N THR D 116 41.47 24.25 26.20
CA THR D 116 42.19 25.13 27.13
C THR D 116 42.46 26.50 26.51
N ALA D 117 42.85 26.53 25.23
CA ALA D 117 43.14 27.79 24.56
C ALA D 117 41.89 28.66 24.43
N ILE D 118 40.77 28.06 24.00
CA ILE D 118 39.52 28.82 23.88
C ILE D 118 39.10 29.37 25.25
N TYR D 119 39.13 28.53 26.29
CA TYR D 119 38.72 29.04 27.60
C TYR D 119 39.62 30.17 28.08
N GLN D 120 40.91 30.15 27.74
CA GLN D 120 41.76 31.28 28.07
C GLN D 120 41.34 32.54 27.30
N LYS D 121 41.13 32.40 25.99
CA LYS D 121 40.76 33.57 25.19
C LYS D 121 39.42 34.16 25.60
N ILE D 122 38.47 33.31 26.02
CA ILE D 122 37.21 33.80 26.55
C ILE D 122 37.44 34.56 27.85
N ASP D 123 38.29 34.03 28.75
CA ASP D 123 38.58 34.77 29.98
C ASP D 123 39.26 36.12 29.69
N GLU D 124 40.10 36.17 28.65
CA GLU D 124 40.68 37.45 28.24
C GLU D 124 39.63 38.42 27.74
N TYR D 125 38.72 37.96 26.88
CA TYR D 125 37.65 38.85 26.40
C TYR D 125 36.75 39.32 27.53
N ILE D 126 36.49 38.46 28.51
CA ILE D 126 35.73 38.87 29.69
C ILE D 126 36.50 39.93 30.47
N ALA D 127 37.83 39.84 30.48
CA ALA D 127 38.62 40.88 31.13
C ALA D 127 38.58 42.19 30.35
N GLU D 128 38.45 42.13 29.02
CA GLU D 128 38.40 43.35 28.22
C GLU D 128 37.02 44.01 28.25
N ASP D 129 35.97 43.26 27.88
CA ASP D 129 34.64 43.83 27.62
C ASP D 129 33.55 43.36 28.57
N GLY D 130 33.71 42.19 29.20
CA GLY D 130 32.63 41.62 29.99
C GLY D 130 31.37 41.28 29.22
N PHE D 131 31.47 41.13 27.90
CA PHE D 131 30.36 40.90 26.97
C PHE D 131 29.29 41.99 26.96
N LEU D 132 29.53 43.14 27.60
CA LEU D 132 28.49 44.17 27.69
C LEU D 132 28.16 44.78 26.33
N THR D 133 29.15 44.90 25.44
CA THR D 133 28.90 45.51 24.14
C THR D 133 27.95 44.66 23.29
N LEU D 134 28.16 43.34 23.24
CA LEU D 134 27.27 42.47 22.48
C LEU D 134 25.88 42.41 23.09
N ALA D 135 25.81 42.30 24.42
CA ALA D 135 24.53 42.26 25.12
C ALA D 135 23.69 43.50 24.83
N LYS D 136 24.32 44.67 24.79
CA LYS D 136 23.58 45.89 24.44
C LYS D 136 23.01 45.82 23.03
N ARG D 137 23.72 45.19 22.10
CA ARG D 137 23.19 45.08 20.74
C ARG D 137 22.03 44.09 20.65
N TYR D 138 22.12 42.96 21.36
CA TYR D 138 20.97 42.05 21.41
C TYR D 138 19.75 42.72 22.04
N VAL D 139 19.94 43.42 23.15
CA VAL D 139 18.81 44.11 23.79
C VAL D 139 18.27 45.20 22.87
N ASN D 140 19.14 45.90 22.14
CA ASN D 140 18.68 46.84 21.13
C ASN D 140 17.82 46.17 20.08
N ASN D 141 18.23 44.99 19.59
CA ASN D 141 17.42 44.28 18.61
C ASN D 141 16.15 43.69 19.20
N ILE D 142 16.01 43.66 20.53
CA ILE D 142 14.70 43.45 21.13
C ILE D 142 13.89 44.74 21.10
N ALA D 143 14.49 45.84 21.57
CA ALA D 143 13.80 47.12 21.59
C ALA D 143 13.54 47.66 20.18
N ASN D 144 14.36 47.28 19.20
CA ASN D 144 14.09 47.65 17.81
C ASN D 144 12.87 46.96 17.24
N ALA D 145 12.41 45.86 17.85
CA ALA D 145 11.35 45.03 17.30
C ALA D 145 11.65 44.57 15.88
N ARG D 146 12.91 44.20 15.62
CA ARG D 146 13.26 43.56 14.35
C ARG D 146 12.52 42.24 14.17
N PHE D 147 12.27 41.52 15.26
CA PHE D 147 11.62 40.21 15.21
C PHE D 147 10.19 40.25 14.68
N LEU D 148 9.60 41.43 14.46
CA LEU D 148 8.32 41.52 13.78
C LEU D 148 8.42 41.19 12.30
N TRP D 149 9.59 41.41 11.69
CA TRP D 149 9.80 41.34 10.23
C TRP D 149 8.70 42.12 9.52
N ARG D 150 8.01 41.54 8.53
CA ARG D 150 7.02 42.29 7.75
C ARG D 150 5.87 42.84 8.58
N ASN D 151 5.58 42.24 9.74
CA ASN D 151 4.57 42.80 10.63
C ASN D 151 4.95 44.18 11.16
N ARG D 152 6.23 44.56 11.10
CA ARG D 152 6.66 45.89 11.52
C ARG D 152 6.21 46.98 10.56
N LYS D 153 5.92 46.63 9.31
CA LYS D 153 5.73 47.61 8.25
C LYS D 153 4.37 48.29 8.40
N GLY D 154 4.39 49.60 8.65
CA GLY D 154 3.18 50.39 8.71
C GLY D 154 2.27 50.16 9.91
N ALA D 155 2.81 49.70 11.03
CA ALA D 155 2.06 49.72 12.28
C ALA D 155 1.93 51.15 12.83
N GLU D 156 0.87 51.40 13.60
CA GLU D 156 0.69 52.71 14.20
C GLU D 156 1.51 52.87 15.47
N ILE D 157 1.55 51.82 16.30
CA ILE D 157 2.22 51.84 17.59
C ILE D 157 2.82 50.46 17.79
N ILE D 158 4.03 50.41 18.36
CA ILE D 158 4.75 49.14 18.58
C ILE D 158 5.29 49.18 20.00
N GLU D 159 4.57 48.54 20.93
CA GLU D 159 4.88 48.57 22.36
C GLU D 159 5.49 47.23 22.76
N THR D 160 6.72 47.24 23.25
CA THR D 160 7.45 46.04 23.65
C THR D 160 7.72 46.06 25.15
N ILE D 161 7.30 45.00 25.83
CA ILE D 161 7.43 44.87 27.28
C ILE D 161 8.29 43.65 27.57
N VAL D 162 9.38 43.83 28.32
CA VAL D 162 10.35 42.78 28.63
C VAL D 162 10.25 42.42 30.10
N THR D 163 10.13 41.12 30.38
CA THR D 163 9.90 40.58 31.72
C THR D 163 11.05 39.65 32.10
N ILE D 164 11.62 39.86 33.28
CA ILE D 164 12.70 39.02 33.81
C ILE D 164 12.38 38.72 35.27
N GLU D 165 12.35 37.43 35.61
CA GLU D 165 12.17 36.92 36.98
C GLU D 165 11.02 37.61 37.71
N ASP D 166 9.89 37.72 37.02
CA ASP D 166 8.67 38.35 37.51
C ASP D 166 8.81 39.85 37.74
N LYS D 167 9.88 40.48 37.24
CA LYS D 167 9.97 41.94 37.15
C LYS D 167 9.66 42.34 35.71
N GLU D 168 8.76 43.32 35.55
CA GLU D 168 8.47 43.91 34.25
C GLU D 168 9.23 45.23 34.14
N TYR D 169 10.12 45.31 33.16
CA TYR D 169 10.84 46.54 32.83
C TYR D 169 9.97 47.45 31.95
N PRO D 170 10.03 48.77 32.14
CA PRO D 170 9.08 49.66 31.43
C PRO D 170 9.20 49.58 29.91
N SER D 171 8.05 49.71 29.25
CA SER D 171 7.91 49.35 27.84
C SER D 171 8.81 50.18 26.94
N PHE D 172 9.36 49.53 25.90
CA PHE D 172 10.11 50.19 24.84
C PHE D 172 9.16 50.69 23.76
N ASN D 173 9.15 52.00 23.53
CA ASN D 173 8.42 52.58 22.41
C ASN D 173 9.21 52.33 21.12
N SER D 174 9.03 51.12 20.58
CA SER D 174 9.89 50.59 19.52
C SER D 174 9.87 51.45 18.25
N LYS D 175 8.86 52.30 18.07
CA LYS D 175 8.86 53.24 16.96
C LYS D 175 10.05 54.19 17.01
N SER D 176 10.55 54.52 18.21
CA SER D 176 11.56 55.55 18.37
C SER D 176 12.96 55.14 17.94
N PHE D 177 13.22 53.85 17.69
CA PHE D 177 14.52 53.37 17.25
C PHE D 177 14.51 53.14 15.74
N ASN D 178 15.45 53.77 15.05
CA ASN D 178 15.76 53.38 13.67
C ASN D 178 16.63 52.14 13.70
N LEU D 179 16.40 51.24 12.73
CA LEU D 179 17.01 49.93 12.75
C LEU D 179 18.52 49.93 12.46
N ASP D 180 19.08 51.04 11.99
CA ASP D 180 20.45 51.05 11.50
C ASP D 180 21.48 51.50 12.54
N THR D 181 21.04 52.02 13.70
CA THR D 181 21.95 52.51 14.73
C THR D 181 21.54 51.96 16.09
N PHE D 182 22.54 51.49 16.83
CA PHE D 182 22.35 50.88 18.15
C PHE D 182 22.58 51.93 19.23
N VAL D 183 21.66 52.00 20.20
CA VAL D 183 21.60 53.07 21.17
C VAL D 183 22.25 52.62 22.47
N GLU D 184 23.20 53.42 22.98
CA GLU D 184 24.03 53.06 24.12
C GLU D 184 23.56 53.66 25.45
N ASP D 185 22.81 54.75 25.42
CA ASP D 185 22.51 55.52 26.63
C ASP D 185 21.16 55.20 27.28
N ASN D 186 20.33 54.36 26.66
CA ASN D 186 19.01 54.06 27.22
C ASN D 186 19.19 53.24 28.49
N ALA D 187 18.64 53.73 29.61
CA ALA D 187 18.86 53.11 30.90
C ALA D 187 18.23 51.72 31.01
N THR D 188 17.10 51.48 30.34
CA THR D 188 16.47 50.17 30.42
C THR D 188 17.22 49.14 29.58
N ILE D 189 17.71 49.57 28.43
CA ILE D 189 18.60 48.73 27.63
C ILE D 189 19.83 48.36 28.44
N ASN D 190 20.41 49.35 29.13
CA ASN D 190 21.58 49.10 29.96
C ASN D 190 21.28 48.10 31.07
N GLU D 191 20.16 48.26 31.78
CA GLU D 191 19.87 47.39 32.91
C GLU D 191 19.57 45.96 32.46
N ILE D 192 18.93 45.76 31.31
CA ILE D 192 18.75 44.40 30.80
C ILE D 192 20.07 43.85 30.25
N ALA D 193 20.81 44.66 29.51
CA ALA D 193 22.05 44.22 28.89
C ALA D 193 23.11 43.86 29.93
N GLN D 194 23.11 44.51 31.10
CA GLN D 194 24.05 44.10 32.14
C GLN D 194 23.75 42.70 32.63
N GLN D 195 22.47 42.33 32.75
CA GLN D 195 22.15 41.00 33.23
C GLN D 195 22.45 39.94 32.17
N ILE D 196 22.24 40.29 30.88
CA ILE D 196 22.68 39.41 29.80
C ILE D 196 24.20 39.25 29.84
N ALA D 197 24.93 40.36 29.97
CA ALA D 197 26.39 40.33 30.00
C ALA D 197 26.90 39.46 31.14
N ASP D 198 26.36 39.66 32.35
CA ASP D 198 26.69 38.81 33.48
C ASP D 198 26.40 37.34 33.18
N THR D 199 25.31 37.05 32.48
CA THR D 199 25.00 35.65 32.18
C THR D 199 26.01 35.06 31.18
N PHE D 200 26.41 35.82 30.16
CA PHE D 200 27.45 35.33 29.25
C PHE D 200 28.79 35.13 29.95
N ALA D 201 29.16 36.05 30.86
CA ALA D 201 30.44 35.97 31.55
C ALA D 201 30.54 34.84 32.57
N GLY D 202 29.49 34.05 32.78
CA GLY D 202 29.50 32.99 33.76
C GLY D 202 29.26 33.45 35.18
N LYS D 203 28.94 34.74 35.39
CA LYS D 203 28.59 35.25 36.71
C LYS D 203 27.17 34.86 37.11
N ARG D 204 26.41 34.20 36.22
CA ARG D 204 25.13 33.58 36.50
C ARG D 204 25.08 32.27 35.76
N GLU D 205 24.20 31.38 36.21
CA GLU D 205 24.02 30.11 35.51
C GLU D 205 23.13 30.25 34.29
N TYR D 206 22.14 31.13 34.33
CA TYR D 206 21.17 31.26 33.25
C TYR D 206 20.45 32.58 33.41
N LEU D 207 19.69 32.95 32.38
CA LEU D 207 18.78 34.09 32.47
C LEU D 207 17.61 33.87 31.53
N ASN D 208 16.39 33.84 32.07
CA ASN D 208 15.16 33.70 31.28
C ASN D 208 14.56 35.07 31.04
N ILE D 209 14.48 35.48 29.77
CA ILE D 209 13.87 36.74 29.36
C ILE D 209 12.62 36.42 28.57
N TYR D 210 11.46 36.89 29.04
CA TYR D 210 10.21 36.82 28.31
C TYR D 210 9.84 38.23 27.85
N VAL D 211 9.33 38.35 26.62
CA VAL D 211 8.92 39.64 26.05
C VAL D 211 7.50 39.54 25.50
N THR D 212 6.72 40.61 25.69
CA THR D 212 5.40 40.77 25.08
C THR D 212 5.46 42.02 24.19
N CYS D 213 5.14 41.85 22.91
CA CYS D 213 5.19 42.92 21.91
C CYS D 213 3.81 43.14 21.29
N PHE D 214 3.30 44.37 21.41
CA PHE D 214 1.99 44.76 20.87
C PHE D 214 2.20 45.62 19.62
N VAL D 215 1.62 45.20 18.51
CA VAL D 215 1.68 45.93 17.24
C VAL D 215 0.26 46.33 16.87
N LYS D 216 -0.03 47.63 16.84
CA LYS D 216 -1.34 48.14 16.44
C LYS D 216 -1.40 48.22 14.91
N ILE D 217 -1.98 47.20 14.28
CA ILE D 217 -2.04 47.14 12.83
C ILE D 217 -3.28 47.86 12.29
N GLY D 218 -4.42 47.69 12.95
CA GLY D 218 -5.71 48.13 12.45
C GLY D 218 -6.65 46.97 12.23
N CYS D 219 -7.95 47.21 12.43
CA CYS D 219 -8.97 46.18 12.33
C CYS D 219 -8.93 45.43 11.00
N ALA D 220 -9.12 44.11 11.08
CA ALA D 220 -9.21 43.19 9.95
C ALA D 220 -7.98 43.16 9.05
N MET D 221 -6.85 43.77 9.44
CA MET D 221 -5.68 43.78 8.60
C MET D 221 -4.94 42.44 8.69
N GLU D 222 -4.14 42.17 7.65
CA GLU D 222 -3.41 40.91 7.56
C GLU D 222 -2.27 40.83 8.57
N VAL D 223 -1.99 39.60 9.01
CA VAL D 223 -0.86 39.28 9.88
C VAL D 223 -0.02 38.24 9.18
N TYR D 224 1.30 38.31 9.37
CA TYR D 224 2.28 37.49 8.65
C TYR D 224 3.04 36.59 9.62
N PRO D 225 2.55 35.38 9.91
CA PRO D 225 3.42 34.36 10.51
C PRO D 225 4.44 33.85 9.50
N SER D 226 5.42 33.10 10.02
CA SER D 226 6.46 32.55 9.16
C SER D 226 5.91 31.41 8.32
N GLN D 227 6.14 31.47 7.01
CA GLN D 227 5.68 30.43 6.11
C GLN D 227 6.44 29.14 6.36
N GLU D 228 5.71 28.05 6.56
CA GLU D 228 6.32 26.74 6.78
C GLU D 228 6.81 26.16 5.46
N MET D 229 8.04 25.64 5.46
CA MET D 229 8.58 24.95 4.31
C MET D 229 7.93 23.58 4.16
N THR D 230 7.66 23.19 2.91
CA THR D 230 7.06 21.90 2.58
C THR D 230 8.03 21.06 1.74
N PHE D 231 8.51 19.96 2.33
CA PHE D 231 9.07 18.84 1.59
C PHE D 231 8.05 17.73 1.35
N ASP D 232 7.05 17.61 2.22
CA ASP D 232 6.36 16.35 2.42
C ASP D 232 5.39 16.02 1.28
N ASP D 233 4.81 17.02 0.64
CA ASP D 233 3.63 16.85 -0.20
C ASP D 233 3.89 17.26 -1.64
N ASP D 234 3.21 16.57 -2.55
CA ASP D 234 3.00 17.08 -3.90
C ASP D 234 2.15 18.34 -3.91
N ASP D 235 1.39 18.60 -2.85
CA ASP D 235 0.63 19.84 -2.69
C ASP D 235 1.54 21.06 -2.69
N LYS D 236 1.43 21.86 -3.74
CA LYS D 236 2.11 23.15 -3.82
C LYS D 236 1.49 24.14 -2.84
N GLY D 237 2.02 25.35 -2.81
CA GLY D 237 1.35 26.49 -2.22
C GLY D 237 1.51 26.58 -0.72
N LYS D 238 1.19 27.78 -0.22
CA LYS D 238 1.56 28.23 1.12
C LYS D 238 1.05 27.29 2.22
N LYS D 239 1.91 27.05 3.21
CA LYS D 239 1.50 26.68 4.56
C LYS D 239 2.14 27.68 5.53
N LEU D 240 1.45 27.93 6.64
CA LEU D 240 1.91 28.88 7.65
C LEU D 240 2.12 28.13 8.96
N PHE D 241 3.14 28.58 9.70
CA PHE D 241 3.52 27.90 10.94
C PHE D 241 2.42 28.01 11.97
N LYS D 242 1.92 26.87 12.42
CA LYS D 242 0.79 26.77 13.32
C LYS D 242 1.29 26.19 14.65
N PHE D 243 1.26 27.01 15.70
CA PHE D 243 1.82 26.67 17.01
C PHE D 243 0.71 26.62 18.04
N GLU D 244 0.47 25.42 18.58
CA GLU D 244 -0.66 25.17 19.48
C GLU D 244 -2.00 25.62 18.87
N GLY D 245 -2.12 25.52 17.55
CA GLY D 245 -3.30 25.92 16.82
C GLY D 245 -3.34 27.38 16.39
N SER D 246 -2.83 28.30 17.21
CA SER D 246 -2.66 29.67 16.77
C SER D 246 -1.46 29.79 15.84
N ALA D 247 -1.42 30.90 15.11
CA ALA D 247 -0.27 31.20 14.28
C ALA D 247 0.97 31.42 15.14
N GLY D 248 2.15 31.27 14.53
CA GLY D 248 3.39 31.54 15.22
C GLY D 248 4.51 31.94 14.28
N MET D 249 5.69 32.12 14.85
CA MET D 249 6.95 32.28 14.13
C MET D 249 7.96 31.22 14.53
N HIS D 250 8.69 30.73 13.53
CA HIS D 250 9.84 29.87 13.78
C HIS D 250 10.83 30.57 14.71
N SER D 251 11.31 29.84 15.72
CA SER D 251 12.37 30.34 16.59
C SER D 251 13.61 30.76 15.79
N GLN D 252 13.89 30.06 14.69
CA GLN D 252 15.01 30.41 13.82
C GLN D 252 14.93 31.85 13.33
N LYS D 253 13.76 32.28 12.85
CA LYS D 253 13.65 33.60 12.25
C LYS D 253 13.70 34.71 13.28
N ILE D 254 13.21 34.46 14.49
CA ILE D 254 13.34 35.44 15.56
C ILE D 254 14.80 35.54 16.01
N ASN D 255 15.46 34.40 16.20
CA ASN D 255 16.86 34.44 16.60
C ASN D 255 17.72 35.11 15.53
N ASN D 256 17.42 34.86 14.25
CA ASN D 256 18.06 35.58 13.16
C ASN D 256 17.81 37.07 13.23
N ALA D 257 16.63 37.49 13.67
CA ALA D 257 16.39 38.91 13.84
C ALA D 257 17.26 39.50 14.95
N LEU D 258 17.29 38.83 16.11
CA LEU D 258 18.04 39.34 17.26
C LEU D 258 19.53 39.50 16.98
N ARG D 259 20.15 38.54 16.29
CA ARG D 259 21.59 38.55 16.03
C ARG D 259 22.02 39.39 14.82
N THR D 260 21.17 40.28 14.30
CA THR D 260 21.60 41.27 13.29
C THR D 260 22.34 42.42 13.99
N ILE D 261 23.56 42.12 14.44
CA ILE D 261 24.37 43.06 15.22
C ILE D 261 25.69 43.41 14.56
N ASP D 262 26.08 42.74 13.48
CA ASP D 262 27.42 42.90 12.90
C ASP D 262 27.48 44.22 12.14
N THR D 263 28.28 45.17 12.63
CA THR D 263 28.65 46.38 11.90
C THR D 263 30.17 46.52 11.79
N TRP D 264 30.90 45.39 11.80
CA TRP D 264 32.35 45.37 11.76
C TRP D 264 32.91 44.74 10.49
N TYR D 265 32.05 44.27 9.58
CA TYR D 265 32.52 43.74 8.31
C TYR D 265 33.19 44.85 7.49
N PRO D 266 34.17 44.49 6.64
CA PRO D 266 35.09 45.54 6.13
C PRO D 266 34.45 46.58 5.23
N ASP D 267 33.35 46.27 4.55
CA ASP D 267 32.68 47.19 3.64
C ASP D 267 31.65 48.08 4.33
N TYR D 268 31.60 48.08 5.67
CA TYR D 268 30.52 48.75 6.41
C TYR D 268 30.36 50.22 6.06
N THR D 269 31.46 50.92 5.75
CA THR D 269 31.32 52.32 5.36
C THR D 269 30.58 52.51 4.03
N THR D 270 30.40 51.45 3.25
CA THR D 270 29.61 51.49 2.02
C THR D 270 28.15 51.13 2.25
N TYR D 271 27.87 50.23 3.21
CA TYR D 271 26.52 49.77 3.52
C TYR D 271 26.24 50.03 5.00
N GLU D 272 25.37 51.00 5.27
CA GLU D 272 25.21 51.50 6.64
C GLU D 272 24.50 50.50 7.55
N PHE D 273 23.81 49.48 7.00
CA PHE D 273 23.00 48.59 7.81
C PHE D 273 23.83 47.49 8.50
N PRO D 274 23.42 47.02 9.69
CA PRO D 274 23.97 45.78 10.23
C PRO D 274 23.47 44.54 9.48
N ILE D 275 24.31 43.50 9.46
CA ILE D 275 23.98 42.21 8.86
C ILE D 275 23.88 41.11 9.92
N PRO D 276 23.26 39.96 9.61
CA PRO D 276 23.33 38.82 10.54
C PRO D 276 24.77 38.35 10.77
N VAL D 277 25.09 38.08 12.03
CA VAL D 277 26.38 37.46 12.37
C VAL D 277 26.40 36.06 11.77
N GLU D 278 27.34 35.82 10.85
CA GLU D 278 27.38 34.60 10.05
C GLU D 278 28.83 34.26 9.75
N ASN D 279 29.09 32.96 9.52
CA ASN D 279 30.46 32.48 9.40
C ASN D 279 31.21 33.16 8.26
N TYR D 280 30.56 33.30 7.10
CA TYR D 280 31.07 34.07 5.97
C TYR D 280 30.32 35.38 5.76
N GLY D 281 29.47 35.79 6.71
CA GLY D 281 28.72 37.02 6.58
C GLY D 281 27.79 37.06 5.38
N ALA D 282 27.19 35.93 5.02
CA ALA D 282 26.14 35.94 4.02
C ALA D 282 24.93 36.68 4.56
N ALA D 283 24.27 37.45 3.69
CA ALA D 283 23.09 38.24 4.05
C ALA D 283 22.11 38.19 2.89
N ARG D 284 21.01 37.47 3.08
CA ARG D 284 20.10 37.15 1.97
C ARG D 284 19.41 38.39 1.40
N SER D 285 19.40 39.50 2.14
CA SER D 285 18.87 40.76 1.61
C SER D 285 19.83 41.45 0.64
N ILE D 286 21.06 40.96 0.49
CA ILE D 286 22.03 41.54 -0.43
C ILE D 286 22.65 40.46 -1.32
N GLY D 287 22.75 39.24 -0.80
CA GLY D 287 23.38 38.16 -1.56
C GLY D 287 24.88 38.15 -1.50
N ILE D 288 25.51 39.22 -1.99
CA ILE D 288 26.98 39.29 -2.09
C ILE D 288 27.58 39.13 -0.69
N PRO D 289 28.53 38.22 -0.46
CA PRO D 289 29.01 37.99 0.91
C PRO D 289 29.86 39.13 1.43
N PHE D 290 29.63 39.50 2.70
CA PHE D 290 30.35 40.59 3.34
C PHE D 290 31.63 40.16 4.04
N ARG D 291 31.80 38.88 4.37
CA ARG D 291 33.01 38.36 5.02
C ARG D 291 33.53 37.10 4.35
N PRO D 292 33.85 37.14 3.06
CA PRO D 292 34.71 36.09 2.50
C PRO D 292 36.15 36.25 2.98
N ASP D 293 36.88 35.13 2.92
CA ASP D 293 38.34 35.12 3.10
C ASP D 293 38.73 35.69 4.46
N THR D 294 39.62 36.70 4.52
CA THR D 294 40.39 37.01 5.72
C THR D 294 39.53 37.42 6.91
N LYS D 295 38.40 38.09 6.68
CA LYS D 295 37.52 38.55 7.75
C LYS D 295 36.43 37.55 8.07
N SER D 296 36.45 36.36 7.48
CA SER D 296 35.52 35.32 7.87
C SER D 296 35.85 34.83 9.28
N PHE D 297 34.87 34.15 9.88
CA PHE D 297 35.07 33.55 11.20
C PHE D 297 36.24 32.59 11.23
N TYR D 298 36.30 31.66 10.26
CA TYR D 298 37.32 30.60 10.27
C TYR D 298 38.73 31.15 10.31
N LYS D 299 39.06 32.08 9.41
CA LYS D 299 40.42 32.61 9.39
C LYS D 299 40.69 33.52 10.59
N LEU D 300 39.66 34.21 11.12
CA LEU D 300 39.90 35.02 12.31
C LEU D 300 40.13 34.17 13.55
N ILE D 301 39.39 33.08 13.74
CA ILE D 301 39.62 32.23 14.90
C ILE D 301 40.94 31.47 14.78
N ASP D 302 41.25 30.96 13.58
CA ASP D 302 42.55 30.33 13.37
C ASP D 302 43.70 31.30 13.62
N ARG D 303 43.55 32.55 13.17
CA ARG D 303 44.53 33.60 13.45
C ARG D 303 44.60 33.91 14.94
N MET D 304 43.47 33.94 15.63
CA MET D 304 43.45 34.28 17.04
C MET D 304 44.08 33.21 17.93
N ILE D 305 43.92 31.93 17.58
CA ILE D 305 44.33 30.82 18.44
C ILE D 305 45.61 30.17 17.93
N LEU D 306 45.62 29.73 16.67
CA LEU D 306 46.77 28.98 16.17
C LEU D 306 47.99 29.87 16.02
N LYS D 307 47.84 31.01 15.32
CA LYS D 307 48.90 32.00 15.26
C LYS D 307 49.04 32.82 16.55
N ASN D 308 48.07 32.71 17.47
CA ASN D 308 48.09 33.42 18.76
C ASN D 308 48.27 34.93 18.59
N GLU D 309 47.69 35.49 17.53
CA GLU D 309 47.69 36.94 17.34
C GLU D 309 46.60 37.58 18.19
N ASP D 310 46.91 38.74 18.77
CA ASP D 310 45.92 39.55 19.48
C ASP D 310 45.12 40.37 18.47
N LEU D 311 43.94 39.87 18.12
CA LEU D 311 43.06 40.55 17.18
C LEU D 311 42.62 41.92 17.68
N PRO D 312 42.29 42.86 16.78
CA PRO D 312 41.64 44.09 17.20
C PRO D 312 40.25 43.81 17.78
N ILE D 313 39.81 44.72 18.65
CA ILE D 313 38.61 44.53 19.47
C ILE D 313 37.37 44.26 18.60
N GLU D 314 37.26 44.92 17.45
CA GLU D 314 36.09 44.67 16.59
C GLU D 314 36.03 43.23 16.10
N ASP D 315 37.18 42.60 15.88
CA ASP D 315 37.17 41.21 15.43
C ASP D 315 37.05 40.23 16.59
N LYS D 316 37.49 40.62 17.78
CA LYS D 316 37.12 39.87 18.98
C LYS D 316 35.60 39.89 19.18
N HIS D 317 34.97 41.05 18.98
CA HIS D 317 33.51 41.13 19.06
C HIS D 317 32.86 40.18 18.07
N TYR D 318 33.30 40.21 16.80
CA TYR D 318 32.67 39.34 15.80
C TYR D 318 32.89 37.86 16.10
N VAL D 319 34.10 37.48 16.54
CA VAL D 319 34.38 36.07 16.86
C VAL D 319 33.52 35.61 18.03
N MET D 320 33.46 36.41 19.08
CA MET D 320 32.64 36.07 20.24
C MET D 320 31.16 36.04 19.88
N ALA D 321 30.72 36.92 18.98
CA ALA D 321 29.33 36.85 18.51
C ALA D 321 29.05 35.58 17.73
N ILE D 322 30.04 35.04 17.02
CA ILE D 322 29.84 33.75 16.36
C ILE D 322 29.78 32.63 17.39
N LEU D 323 30.63 32.67 18.41
CA LEU D 323 30.53 31.67 19.48
C LEU D 323 29.19 31.75 20.20
N ILE D 324 28.68 32.96 20.43
CA ILE D 324 27.35 33.13 21.03
C ILE D 324 26.28 32.55 20.11
N ARG D 325 26.43 32.73 18.80
CA ARG D 325 25.46 32.16 17.86
C ARG D 325 25.36 30.65 18.00
N GLY D 326 26.50 29.98 18.08
CA GLY D 326 26.58 28.53 17.96
C GLY D 326 27.01 28.12 16.55
N GLY D 327 27.52 26.89 16.47
CA GLY D 327 27.89 26.36 15.18
C GLY D 327 28.70 25.09 15.30
N MET D 328 28.96 24.49 14.15
CA MET D 328 29.94 23.43 13.98
C MET D 328 31.13 23.99 13.21
N PHE D 329 32.34 23.77 13.74
CA PHE D 329 33.57 24.36 13.24
C PHE D 329 34.65 23.32 12.96
N SER D 330 34.29 22.04 12.90
CA SER D 330 35.26 20.95 12.71
C SER D 330 36.12 21.15 11.47
N LYS D 331 37.39 20.78 11.60
CA LYS D 331 38.35 20.78 10.50
C LYS D 331 38.47 19.36 9.95
N LYS D 332 38.39 19.24 8.63
CA LYS D 332 38.32 17.93 7.99
C LYS D 332 39.58 17.10 8.23
N GLN D 333 40.72 17.58 7.74
CA GLN D 333 42.00 16.89 7.84
C GLN D 333 41.93 15.42 7.40
N THR E 11 27.30 49.14 -14.50
CA THR E 11 26.19 49.03 -15.49
C THR E 11 25.52 47.66 -15.37
N LEU E 12 24.23 47.68 -15.05
CA LEU E 12 23.45 46.46 -14.89
C LEU E 12 23.24 45.76 -16.22
N LYS E 13 23.06 44.44 -16.14
CA LYS E 13 22.81 43.60 -17.32
C LYS E 13 21.72 42.56 -17.15
N SER E 14 21.22 42.31 -15.94
CA SER E 14 20.11 41.39 -15.75
C SER E 14 19.37 41.74 -14.47
N ARG E 15 18.09 41.37 -14.43
CA ARG E 15 17.38 41.31 -13.16
C ARG E 15 18.04 40.30 -12.21
N PRO E 16 17.91 40.50 -10.88
CA PRO E 16 18.55 39.56 -9.94
C PRO E 16 17.99 38.16 -10.01
N GLU E 17 18.73 37.23 -9.40
CA GLU E 17 18.23 35.88 -9.15
C GLU E 17 17.00 35.88 -8.24
N ASN E 18 16.85 36.89 -7.39
CA ASN E 18 15.72 36.98 -6.46
C ASN E 18 15.32 38.44 -6.32
N LEU E 19 14.14 38.78 -6.86
CA LEU E 19 13.58 40.12 -6.77
C LEU E 19 12.08 40.01 -6.54
N SER E 20 11.57 40.74 -5.55
CA SER E 20 10.14 40.71 -5.25
C SER E 20 9.70 41.99 -4.58
N PHE E 21 8.40 42.27 -4.71
CA PHE E 21 7.75 43.46 -4.17
C PHE E 21 6.51 43.02 -3.39
N ALA E 22 6.37 43.54 -2.17
CA ALA E 22 5.13 43.41 -1.42
C ALA E 22 4.04 44.26 -2.05
N ARG E 23 2.77 43.86 -1.83
CA ARG E 23 1.64 44.73 -2.13
C ARG E 23 1.81 46.08 -1.45
N CYS E 24 1.56 47.15 -2.19
CA CYS E 24 1.40 48.47 -1.57
C CYS E 24 -0.04 48.80 -1.21
N LEU E 25 -1.02 48.18 -1.87
CA LEU E 25 -2.42 48.25 -1.47
C LEU E 25 -2.81 46.91 -0.84
N ASN E 26 -2.61 46.81 0.47
CA ASN E 26 -3.26 45.73 1.22
C ASN E 26 -4.75 46.00 1.30
N THR E 27 -5.53 44.91 1.28
CA THR E 27 -6.97 44.98 1.50
C THR E 27 -7.38 43.85 2.44
N THR E 28 -8.36 44.14 3.29
CA THR E 28 -8.94 43.12 4.15
C THR E 28 -9.94 42.28 3.36
N GLU E 29 -10.29 41.13 3.90
CA GLU E 29 -11.54 40.49 3.50
C GLU E 29 -12.71 41.41 3.83
N ALA E 30 -13.81 41.24 3.09
CA ALA E 30 -15.01 42.04 3.26
C ALA E 30 -16.11 41.20 3.93
N LYS E 31 -16.76 41.79 4.91
CA LYS E 31 -17.85 41.15 5.65
C LYS E 31 -19.16 41.80 5.23
N PHE E 32 -20.10 40.99 4.76
CA PHE E 32 -21.42 41.50 4.43
C PHE E 32 -22.26 41.72 5.67
N TRP E 33 -23.08 42.77 5.64
CA TRP E 33 -24.16 42.99 6.60
C TRP E 33 -25.44 43.29 5.84
N GLN E 34 -26.57 43.18 6.54
CA GLN E 34 -27.89 43.45 5.99
C GLN E 34 -28.53 44.57 6.78
N THR E 35 -29.26 45.45 6.10
CA THR E 35 -29.96 46.54 6.76
C THR E 35 -31.08 47.05 5.85
N ASP E 36 -31.93 47.91 6.42
CA ASP E 36 -32.93 48.69 5.67
C ASP E 36 -32.35 50.07 5.36
N PHE E 37 -32.46 50.49 4.09
CA PHE E 37 -31.81 51.71 3.59
C PHE E 37 -32.11 52.94 4.44
N LEU E 38 -33.34 53.10 4.88
CA LEU E 38 -33.70 54.30 5.64
C LEU E 38 -33.16 54.25 7.06
N LYS E 39 -32.99 53.05 7.61
CA LYS E 39 -32.42 52.85 8.94
C LYS E 39 -30.91 52.68 8.93
N ARG E 40 -30.30 52.57 7.74
CA ARG E 40 -28.95 52.03 7.55
C ARG E 40 -27.88 52.62 8.47
N HIS E 41 -28.02 53.88 8.86
CA HIS E 41 -27.05 54.50 9.75
C HIS E 41 -27.10 53.99 11.19
N THR E 42 -28.12 53.20 11.54
CA THR E 42 -28.36 52.78 12.93
C THR E 42 -28.60 51.29 13.07
N PHE E 43 -28.70 50.52 11.97
CA PHE E 43 -29.24 49.18 11.98
C PHE E 43 -28.43 48.30 11.03
N LYS E 44 -28.05 47.12 11.51
CA LYS E 44 -27.27 46.17 10.72
C LYS E 44 -27.44 44.79 11.32
N LEU E 45 -27.67 43.79 10.45
CA LEU E 45 -27.89 42.39 10.84
C LEU E 45 -26.89 41.47 10.12
N PRO E 46 -26.46 40.38 10.76
CA PRO E 46 -25.59 39.44 10.04
C PRO E 46 -26.32 38.77 8.88
N LEU E 47 -25.58 38.53 7.80
CA LEU E 47 -26.12 37.88 6.60
C LEU E 47 -25.42 36.53 6.43
N LEU E 48 -26.20 35.45 6.59
CA LEU E 48 -25.67 34.09 6.63
C LEU E 48 -25.74 33.41 5.25
N ILE E 49 -24.84 32.43 5.06
CA ILE E 49 -24.92 31.51 3.93
C ILE E 49 -25.89 30.39 4.25
N THR E 50 -26.67 29.98 3.26
CA THR E 50 -27.68 28.93 3.38
C THR E 50 -27.36 27.77 2.46
N ASP E 51 -27.50 26.55 2.98
CA ASP E 51 -27.28 25.33 2.21
C ASP E 51 -28.48 25.02 1.33
N LYS E 52 -28.21 24.52 0.12
CA LYS E 52 -29.24 24.43 -0.91
C LYS E 52 -28.79 23.44 -1.97
N ALA E 53 -29.59 22.41 -2.22
CA ALA E 53 -29.16 21.26 -3.00
C ALA E 53 -29.55 21.39 -4.47
N VAL E 54 -28.79 20.68 -5.32
CA VAL E 54 -29.02 20.64 -6.76
C VAL E 54 -28.61 19.27 -7.27
N LEU E 55 -29.19 18.87 -8.41
CA LEU E 55 -28.96 17.54 -8.98
C LEU E 55 -27.49 17.30 -9.29
N ASN E 75 -28.07 12.19 -9.54
CA ASN E 75 -27.56 12.12 -8.18
C ASN E 75 -27.44 13.55 -7.59
N PRO E 76 -27.96 13.82 -6.39
CA PRO E 76 -27.88 15.18 -5.87
C PRO E 76 -26.53 15.51 -5.23
N GLN E 77 -26.25 16.81 -5.19
CA GLN E 77 -25.11 17.37 -4.49
C GLN E 77 -25.54 18.66 -3.81
N LYS E 78 -24.85 19.02 -2.73
CA LYS E 78 -25.11 20.29 -2.06
C LYS E 78 -24.55 21.47 -2.85
N SER E 79 -25.18 22.62 -2.64
CA SER E 79 -24.68 23.92 -3.09
C SER E 79 -25.09 24.93 -2.05
N GLN E 80 -24.67 26.17 -2.22
CA GLN E 80 -24.97 27.23 -1.27
C GLN E 80 -25.42 28.49 -2.02
N SER E 81 -26.26 29.27 -1.34
CA SER E 81 -26.75 30.53 -1.88
C SER E 81 -26.99 31.48 -0.71
N CYS E 82 -27.07 32.77 -1.03
CA CYS E 82 -27.22 33.83 -0.04
C CYS E 82 -28.33 34.78 -0.48
N THR E 83 -29.17 35.17 0.48
CA THR E 83 -30.33 36.00 0.20
C THR E 83 -30.63 36.90 1.39
N LEU E 84 -31.08 38.11 1.09
CA LEU E 84 -31.53 39.02 2.14
C LEU E 84 -32.83 38.50 2.73
N SER E 85 -32.95 38.62 4.06
CA SER E 85 -34.21 38.31 4.71
C SER E 85 -35.28 39.32 4.32
N THR E 86 -36.54 38.85 4.33
CA THR E 86 -37.66 39.56 3.72
C THR E 86 -37.89 40.97 4.28
N GLU E 87 -37.33 41.32 5.43
CA GLU E 87 -37.52 42.67 5.97
C GLU E 87 -36.58 43.72 5.36
N CYS E 88 -35.38 43.33 4.93
CA CYS E 88 -34.31 44.27 4.62
C CYS E 88 -34.04 44.31 3.13
N ASP E 89 -33.99 45.52 2.57
CA ASP E 89 -33.84 45.74 1.13
C ASP E 89 -32.41 46.05 0.67
N THR E 90 -31.46 46.33 1.58
CA THR E 90 -30.09 46.70 1.21
C THR E 90 -29.08 45.69 1.70
N LEU E 91 -28.07 45.46 0.85
CA LEU E 91 -26.80 44.87 1.26
C LEU E 91 -25.88 45.96 1.81
N ARG E 92 -25.06 45.60 2.79
CA ARG E 92 -23.95 46.44 3.27
C ARG E 92 -22.65 45.67 3.18
N ILE E 93 -21.60 46.33 2.69
CA ILE E 93 -20.23 45.84 2.71
C ILE E 93 -19.40 46.77 3.58
N ASP E 94 -18.63 46.19 4.51
CA ASP E 94 -17.51 46.87 5.15
C ASP E 94 -16.22 46.16 4.80
N PHE E 95 -15.20 46.92 4.39
CA PHE E 95 -13.86 46.37 4.18
C PHE E 95 -12.84 47.50 4.35
N GLY E 96 -11.58 47.10 4.56
CA GLY E 96 -10.48 48.02 4.74
C GLY E 96 -9.43 47.95 3.65
N ILE E 97 -8.79 49.09 3.40
CA ILE E 97 -7.63 49.21 2.50
C ILE E 97 -6.50 49.83 3.32
N LYS E 98 -5.27 49.37 3.09
CA LYS E 98 -4.08 49.91 3.75
C LYS E 98 -3.00 50.19 2.71
N VAL E 99 -2.46 51.41 2.75
CA VAL E 99 -1.51 51.91 1.75
C VAL E 99 -0.12 51.99 2.40
N LEU E 100 0.90 51.46 1.70
CA LEU E 100 2.29 51.48 2.13
C LEU E 100 3.21 52.10 1.08
N PRO E 101 4.35 52.69 1.46
CA PRO E 101 5.20 53.37 0.47
C PRO E 101 5.79 52.42 -0.56
N VAL E 102 5.88 52.90 -1.81
CA VAL E 102 6.38 52.07 -2.91
C VAL E 102 7.88 51.82 -2.76
N LYS E 103 8.64 52.84 -2.35
CA LYS E 103 10.07 52.66 -2.11
C LYS E 103 10.34 51.57 -1.07
N GLU E 104 9.59 51.59 0.03
CA GLU E 104 9.78 50.62 1.09
C GLU E 104 9.39 49.19 0.71
N SER E 105 8.65 49.01 -0.38
CA SER E 105 7.96 47.74 -0.63
C SER E 105 8.85 46.63 -1.18
N MET E 106 10.10 46.91 -1.55
CA MET E 106 10.98 45.84 -2.03
C MET E 106 11.24 44.84 -0.91
N TYR E 107 10.82 43.59 -1.11
CA TYR E 107 10.95 42.60 -0.04
C TYR E 107 12.34 41.95 -0.02
N SER E 108 12.95 41.73 -1.19
CA SER E 108 14.32 41.23 -1.22
C SER E 108 14.96 41.56 -2.56
N CYS E 109 16.30 41.53 -2.57
CA CYS E 109 17.11 41.70 -3.76
C CYS E 109 18.37 40.85 -3.62
N SER E 110 18.95 40.47 -4.77
CA SER E 110 20.24 39.80 -4.82
C SER E 110 21.28 40.65 -5.54
N ASP E 111 21.06 41.96 -5.66
CA ASP E 111 22.04 42.84 -6.29
C ASP E 111 21.77 44.26 -5.81
N TYR E 112 22.64 44.78 -4.94
CA TYR E 112 22.46 46.11 -4.38
C TYR E 112 22.46 47.22 -5.43
N ASN E 113 23.13 47.00 -6.57
CA ASN E 113 23.09 48.00 -7.63
C ASN E 113 21.71 48.13 -8.24
N TYR E 114 21.01 47.00 -8.38
CA TYR E 114 19.64 47.02 -8.92
C TYR E 114 18.70 47.72 -7.96
N ARG E 115 18.80 47.40 -6.67
CA ARG E 115 18.01 48.09 -5.65
C ARG E 115 18.24 49.60 -5.68
N THR E 116 19.51 50.01 -5.83
CA THR E 116 19.81 51.44 -5.96
C THR E 116 19.15 52.04 -7.19
N ALA E 117 19.21 51.35 -8.33
CA ALA E 117 18.59 51.85 -9.55
C ALA E 117 17.08 51.98 -9.40
N ILE E 118 16.45 51.00 -8.75
CA ILE E 118 15.00 51.06 -8.50
C ILE E 118 14.66 52.28 -7.66
N TYR E 119 15.37 52.48 -6.55
CA TYR E 119 15.09 53.63 -5.69
C TYR E 119 15.28 54.95 -6.44
N GLN E 120 16.32 55.03 -7.27
CA GLN E 120 16.53 56.23 -8.07
C GLN E 120 15.37 56.49 -9.03
N LYS E 121 14.93 55.45 -9.76
CA LYS E 121 13.85 55.65 -10.71
C LYS E 121 12.53 55.98 -10.03
N ILE E 122 12.32 55.47 -8.81
CA ILE E 122 11.11 55.84 -8.07
C ILE E 122 11.20 57.30 -7.62
N ASP E 123 12.38 57.75 -7.17
CA ASP E 123 12.52 59.17 -6.82
C ASP E 123 12.28 60.07 -8.03
N GLU E 124 12.76 59.67 -9.21
CA GLU E 124 12.47 60.41 -10.42
C GLU E 124 10.97 60.44 -10.72
N TYR E 125 10.28 59.31 -10.54
CA TYR E 125 8.84 59.28 -10.79
C TYR E 125 8.07 60.13 -9.80
N ILE E 126 8.52 60.18 -8.54
CA ILE E 126 7.91 61.05 -7.55
C ILE E 126 8.11 62.51 -7.93
N ALA E 127 9.28 62.85 -8.46
CA ALA E 127 9.50 64.22 -8.92
C ALA E 127 8.60 64.55 -10.11
N GLU E 128 8.38 63.59 -11.00
CA GLU E 128 7.52 63.85 -12.16
C GLU E 128 6.05 63.99 -11.76
N ASP E 129 5.46 62.94 -11.19
CA ASP E 129 4.00 62.85 -11.00
C ASP E 129 3.53 62.73 -9.56
N GLY E 130 4.42 62.43 -8.60
CA GLY E 130 4.00 62.27 -7.23
C GLY E 130 3.02 61.14 -6.97
N PHE E 131 2.91 60.17 -7.87
CA PHE E 131 1.90 59.10 -7.86
C PHE E 131 0.44 59.54 -7.92
N LEU E 132 0.16 60.83 -8.09
CA LEU E 132 -1.20 61.32 -7.89
C LEU E 132 -2.18 60.78 -8.94
N THR E 133 -1.72 60.49 -10.14
CA THR E 133 -2.62 59.92 -11.16
C THR E 133 -3.11 58.53 -10.76
N LEU E 134 -2.18 57.65 -10.36
CA LEU E 134 -2.59 56.32 -9.92
C LEU E 134 -3.49 56.38 -8.70
N ALA E 135 -3.18 57.29 -7.76
CA ALA E 135 -4.05 57.48 -6.61
C ALA E 135 -5.44 57.94 -7.02
N LYS E 136 -5.53 58.79 -8.03
CA LYS E 136 -6.85 59.17 -8.55
C LYS E 136 -7.58 57.98 -9.15
N ARG E 137 -6.87 57.11 -9.86
CA ARG E 137 -7.53 55.96 -10.47
C ARG E 137 -8.02 54.96 -9.42
N TYR E 138 -7.20 54.67 -8.40
CA TYR E 138 -7.65 53.77 -7.33
C TYR E 138 -8.82 54.38 -6.55
N VAL E 139 -8.77 55.67 -6.22
CA VAL E 139 -9.89 56.28 -5.53
C VAL E 139 -11.13 56.29 -6.42
N ASN E 140 -10.96 56.44 -7.74
CA ASN E 140 -12.09 56.26 -8.66
C ASN E 140 -12.67 54.87 -8.55
N ASN E 141 -11.83 53.83 -8.51
CA ASN E 141 -12.34 52.47 -8.38
C ASN E 141 -12.88 52.16 -6.99
N ILE E 142 -12.68 53.04 -6.01
CA ILE E 142 -13.48 52.99 -4.79
C ILE E 142 -14.81 53.70 -5.01
N ALA E 143 -14.75 54.92 -5.57
CA ALA E 143 -15.93 55.77 -5.69
C ALA E 143 -16.97 55.18 -6.64
N ASN E 144 -16.53 54.52 -7.72
CA ASN E 144 -17.47 53.89 -8.66
C ASN E 144 -18.01 52.55 -8.17
N ALA E 145 -17.51 52.01 -7.05
CA ALA E 145 -17.96 50.73 -6.49
C ALA E 145 -17.85 49.56 -7.48
N ARG E 146 -16.74 49.51 -8.24
CA ARG E 146 -16.43 48.32 -9.03
C ARG E 146 -16.37 47.05 -8.17
N PHE E 147 -15.93 47.16 -6.91
CA PHE E 147 -15.72 46.00 -6.05
C PHE E 147 -16.97 45.19 -5.75
N LEU E 148 -18.16 45.67 -6.10
CA LEU E 148 -19.37 44.86 -5.93
C LEU E 148 -19.41 43.66 -6.88
N TRP E 149 -18.72 43.72 -8.02
CA TRP E 149 -18.79 42.71 -9.11
C TRP E 149 -20.26 42.44 -9.44
N ARG E 150 -20.71 41.17 -9.49
CA ARG E 150 -22.08 40.84 -9.89
C ARG E 150 -23.14 41.44 -8.97
N ASN E 151 -22.80 41.78 -7.73
CA ASN E 151 -23.76 42.46 -6.86
C ASN E 151 -24.14 43.86 -7.36
N ARG E 152 -23.43 44.40 -8.34
CA ARG E 152 -23.77 45.69 -8.94
C ARG E 152 -24.99 45.62 -9.86
N LYS E 153 -25.30 44.44 -10.40
CA LYS E 153 -26.03 44.31 -11.67
C LYS E 153 -27.40 45.00 -11.69
N GLY E 154 -28.04 45.18 -10.54
CA GLY E 154 -29.40 45.72 -10.52
C GLY E 154 -29.80 46.58 -9.33
N ALA E 155 -28.83 47.14 -8.62
CA ALA E 155 -29.13 47.92 -7.43
C ALA E 155 -29.80 49.24 -7.78
N GLU E 156 -30.76 49.66 -6.95
CA GLU E 156 -31.45 50.92 -7.19
C GLU E 156 -30.59 52.11 -6.77
N ILE E 157 -29.83 51.94 -5.69
CA ILE E 157 -28.96 52.98 -5.14
C ILE E 157 -27.69 52.28 -4.68
N ILE E 158 -26.54 52.93 -4.87
CA ILE E 158 -25.27 52.40 -4.40
C ILE E 158 -24.49 53.52 -3.73
N GLU E 159 -24.77 53.77 -2.45
CA GLU E 159 -24.00 54.72 -1.67
C GLU E 159 -22.68 54.08 -1.24
N THR E 160 -21.58 54.86 -1.31
CA THR E 160 -20.30 54.47 -0.74
C THR E 160 -19.78 55.56 0.18
N ILE E 161 -19.19 55.14 1.29
CA ILE E 161 -18.61 56.04 2.29
C ILE E 161 -17.18 55.58 2.54
N VAL E 162 -16.26 56.53 2.74
CA VAL E 162 -14.86 56.26 3.00
C VAL E 162 -14.45 56.97 4.30
N THR E 163 -13.88 56.21 5.23
CA THR E 163 -13.41 56.71 6.52
C THR E 163 -11.90 56.61 6.57
N ILE E 164 -11.23 57.70 6.94
CA ILE E 164 -9.77 57.76 7.04
C ILE E 164 -9.44 58.42 8.37
N GLU E 165 -8.84 57.66 9.29
CA GLU E 165 -8.40 58.15 10.60
C GLU E 165 -9.51 58.92 11.32
N ASP E 166 -10.70 58.32 11.32
CA ASP E 166 -11.93 58.85 11.90
C ASP E 166 -12.49 60.11 11.24
N LYS E 167 -11.85 60.66 10.21
CA LYS E 167 -12.55 61.55 9.30
C LYS E 167 -13.44 60.72 8.39
N GLU E 168 -14.68 61.16 8.20
CA GLU E 168 -15.62 60.53 7.27
C GLU E 168 -15.95 61.51 6.16
N TYR E 169 -15.64 61.11 4.93
CA TYR E 169 -15.87 61.91 3.74
C TYR E 169 -17.32 61.79 3.26
N PRO E 170 -17.90 62.84 2.67
CA PRO E 170 -19.28 62.73 2.19
C PRO E 170 -19.43 61.72 1.05
N SER E 171 -20.60 61.07 1.02
CA SER E 171 -20.79 59.82 0.29
C SER E 171 -20.65 59.99 -1.22
N PHE E 172 -20.02 59.00 -1.86
CA PHE E 172 -20.04 58.86 -3.31
C PHE E 172 -21.36 58.26 -3.78
N ASN E 173 -22.12 58.99 -4.59
CA ASN E 173 -23.29 58.44 -5.26
C ASN E 173 -22.81 57.65 -6.48
N SER E 174 -22.34 56.43 -6.22
CA SER E 174 -21.51 55.71 -7.16
C SER E 174 -22.23 55.32 -8.45
N LYS E 175 -23.56 55.35 -8.47
CA LYS E 175 -24.28 55.17 -9.73
C LYS E 175 -23.95 56.25 -10.75
N SER E 176 -23.56 57.44 -10.31
CA SER E 176 -23.29 58.54 -11.22
C SER E 176 -21.96 58.41 -11.96
N PHE E 177 -21.08 57.49 -11.57
CA PHE E 177 -19.81 57.26 -12.26
C PHE E 177 -19.95 56.09 -13.22
N ASN E 178 -19.75 56.36 -14.51
CA ASN E 178 -19.64 55.28 -15.47
C ASN E 178 -18.29 54.59 -15.29
N LEU E 179 -18.30 53.26 -15.40
CA LEU E 179 -17.10 52.47 -15.13
C LEU E 179 -16.02 52.65 -16.18
N ASP E 180 -16.35 53.19 -17.36
CA ASP E 180 -15.37 53.29 -18.44
C ASP E 180 -14.45 54.49 -18.33
N THR E 181 -14.82 55.53 -17.57
CA THR E 181 -14.14 56.82 -17.58
C THR E 181 -13.82 57.23 -16.15
N PHE E 182 -12.56 57.62 -15.93
CA PHE E 182 -12.08 58.05 -14.62
C PHE E 182 -12.06 59.57 -14.57
N VAL E 183 -12.76 60.13 -13.59
CA VAL E 183 -12.90 61.58 -13.44
C VAL E 183 -11.70 62.14 -12.69
N GLU E 184 -11.28 63.36 -13.05
CA GLU E 184 -10.07 63.99 -12.54
C GLU E 184 -10.34 65.13 -11.58
N ASP E 185 -11.61 65.47 -11.31
CA ASP E 185 -11.97 66.76 -10.73
C ASP E 185 -12.99 66.69 -9.60
N ASN E 186 -13.42 65.50 -9.18
CA ASN E 186 -14.28 65.38 -8.00
C ASN E 186 -13.44 65.68 -6.76
N ALA E 187 -13.90 66.64 -5.95
CA ALA E 187 -13.10 67.21 -4.86
C ALA E 187 -12.68 66.16 -3.85
N THR E 188 -13.62 65.30 -3.43
CA THR E 188 -13.29 64.29 -2.43
C THR E 188 -12.40 63.20 -2.99
N ILE E 189 -12.56 62.86 -4.28
CA ILE E 189 -11.64 61.95 -4.93
C ILE E 189 -10.23 62.53 -4.91
N ASN E 190 -10.11 63.81 -5.26
CA ASN E 190 -8.79 64.43 -5.28
C ASN E 190 -8.16 64.52 -3.90
N GLU E 191 -8.95 64.81 -2.86
CA GLU E 191 -8.40 64.86 -1.51
C GLU E 191 -7.90 63.48 -1.05
N ILE E 192 -8.74 62.45 -1.22
CA ILE E 192 -8.33 61.10 -0.81
C ILE E 192 -7.16 60.64 -1.66
N ALA E 193 -7.18 60.93 -2.96
CA ALA E 193 -6.08 60.59 -3.84
C ALA E 193 -4.79 61.30 -3.43
N GLN E 194 -4.89 62.55 -2.94
CA GLN E 194 -3.70 63.24 -2.45
C GLN E 194 -3.12 62.53 -1.23
N GLN E 195 -3.98 62.08 -0.31
CA GLN E 195 -3.43 61.41 0.86
C GLN E 195 -2.84 60.04 0.51
N ILE E 196 -3.50 59.31 -0.41
CA ILE E 196 -2.94 58.05 -0.91
C ILE E 196 -1.61 58.29 -1.62
N ALA E 197 -1.54 59.34 -2.44
CA ALA E 197 -0.32 59.66 -3.16
C ALA E 197 0.82 59.98 -2.20
N ASP E 198 0.54 60.80 -1.19
CA ASP E 198 1.51 61.07 -0.13
C ASP E 198 1.97 59.79 0.54
N THR E 199 1.07 58.81 0.72
CA THR E 199 1.48 57.55 1.32
C THR E 199 2.38 56.74 0.38
N PHE E 200 2.00 56.66 -0.91
CA PHE E 200 2.85 55.99 -1.89
C PHE E 200 4.24 56.61 -1.99
N ALA E 201 4.32 57.94 -1.96
CA ALA E 201 5.61 58.62 -2.07
C ALA E 201 6.48 58.48 -0.84
N GLY E 202 5.95 57.92 0.26
CA GLY E 202 6.69 57.85 1.50
C GLY E 202 6.77 59.15 2.25
N LYS E 203 5.96 60.13 1.89
CA LYS E 203 5.79 61.33 2.69
C LYS E 203 4.92 61.06 3.91
N ARG E 204 4.17 59.96 3.89
CA ARG E 204 3.58 59.35 5.08
C ARG E 204 4.07 57.92 5.19
N GLU E 205 4.16 57.42 6.43
CA GLU E 205 4.62 56.06 6.63
C GLU E 205 3.55 55.05 6.23
N TYR E 206 2.28 55.37 6.46
CA TYR E 206 1.19 54.44 6.16
C TYR E 206 -0.12 55.21 6.10
N LEU E 207 -1.14 54.56 5.55
CA LEU E 207 -2.51 55.08 5.59
C LEU E 207 -3.49 53.93 5.71
N ASN E 208 -4.45 54.04 6.63
CA ASN E 208 -5.55 53.09 6.78
C ASN E 208 -6.84 53.72 6.26
N ILE E 209 -7.45 53.08 5.27
CA ILE E 209 -8.71 53.52 4.66
C ILE E 209 -9.74 52.42 4.90
N TYR E 210 -10.85 52.77 5.55
CA TYR E 210 -12.00 51.88 5.73
C TYR E 210 -13.17 52.35 4.87
N VAL E 211 -13.76 51.42 4.12
CA VAL E 211 -14.84 51.69 3.17
C VAL E 211 -16.13 51.05 3.67
N THR E 212 -17.23 51.79 3.57
CA THR E 212 -18.59 51.26 3.77
C THR E 212 -19.40 51.54 2.51
N CYS E 213 -20.11 50.52 2.02
CA CYS E 213 -20.94 50.58 0.82
C CYS E 213 -22.34 50.05 1.10
N PHE E 214 -23.36 50.78 0.67
CA PHE E 214 -24.76 50.38 0.82
C PHE E 214 -25.39 50.17 -0.55
N VAL E 215 -25.80 48.94 -0.83
CA VAL E 215 -26.37 48.54 -2.13
C VAL E 215 -27.84 48.21 -1.90
N LYS E 216 -28.75 49.01 -2.44
CA LYS E 216 -30.19 48.76 -2.34
C LYS E 216 -30.62 47.81 -3.45
N ILE E 217 -30.82 46.54 -3.09
CA ILE E 217 -31.16 45.49 -4.06
C ILE E 217 -32.68 45.29 -4.09
N GLY E 218 -33.27 45.05 -2.93
CA GLY E 218 -34.68 44.71 -2.83
C GLY E 218 -34.92 43.69 -1.73
N CYS E 219 -36.16 43.67 -1.24
CA CYS E 219 -36.49 43.15 0.09
C CYS E 219 -36.14 41.67 0.29
N ALA E 220 -35.90 40.90 -0.77
CA ALA E 220 -35.54 39.49 -0.60
C ALA E 220 -34.56 38.98 -1.66
N MET E 221 -33.91 39.88 -2.40
CA MET E 221 -33.17 39.48 -3.58
C MET E 221 -31.90 38.72 -3.24
N GLU E 222 -31.43 37.94 -4.22
CA GLU E 222 -30.19 37.20 -4.11
C GLU E 222 -28.98 38.13 -4.02
N VAL E 223 -27.91 37.61 -3.41
CA VAL E 223 -26.62 38.28 -3.35
C VAL E 223 -25.53 37.25 -3.61
N TYR E 224 -24.35 37.74 -4.02
CA TYR E 224 -23.28 36.90 -4.57
C TYR E 224 -21.97 37.10 -3.80
N PRO E 225 -21.77 36.36 -2.71
CA PRO E 225 -20.43 36.26 -2.14
C PRO E 225 -19.46 35.57 -3.10
N SER E 226 -18.17 35.69 -2.81
CA SER E 226 -17.18 34.97 -3.59
C SER E 226 -17.26 33.48 -3.28
N GLN E 227 -17.12 32.67 -4.31
CA GLN E 227 -17.11 31.21 -4.20
C GLN E 227 -15.74 30.72 -3.72
N GLU E 228 -15.75 29.63 -2.97
CA GLU E 228 -14.51 28.95 -2.57
C GLU E 228 -14.11 27.89 -3.60
N MET E 229 -12.83 27.50 -3.54
CA MET E 229 -12.36 26.32 -4.26
C MET E 229 -12.68 25.06 -3.46
N THR E 230 -12.95 23.97 -4.17
CA THR E 230 -13.03 22.63 -3.59
C THR E 230 -11.93 21.74 -4.17
N PHE E 231 -11.19 21.06 -3.30
CA PHE E 231 -10.11 20.14 -3.66
C PHE E 231 -10.43 18.73 -3.16
N ASP E 232 -11.69 18.31 -3.30
CA ASP E 232 -12.10 16.94 -3.04
C ASP E 232 -13.07 16.51 -4.14
N ASP E 233 -13.27 15.19 -4.23
CA ASP E 233 -14.07 14.57 -5.27
C ASP E 233 -15.36 13.94 -4.75
N ASP E 234 -15.48 13.74 -3.43
CA ASP E 234 -16.70 13.17 -2.89
C ASP E 234 -17.84 14.17 -2.87
N ASP E 235 -17.55 15.45 -2.69
CA ASP E 235 -18.48 16.53 -3.00
C ASP E 235 -17.73 17.64 -3.72
N LYS E 236 -18.39 18.19 -4.75
CA LYS E 236 -17.82 19.13 -5.69
C LYS E 236 -18.67 20.39 -5.89
N GLY E 237 -19.75 20.55 -5.14
CA GLY E 237 -20.66 21.65 -5.36
C GLY E 237 -20.15 23.00 -4.89
N LYS E 238 -20.86 24.01 -5.37
CA LYS E 238 -20.53 25.42 -5.11
C LYS E 238 -20.52 25.73 -3.61
N LYS E 239 -19.34 26.09 -3.10
CA LYS E 239 -19.16 26.55 -1.72
C LYS E 239 -18.93 28.05 -1.72
N LEU E 240 -19.66 28.79 -0.88
CA LEU E 240 -19.49 30.23 -0.75
C LEU E 240 -18.60 30.58 0.43
N PHE E 241 -17.86 31.69 0.27
CA PHE E 241 -16.88 32.13 1.26
C PHE E 241 -17.56 32.68 2.51
N LYS E 242 -17.30 32.05 3.65
CA LYS E 242 -17.84 32.44 4.95
C LYS E 242 -16.74 33.08 5.77
N PHE E 243 -16.95 34.34 6.18
CA PHE E 243 -15.98 35.12 6.94
C PHE E 243 -16.60 35.53 8.26
N GLU E 244 -16.05 35.03 9.37
CA GLU E 244 -16.60 35.22 10.71
C GLU E 244 -18.06 34.77 10.80
N GLY E 245 -18.43 33.76 10.02
CA GLY E 245 -19.75 33.19 10.02
C GLY E 245 -20.75 33.86 9.10
N SER E 246 -20.59 35.15 8.83
CA SER E 246 -21.33 35.80 7.75
C SER E 246 -20.64 35.52 6.42
N ALA E 247 -21.34 35.83 5.33
CA ALA E 247 -20.73 35.77 4.02
C ALA E 247 -19.64 36.84 3.89
N GLY E 248 -18.79 36.68 2.89
CA GLY E 248 -17.83 37.71 2.57
C GLY E 248 -17.34 37.62 1.14
N MET E 249 -16.34 38.46 0.84
CA MET E 249 -15.56 38.38 -0.39
C MET E 249 -14.08 38.21 -0.10
N HIS E 250 -13.42 37.41 -0.93
CA HIS E 250 -11.97 37.30 -0.87
C HIS E 250 -11.31 38.65 -1.08
N SER E 251 -10.21 38.88 -0.36
CA SER E 251 -9.44 40.12 -0.53
C SER E 251 -8.88 40.24 -1.94
N GLN E 252 -8.52 39.11 -2.56
CA GLN E 252 -8.03 39.11 -3.94
C GLN E 252 -9.01 39.74 -4.90
N LYS E 253 -10.30 39.40 -4.78
CA LYS E 253 -11.28 39.88 -5.76
C LYS E 253 -11.55 41.37 -5.61
N ILE E 254 -11.56 41.89 -4.39
CA ILE E 254 -11.69 43.32 -4.20
C ILE E 254 -10.46 44.04 -4.72
N ASN E 255 -9.27 43.51 -4.43
CA ASN E 255 -8.05 44.13 -4.94
C ASN E 255 -8.06 44.15 -6.46
N ASN E 256 -8.46 43.04 -7.08
CA ASN E 256 -8.63 42.96 -8.53
C ASN E 256 -9.53 44.06 -9.07
N ALA E 257 -10.68 44.26 -8.43
CA ALA E 257 -11.58 45.33 -8.85
C ALA E 257 -10.88 46.68 -8.76
N LEU E 258 -10.11 46.91 -7.70
CA LEU E 258 -9.33 48.14 -7.61
C LEU E 258 -8.25 48.22 -8.69
N ARG E 259 -7.56 47.10 -8.99
CA ARG E 259 -6.52 47.12 -10.02
C ARG E 259 -7.01 47.41 -11.44
N THR E 260 -8.31 47.45 -11.70
CA THR E 260 -8.82 47.74 -13.05
C THR E 260 -8.71 49.25 -13.36
N ILE E 261 -7.46 49.71 -13.47
CA ILE E 261 -7.14 51.11 -13.77
C ILE E 261 -6.46 51.29 -15.12
N ASP E 262 -6.00 50.22 -15.76
CA ASP E 262 -5.15 50.34 -16.93
C ASP E 262 -5.96 50.80 -18.13
N THR E 263 -5.67 52.01 -18.62
CA THR E 263 -6.18 52.53 -19.89
C THR E 263 -5.05 53.00 -20.80
N TRP E 264 -3.82 52.54 -20.54
CA TRP E 264 -2.64 52.92 -21.29
C TRP E 264 -2.15 51.82 -22.23
N TYR E 265 -2.71 50.60 -22.13
CA TYR E 265 -2.30 49.49 -22.96
C TYR E 265 -2.56 49.80 -24.44
N PRO E 266 -1.81 49.17 -25.36
CA PRO E 266 -1.72 49.73 -26.73
C PRO E 266 -3.01 49.69 -27.54
N ASP E 267 -3.80 48.63 -27.42
CA ASP E 267 -4.98 48.48 -28.27
C ASP E 267 -6.13 49.35 -27.84
N TYR E 268 -6.01 50.09 -26.73
CA TYR E 268 -7.11 50.82 -26.10
C TYR E 268 -7.80 51.83 -27.03
N THR E 269 -7.19 52.19 -28.16
CA THR E 269 -7.95 52.93 -29.18
C THR E 269 -9.15 52.13 -29.65
N THR E 270 -9.04 50.81 -29.69
CA THR E 270 -10.18 49.91 -29.76
C THR E 270 -10.43 49.30 -28.38
N TYR E 271 -11.60 48.66 -28.24
CA TYR E 271 -12.16 48.11 -27.00
C TYR E 271 -12.53 49.15 -25.95
N GLU E 272 -11.70 50.17 -25.75
CA GLU E 272 -12.05 51.41 -25.07
C GLU E 272 -12.54 51.22 -23.64
N PHE E 273 -12.13 50.14 -22.95
CA PHE E 273 -12.45 49.93 -21.53
C PHE E 273 -11.21 49.68 -20.68
N PRO E 274 -11.23 50.04 -19.37
CA PRO E 274 -10.11 49.66 -18.49
C PRO E 274 -10.00 48.15 -18.29
N ILE E 275 -8.79 47.70 -18.01
CA ILE E 275 -8.50 46.28 -17.77
C ILE E 275 -7.63 46.15 -16.52
N PRO E 276 -7.57 44.95 -15.91
CA PRO E 276 -6.70 44.76 -14.74
C PRO E 276 -5.23 44.95 -15.06
N VAL E 277 -4.53 45.61 -14.14
CA VAL E 277 -3.07 45.72 -14.19
C VAL E 277 -2.46 44.34 -13.97
N GLU E 278 -1.75 43.84 -14.98
CA GLU E 278 -1.16 42.50 -14.95
C GLU E 278 0.14 42.51 -15.75
N ASN E 279 1.02 41.54 -15.42
CA ASN E 279 2.36 41.51 -15.99
C ASN E 279 2.32 41.45 -17.52
N TYR E 280 1.43 40.64 -18.08
CA TYR E 280 1.18 40.56 -19.52
C TYR E 280 -0.19 41.11 -19.91
N GLY E 281 -0.90 41.77 -19.00
CA GLY E 281 -2.20 42.34 -19.29
C GLY E 281 -3.27 41.35 -19.68
N ALA E 282 -3.20 40.12 -19.18
CA ALA E 282 -4.30 39.19 -19.35
C ALA E 282 -5.55 39.74 -18.68
N ALA E 283 -6.70 39.45 -19.27
CA ALA E 283 -8.01 39.85 -18.72
C ALA E 283 -9.00 38.74 -19.03
N ARG E 284 -9.20 37.83 -18.05
CA ARG E 284 -9.90 36.57 -18.29
C ARG E 284 -11.35 36.72 -18.71
N SER E 285 -11.93 37.93 -18.69
CA SER E 285 -13.18 38.16 -19.39
C SER E 285 -13.03 38.09 -20.91
N ILE E 286 -11.79 38.09 -21.43
CA ILE E 286 -11.50 38.03 -22.86
C ILE E 286 -10.33 37.05 -22.96
N GLY E 287 -10.16 36.47 -24.15
CA GLY E 287 -9.23 35.36 -24.34
C GLY E 287 -7.98 35.69 -25.14
N ILE E 288 -7.64 36.96 -25.26
CA ILE E 288 -6.40 37.41 -25.91
C ILE E 288 -5.68 38.38 -24.97
N PRO E 289 -4.36 38.26 -24.74
CA PRO E 289 -3.68 39.27 -23.91
C PRO E 289 -3.63 40.62 -24.59
N PHE E 290 -3.75 41.68 -23.78
CA PHE E 290 -3.63 43.05 -24.29
C PHE E 290 -2.20 43.57 -24.29
N ARG E 291 -1.27 42.94 -23.55
CA ARG E 291 0.14 43.36 -23.52
C ARG E 291 1.10 42.19 -23.72
N PRO E 292 0.96 41.41 -24.80
CA PRO E 292 1.91 40.32 -25.03
C PRO E 292 3.26 40.84 -25.50
N ASP E 293 4.32 40.18 -24.99
CA ASP E 293 5.70 40.44 -25.40
C ASP E 293 6.11 41.91 -25.28
N THR E 294 6.26 42.64 -26.40
CA THR E 294 6.57 44.06 -26.33
C THR E 294 5.44 44.81 -25.63
N LYS E 295 5.82 45.80 -24.81
CA LYS E 295 4.93 46.56 -23.95
C LYS E 295 4.38 45.73 -22.79
N SER E 296 4.87 44.50 -22.58
CA SER E 296 4.68 43.81 -21.32
C SER E 296 5.53 44.44 -20.23
N PHE E 297 5.21 44.06 -18.99
CA PHE E 297 5.93 44.56 -17.82
C PHE E 297 7.42 44.24 -17.87
N TYR E 298 7.78 42.97 -18.12
CA TYR E 298 9.18 42.56 -18.04
C TYR E 298 10.06 43.31 -19.03
N LYS E 299 9.60 43.44 -20.28
CA LYS E 299 10.34 44.21 -21.28
C LYS E 299 10.47 45.67 -20.87
N LEU E 300 9.40 46.27 -20.36
CA LEU E 300 9.46 47.68 -19.95
C LEU E 300 10.41 47.90 -18.77
N ILE E 301 10.43 46.98 -17.80
CA ILE E 301 11.38 47.11 -16.69
C ILE E 301 12.80 46.98 -17.20
N ASP E 302 13.07 45.95 -18.01
CA ASP E 302 14.43 45.74 -18.51
C ASP E 302 14.89 46.95 -19.32
N ARG E 303 14.01 47.48 -20.17
CA ARG E 303 14.30 48.69 -20.93
C ARG E 303 14.54 49.90 -20.02
N MET E 304 13.73 50.07 -18.97
CA MET E 304 13.85 51.26 -18.14
C MET E 304 15.06 51.23 -17.22
N ILE E 305 15.43 50.06 -16.69
CA ILE E 305 16.53 49.95 -15.73
C ILE E 305 17.82 49.58 -16.45
N LEU E 306 17.81 48.46 -17.17
CA LEU E 306 19.07 47.97 -17.74
C LEU E 306 19.58 48.90 -18.85
N LYS E 307 18.71 49.22 -19.81
CA LYS E 307 19.08 50.15 -20.87
C LYS E 307 18.98 51.61 -20.45
N ASN E 308 18.45 51.90 -19.26
CA ASN E 308 18.27 53.27 -18.73
C ASN E 308 17.52 54.20 -19.71
N GLU E 309 16.65 53.64 -20.55
CA GLU E 309 15.86 54.45 -21.48
C GLU E 309 14.64 55.00 -20.74
N ASP E 310 14.51 56.33 -20.71
CA ASP E 310 13.37 56.98 -20.05
C ASP E 310 12.11 56.77 -20.87
N LEU E 311 11.25 55.87 -20.40
CA LEU E 311 9.98 55.57 -21.05
C LEU E 311 9.07 56.80 -21.08
N PRO E 312 8.12 56.85 -22.03
CA PRO E 312 7.06 57.86 -21.92
C PRO E 312 6.19 57.61 -20.69
N ILE E 313 5.61 58.70 -20.19
CA ILE E 313 4.91 58.70 -18.91
C ILE E 313 3.77 57.69 -18.86
N GLU E 314 3.10 57.47 -20.00
CA GLU E 314 2.02 56.49 -20.06
C GLU E 314 2.50 55.08 -19.72
N ASP E 315 3.77 54.76 -20.02
CA ASP E 315 4.34 53.46 -19.65
C ASP E 315 4.93 53.44 -18.25
N LYS E 316 5.43 54.58 -17.77
CA LYS E 316 5.85 54.67 -16.37
C LYS E 316 4.68 54.44 -15.43
N HIS E 317 3.51 54.98 -15.76
CA HIS E 317 2.31 54.73 -14.96
C HIS E 317 2.04 53.24 -14.83
N TYR E 318 2.08 52.49 -15.93
CA TYR E 318 1.87 51.04 -15.88
C TYR E 318 2.95 50.32 -15.07
N VAL E 319 4.22 50.71 -15.26
CA VAL E 319 5.33 50.13 -14.50
C VAL E 319 5.09 50.30 -13.00
N MET E 320 4.85 51.54 -12.57
CA MET E 320 4.65 51.80 -11.15
C MET E 320 3.34 51.19 -10.65
N ALA E 321 2.33 51.06 -11.51
CA ALA E 321 1.11 50.36 -11.11
C ALA E 321 1.38 48.89 -10.79
N ILE E 322 2.28 48.24 -11.54
CA ILE E 322 2.61 46.86 -11.19
C ILE E 322 3.51 46.80 -9.97
N LEU E 323 4.42 47.76 -9.79
CA LEU E 323 5.18 47.80 -8.54
C LEU E 323 4.27 48.00 -7.33
N ILE E 324 3.19 48.77 -7.50
CA ILE E 324 2.18 48.89 -6.45
C ILE E 324 1.46 47.57 -6.26
N ARG E 325 1.17 46.85 -7.35
CA ARG E 325 0.61 45.51 -7.21
C ARG E 325 1.54 44.60 -6.43
N GLY E 326 2.85 44.71 -6.66
CA GLY E 326 3.81 43.75 -6.16
C GLY E 326 3.81 42.48 -7.00
N GLY E 327 4.79 41.63 -6.72
CA GLY E 327 4.97 40.43 -7.52
C GLY E 327 6.34 39.81 -7.30
N MET E 328 6.51 38.66 -7.96
CA MET E 328 7.81 38.02 -8.13
C MET E 328 8.33 38.30 -9.52
N PHE E 329 9.55 38.83 -9.61
CA PHE E 329 10.17 39.26 -10.87
C PHE E 329 11.55 38.63 -11.10
N SER E 330 11.93 37.62 -10.31
CA SER E 330 13.20 36.91 -10.47
C SER E 330 13.43 36.44 -11.91
N LYS E 331 14.68 36.62 -12.37
CA LYS E 331 15.14 36.20 -13.69
C LYS E 331 16.11 35.02 -13.54
N LYS E 332 15.84 33.96 -14.29
CA LYS E 332 16.74 32.80 -14.32
C LYS E 332 18.11 33.21 -14.83
N GLN E 333 19.15 32.78 -14.11
CA GLN E 333 20.54 33.00 -14.51
C GLN E 333 21.15 31.71 -15.03
N LEU F 12 -15.69 33.64 -37.31
CA LEU F 12 -16.39 32.77 -36.34
C LEU F 12 -16.30 31.32 -36.79
N LYS F 13 -16.02 30.41 -35.84
CA LYS F 13 -15.79 29.01 -36.15
C LYS F 13 -16.39 28.03 -35.15
N SER F 14 -16.50 28.38 -33.86
CA SER F 14 -17.06 27.46 -32.89
C SER F 14 -17.49 28.25 -31.66
N ARG F 15 -18.27 27.59 -30.81
CA ARG F 15 -18.54 28.11 -29.48
C ARG F 15 -17.22 28.24 -28.71
N PRO F 16 -17.01 29.33 -27.95
CA PRO F 16 -15.72 29.50 -27.27
C PRO F 16 -15.54 28.53 -26.11
N GLU F 17 -14.30 28.49 -25.61
CA GLU F 17 -13.95 27.58 -24.53
C GLU F 17 -14.70 27.87 -23.24
N ASN F 18 -15.10 29.13 -23.01
CA ASN F 18 -16.05 29.48 -21.97
C ASN F 18 -17.13 30.39 -22.54
N LEU F 19 -18.38 30.05 -22.26
CA LEU F 19 -19.54 30.87 -22.64
C LEU F 19 -20.64 30.65 -21.62
N SER F 20 -21.12 31.72 -21.01
CA SER F 20 -22.23 31.57 -20.07
C SER F 20 -23.03 32.85 -19.92
N PHE F 21 -24.30 32.69 -19.54
CA PHE F 21 -25.25 33.78 -19.35
C PHE F 21 -25.85 33.68 -17.97
N ALA F 22 -25.87 34.81 -17.23
CA ALA F 22 -26.59 34.88 -15.98
C ALA F 22 -28.09 34.95 -16.20
N ARG F 23 -28.84 34.47 -15.21
CA ARG F 23 -30.29 34.61 -15.19
C ARG F 23 -30.73 36.04 -15.45
N CYS F 24 -31.46 36.24 -16.55
CA CYS F 24 -32.08 37.53 -16.80
C CYS F 24 -33.36 37.74 -16.01
N LEU F 25 -34.01 36.65 -15.57
CA LEU F 25 -35.27 36.68 -14.83
C LEU F 25 -35.05 36.03 -13.47
N ASN F 26 -34.49 36.80 -12.54
CA ASN F 26 -34.16 36.29 -11.22
C ASN F 26 -35.41 36.16 -10.37
N THR F 27 -35.47 35.11 -9.54
CA THR F 27 -36.59 34.85 -8.64
C THR F 27 -36.09 34.52 -7.24
N THR F 28 -36.70 35.15 -6.24
CA THR F 28 -36.44 34.85 -4.84
C THR F 28 -37.13 33.54 -4.44
N GLU F 29 -36.71 33.01 -3.28
CA GLU F 29 -37.54 32.04 -2.57
C GLU F 29 -38.88 32.67 -2.18
N ALA F 30 -39.86 31.80 -1.92
CA ALA F 30 -41.19 32.19 -1.49
C ALA F 30 -41.44 31.79 -0.05
N LYS F 31 -42.01 32.73 0.73
CA LYS F 31 -42.43 32.50 2.11
C LYS F 31 -43.95 32.35 2.14
N PHE F 32 -44.43 31.27 2.76
CA PHE F 32 -45.87 31.11 2.94
C PHE F 32 -46.37 31.96 4.11
N TRP F 33 -47.63 32.38 3.99
CA TRP F 33 -48.36 33.06 5.04
C TRP F 33 -49.77 32.47 5.09
N GLN F 34 -50.46 32.75 6.19
CA GLN F 34 -51.80 32.23 6.45
C GLN F 34 -52.73 33.37 6.80
N THR F 35 -53.94 33.35 6.23
CA THR F 35 -54.88 34.47 6.33
C THR F 35 -56.32 33.96 6.33
N ASP F 36 -57.20 34.70 7.00
CA ASP F 36 -58.61 34.66 6.63
C ASP F 36 -58.77 35.34 5.28
N PHE F 37 -59.73 34.86 4.48
CA PHE F 37 -59.89 35.41 3.15
C PHE F 37 -60.62 36.76 3.16
N LEU F 38 -61.69 36.88 3.92
CA LEU F 38 -62.21 38.20 4.24
C LEU F 38 -61.20 38.93 5.11
N LYS F 39 -60.99 40.22 4.82
CA LYS F 39 -59.98 41.05 5.46
C LYS F 39 -58.56 40.52 5.26
N ARG F 40 -58.34 39.62 4.30
CA ARG F 40 -57.01 39.13 3.93
C ARG F 40 -56.01 40.25 3.66
N HIS F 41 -56.49 41.41 3.20
CA HIS F 41 -55.65 42.56 2.90
C HIS F 41 -55.06 43.25 4.14
N THR F 42 -55.32 42.75 5.35
CA THR F 42 -54.90 43.41 6.59
C THR F 42 -54.25 42.47 7.61
N PHE F 43 -54.15 41.16 7.34
CA PHE F 43 -53.89 40.16 8.36
C PHE F 43 -52.98 39.07 7.81
N LYS F 44 -52.04 38.59 8.65
CA LYS F 44 -51.18 37.46 8.32
C LYS F 44 -50.83 36.69 9.59
N LEU F 45 -50.64 35.37 9.44
CA LEU F 45 -49.97 34.53 10.43
C LEU F 45 -48.89 33.66 9.79
N PRO F 46 -47.76 33.41 10.48
CA PRO F 46 -46.75 32.51 9.90
C PRO F 46 -47.20 31.06 9.89
N LEU F 47 -47.09 30.41 8.74
CA LEU F 47 -47.45 29.01 8.56
C LEU F 47 -46.26 28.11 8.93
N LEU F 48 -46.39 27.36 10.03
CA LEU F 48 -45.33 26.49 10.54
C LEU F 48 -45.45 25.07 9.98
N ILE F 49 -44.35 24.31 10.10
CA ILE F 49 -44.24 22.93 9.65
C ILE F 49 -44.38 21.99 10.84
N THR F 50 -45.09 20.88 10.64
CA THR F 50 -45.32 19.86 11.66
C THR F 50 -44.47 18.64 11.36
N ASP F 51 -43.72 18.17 12.36
CA ASP F 51 -42.88 17.00 12.21
C ASP F 51 -43.69 15.71 12.33
N LYS F 52 -43.18 14.66 11.68
CA LYS F 52 -43.75 13.31 11.70
C LYS F 52 -45.25 13.25 11.45
N SER F 79 -41.96 11.74 8.69
CA SER F 79 -42.34 12.54 7.52
C SER F 79 -43.03 13.82 7.96
N GLN F 80 -42.48 14.96 7.52
CA GLN F 80 -43.08 16.26 7.82
C GLN F 80 -44.32 16.50 6.98
N SER F 81 -45.19 17.37 7.47
CA SER F 81 -46.35 17.81 6.72
C SER F 81 -46.73 19.21 7.17
N CYS F 82 -47.53 19.89 6.34
CA CYS F 82 -47.99 21.25 6.58
C CYS F 82 -49.48 21.33 6.30
N THR F 83 -50.21 21.99 7.21
CA THR F 83 -51.62 22.28 7.05
C THR F 83 -51.93 23.66 7.60
N LEU F 84 -52.97 24.29 7.05
CA LEU F 84 -53.58 25.43 7.71
C LEU F 84 -54.09 25.05 9.09
N SER F 85 -54.14 26.03 9.99
CA SER F 85 -54.42 25.78 11.41
C SER F 85 -55.91 25.80 11.73
N THR F 86 -56.70 25.03 10.97
CA THR F 86 -58.13 24.74 11.22
C THR F 86 -59.01 25.99 11.41
N GLU F 87 -58.53 27.18 11.03
CA GLU F 87 -59.20 28.43 11.38
C GLU F 87 -59.26 29.46 10.27
N CYS F 88 -58.37 29.43 9.28
CA CYS F 88 -58.10 30.57 8.41
C CYS F 88 -58.61 30.38 6.99
N ASP F 89 -58.52 29.17 6.44
CA ASP F 89 -59.04 28.80 5.13
C ASP F 89 -58.33 29.44 3.93
N THR F 90 -57.16 30.06 4.12
CA THR F 90 -56.43 30.62 2.98
C THR F 90 -54.95 30.72 3.32
N LEU F 91 -54.10 30.15 2.46
CA LEU F 91 -52.68 30.44 2.44
C LEU F 91 -52.39 31.66 1.57
N ARG F 92 -51.27 32.33 1.88
CA ARG F 92 -50.71 33.41 1.07
C ARG F 92 -49.26 33.09 0.72
N ILE F 93 -48.84 33.51 -0.47
CA ILE F 93 -47.46 33.38 -0.94
C ILE F 93 -46.96 34.75 -1.36
N ASP F 94 -45.78 35.13 -0.87
CA ASP F 94 -45.05 36.31 -1.31
C ASP F 94 -43.70 35.91 -1.90
N PHE F 95 -43.39 36.41 -3.10
CA PHE F 95 -42.08 36.22 -3.70
C PHE F 95 -41.78 37.39 -4.63
N GLY F 96 -40.48 37.57 -4.92
CA GLY F 96 -40.02 38.66 -5.76
C GLY F 96 -39.38 38.19 -7.06
N ILE F 97 -39.46 39.05 -8.08
CA ILE F 97 -38.77 38.90 -9.36
C ILE F 97 -37.91 40.14 -9.58
N LYS F 98 -36.68 39.93 -10.09
CA LYS F 98 -35.87 41.01 -10.66
C LYS F 98 -35.56 40.65 -12.11
N VAL F 99 -35.92 41.56 -13.03
CA VAL F 99 -35.61 41.43 -14.46
C VAL F 99 -34.36 42.26 -14.76
N LEU F 100 -33.43 41.66 -15.51
CA LEU F 100 -32.19 42.30 -15.96
C LEU F 100 -32.12 42.36 -17.48
N PRO F 101 -31.47 43.38 -18.06
CA PRO F 101 -31.33 43.42 -19.53
C PRO F 101 -30.50 42.26 -20.07
N VAL F 102 -31.00 41.65 -21.15
CA VAL F 102 -30.36 40.46 -21.72
C VAL F 102 -28.97 40.81 -22.27
N LYS F 103 -28.85 41.98 -22.90
CA LYS F 103 -27.59 42.41 -23.50
C LYS F 103 -26.45 42.47 -22.49
N GLU F 104 -26.75 42.77 -21.22
CA GLU F 104 -25.73 42.88 -20.18
C GLU F 104 -25.53 41.60 -19.38
N SER F 105 -26.37 40.58 -19.56
CA SER F 105 -26.31 39.38 -18.73
C SER F 105 -25.21 38.40 -19.12
N MET F 106 -24.52 38.62 -20.25
CA MET F 106 -23.48 37.72 -20.72
C MET F 106 -22.31 37.73 -19.74
N TYR F 107 -22.19 36.66 -18.95
CA TYR F 107 -21.27 36.70 -17.80
C TYR F 107 -19.82 36.46 -18.19
N SER F 108 -19.55 35.52 -19.10
CA SER F 108 -18.19 35.30 -19.58
C SER F 108 -18.22 34.82 -21.02
N CYS F 109 -17.19 35.22 -21.78
CA CYS F 109 -17.11 34.88 -23.20
C CYS F 109 -15.70 35.13 -23.72
N SER F 110 -14.96 34.06 -24.00
CA SER F 110 -13.54 34.19 -24.29
C SER F 110 -13.22 34.79 -25.65
N ASP F 111 -14.17 34.79 -26.60
CA ASP F 111 -13.95 35.32 -27.94
C ASP F 111 -14.68 36.66 -28.07
N TYR F 112 -13.93 37.73 -28.27
CA TYR F 112 -14.53 39.04 -28.41
C TYR F 112 -15.39 39.14 -29.67
N ASN F 113 -15.01 38.42 -30.73
CA ASN F 113 -15.82 38.40 -31.95
C ASN F 113 -17.17 37.72 -31.71
N TYR F 114 -17.17 36.62 -30.95
CA TYR F 114 -18.42 35.93 -30.64
C TYR F 114 -19.35 36.83 -29.81
N ARG F 115 -18.79 37.48 -28.78
CA ARG F 115 -19.55 38.47 -28.01
C ARG F 115 -20.16 39.53 -28.91
N THR F 116 -19.36 40.09 -29.83
CA THR F 116 -19.86 41.11 -30.74
C THR F 116 -21.00 40.58 -31.61
N ALA F 117 -20.83 39.37 -32.14
CA ALA F 117 -21.84 38.77 -33.00
C ALA F 117 -23.16 38.56 -32.25
N ILE F 118 -23.09 38.00 -31.05
CA ILE F 118 -24.33 37.71 -30.33
C ILE F 118 -24.98 38.98 -29.79
N TYR F 119 -24.20 40.00 -29.41
CA TYR F 119 -24.77 41.30 -29.10
C TYR F 119 -25.52 41.88 -30.30
N GLN F 120 -24.89 41.81 -31.48
CA GLN F 120 -25.55 42.29 -32.69
C GLN F 120 -26.83 41.51 -32.98
N LYS F 121 -26.81 40.20 -32.79
CA LYS F 121 -28.01 39.39 -33.01
C LYS F 121 -29.11 39.70 -31.99
N ILE F 122 -28.75 40.08 -30.77
CA ILE F 122 -29.76 40.54 -29.82
C ILE F 122 -30.35 41.86 -30.28
N ASP F 123 -29.51 42.77 -30.78
CA ASP F 123 -30.03 44.02 -31.33
C ASP F 123 -30.96 43.77 -32.51
N GLU F 124 -30.60 42.83 -33.37
CA GLU F 124 -31.46 42.42 -34.49
C GLU F 124 -32.80 41.88 -33.99
N TYR F 125 -32.75 41.01 -32.97
CA TYR F 125 -33.99 40.46 -32.40
C TYR F 125 -34.86 41.56 -31.79
N ILE F 126 -34.25 42.50 -31.07
CA ILE F 126 -34.98 43.64 -30.53
C ILE F 126 -35.59 44.46 -31.67
N ALA F 127 -34.94 44.50 -32.83
CA ALA F 127 -35.54 45.18 -33.97
C ALA F 127 -36.71 44.39 -34.56
N GLU F 128 -36.67 43.05 -34.49
CA GLU F 128 -37.81 42.27 -34.97
C GLU F 128 -39.02 42.40 -34.05
N ASP F 129 -38.84 42.13 -32.75
CA ASP F 129 -39.79 42.56 -31.74
C ASP F 129 -39.06 42.73 -30.42
N GLY F 130 -39.58 43.63 -29.59
CA GLY F 130 -38.87 44.06 -28.40
C GLY F 130 -38.89 43.13 -27.21
N PHE F 131 -38.74 41.82 -27.42
CA PHE F 131 -39.00 40.75 -26.43
C PHE F 131 -40.46 40.65 -25.94
N LEU F 132 -41.38 41.44 -26.50
CA LEU F 132 -42.72 41.55 -25.94
C LEU F 132 -43.46 40.21 -25.91
N THR F 133 -43.24 39.35 -26.91
CA THR F 133 -43.96 38.07 -26.94
C THR F 133 -43.53 37.16 -25.79
N LEU F 134 -42.22 37.10 -25.52
CA LEU F 134 -41.73 36.32 -24.39
C LEU F 134 -42.19 36.93 -23.07
N ALA F 135 -42.15 38.25 -22.96
CA ALA F 135 -42.64 38.92 -21.76
C ALA F 135 -44.12 38.61 -21.52
N LYS F 136 -44.93 38.63 -22.57
CA LYS F 136 -46.34 38.27 -22.42
C LYS F 136 -46.52 36.84 -21.96
N ARG F 137 -45.72 35.91 -22.50
CA ARG F 137 -45.79 34.53 -22.05
C ARG F 137 -45.43 34.38 -20.57
N TYR F 138 -44.34 35.02 -20.14
CA TYR F 138 -43.95 34.97 -18.73
C TYR F 138 -45.02 35.59 -17.82
N VAL F 139 -45.59 36.72 -18.24
CA VAL F 139 -46.62 37.35 -17.42
C VAL F 139 -47.88 36.49 -17.40
N ASN F 140 -48.18 35.80 -18.49
CA ASN F 140 -49.25 34.79 -18.44
C ASN F 140 -48.95 33.71 -17.41
N ASN F 141 -47.70 33.24 -17.36
CA ASN F 141 -47.35 32.25 -16.34
C ASN F 141 -47.30 32.81 -14.93
N ILE F 142 -47.33 34.13 -14.77
CA ILE F 142 -47.68 34.70 -13.46
C ILE F 142 -49.19 34.67 -13.26
N ALA F 143 -49.94 35.21 -14.24
CA ALA F 143 -51.38 35.37 -14.09
C ALA F 143 -52.12 34.05 -13.95
N ASN F 144 -51.66 32.99 -14.63
CA ASN F 144 -52.31 31.69 -14.53
C ASN F 144 -51.98 30.93 -13.25
N ALA F 145 -51.12 31.46 -12.38
CA ALA F 145 -50.75 30.83 -11.11
C ALA F 145 -50.12 29.44 -11.29
N ARG F 146 -49.45 29.19 -12.41
CA ARG F 146 -48.69 27.94 -12.57
C ARG F 146 -47.68 27.71 -11.45
N PHE F 147 -47.10 28.78 -10.91
CA PHE F 147 -46.12 28.68 -9.83
C PHE F 147 -46.65 28.03 -8.55
N LEU F 148 -47.96 27.88 -8.39
CA LEU F 148 -48.49 27.20 -7.22
C LEU F 148 -48.25 25.69 -7.24
N TRP F 149 -47.96 25.10 -8.40
CA TRP F 149 -47.85 23.63 -8.59
C TRP F 149 -49.06 22.94 -7.97
N ARG F 150 -48.87 21.89 -7.15
CA ARG F 150 -49.98 21.12 -6.60
C ARG F 150 -50.97 21.97 -5.80
N ASN F 151 -50.49 23.04 -5.16
CA ASN F 151 -51.38 23.92 -4.40
C ASN F 151 -52.45 24.58 -5.26
N ARG F 152 -52.26 24.64 -6.58
CA ARG F 152 -53.31 25.14 -7.47
C ARG F 152 -54.52 24.22 -7.48
N LYS F 153 -54.33 22.92 -7.32
CA LYS F 153 -55.34 21.90 -7.57
C LYS F 153 -56.56 22.04 -6.66
N GLY F 154 -57.71 22.37 -7.26
CA GLY F 154 -58.97 22.33 -6.57
C GLY F 154 -59.24 23.44 -5.58
N ALA F 155 -58.40 24.47 -5.53
CA ALA F 155 -58.69 25.62 -4.68
C ALA F 155 -59.93 26.35 -5.19
N GLU F 156 -60.67 26.94 -4.25
CA GLU F 156 -61.93 27.58 -4.60
C GLU F 156 -61.70 28.90 -5.33
N ILE F 157 -60.77 29.73 -4.83
CA ILE F 157 -60.41 31.00 -5.44
C ILE F 157 -58.89 31.11 -5.42
N ILE F 158 -58.32 31.67 -6.49
CA ILE F 158 -56.89 31.95 -6.58
C ILE F 158 -56.74 33.38 -7.12
N GLU F 159 -56.41 34.30 -6.22
CA GLU F 159 -56.18 35.71 -6.54
C GLU F 159 -54.68 35.99 -6.53
N THR F 160 -54.20 36.73 -7.53
CA THR F 160 -52.78 37.10 -7.64
C THR F 160 -52.63 38.60 -7.88
N ILE F 161 -51.69 39.21 -7.17
CA ILE F 161 -51.43 40.65 -7.20
C ILE F 161 -49.97 40.86 -7.56
N VAL F 162 -49.71 41.80 -8.47
CA VAL F 162 -48.38 42.16 -8.94
C VAL F 162 -48.10 43.60 -8.55
N THR F 163 -46.98 43.84 -7.87
CA THR F 163 -46.56 45.15 -7.41
C THR F 163 -45.25 45.52 -8.09
N ILE F 164 -45.18 46.73 -8.65
CA ILE F 164 -43.97 47.26 -9.28
C ILE F 164 -43.76 48.68 -8.77
N GLU F 165 -42.62 48.93 -8.13
CA GLU F 165 -42.22 50.24 -7.61
C GLU F 165 -43.34 50.92 -6.82
N ASP F 166 -44.00 50.14 -5.97
CA ASP F 166 -45.13 50.53 -5.13
C ASP F 166 -46.41 50.87 -5.89
N LYS F 167 -46.45 50.75 -7.21
CA LYS F 167 -47.73 50.64 -7.92
C LYS F 167 -48.25 49.22 -7.76
N GLU F 168 -49.51 49.08 -7.34
CA GLU F 168 -50.18 47.80 -7.20
C GLU F 168 -51.20 47.65 -8.32
N TYR F 169 -51.06 46.59 -9.11
CA TYR F 169 -51.89 46.32 -10.27
C TYR F 169 -53.18 45.56 -9.90
N PRO F 170 -54.26 45.75 -10.65
CA PRO F 170 -55.52 45.06 -10.33
C PRO F 170 -55.40 43.54 -10.38
N SER F 171 -55.98 42.88 -9.38
CA SER F 171 -55.73 41.46 -9.11
C SER F 171 -56.22 40.57 -10.25
N PHE F 172 -55.40 39.58 -10.61
CA PHE F 172 -55.77 38.56 -11.60
C PHE F 172 -56.70 37.52 -10.99
N ASN F 173 -57.89 37.34 -11.60
CA ASN F 173 -58.74 36.17 -11.35
C ASN F 173 -58.16 34.99 -12.14
N SER F 174 -57.12 34.39 -11.55
CA SER F 174 -56.30 33.40 -12.26
C SER F 174 -57.08 32.17 -12.71
N LYS F 175 -58.23 31.88 -12.09
CA LYS F 175 -59.09 30.79 -12.55
C LYS F 175 -59.52 30.96 -14.01
N SER F 176 -59.65 32.20 -14.47
CA SER F 176 -60.09 32.46 -15.85
C SER F 176 -59.06 32.07 -16.90
N PHE F 177 -57.81 31.74 -16.52
CA PHE F 177 -56.76 31.37 -17.46
C PHE F 177 -56.53 29.87 -17.37
N ASN F 178 -56.71 29.18 -18.51
CA ASN F 178 -56.31 27.79 -18.61
C ASN F 178 -54.80 27.70 -18.81
N LEU F 179 -54.27 26.50 -18.54
CA LEU F 179 -52.82 26.28 -18.61
C LEU F 179 -52.31 26.07 -20.03
N ASP F 180 -53.19 25.84 -21.01
CA ASP F 180 -52.74 25.45 -22.34
C ASP F 180 -52.57 26.61 -23.31
N THR F 181 -53.28 27.72 -23.13
CA THR F 181 -53.27 28.85 -24.05
C THR F 181 -52.68 30.07 -23.36
N PHE F 182 -51.99 30.88 -24.16
CA PHE F 182 -51.41 32.15 -23.70
C PHE F 182 -52.26 33.31 -24.18
N VAL F 183 -52.73 34.12 -23.24
CA VAL F 183 -53.58 35.27 -23.53
C VAL F 183 -52.73 36.44 -24.03
N GLU F 184 -53.12 37.02 -25.16
CA GLU F 184 -52.37 38.10 -25.81
C GLU F 184 -52.92 39.49 -25.53
N ASP F 185 -54.13 39.63 -24.96
CA ASP F 185 -54.90 40.86 -25.07
C ASP F 185 -55.37 41.47 -23.75
N ASN F 186 -55.09 40.84 -22.61
CA ASN F 186 -55.45 41.43 -21.33
C ASN F 186 -54.57 42.64 -21.04
N ALA F 187 -55.20 43.78 -20.75
CA ALA F 187 -54.48 45.04 -20.58
C ALA F 187 -53.48 45.01 -19.43
N THR F 188 -53.82 44.31 -18.34
CA THR F 188 -52.89 44.23 -17.20
C THR F 188 -51.66 43.41 -17.57
N ILE F 189 -51.88 42.27 -18.24
CA ILE F 189 -50.79 41.46 -18.76
C ILE F 189 -49.97 42.29 -19.73
N ASN F 190 -50.63 43.05 -20.61
CA ASN F 190 -49.90 43.86 -21.58
C ASN F 190 -49.02 44.90 -20.91
N GLU F 191 -49.52 45.60 -19.89
CA GLU F 191 -48.69 46.62 -19.24
C GLU F 191 -47.49 46.01 -18.52
N ILE F 192 -47.71 44.93 -17.76
CA ILE F 192 -46.60 44.25 -17.08
C ILE F 192 -45.59 43.72 -18.11
N ALA F 193 -46.10 43.07 -19.15
CA ALA F 193 -45.25 42.52 -20.19
C ALA F 193 -44.46 43.61 -20.90
N GLN F 194 -45.08 44.77 -21.13
CA GLN F 194 -44.37 45.89 -21.75
C GLN F 194 -43.20 46.34 -20.89
N GLN F 195 -43.43 46.50 -19.58
CA GLN F 195 -42.32 46.94 -18.72
C GLN F 195 -41.22 45.88 -18.63
N ILE F 196 -41.60 44.60 -18.56
CA ILE F 196 -40.60 43.52 -18.57
C ILE F 196 -39.83 43.52 -19.89
N ALA F 197 -40.55 43.66 -21.00
CA ALA F 197 -39.93 43.61 -22.31
C ALA F 197 -38.95 44.76 -22.52
N ASP F 198 -39.36 45.98 -22.18
CA ASP F 198 -38.44 47.11 -22.21
C ASP F 198 -37.26 46.93 -21.27
N THR F 199 -37.44 46.19 -20.17
CA THR F 199 -36.29 45.89 -19.32
C THR F 199 -35.32 44.93 -20.01
N PHE F 200 -35.84 43.86 -20.63
CA PHE F 200 -35.00 42.96 -21.41
C PHE F 200 -34.24 43.68 -22.52
N ALA F 201 -34.90 44.62 -23.20
CA ALA F 201 -34.28 45.34 -24.31
C ALA F 201 -33.24 46.36 -23.86
N GLY F 202 -33.04 46.56 -22.57
CA GLY F 202 -32.06 47.52 -22.09
C GLY F 202 -32.51 48.96 -22.11
N LYS F 203 -33.82 49.21 -22.22
CA LYS F 203 -34.37 50.54 -22.01
C LYS F 203 -34.52 50.87 -20.53
N ARG F 204 -34.28 49.90 -19.65
CA ARG F 204 -34.22 50.11 -18.21
C ARG F 204 -33.02 49.35 -17.66
N GLU F 205 -32.52 49.82 -16.52
CA GLU F 205 -31.44 49.12 -15.85
C GLU F 205 -31.92 47.84 -15.18
N TYR F 206 -33.13 47.88 -14.60
CA TYR F 206 -33.67 46.76 -13.85
C TYR F 206 -35.18 46.93 -13.73
N LEU F 207 -35.85 45.86 -13.32
CA LEU F 207 -37.26 45.94 -12.92
C LEU F 207 -37.51 44.98 -11.77
N ASN F 208 -37.72 45.53 -10.57
CA ASN F 208 -38.10 44.75 -9.40
C ASN F 208 -39.61 44.54 -9.38
N ILE F 209 -40.05 43.29 -9.48
CA ILE F 209 -41.46 42.90 -9.41
C ILE F 209 -41.65 42.06 -8.14
N TYR F 210 -42.65 42.41 -7.33
CA TYR F 210 -43.08 41.61 -6.19
C TYR F 210 -44.46 41.03 -6.46
N VAL F 211 -44.61 39.73 -6.23
CA VAL F 211 -45.85 38.99 -6.49
C VAL F 211 -46.45 38.53 -5.16
N THR F 212 -47.76 38.72 -5.01
CA THR F 212 -48.54 38.21 -3.89
C THR F 212 -49.69 37.38 -4.43
N CYS F 213 -49.93 36.22 -3.82
CA CYS F 213 -50.99 35.29 -4.22
C CYS F 213 -51.82 34.85 -3.01
N PHE F 214 -53.14 34.79 -3.20
CA PHE F 214 -54.07 34.22 -2.21
C PHE F 214 -54.75 32.99 -2.79
N VAL F 215 -54.67 31.86 -2.07
CA VAL F 215 -55.29 30.60 -2.46
C VAL F 215 -56.24 30.19 -1.35
N LYS F 216 -57.53 30.08 -1.68
CA LYS F 216 -58.58 29.77 -0.71
C LYS F 216 -58.87 28.27 -0.71
N ILE F 217 -58.78 27.65 0.46
CA ILE F 217 -58.93 26.20 0.64
C ILE F 217 -59.52 25.95 2.02
N GLY F 218 -60.11 24.76 2.20
CA GLY F 218 -60.76 24.42 3.45
C GLY F 218 -59.84 24.54 4.66
N CYS F 219 -60.49 24.57 5.83
CA CYS F 219 -59.90 25.06 7.08
C CYS F 219 -58.59 24.38 7.46
N ALA F 220 -58.45 23.08 7.15
CA ALA F 220 -57.23 22.33 7.44
C ALA F 220 -56.75 21.53 6.23
N MET F 221 -57.10 21.98 5.02
CA MET F 221 -56.57 21.37 3.81
C MET F 221 -55.04 21.39 3.82
N GLU F 222 -54.43 20.30 3.37
CA GLU F 222 -52.99 20.18 3.38
C GLU F 222 -52.36 21.16 2.39
N VAL F 223 -51.18 21.65 2.75
CA VAL F 223 -50.41 22.60 1.95
C VAL F 223 -49.08 21.93 1.59
N TYR F 224 -48.63 22.16 0.35
CA TYR F 224 -47.49 21.45 -0.23
C TYR F 224 -46.33 22.40 -0.52
N PRO F 225 -45.53 22.79 0.48
CA PRO F 225 -44.20 23.34 0.19
C PRO F 225 -43.29 22.32 -0.48
N SER F 226 -42.23 22.82 -1.10
CA SER F 226 -41.30 21.95 -1.81
C SER F 226 -40.43 21.16 -0.85
N GLN F 227 -40.04 19.97 -1.29
CA GLN F 227 -39.20 19.08 -0.49
C GLN F 227 -37.72 19.44 -0.66
N GLU F 228 -36.94 19.12 0.37
CA GLU F 228 -35.49 19.15 0.31
C GLU F 228 -34.94 17.83 -0.21
N MET F 229 -33.74 17.88 -0.79
CA MET F 229 -32.98 16.68 -1.09
C MET F 229 -32.54 15.99 0.20
N THR F 230 -32.24 14.69 0.08
CA THR F 230 -31.56 13.93 1.12
C THR F 230 -30.36 13.23 0.49
N PHE F 231 -29.20 13.38 1.14
CA PHE F 231 -27.92 12.87 0.67
C PHE F 231 -27.61 11.48 1.23
N ASP F 232 -28.57 10.57 0.99
CA ASP F 232 -28.60 9.17 1.45
C ASP F 232 -28.26 9.04 2.94
N ASP F 233 -28.66 10.02 3.74
CA ASP F 233 -28.70 9.81 5.19
C ASP F 233 -29.72 8.74 5.51
N ASP F 234 -29.50 8.05 6.63
CA ASP F 234 -30.41 6.97 7.02
C ASP F 234 -31.81 7.48 7.37
N ASP F 235 -31.93 8.75 7.77
CA ASP F 235 -33.23 9.42 7.89
C ASP F 235 -33.75 9.83 6.51
N LYS F 236 -34.12 8.81 5.72
CA LYS F 236 -34.64 9.01 4.38
C LYS F 236 -36.02 9.66 4.34
N GLY F 237 -36.67 9.83 5.49
CA GLY F 237 -38.02 10.38 5.52
C GLY F 237 -38.10 11.77 4.91
N LYS F 238 -39.24 12.04 4.28
CA LYS F 238 -39.51 13.29 3.57
C LYS F 238 -39.38 14.50 4.48
N LYS F 239 -38.55 15.47 4.06
CA LYS F 239 -38.36 16.74 4.74
C LYS F 239 -38.77 17.90 3.83
N LEU F 240 -39.30 18.96 4.45
CA LEU F 240 -39.90 20.09 3.74
C LEU F 240 -39.10 21.36 3.99
N PHE F 241 -39.04 22.20 2.96
CA PHE F 241 -38.21 23.39 2.94
C PHE F 241 -38.75 24.45 3.88
N LYS F 242 -38.06 24.67 5.00
CA LYS F 242 -38.28 25.84 5.83
C LYS F 242 -37.54 27.07 5.29
N PHE F 243 -38.14 28.24 5.48
CA PHE F 243 -37.55 29.52 5.11
C PHE F 243 -37.93 30.53 6.17
N GLU F 244 -36.93 31.07 6.86
CA GLU F 244 -37.09 31.91 8.05
C GLU F 244 -37.91 31.22 9.15
N GLY F 245 -37.95 29.88 9.16
CA GLY F 245 -38.70 29.11 10.12
C GLY F 245 -40.14 28.84 9.75
N SER F 246 -40.72 29.57 8.80
CA SER F 246 -41.96 29.19 8.15
C SER F 246 -41.66 28.30 6.94
N ALA F 247 -42.71 27.66 6.42
CA ALA F 247 -42.56 26.90 5.19
C ALA F 247 -42.29 27.84 4.01
N GLY F 248 -41.69 27.29 2.96
CA GLY F 248 -41.43 28.03 1.75
C GLY F 248 -41.40 27.10 0.55
N MET F 249 -41.22 27.71 -0.62
CA MET F 249 -40.89 27.00 -1.86
C MET F 249 -39.53 27.46 -2.38
N HIS F 250 -38.79 26.50 -2.93
CA HIS F 250 -37.53 26.80 -3.61
C HIS F 250 -37.74 27.82 -4.72
N SER F 251 -36.69 28.61 -4.98
CA SER F 251 -36.71 29.49 -6.14
C SER F 251 -36.69 28.72 -7.45
N GLN F 252 -36.10 27.53 -7.44
CA GLN F 252 -36.06 26.68 -8.63
C GLN F 252 -37.45 26.35 -9.14
N LYS F 253 -38.31 25.85 -8.26
CA LYS F 253 -39.69 25.50 -8.64
C LYS F 253 -40.42 26.69 -9.27
N ILE F 254 -40.34 27.85 -8.64
CA ILE F 254 -41.09 29.02 -9.13
C ILE F 254 -40.54 29.46 -10.48
N ASN F 255 -39.21 29.52 -10.61
CA ASN F 255 -38.62 29.89 -11.90
C ASN F 255 -38.98 28.89 -12.99
N ASN F 256 -38.88 27.60 -12.69
CA ASN F 256 -39.20 26.55 -13.67
C ASN F 256 -40.66 26.61 -14.08
N ALA F 257 -41.54 26.98 -13.16
CA ALA F 257 -42.94 27.23 -13.53
C ALA F 257 -43.04 28.39 -14.50
N LEU F 258 -42.33 29.49 -14.22
CA LEU F 258 -42.34 30.63 -15.14
C LEU F 258 -41.79 30.27 -16.52
N ARG F 259 -40.76 29.42 -16.58
CA ARG F 259 -40.19 29.00 -17.87
C ARG F 259 -41.10 28.10 -18.72
N THR F 260 -42.30 27.73 -18.26
CA THR F 260 -43.19 26.90 -19.08
C THR F 260 -43.84 27.70 -20.20
N ILE F 261 -43.04 28.14 -21.18
CA ILE F 261 -43.50 29.00 -22.26
C ILE F 261 -43.22 28.43 -23.64
N ASP F 262 -42.48 27.34 -23.76
CA ASP F 262 -42.10 26.78 -25.05
C ASP F 262 -43.25 25.97 -25.62
N THR F 263 -43.89 26.51 -26.66
CA THR F 263 -44.83 25.78 -27.50
C THR F 263 -44.32 25.61 -28.92
N TRP F 264 -43.04 25.93 -29.18
CA TRP F 264 -42.48 25.96 -30.52
C TRP F 264 -41.77 24.66 -30.90
N TYR F 265 -41.60 23.73 -29.95
CA TYR F 265 -40.90 22.48 -30.22
C TYR F 265 -41.61 21.69 -31.33
N PRO F 266 -40.84 20.90 -32.12
CA PRO F 266 -41.26 20.60 -33.51
C PRO F 266 -42.63 19.96 -33.71
N ASP F 267 -43.05 19.08 -32.80
CA ASP F 267 -44.32 18.35 -32.90
C ASP F 267 -45.24 18.69 -31.73
N TYR F 268 -45.26 19.98 -31.37
CA TYR F 268 -46.26 20.53 -30.45
C TYR F 268 -47.69 20.12 -30.83
N THR F 269 -47.98 20.03 -32.13
CA THR F 269 -49.29 19.58 -32.59
C THR F 269 -49.67 18.19 -32.10
N THR F 270 -48.69 17.35 -31.72
CA THR F 270 -49.01 16.02 -31.19
C THR F 270 -49.40 16.07 -29.71
N TYR F 271 -48.89 17.05 -28.95
CA TYR F 271 -49.02 17.07 -27.50
C TYR F 271 -49.73 18.31 -26.96
N GLU F 272 -49.55 19.47 -27.61
CA GLU F 272 -50.27 20.70 -27.33
C GLU F 272 -50.06 21.34 -25.95
N PHE F 273 -49.20 20.76 -25.09
CA PHE F 273 -48.93 21.34 -23.77
C PHE F 273 -47.58 22.08 -23.76
N PRO F 274 -47.44 23.29 -23.18
CA PRO F 274 -46.12 23.92 -23.11
C PRO F 274 -45.16 23.21 -22.16
N ILE F 275 -43.89 23.14 -22.56
CA ILE F 275 -42.81 22.55 -21.76
C ILE F 275 -41.97 23.61 -21.07
N PRO F 276 -41.30 23.32 -19.94
CA PRO F 276 -40.28 24.24 -19.42
C PRO F 276 -39.08 24.33 -20.36
N VAL F 277 -38.69 25.57 -20.68
CA VAL F 277 -37.55 25.82 -21.57
C VAL F 277 -36.30 25.17 -21.01
N GLU F 278 -35.63 24.36 -21.84
CA GLU F 278 -34.35 23.73 -21.50
C GLU F 278 -33.58 23.48 -22.79
N ASN F 279 -32.27 23.25 -22.63
CA ASN F 279 -31.36 23.17 -23.78
C ASN F 279 -31.75 22.06 -24.75
N TYR F 280 -32.21 20.91 -24.23
CA TYR F 280 -32.75 19.82 -25.04
C TYR F 280 -34.27 19.71 -24.93
N GLY F 281 -34.94 20.69 -24.32
CA GLY F 281 -36.38 20.61 -24.14
C GLY F 281 -36.81 19.41 -23.34
N ALA F 282 -36.02 18.99 -22.36
CA ALA F 282 -36.39 17.89 -21.51
C ALA F 282 -37.65 18.23 -20.71
N ALA F 283 -38.26 17.19 -20.16
CA ALA F 283 -39.33 17.35 -19.18
C ALA F 283 -39.21 16.25 -18.14
N ARG F 284 -39.62 16.57 -16.92
CA ARG F 284 -39.48 15.65 -15.81
C ARG F 284 -40.64 14.67 -15.71
N SER F 285 -41.78 14.96 -16.33
CA SER F 285 -42.92 14.05 -16.34
C SER F 285 -42.84 13.06 -17.49
N ILE F 286 -42.42 13.52 -18.68
CA ILE F 286 -42.32 12.68 -19.87
C ILE F 286 -40.84 12.50 -20.17
N GLY F 287 -40.42 11.23 -20.26
CA GLY F 287 -39.01 10.94 -20.44
C GLY F 287 -38.45 11.37 -21.78
N ILE F 288 -39.29 11.41 -22.81
CA ILE F 288 -38.85 11.73 -24.17
C ILE F 288 -38.44 13.20 -24.22
N PRO F 289 -37.19 13.55 -24.57
CA PRO F 289 -36.88 14.98 -24.81
C PRO F 289 -37.57 15.48 -26.07
N PHE F 290 -38.13 16.69 -25.98
CA PHE F 290 -38.87 17.28 -27.09
C PHE F 290 -38.00 18.04 -28.08
N ARG F 291 -36.72 18.27 -27.79
CA ARG F 291 -35.80 18.93 -28.73
C ARG F 291 -34.43 18.29 -28.80
N PRO F 292 -34.30 16.99 -29.09
CA PRO F 292 -33.00 16.47 -29.52
C PRO F 292 -32.63 17.01 -30.90
N ASP F 293 -31.35 16.84 -31.23
CA ASP F 293 -30.80 17.05 -32.58
C ASP F 293 -31.07 18.48 -33.06
N THR F 294 -31.58 18.68 -34.29
CA THR F 294 -31.46 19.96 -34.99
C THR F 294 -32.20 21.10 -34.31
N LYS F 295 -33.30 20.82 -33.60
CA LYS F 295 -34.03 21.85 -32.88
C LYS F 295 -33.51 22.10 -31.47
N SER F 296 -32.45 21.41 -31.06
CA SER F 296 -31.81 21.71 -29.79
C SER F 296 -31.20 23.11 -29.81
N PHE F 297 -31.01 23.65 -28.61
CA PHE F 297 -30.39 24.96 -28.44
C PHE F 297 -28.99 25.00 -29.04
N TYR F 298 -28.18 23.97 -28.80
CA TYR F 298 -26.81 23.95 -29.30
C TYR F 298 -26.76 24.06 -30.83
N LYS F 299 -27.53 23.24 -31.52
CA LYS F 299 -27.55 23.28 -32.98
C LYS F 299 -28.08 24.60 -33.50
N LEU F 300 -29.15 25.13 -32.90
CA LEU F 300 -29.73 26.37 -33.37
C LEU F 300 -28.79 27.56 -33.17
N ILE F 301 -28.10 27.62 -32.03
CA ILE F 301 -27.08 28.66 -31.84
C ILE F 301 -25.95 28.50 -32.84
N ASP F 302 -25.47 27.26 -33.03
CA ASP F 302 -24.38 27.04 -33.99
C ASP F 302 -24.78 27.50 -35.39
N ARG F 303 -26.00 27.17 -35.81
CA ARG F 303 -26.49 27.62 -37.11
C ARG F 303 -26.63 29.13 -37.17
N MET F 304 -27.19 29.75 -36.12
CA MET F 304 -27.44 31.19 -36.16
C MET F 304 -26.16 32.01 -36.14
N ILE F 305 -25.17 31.60 -35.34
CA ILE F 305 -23.96 32.39 -35.11
C ILE F 305 -22.83 31.98 -36.02
N LEU F 306 -22.51 30.68 -36.07
CA LEU F 306 -21.32 30.25 -36.80
C LEU F 306 -21.56 30.27 -38.30
N LYS F 307 -22.68 29.70 -38.76
CA LYS F 307 -23.05 29.70 -40.16
C LYS F 307 -23.77 30.99 -40.59
N ASN F 308 -24.10 31.88 -39.64
CA ASN F 308 -24.81 33.13 -39.92
C ASN F 308 -26.13 32.89 -40.66
N GLU F 309 -26.78 31.76 -40.41
CA GLU F 309 -28.10 31.52 -40.97
C GLU F 309 -29.16 32.33 -40.22
N ASP F 310 -30.13 32.87 -40.96
CA ASP F 310 -31.40 33.24 -40.35
C ASP F 310 -32.18 31.97 -40.03
N LEU F 311 -33.20 32.13 -39.18
CA LEU F 311 -34.03 31.00 -38.79
C LEU F 311 -35.41 31.50 -38.40
N PRO F 312 -36.42 30.61 -38.35
CA PRO F 312 -37.80 31.06 -38.07
C PRO F 312 -37.95 31.77 -36.73
N ILE F 313 -38.86 32.76 -36.72
CA ILE F 313 -39.11 33.60 -35.55
C ILE F 313 -39.42 32.78 -34.31
N GLU F 314 -40.10 31.65 -34.46
CA GLU F 314 -40.39 30.81 -33.30
C GLU F 314 -39.12 30.21 -32.69
N ASP F 315 -38.17 29.80 -33.53
CA ASP F 315 -36.91 29.30 -33.01
C ASP F 315 -36.01 30.41 -32.50
N LYS F 316 -36.13 31.62 -33.07
CA LYS F 316 -35.44 32.78 -32.49
C LYS F 316 -35.98 33.09 -31.10
N HIS F 317 -37.30 33.01 -30.92
CA HIS F 317 -37.90 33.16 -29.60
C HIS F 317 -37.38 32.11 -28.63
N TYR F 318 -37.24 30.87 -29.09
CA TYR F 318 -36.70 29.82 -28.21
C TYR F 318 -35.25 30.10 -27.82
N VAL F 319 -34.42 30.52 -28.78
CA VAL F 319 -33.01 30.83 -28.49
C VAL F 319 -32.90 31.96 -27.46
N MET F 320 -33.62 33.05 -27.70
CA MET F 320 -33.57 34.15 -26.74
C MET F 320 -34.22 33.79 -25.41
N ALA F 321 -35.20 32.88 -25.41
CA ALA F 321 -35.73 32.40 -24.14
C ALA F 321 -34.70 31.65 -23.33
N ILE F 322 -33.81 30.89 -23.98
CA ILE F 322 -32.75 30.23 -23.23
C ILE F 322 -31.68 31.23 -22.81
N LEU F 323 -31.37 32.23 -23.63
CA LEU F 323 -30.49 33.29 -23.16
C LEU F 323 -31.06 34.00 -21.94
N ILE F 324 -32.38 34.18 -21.89
CA ILE F 324 -33.02 34.71 -20.70
C ILE F 324 -32.84 33.75 -19.53
N ARG F 325 -33.00 32.43 -19.77
CA ARG F 325 -32.77 31.46 -18.71
C ARG F 325 -31.35 31.53 -18.17
N GLY F 326 -30.37 31.66 -19.05
CA GLY F 326 -28.97 31.54 -18.67
C GLY F 326 -28.49 30.10 -18.71
N GLY F 327 -27.19 29.94 -18.56
CA GLY F 327 -26.58 28.63 -18.60
C GLY F 327 -25.10 28.72 -18.89
N MET F 328 -24.48 27.55 -19.00
CA MET F 328 -23.19 27.39 -19.66
C MET F 328 -23.41 26.83 -21.05
N PHE F 329 -22.78 27.47 -22.06
CA PHE F 329 -22.92 27.11 -23.47
C PHE F 329 -21.55 26.97 -24.12
N SER F 330 -20.53 26.58 -23.36
CA SER F 330 -19.19 26.48 -23.89
C SER F 330 -19.09 25.42 -24.98
N LYS F 331 -17.92 25.38 -25.62
CA LYS F 331 -17.50 24.19 -26.36
C LYS F 331 -17.57 22.95 -25.48
N LYS F 332 -17.93 21.82 -26.10
CA LYS F 332 -18.27 20.62 -25.37
C LYS F 332 -17.06 20.09 -24.58
N LEU G 42 58.21 -31.62 -16.83
CA LEU G 42 56.77 -31.43 -16.54
C LEU G 42 55.90 -32.60 -16.98
N ARG G 43 55.79 -32.80 -18.30
CA ARG G 43 54.78 -33.68 -18.89
C ARG G 43 54.84 -35.10 -18.31
N ASN G 44 56.05 -35.65 -18.16
CA ASN G 44 56.19 -36.98 -17.57
C ASN G 44 55.67 -37.02 -16.14
N LYS G 45 55.80 -35.92 -15.39
CA LYS G 45 55.26 -35.88 -14.04
C LYS G 45 53.73 -35.88 -14.05
N ILE G 46 53.10 -35.18 -14.99
CA ILE G 46 51.64 -35.19 -15.09
C ILE G 46 51.15 -36.61 -15.43
N LEU G 47 51.79 -37.22 -16.43
CA LEU G 47 51.47 -38.60 -16.82
C LEU G 47 51.61 -39.54 -15.63
N ALA G 48 52.71 -39.42 -14.89
CA ALA G 48 52.90 -40.23 -13.69
C ALA G 48 51.84 -39.91 -12.63
N ALA G 49 51.47 -38.64 -12.49
CA ALA G 49 50.57 -38.22 -11.42
C ALA G 49 49.19 -38.81 -11.58
N ILE G 50 48.74 -39.06 -12.81
CA ILE G 50 47.41 -39.65 -12.96
C ILE G 50 47.44 -41.18 -12.75
N SER G 51 48.52 -41.87 -13.11
CA SER G 51 48.55 -43.34 -13.16
C SER G 51 48.69 -44.02 -11.80
N GLN G 52 47.62 -43.94 -11.01
CA GLN G 52 47.37 -44.82 -9.84
C GLN G 52 48.53 -44.72 -8.83
N LYS G 53 48.94 -45.84 -8.21
CA LYS G 53 49.96 -45.89 -7.17
C LYS G 53 50.98 -47.00 -7.42
N ILE G 54 51.12 -47.45 -8.66
CA ILE G 54 52.03 -48.53 -9.06
C ILE G 54 53.46 -47.98 -9.07
N PRO G 55 54.49 -48.82 -8.87
CA PRO G 55 55.87 -48.33 -9.03
C PRO G 55 56.16 -47.73 -10.40
N GLU G 56 57.15 -46.81 -10.40
CA GLU G 56 57.26 -45.75 -11.39
C GLU G 56 57.30 -46.26 -12.83
N GLU G 57 58.19 -47.21 -13.12
CA GLU G 57 58.38 -47.64 -14.50
C GLU G 57 57.16 -48.39 -15.02
N GLN G 58 56.53 -49.21 -14.19
CA GLN G 58 55.34 -49.94 -14.61
C GLN G 58 54.13 -49.02 -14.81
N LYS G 59 53.99 -47.98 -13.98
CA LYS G 59 52.82 -47.11 -14.08
C LYS G 59 52.85 -46.20 -15.33
N ILE G 60 54.02 -45.76 -15.75
CA ILE G 60 54.13 -45.01 -17.00
C ILE G 60 53.79 -45.91 -18.19
N ASN G 61 54.37 -47.11 -18.21
CA ASN G 61 54.09 -48.06 -19.28
C ASN G 61 52.61 -48.44 -19.29
N LYS G 62 52.00 -48.62 -18.12
CA LYS G 62 50.57 -48.87 -18.04
C LYS G 62 49.77 -47.75 -18.69
N TYR G 63 50.12 -46.49 -18.43
CA TYR G 63 49.37 -45.40 -19.04
C TYR G 63 49.52 -45.40 -20.55
N ILE G 64 50.74 -45.59 -21.06
CA ILE G 64 50.92 -45.61 -22.51
C ILE G 64 50.21 -46.81 -23.14
N GLU G 65 50.19 -47.95 -22.45
CA GLU G 65 49.48 -49.11 -22.98
C GLU G 65 47.98 -48.88 -23.06
N GLY G 66 47.39 -48.29 -22.00
CA GLY G 66 45.98 -47.99 -22.03
C GLY G 66 45.64 -46.92 -23.07
N LEU G 67 46.49 -45.91 -23.19
CA LEU G 67 46.32 -44.90 -24.23
C LEU G 67 46.29 -45.53 -25.62
N PHE G 68 47.31 -46.35 -25.94
CA PHE G 68 47.39 -46.92 -27.28
C PHE G 68 46.21 -47.85 -27.56
N GLN G 69 45.76 -48.60 -26.55
CA GLN G 69 44.56 -49.42 -26.75
C GLN G 69 43.30 -48.58 -26.94
N SER G 70 43.20 -47.42 -26.30
CA SER G 70 41.96 -46.65 -26.27
C SER G 70 41.72 -45.79 -27.51
N ILE G 71 42.77 -45.41 -28.26
CA ILE G 71 42.64 -44.47 -29.36
C ILE G 71 41.65 -44.96 -30.42
N ASP G 72 41.70 -46.25 -30.77
CA ASP G 72 40.82 -46.76 -31.81
C ASP G 72 39.35 -46.74 -31.42
N LYS G 73 39.03 -46.74 -30.12
CA LYS G 73 37.65 -46.76 -29.65
C LYS G 73 36.96 -45.39 -29.63
N ASN G 74 37.67 -44.30 -29.95
CA ASN G 74 37.18 -42.95 -29.76
C ASN G 74 36.99 -42.24 -31.10
N HIS G 75 36.02 -41.34 -31.15
CA HIS G 75 35.56 -40.71 -32.39
C HIS G 75 35.49 -39.21 -32.23
N LEU G 76 35.57 -38.52 -33.37
CA LEU G 76 35.50 -37.07 -33.46
C LEU G 76 34.07 -36.68 -33.83
N ALA G 77 33.47 -35.77 -33.07
CA ALA G 77 32.07 -35.46 -33.29
C ALA G 77 31.74 -34.07 -32.76
N THR G 78 30.51 -33.63 -33.08
CA THR G 78 29.95 -32.40 -32.52
C THR G 78 28.57 -32.57 -31.90
N HIS G 79 27.88 -33.69 -32.13
CA HIS G 79 26.59 -34.00 -31.53
C HIS G 79 26.69 -35.37 -30.88
N VAL G 80 26.06 -35.54 -29.71
CA VAL G 80 26.31 -36.68 -28.84
C VAL G 80 24.97 -37.12 -28.25
N ALA G 81 24.46 -38.26 -28.71
CA ALA G 81 23.17 -38.75 -28.24
C ALA G 81 23.17 -39.06 -26.75
N LYS G 82 24.29 -39.57 -26.22
CA LYS G 82 24.40 -39.91 -24.80
C LYS G 82 24.39 -38.69 -23.87
N PHE G 83 24.32 -37.46 -24.39
CA PHE G 83 24.22 -36.29 -23.53
C PHE G 83 22.82 -36.09 -22.96
N THR G 84 21.78 -36.43 -23.75
CA THR G 84 20.42 -36.35 -23.24
C THR G 84 20.07 -37.52 -22.32
N GLU G 85 20.62 -38.70 -22.57
CA GLU G 85 20.41 -39.86 -21.70
C GLU G 85 21.60 -40.79 -21.85
N THR G 86 22.30 -41.02 -20.74
CA THR G 86 23.52 -41.82 -20.72
C THR G 86 23.31 -43.29 -21.07
N ASN G 87 22.07 -43.78 -21.17
CA ASN G 87 21.80 -45.21 -21.31
C ASN G 87 21.66 -45.66 -22.76
N SER G 88 21.64 -44.76 -23.73
CA SER G 88 21.61 -45.18 -25.13
C SER G 88 22.89 -45.96 -25.46
N PRO G 89 22.81 -47.21 -25.92
CA PRO G 89 24.05 -47.96 -26.20
C PRO G 89 24.86 -47.38 -27.34
N GLY G 90 26.19 -47.51 -27.20
CA GLY G 90 27.14 -47.21 -28.26
C GLY G 90 27.26 -45.74 -28.62
N ASN G 91 28.13 -45.52 -29.61
CA ASN G 91 28.37 -44.21 -30.20
C ASN G 91 27.25 -43.84 -31.17
N ILE G 92 26.46 -42.83 -30.82
CA ILE G 92 25.53 -42.18 -31.74
C ILE G 92 25.75 -40.68 -31.67
N GLY G 93 25.93 -40.06 -32.83
CA GLY G 93 26.38 -38.67 -32.89
C GLY G 93 26.70 -38.30 -34.32
N ALA G 94 26.95 -37.00 -34.52
CA ALA G 94 27.21 -36.46 -35.84
C ALA G 94 28.27 -35.38 -35.77
N TYR G 95 28.94 -35.18 -36.91
CA TYR G 95 30.04 -34.23 -37.07
C TYR G 95 29.68 -33.28 -38.22
N ASP G 96 29.14 -32.10 -37.88
CA ASP G 96 28.58 -31.18 -38.86
C ASP G 96 29.67 -30.24 -39.39
N ILE G 97 30.04 -30.43 -40.66
CA ILE G 97 31.15 -29.70 -41.28
C ILE G 97 30.73 -28.32 -41.78
N LEU G 98 29.45 -28.07 -42.03
CA LEU G 98 28.97 -26.90 -42.76
C LEU G 98 29.18 -25.59 -42.00
N SER G 99 29.21 -24.49 -42.78
CA SER G 99 29.48 -23.15 -42.26
C SER G 99 28.69 -22.02 -42.94
N SER G 100 27.76 -22.33 -43.85
CA SER G 100 27.24 -21.33 -44.78
C SER G 100 26.33 -20.28 -44.14
N ASP G 101 25.57 -20.64 -43.10
CA ASP G 101 24.33 -19.93 -42.78
C ASP G 101 24.49 -18.69 -41.91
N MET G 102 25.63 -17.99 -42.03
CA MET G 102 26.01 -16.91 -41.12
C MET G 102 25.07 -15.71 -41.11
N ASN G 103 24.09 -15.61 -42.03
CA ASN G 103 23.09 -14.55 -41.93
C ASN G 103 21.69 -15.04 -42.32
N CYS G 104 21.40 -16.31 -42.07
CA CYS G 104 20.06 -16.86 -42.31
C CYS G 104 19.09 -16.54 -41.18
N GLY G 105 19.52 -15.83 -40.14
CA GLY G 105 18.64 -15.45 -39.06
C GLY G 105 18.34 -16.54 -38.07
N TYR G 106 19.23 -17.53 -37.94
CA TYR G 106 19.06 -18.56 -36.93
C TYR G 106 20.42 -19.13 -36.54
N LEU G 107 20.47 -19.71 -35.35
CA LEU G 107 21.68 -20.25 -34.75
C LEU G 107 21.71 -21.77 -34.81
N ASP G 108 22.86 -22.32 -35.20
CA ASP G 108 23.14 -23.74 -35.09
C ASP G 108 24.65 -23.94 -35.00
N THR G 109 25.07 -25.21 -34.92
CA THR G 109 26.49 -25.55 -34.90
C THR G 109 27.21 -25.32 -36.22
N ALA G 110 26.49 -25.05 -37.31
CA ALA G 110 27.16 -24.75 -38.57
C ALA G 110 27.65 -23.31 -38.60
N ASN G 111 26.77 -22.38 -38.24
CA ASN G 111 26.99 -20.95 -38.42
C ASN G 111 27.45 -20.22 -37.16
N ALA G 112 27.68 -20.92 -36.05
CA ALA G 112 28.41 -20.40 -34.90
C ALA G 112 29.81 -20.98 -34.83
N GLY G 113 30.78 -20.11 -34.53
CA GLY G 113 32.18 -20.50 -34.44
C GLY G 113 32.54 -21.19 -33.15
N TRP G 114 32.14 -22.46 -33.00
CA TRP G 114 32.72 -23.31 -31.97
C TRP G 114 34.18 -23.61 -32.31
N LYS G 115 35.06 -23.44 -31.32
CA LYS G 115 36.50 -23.54 -31.53
C LYS G 115 37.07 -24.93 -31.24
N GLU G 116 36.55 -25.65 -30.23
CA GLU G 116 37.15 -26.91 -29.79
C GLU G 116 36.40 -28.09 -30.38
N PRO G 117 37.02 -28.98 -31.17
CA PRO G 117 36.33 -30.22 -31.56
C PRO G 117 36.17 -31.17 -30.39
N ASP G 118 34.97 -31.77 -30.29
CA ASP G 118 34.68 -32.75 -29.25
C ASP G 118 35.15 -34.14 -29.63
N ILE G 119 35.52 -34.91 -28.61
CA ILE G 119 35.94 -36.31 -28.75
C ILE G 119 35.08 -37.14 -27.81
N VAL G 120 34.55 -38.26 -28.32
CA VAL G 120 33.49 -39.01 -27.67
C VAL G 120 33.85 -40.49 -27.66
N THR G 121 33.36 -41.20 -26.64
CA THR G 121 33.49 -42.66 -26.55
C THR G 121 32.18 -43.24 -26.03
N ASN G 122 31.98 -44.53 -26.34
CA ASN G 122 30.84 -45.24 -25.77
C ASN G 122 30.98 -45.47 -24.26
N ASP G 123 32.20 -45.64 -23.75
CA ASP G 123 32.42 -46.11 -22.39
C ASP G 123 33.58 -45.34 -21.77
N ALA G 124 33.38 -44.92 -20.52
CA ALA G 124 34.40 -44.20 -19.76
C ALA G 124 35.73 -44.95 -19.64
N LYS G 125 35.73 -46.27 -19.66
CA LYS G 125 37.00 -46.99 -19.56
C LYS G 125 37.88 -46.90 -20.82
N TYR G 126 37.42 -46.26 -21.89
CA TYR G 126 38.25 -45.92 -23.04
C TYR G 126 38.59 -44.42 -23.11
N LYS G 127 38.31 -43.66 -22.06
CA LYS G 127 38.32 -42.20 -22.11
C LYS G 127 39.71 -41.57 -22.08
N ARG G 128 40.77 -42.33 -21.78
CA ARG G 128 42.10 -41.77 -21.54
C ARG G 128 42.63 -40.81 -22.61
N PRO G 129 42.48 -41.07 -23.92
CA PRO G 129 43.01 -40.11 -24.92
C PRO G 129 42.44 -38.70 -24.77
N GLN G 130 41.22 -38.56 -24.27
CA GLN G 130 40.66 -37.22 -24.07
C GLN G 130 41.39 -36.46 -22.97
N GLY G 131 41.88 -37.16 -21.94
CA GLY G 131 42.73 -36.53 -20.96
C GLY G 131 44.13 -36.26 -21.47
N PHE G 132 44.73 -37.27 -22.12
CA PHE G 132 46.06 -37.15 -22.72
C PHE G 132 46.16 -35.94 -23.64
N VAL G 133 45.18 -35.79 -24.53
CA VAL G 133 45.19 -34.68 -25.48
C VAL G 133 45.01 -33.33 -24.78
N ALA G 134 44.33 -33.28 -23.63
CA ALA G 134 44.05 -32.02 -22.96
C ALA G 134 45.20 -31.49 -22.11
N MET G 135 46.25 -32.26 -21.90
CA MET G 135 47.39 -31.79 -21.11
C MET G 135 48.06 -30.60 -21.79
N GLU G 136 48.59 -29.68 -20.96
CA GLU G 136 49.35 -28.52 -21.43
C GLU G 136 50.84 -28.79 -21.30
N MET G 137 51.59 -28.44 -22.35
CA MET G 137 53.05 -28.50 -22.33
C MET G 137 53.63 -27.24 -21.69
N SER G 138 54.96 -27.14 -21.70
CA SER G 138 55.67 -26.05 -21.04
C SER G 138 55.26 -24.67 -21.54
N ASP G 139 54.92 -24.55 -22.83
CA ASP G 139 54.43 -23.29 -23.37
C ASP G 139 52.96 -23.04 -23.05
N GLY G 140 52.29 -23.94 -22.31
CA GLY G 140 50.89 -23.82 -21.98
C GLY G 140 49.92 -24.19 -23.08
N ARG G 141 50.40 -24.63 -24.23
CA ARG G 141 49.55 -25.06 -25.32
C ARG G 141 49.23 -26.55 -25.21
N THR G 142 48.11 -26.95 -25.79
CA THR G 142 47.60 -28.31 -25.66
C THR G 142 48.47 -29.29 -26.45
N VAL G 143 48.43 -30.55 -26.00
CA VAL G 143 49.04 -31.66 -26.74
C VAL G 143 48.43 -31.79 -28.14
N MET G 144 47.15 -31.43 -28.31
CA MET G 144 46.55 -31.39 -29.64
C MET G 144 47.34 -30.50 -30.60
N GLU G 145 47.60 -29.25 -30.18
CA GLU G 145 48.36 -28.33 -31.01
C GLU G 145 49.76 -28.87 -31.32
N HIS G 146 50.47 -29.33 -30.29
CA HIS G 146 51.81 -29.87 -30.49
C HIS G 146 51.82 -31.12 -31.37
N LEU G 147 50.73 -31.90 -31.35
CA LEU G 147 50.62 -33.06 -32.24
C LEU G 147 50.39 -32.62 -33.67
N GLN G 148 49.48 -31.67 -33.88
CA GLN G 148 49.24 -31.15 -35.22
C GLN G 148 50.50 -30.54 -35.81
N GLU G 149 51.29 -29.84 -34.98
CA GLU G 149 52.57 -29.32 -35.41
C GLU G 149 53.65 -30.40 -35.53
N ASP G 150 53.44 -31.58 -34.97
CA ASP G 150 54.49 -32.56 -34.70
C ASP G 150 55.73 -31.89 -34.09
N SER G 151 55.49 -31.03 -33.10
CA SER G 151 56.53 -30.18 -32.54
C SER G 151 57.68 -31.01 -31.97
N ALA G 152 58.90 -30.53 -32.21
CA ALA G 152 60.09 -31.23 -31.74
C ALA G 152 60.09 -31.43 -30.23
N GLU G 153 59.52 -30.49 -29.48
CA GLU G 153 59.41 -30.64 -28.04
C GLU G 153 58.57 -31.86 -27.66
N LEU G 154 57.39 -32.00 -28.26
CA LEU G 154 56.54 -33.16 -27.96
C LEU G 154 57.16 -34.46 -28.45
N ARG G 155 57.73 -34.47 -29.66
CA ARG G 155 58.40 -35.66 -30.16
C ARG G 155 59.52 -36.10 -29.22
N HIS G 156 60.33 -35.14 -28.75
CA HIS G 156 61.39 -35.45 -27.81
C HIS G 156 60.85 -35.97 -26.49
N GLU G 157 59.81 -35.31 -25.95
CA GLU G 157 59.18 -35.75 -24.71
C GLU G 157 58.65 -37.19 -24.82
N MET G 158 57.89 -37.47 -25.87
CA MET G 158 57.26 -38.79 -26.00
C MET G 158 58.27 -39.88 -26.34
N GLU G 159 59.23 -39.59 -27.22
CA GLU G 159 60.24 -40.58 -27.57
C GLU G 159 61.11 -40.98 -26.38
N GLU G 160 61.24 -40.12 -25.37
CA GLU G 160 61.90 -40.52 -24.13
C GLU G 160 61.07 -41.49 -23.31
N LEU G 161 59.77 -41.63 -23.60
CA LEU G 161 58.86 -42.53 -22.87
C LEU G 161 58.39 -43.73 -23.69
N THR G 162 58.23 -43.60 -25.01
CA THR G 162 57.78 -44.71 -25.82
C THR G 162 58.28 -44.56 -27.25
N ASP G 163 58.52 -45.70 -27.90
CA ASP G 163 58.79 -45.74 -29.33
C ASP G 163 57.52 -45.65 -30.19
N LYS G 164 56.34 -45.83 -29.60
CA LYS G 164 55.08 -45.86 -30.32
C LYS G 164 54.55 -44.48 -30.71
N TYR G 165 55.31 -43.41 -30.45
CA TYR G 165 54.82 -42.04 -30.62
C TYR G 165 54.24 -41.76 -32.00
N ASP G 166 54.91 -42.23 -33.06
CA ASP G 166 54.39 -42.00 -34.41
C ASP G 166 53.01 -42.61 -34.60
N GLU G 167 52.79 -43.81 -34.06
CA GLU G 167 51.49 -44.46 -34.22
C GLU G 167 50.43 -43.81 -33.35
N ILE G 168 50.80 -43.37 -32.14
CA ILE G 168 49.87 -42.62 -31.29
C ILE G 168 49.42 -41.34 -31.98
N ARG G 169 50.38 -40.58 -32.53
CA ARG G 169 50.05 -39.35 -33.23
C ARG G 169 49.15 -39.61 -34.42
N ASP G 170 49.51 -40.60 -35.26
CA ASP G 170 48.70 -40.92 -36.44
C ASP G 170 47.29 -41.33 -36.05
N GLY G 171 47.16 -42.20 -35.04
CA GLY G 171 45.84 -42.58 -34.57
C GLY G 171 45.01 -41.41 -34.08
N ILE G 172 45.62 -40.53 -33.26
CA ILE G 172 44.89 -39.38 -32.73
C ILE G 172 44.46 -38.44 -33.86
N LEU G 173 45.35 -38.15 -34.81
CA LEU G 173 45.01 -37.22 -35.87
C LEU G 173 44.06 -37.81 -36.91
N ASN G 174 43.96 -39.14 -37.00
CA ASN G 174 43.10 -39.82 -37.98
C ASN G 174 41.88 -40.49 -37.34
N MET G 175 41.42 -39.98 -36.20
CA MET G 175 40.19 -40.50 -35.59
C MET G 175 39.01 -40.38 -36.56
N PRO G 176 38.18 -41.43 -36.73
CA PRO G 176 37.02 -41.29 -37.61
C PRO G 176 35.99 -40.32 -37.04
N SER G 177 35.19 -39.76 -37.95
CA SER G 177 34.03 -38.99 -37.55
C SER G 177 32.93 -39.91 -37.03
N MET G 178 32.25 -39.48 -35.96
CA MET G 178 31.13 -40.24 -35.41
C MET G 178 29.96 -40.18 -36.38
N GLN G 179 29.47 -41.35 -36.81
CA GLN G 179 28.38 -41.49 -37.77
C GLN G 179 27.15 -42.07 -37.08
N PRO G 180 25.94 -41.51 -37.23
CA PRO G 180 24.75 -42.22 -36.75
C PRO G 180 24.49 -43.48 -37.57
N TYR G 181 24.18 -44.58 -36.86
CA TYR G 181 23.89 -45.87 -37.48
C TYR G 181 22.66 -46.56 -36.90
N ARG G 182 22.02 -46.00 -35.88
CA ARG G 182 20.95 -46.67 -35.16
C ARG G 182 20.18 -45.62 -34.38
N THR G 183 19.13 -46.08 -33.69
CA THR G 183 18.39 -45.26 -32.74
C THR G 183 17.97 -46.13 -31.57
N ASN G 184 17.57 -45.48 -30.48
CA ASN G 184 17.21 -46.16 -29.24
C ASN G 184 15.95 -45.51 -28.67
N GLN G 185 15.33 -46.22 -27.73
CA GLN G 185 14.25 -45.65 -26.93
C GLN G 185 14.65 -44.35 -26.24
N PHE G 186 15.93 -44.17 -25.91
CA PHE G 186 16.36 -43.04 -25.09
C PHE G 186 16.59 -41.77 -25.89
N ILE G 187 16.73 -41.85 -27.21
CA ILE G 187 16.85 -40.63 -28.01
C ILE G 187 15.46 -40.06 -28.19
N LYS G 188 15.38 -38.73 -28.15
CA LYS G 188 14.10 -38.04 -28.33
C LYS G 188 13.70 -38.10 -29.80
N GLN G 189 12.57 -38.78 -30.08
CA GLN G 189 12.09 -39.00 -31.44
C GLN G 189 10.75 -38.29 -31.64
N VAL G 190 10.69 -37.40 -32.63
CA VAL G 190 9.63 -36.41 -32.77
C VAL G 190 9.14 -36.41 -34.22
N PHE G 191 7.83 -36.52 -34.40
CA PHE G 191 7.22 -36.39 -35.72
C PHE G 191 7.10 -34.92 -36.12
N PHE G 192 7.46 -34.63 -37.38
CA PHE G 192 7.33 -33.29 -37.96
C PHE G 192 6.55 -33.36 -39.27
N PRO G 193 5.51 -32.54 -39.49
CA PRO G 193 4.73 -32.68 -40.73
C PRO G 193 5.48 -32.16 -41.94
N VAL G 194 5.40 -32.91 -43.04
CA VAL G 194 5.93 -32.49 -44.33
C VAL G 194 4.87 -32.81 -45.40
N GLY G 195 4.19 -31.78 -45.89
CA GLY G 195 3.24 -31.93 -46.98
C GLY G 195 2.13 -32.92 -46.72
N GLY G 196 1.63 -32.95 -45.48
CA GLY G 196 0.64 -33.92 -45.04
C GLY G 196 1.17 -35.29 -44.70
N SER G 197 2.35 -35.66 -45.19
CA SER G 197 3.12 -36.76 -44.61
C SER G 197 3.82 -36.26 -43.35
N TYR G 198 4.34 -37.20 -42.56
CA TYR G 198 5.13 -36.89 -41.37
C TYR G 198 6.49 -37.58 -41.47
N HIS G 199 7.55 -36.78 -41.30
CA HIS G 199 8.89 -37.32 -41.08
C HIS G 199 9.10 -37.56 -39.59
N LEU G 200 9.96 -38.55 -39.28
CA LEU G 200 10.28 -38.93 -37.91
C LEU G 200 11.67 -38.42 -37.56
N LEU G 201 11.72 -37.25 -36.93
CA LEU G 201 13.01 -36.66 -36.54
C LEU G 201 13.52 -37.32 -35.28
N SER G 202 14.83 -37.58 -35.24
CA SER G 202 15.55 -37.91 -34.01
C SER G 202 16.47 -36.76 -33.64
N ILE G 203 16.22 -36.16 -32.48
CA ILE G 203 16.91 -34.96 -32.05
C ILE G 203 18.18 -35.38 -31.32
N LEU G 204 19.33 -34.94 -31.82
CA LEU G 204 20.62 -35.10 -31.16
C LEU G 204 21.02 -33.78 -30.49
N PRO G 205 21.42 -33.75 -29.22
CA PRO G 205 21.95 -32.49 -28.67
C PRO G 205 23.36 -32.21 -29.17
N SER G 206 23.72 -30.94 -29.10
CA SER G 206 24.99 -30.42 -29.63
C SER G 206 25.91 -30.07 -28.48
N THR G 207 27.10 -30.66 -28.46
CA THR G 207 28.07 -30.42 -27.40
C THR G 207 29.02 -29.26 -27.68
N VAL G 208 29.39 -29.05 -28.95
CA VAL G 208 30.21 -27.89 -29.30
C VAL G 208 29.49 -26.58 -28.99
N LEU G 209 28.20 -26.51 -29.29
CA LEU G 209 27.44 -25.30 -28.96
C LEU G 209 27.25 -25.18 -27.44
N ASN G 210 27.06 -26.30 -26.75
CA ASN G 210 26.86 -26.24 -25.30
C ASN G 210 28.11 -25.73 -24.60
N TYR G 211 29.29 -26.21 -25.03
CA TYR G 211 30.53 -25.68 -24.48
C TYR G 211 30.71 -24.20 -24.83
N GLU G 212 30.50 -23.86 -26.11
CA GLU G 212 30.71 -22.48 -26.55
C GLU G 212 29.77 -21.50 -25.84
N VAL G 213 28.48 -21.83 -25.77
CA VAL G 213 27.54 -20.95 -25.09
C VAL G 213 27.85 -20.87 -23.61
N SER G 214 28.18 -22.01 -22.98
CA SER G 214 28.50 -22.01 -21.55
C SER G 214 29.75 -21.20 -21.26
N ASP G 215 30.71 -21.18 -22.18
CA ASP G 215 31.86 -20.29 -22.07
C ASP G 215 31.43 -18.83 -22.21
N ARG G 216 30.82 -18.48 -23.34
CA ARG G 216 30.55 -17.07 -23.63
C ARG G 216 29.58 -16.42 -22.64
N LEU G 217 28.60 -17.17 -22.12
CA LEU G 217 27.72 -16.61 -21.09
C LEU G 217 28.42 -16.44 -19.75
N TYR G 218 29.50 -17.17 -19.49
CA TYR G 218 30.28 -16.96 -18.27
C TYR G 218 30.91 -15.56 -18.21
N ARG G 219 31.00 -14.87 -19.35
CA ARG G 219 31.70 -13.59 -19.49
C ARG G 219 30.78 -12.48 -19.99
N SER G 220 29.46 -12.61 -19.79
CA SER G 220 28.49 -11.63 -20.28
C SER G 220 27.36 -11.42 -19.26
N LYS G 221 26.75 -10.24 -19.35
CA LYS G 221 25.71 -9.77 -18.44
C LYS G 221 24.31 -10.30 -18.76
N ILE G 222 24.14 -11.10 -19.82
CA ILE G 222 22.83 -11.58 -20.25
C ILE G 222 22.15 -12.33 -19.11
N PRO G 223 20.82 -12.25 -18.95
CA PRO G 223 20.14 -13.14 -17.99
C PRO G 223 20.33 -14.61 -18.34
N LYS G 224 20.91 -15.34 -17.40
CA LYS G 224 21.37 -16.70 -17.63
C LYS G 224 21.11 -17.57 -16.41
N ILE G 225 20.99 -18.88 -16.66
CA ILE G 225 20.74 -19.89 -15.65
C ILE G 225 21.87 -20.90 -15.76
N ARG G 226 22.30 -21.44 -14.62
CA ARG G 226 23.25 -22.54 -14.58
C ARG G 226 22.52 -23.83 -14.23
N LEU G 227 22.61 -24.82 -15.12
CA LEU G 227 22.21 -26.18 -14.81
C LEU G 227 23.35 -26.85 -14.06
N ARG G 228 23.03 -27.47 -12.91
CA ARG G 228 24.03 -28.00 -11.99
C ARG G 228 23.73 -29.46 -11.64
N LEU G 229 23.14 -30.19 -12.57
CA LEU G 229 22.49 -31.47 -12.28
C LEU G 229 23.40 -32.69 -12.45
N LEU G 230 24.20 -32.73 -13.52
CA LEU G 230 25.09 -33.87 -13.74
C LEU G 230 26.10 -34.02 -12.61
N SER G 231 26.23 -35.25 -12.11
CA SER G 231 27.39 -35.63 -11.32
C SER G 231 28.61 -35.81 -12.21
N SER G 232 29.78 -35.86 -11.57
CA SER G 232 31.01 -36.16 -12.29
C SER G 232 30.97 -37.55 -12.91
N ASN G 233 30.45 -38.53 -12.18
CA ASN G 233 30.35 -39.90 -12.72
C ASN G 233 29.41 -39.94 -13.92
N ALA G 234 28.25 -39.30 -13.81
CA ALA G 234 27.31 -39.23 -14.93
C ALA G 234 27.92 -38.52 -16.13
N ALA G 235 28.56 -37.37 -15.88
CA ALA G 235 29.23 -36.63 -16.96
C ALA G 235 30.32 -37.47 -17.63
N SER G 236 31.09 -38.22 -16.85
CA SER G 236 32.12 -39.09 -17.43
C SER G 236 31.53 -40.14 -18.34
N THR G 237 30.40 -40.73 -17.95
CA THR G 237 29.76 -41.78 -18.75
C THR G 237 29.02 -41.27 -19.97
N THR G 238 28.80 -39.96 -20.11
CA THR G 238 28.47 -39.42 -21.42
C THR G 238 29.61 -39.57 -22.41
N GLY G 239 30.84 -39.71 -21.93
CA GLY G 239 31.98 -40.03 -22.76
C GLY G 239 32.54 -38.87 -23.55
N SER G 240 31.93 -37.69 -23.47
CA SER G 240 32.48 -36.51 -24.12
C SER G 240 33.60 -35.90 -23.29
N ARG G 241 34.56 -35.30 -23.99
CA ARG G 241 35.55 -34.42 -23.37
C ARG G 241 34.91 -33.14 -22.86
N LEU G 242 34.16 -32.46 -23.74
CA LEU G 242 33.59 -31.16 -23.39
C LEU G 242 32.57 -31.26 -22.27
N VAL G 243 31.80 -32.35 -22.25
CA VAL G 243 30.81 -32.52 -21.18
C VAL G 243 31.51 -32.77 -19.85
N SER G 244 32.64 -33.47 -19.85
CA SER G 244 33.41 -33.62 -18.63
C SER G 244 33.97 -32.28 -18.18
N LYS G 245 34.45 -31.45 -19.11
CA LYS G 245 34.85 -30.09 -18.75
C LYS G 245 33.65 -29.25 -18.30
N ASN G 246 32.49 -29.43 -18.93
CA ASN G 246 31.36 -28.50 -18.83
C ASN G 246 30.16 -29.16 -18.15
N LYS G 247 30.43 -29.95 -17.10
CA LYS G 247 29.38 -30.72 -16.42
C LYS G 247 28.21 -29.86 -15.94
N TRP G 248 28.47 -28.63 -15.49
CA TRP G 248 27.45 -27.70 -15.00
C TRP G 248 27.36 -26.48 -15.91
N PRO G 249 26.68 -26.59 -17.06
CA PRO G 249 26.67 -25.50 -18.04
C PRO G 249 25.80 -24.31 -17.67
N LEU G 250 26.20 -23.15 -18.15
CA LEU G 250 25.35 -21.96 -18.21
C LEU G 250 24.51 -21.97 -19.50
N VAL G 251 23.27 -21.47 -19.39
CA VAL G 251 22.32 -21.46 -20.50
C VAL G 251 21.46 -20.19 -20.44
N PHE G 252 20.90 -19.83 -21.60
CA PHE G 252 20.07 -18.63 -21.69
C PHE G 252 18.78 -18.80 -20.90
N GLN G 253 18.42 -17.75 -20.16
CA GLN G 253 17.13 -17.67 -19.46
C GLN G 253 16.11 -17.04 -20.40
N ALA G 254 15.45 -17.86 -21.20
CA ALA G 254 14.36 -17.42 -22.08
C ALA G 254 13.03 -17.49 -21.35
N LEU G 255 12.72 -16.43 -20.59
CA LEU G 255 11.51 -16.32 -19.77
C LEU G 255 10.64 -15.15 -20.22
N PRO G 256 9.31 -15.20 -20.03
CA PRO G 256 8.46 -14.02 -20.27
C PRO G 256 8.91 -12.78 -19.51
N PRO G 257 8.39 -11.60 -19.87
CA PRO G 257 8.63 -10.39 -19.07
C PRO G 257 8.32 -10.59 -17.59
N LYS G 258 9.17 -9.98 -16.74
CA LYS G 258 9.15 -10.24 -15.31
C LYS G 258 7.80 -9.92 -14.66
N PHE G 259 7.08 -8.91 -15.15
CA PHE G 259 5.77 -8.58 -14.58
C PHE G 259 4.74 -9.71 -14.73
N LEU G 260 4.97 -10.69 -15.61
CA LEU G 260 4.06 -11.82 -15.79
C LEU G 260 4.39 -13.02 -14.90
N GLU G 261 5.35 -12.91 -13.99
CA GLU G 261 5.60 -14.00 -13.06
C GLU G 261 4.43 -14.18 -12.11
N LYS G 262 4.06 -15.44 -11.86
CA LYS G 262 3.06 -15.75 -10.86
C LYS G 262 3.53 -15.32 -9.47
N ASN G 263 2.61 -14.75 -8.70
CA ASN G 263 2.86 -14.35 -7.33
C ASN G 263 1.56 -14.46 -6.55
N LEU G 264 1.68 -14.42 -5.21
CA LEU G 264 0.53 -14.61 -4.35
C LEU G 264 -0.53 -13.54 -4.58
N ALA G 265 -0.10 -12.30 -4.85
CA ALA G 265 -1.04 -11.23 -5.15
C ALA G 265 -1.90 -11.55 -6.37
N LYS G 266 -1.27 -12.01 -7.45
CA LYS G 266 -2.02 -12.44 -8.63
C LYS G 266 -2.92 -13.64 -8.31
N ALA G 267 -2.44 -14.57 -7.48
CA ALA G 267 -3.22 -15.76 -7.18
C ALA G 267 -4.45 -15.45 -6.34
N LEU G 268 -4.30 -14.62 -5.30
CA LEU G 268 -5.45 -14.23 -4.49
C LEU G 268 -6.46 -13.42 -5.29
N ASP G 269 -6.02 -12.67 -6.29
CA ASP G 269 -6.94 -11.95 -7.18
C ASP G 269 -7.84 -12.87 -7.99
N LYS G 270 -7.56 -14.18 -8.04
CA LYS G 270 -8.37 -15.16 -8.76
C LYS G 270 -9.01 -16.19 -7.82
N GLU G 271 -9.02 -15.94 -6.51
CA GLU G 271 -9.79 -16.69 -5.53
C GLU G 271 -10.84 -15.77 -4.93
N TYR G 272 -12.04 -16.29 -4.71
CA TYR G 272 -13.24 -15.49 -4.50
C TYR G 272 -13.84 -15.74 -3.12
N LEU G 273 -14.45 -14.70 -2.56
CA LEU G 273 -15.05 -14.74 -1.24
C LEU G 273 -16.44 -15.35 -1.27
N LEU G 274 -16.82 -16.00 -0.17
CA LEU G 274 -18.18 -16.46 0.11
C LEU G 274 -18.67 -15.92 1.46
N PRO G 275 -19.98 -15.72 1.65
CA PRO G 275 -20.49 -15.42 2.98
C PRO G 275 -20.45 -16.63 3.91
N ASP G 276 -20.43 -16.32 5.22
CA ASP G 276 -20.42 -17.36 6.25
C ASP G 276 -21.80 -17.85 6.65
N ILE G 277 -22.84 -17.02 6.50
CA ILE G 277 -24.19 -17.49 6.83
C ILE G 277 -24.63 -18.54 5.82
N ASN G 278 -25.64 -19.34 6.22
CA ASN G 278 -26.30 -20.29 5.34
C ASN G 278 -27.78 -19.91 5.23
N ILE G 279 -28.20 -19.57 4.02
CA ILE G 279 -29.60 -19.26 3.73
C ILE G 279 -30.55 -20.44 3.92
N ASP G 280 -30.03 -21.67 4.02
CA ASP G 280 -30.84 -22.83 4.33
C ASP G 280 -31.06 -23.06 5.83
N GLU G 281 -30.44 -22.24 6.69
CA GLU G 281 -30.52 -22.40 8.14
C GLU G 281 -30.99 -21.15 8.86
N LEU G 282 -30.89 -19.97 8.24
CA LEU G 282 -31.41 -18.74 8.83
C LEU G 282 -32.92 -18.83 9.01
N GLU G 283 -33.36 -18.78 10.27
CA GLU G 283 -34.78 -18.56 10.54
C GLU G 283 -35.16 -17.15 10.09
N GLY G 284 -36.13 -17.08 9.17
CA GLY G 284 -36.42 -15.87 8.42
C GLY G 284 -35.95 -15.88 6.99
N VAL G 285 -35.33 -16.96 6.53
CA VAL G 285 -35.15 -17.24 5.11
C VAL G 285 -35.85 -18.55 4.81
N ASP G 286 -36.52 -18.62 3.67
CA ASP G 286 -37.13 -19.84 3.18
C ASP G 286 -37.14 -19.81 1.66
N ASN G 287 -36.97 -20.99 1.06
CA ASN G 287 -36.84 -21.18 -0.38
C ASN G 287 -35.91 -20.14 -1.01
N GLY G 288 -34.76 -19.93 -0.37
CA GLY G 288 -33.76 -18.98 -0.80
C GLY G 288 -34.11 -17.50 -0.69
N CYS G 289 -35.34 -17.15 -0.30
CA CYS G 289 -35.80 -15.77 -0.24
C CYS G 289 -35.78 -15.31 1.21
N LEU G 290 -35.32 -14.08 1.43
CA LEU G 290 -35.42 -13.47 2.75
C LEU G 290 -36.88 -13.23 3.08
N ILE G 291 -37.38 -13.92 4.12
CA ILE G 291 -38.78 -13.84 4.50
C ILE G 291 -38.95 -12.89 5.68
N ASP G 292 -37.92 -12.76 6.53
CA ASP G 292 -37.93 -11.85 7.67
C ASP G 292 -37.10 -10.61 7.36
N GLU G 293 -37.68 -9.44 7.64
CA GLU G 293 -36.90 -8.20 7.59
C GLU G 293 -35.79 -8.15 8.63
N ALA G 294 -35.98 -8.82 9.76
CA ALA G 294 -35.08 -8.65 10.91
C ALA G 294 -33.65 -9.07 10.64
N LEU G 295 -33.40 -9.91 9.64
CA LEU G 295 -32.05 -10.36 9.34
C LEU G 295 -31.22 -9.38 8.51
N LEU G 296 -31.83 -8.32 7.97
CA LEU G 296 -31.12 -7.39 7.09
C LEU G 296 -29.82 -6.84 7.67
N PRO G 297 -29.73 -6.46 8.96
CA PRO G 297 -28.42 -6.05 9.48
C PRO G 297 -27.38 -7.16 9.40
N LEU G 298 -27.77 -8.43 9.53
CA LEU G 298 -26.80 -9.51 9.38
C LEU G 298 -26.27 -9.61 7.95
N ILE G 299 -27.15 -9.48 6.95
CA ILE G 299 -26.72 -9.56 5.56
C ILE G 299 -25.84 -8.37 5.21
N ILE G 300 -26.22 -7.18 5.69
CA ILE G 300 -25.42 -5.98 5.48
C ILE G 300 -24.05 -6.13 6.12
N ASP G 301 -24.01 -6.55 7.38
CA ASP G 301 -22.76 -6.72 8.10
C ASP G 301 -21.89 -7.78 7.46
N GLU G 302 -22.48 -8.87 6.97
CA GLU G 302 -21.70 -9.88 6.27
C GLU G 302 -21.04 -9.31 5.02
N GLY G 303 -21.81 -8.53 4.25
CA GLY G 303 -21.24 -7.85 3.09
C GLY G 303 -20.10 -6.91 3.46
N LYS G 304 -20.31 -6.09 4.48
CA LYS G 304 -19.27 -5.18 4.96
C LYS G 304 -18.02 -5.95 5.39
N ARG G 305 -18.20 -6.92 6.29
CA ARG G 305 -17.10 -7.65 6.90
C ARG G 305 -16.25 -8.37 5.86
N LYS G 306 -16.90 -9.00 4.87
CA LYS G 306 -16.15 -9.66 3.81
C LYS G 306 -15.53 -8.65 2.84
N GLY G 307 -16.22 -7.56 2.54
CA GLY G 307 -15.82 -6.71 1.44
C GLY G 307 -14.60 -5.84 1.69
N GLU G 308 -14.34 -5.46 2.94
CA GLU G 308 -13.30 -4.48 3.29
C GLU G 308 -11.91 -4.79 2.72
N GLY G 309 -11.44 -3.91 1.83
CA GLY G 309 -10.14 -4.02 1.21
C GLY G 309 -10.02 -5.03 0.09
N ASN G 310 -11.06 -5.81 -0.19
CA ASN G 310 -11.03 -6.86 -1.21
C ASN G 310 -11.58 -6.40 -2.56
N TYR G 311 -11.42 -5.11 -2.90
CA TYR G 311 -11.86 -4.60 -4.19
C TYR G 311 -11.19 -5.33 -5.35
N ARG G 312 -12.00 -5.71 -6.34
CA ARG G 312 -11.53 -6.27 -7.61
C ARG G 312 -11.88 -5.33 -8.77
N PRO G 313 -10.94 -4.89 -9.60
CA PRO G 313 -11.32 -4.13 -10.80
C PRO G 313 -12.08 -4.98 -11.80
N ARG G 314 -12.85 -4.28 -12.65
CA ARG G 314 -13.91 -4.88 -13.47
C ARG G 314 -13.41 -6.06 -14.31
N HIS G 315 -12.21 -5.96 -14.89
CA HIS G 315 -11.72 -7.05 -15.71
C HIS G 315 -11.38 -8.29 -14.90
N LEU G 316 -11.14 -8.16 -13.60
CA LEU G 316 -10.85 -9.29 -12.72
C LEU G 316 -12.08 -9.81 -11.98
N ARG G 317 -13.18 -9.07 -11.96
CA ARG G 317 -14.38 -9.52 -11.26
C ARG G 317 -14.96 -10.79 -11.89
N ASP G 318 -15.74 -11.51 -11.09
CA ASP G 318 -16.61 -12.56 -11.62
C ASP G 318 -17.70 -11.95 -12.49
N GLU G 319 -17.94 -12.57 -13.64
CA GLU G 319 -19.13 -12.28 -14.42
C GLU G 319 -20.37 -12.82 -13.72
N ARG G 320 -21.39 -11.98 -13.59
CA ARG G 320 -22.69 -12.48 -13.16
C ARG G 320 -23.29 -13.33 -14.28
N LYS G 321 -23.46 -14.62 -14.00
CA LYS G 321 -23.91 -15.60 -14.99
C LYS G 321 -25.36 -15.97 -14.76
N GLU G 322 -26.15 -15.94 -15.84
CA GLU G 322 -27.54 -16.36 -15.77
C GLU G 322 -27.68 -17.82 -15.35
N GLU G 323 -26.69 -18.65 -15.68
CA GLU G 323 -26.67 -20.03 -15.21
C GLU G 323 -26.68 -20.12 -13.69
N THR G 324 -25.93 -19.25 -13.02
CA THR G 324 -25.90 -19.26 -11.56
C THR G 324 -27.27 -18.91 -10.98
N VAL G 325 -27.91 -17.87 -11.52
CA VAL G 325 -29.24 -17.48 -11.05
C VAL G 325 -30.24 -18.60 -11.32
N GLN G 326 -30.18 -19.22 -12.49
CA GLN G 326 -31.07 -20.33 -12.82
C GLN G 326 -30.86 -21.51 -11.87
N ALA G 327 -29.61 -21.86 -11.58
CA ALA G 327 -29.36 -22.98 -10.67
C ALA G 327 -29.83 -22.67 -9.26
N PHE G 328 -29.68 -21.41 -8.84
CA PHE G 328 -30.25 -20.97 -7.56
C PHE G 328 -31.77 -21.16 -7.54
N LEU G 329 -32.44 -20.67 -8.59
CA LEU G 329 -33.90 -20.83 -8.68
C LEU G 329 -34.31 -22.30 -8.72
N ASP G 330 -33.57 -23.12 -9.46
CA ASP G 330 -33.83 -24.56 -9.52
C ASP G 330 -33.71 -25.22 -8.15
N LYS G 331 -32.70 -24.84 -7.35
CA LYS G 331 -32.54 -25.44 -6.03
C LYS G 331 -33.78 -25.26 -5.17
N TYR G 332 -34.45 -24.12 -5.29
CA TYR G 332 -35.66 -23.81 -4.52
C TYR G 332 -36.95 -23.98 -5.33
N GLY G 333 -36.86 -24.46 -6.58
CA GLY G 333 -38.03 -24.82 -7.33
C GLY G 333 -38.79 -23.70 -8.00
N TYR G 334 -38.14 -22.57 -8.28
CA TYR G 334 -38.76 -21.52 -9.07
C TYR G 334 -38.47 -21.72 -10.56
N CYS G 335 -39.45 -21.37 -11.39
CA CYS G 335 -39.19 -21.21 -12.82
C CYS G 335 -38.54 -19.86 -13.11
N ASN G 336 -38.95 -18.82 -12.36
CA ASN G 336 -38.52 -17.46 -12.59
C ASN G 336 -38.40 -16.76 -11.24
N ILE G 337 -37.72 -15.62 -11.23
CA ILE G 337 -37.65 -14.76 -10.06
C ILE G 337 -39.09 -14.36 -9.71
N PRO G 338 -39.58 -14.58 -8.48
CA PRO G 338 -40.97 -14.20 -8.18
C PRO G 338 -41.22 -12.70 -8.30
N VAL G 339 -42.49 -12.37 -8.50
CA VAL G 339 -42.94 -10.99 -8.72
C VAL G 339 -42.56 -10.13 -7.52
N GLY G 340 -41.77 -9.09 -7.77
CA GLY G 340 -41.36 -8.15 -6.74
C GLY G 340 -40.09 -8.45 -6.00
N TYR G 341 -39.29 -9.41 -6.46
CA TYR G 341 -38.05 -9.81 -5.80
C TYR G 341 -36.88 -9.73 -6.78
N GLU G 342 -35.68 -9.55 -6.22
CA GLU G 342 -34.44 -9.54 -6.99
C GLU G 342 -33.39 -10.35 -6.26
N VAL G 343 -32.57 -11.07 -7.02
CA VAL G 343 -31.49 -11.89 -6.47
C VAL G 343 -30.26 -11.02 -6.24
N HIS G 344 -29.75 -11.07 -5.00
CA HIS G 344 -28.65 -10.24 -4.51
C HIS G 344 -27.48 -11.12 -4.10
N HIS G 345 -26.27 -10.59 -4.27
CA HIS G 345 -25.05 -11.24 -3.80
C HIS G 345 -24.69 -10.68 -2.43
N ILE G 346 -24.62 -11.56 -1.42
CA ILE G 346 -24.40 -11.16 -0.04
C ILE G 346 -23.06 -10.43 0.10
N VAL G 347 -22.03 -10.93 -0.58
CA VAL G 347 -20.77 -10.21 -0.78
C VAL G 347 -20.78 -9.64 -2.19
N PRO G 348 -20.68 -8.31 -2.38
CA PRO G 348 -20.74 -7.77 -3.74
C PRO G 348 -19.60 -8.26 -4.62
N LEU G 349 -19.91 -8.48 -5.90
CA LEU G 349 -18.92 -8.99 -6.85
C LEU G 349 -17.77 -8.02 -7.05
N SER G 350 -18.02 -6.73 -6.92
CA SER G 350 -16.94 -5.75 -7.00
C SER G 350 -16.01 -5.79 -5.79
N GLN G 351 -16.46 -6.37 -4.67
CA GLN G 351 -15.69 -6.42 -3.43
C GLN G 351 -15.24 -7.84 -3.07
N GLY G 352 -15.09 -8.70 -4.08
CA GLY G 352 -14.56 -10.04 -3.90
C GLY G 352 -15.57 -11.16 -4.00
N GLY G 353 -16.86 -10.85 -3.93
CA GLY G 353 -17.87 -11.91 -3.89
C GLY G 353 -17.81 -12.81 -5.12
N ALA G 354 -17.99 -14.11 -4.89
CA ALA G 354 -18.15 -15.06 -5.97
C ALA G 354 -19.56 -14.99 -6.53
N ASP G 355 -19.68 -15.20 -7.85
CA ASP G 355 -20.97 -15.47 -8.49
C ASP G 355 -21.28 -16.96 -8.34
N SER G 356 -21.84 -17.30 -7.18
CA SER G 356 -22.19 -18.69 -6.84
C SER G 356 -23.47 -18.71 -6.03
N ILE G 357 -24.10 -19.89 -6.02
CA ILE G 357 -25.32 -20.11 -5.23
C ILE G 357 -25.08 -19.79 -3.77
N LYS G 358 -23.91 -20.17 -3.25
CA LYS G 358 -23.59 -19.92 -1.84
C LYS G 358 -23.47 -18.44 -1.50
N ASN G 359 -23.27 -17.56 -2.48
CA ASN G 359 -23.22 -16.12 -2.26
C ASN G 359 -24.53 -15.40 -2.55
N MET G 360 -25.48 -16.03 -3.24
CA MET G 360 -26.73 -15.37 -3.56
C MET G 360 -27.71 -15.38 -2.38
N ILE G 361 -28.57 -14.36 -2.36
CA ILE G 361 -29.80 -14.35 -1.59
C ILE G 361 -30.81 -13.56 -2.40
N MET G 362 -32.10 -13.89 -2.24
CA MET G 362 -33.18 -13.21 -2.94
C MET G 362 -33.94 -12.30 -1.98
N LEU G 363 -34.07 -11.04 -2.35
CA LEU G 363 -34.64 -9.98 -1.53
C LEU G 363 -35.82 -9.33 -2.24
N SER G 364 -36.73 -8.76 -1.44
CA SER G 364 -37.73 -7.86 -1.98
C SER G 364 -37.08 -6.57 -2.47
N ILE G 365 -37.75 -5.91 -3.42
CA ILE G 365 -37.21 -4.72 -4.09
C ILE G 365 -36.82 -3.64 -3.10
N GLU G 366 -37.67 -3.38 -2.10
CA GLU G 366 -37.34 -2.33 -1.13
C GLU G 366 -36.19 -2.75 -0.21
N HIS G 367 -36.19 -4.01 0.23
CA HIS G 367 -35.06 -4.50 1.02
C HIS G 367 -33.79 -4.56 0.20
N HIS G 368 -33.91 -4.94 -1.07
CA HIS G 368 -32.77 -4.92 -1.98
C HIS G 368 -32.20 -3.52 -2.10
N GLU G 369 -33.08 -2.52 -2.26
CA GLU G 369 -32.65 -1.12 -2.30
C GLU G 369 -31.93 -0.72 -1.03
N ARG G 370 -32.48 -1.08 0.13
CA ARG G 370 -31.87 -0.72 1.40
C ARG G 370 -30.47 -1.34 1.56
N VAL G 371 -30.33 -2.62 1.25
CA VAL G 371 -29.02 -3.27 1.34
C VAL G 371 -28.04 -2.66 0.35
N THR G 372 -28.48 -2.43 -0.89
CA THR G 372 -27.64 -1.81 -1.90
C THR G 372 -27.16 -0.43 -1.45
N GLU G 373 -28.07 0.38 -0.90
CA GLU G 373 -27.71 1.71 -0.41
C GLU G 373 -26.69 1.63 0.71
N ALA G 374 -26.91 0.72 1.68
CA ALA G 374 -25.94 0.56 2.77
C ALA G 374 -24.56 0.16 2.28
N HIS G 375 -24.49 -0.82 1.37
CA HIS G 375 -23.18 -1.22 0.83
C HIS G 375 -22.52 -0.11 0.01
N ALA G 376 -23.29 0.60 -0.81
CA ALA G 376 -22.74 1.74 -1.54
C ALA G 376 -22.19 2.79 -0.59
N SER G 377 -22.90 3.07 0.50
CA SER G 377 -22.42 4.04 1.49
C SER G 377 -21.14 3.56 2.16
N TYR G 378 -21.05 2.26 2.45
CA TYR G 378 -19.88 1.76 3.18
C TYR G 378 -18.65 1.67 2.29
N PHE G 379 -18.80 1.19 1.05
CA PHE G 379 -17.69 1.03 0.13
C PHE G 379 -17.43 2.26 -0.73
N LYS G 380 -18.21 3.33 -0.57
CA LYS G 380 -17.97 4.60 -1.28
C LYS G 380 -18.10 4.43 -2.79
N TRP G 381 -19.09 3.66 -3.23
CA TRP G 381 -19.36 3.50 -4.66
C TRP G 381 -19.81 4.83 -5.25
N LYS H 3 -12.58 -19.95 -43.67
CA LYS H 3 -11.54 -19.78 -42.61
C LYS H 3 -12.14 -19.13 -41.36
N GLY H 4 -11.53 -19.38 -40.22
CA GLY H 4 -12.01 -18.81 -38.96
C GLY H 4 -10.96 -18.94 -37.89
N TYR H 5 -11.24 -18.30 -36.76
CA TYR H 5 -10.29 -18.18 -35.64
C TYR H 5 -10.92 -18.64 -34.35
N ILE H 6 -10.30 -19.61 -33.69
CA ILE H 6 -10.74 -20.17 -32.41
C ILE H 6 -9.68 -19.84 -31.37
N LEU H 7 -10.12 -19.28 -30.24
CA LEU H 7 -9.25 -18.96 -29.11
C LEU H 7 -9.48 -19.96 -27.99
N LEU H 8 -8.40 -20.59 -27.54
CA LEU H 8 -8.38 -21.36 -26.30
C LEU H 8 -7.88 -20.44 -25.19
N GLU H 9 -8.75 -20.07 -24.26
CA GLU H 9 -8.54 -18.91 -23.40
C GLU H 9 -8.02 -19.34 -22.03
N LYS H 10 -6.85 -18.82 -21.67
CA LYS H 10 -6.24 -18.96 -20.33
C LYS H 10 -6.14 -20.42 -19.88
N VAL H 11 -5.48 -21.22 -20.70
CA VAL H 11 -5.16 -22.60 -20.35
C VAL H 11 -4.02 -22.61 -19.32
N ASN H 12 -4.18 -23.43 -18.28
CA ASN H 12 -3.14 -23.62 -17.26
C ASN H 12 -2.41 -24.94 -17.51
N ILE H 13 -1.08 -24.87 -17.62
CA ILE H 13 -0.22 -26.02 -17.90
C ILE H 13 0.71 -26.23 -16.73
N GLU H 14 0.73 -27.45 -16.19
CA GLU H 14 1.69 -27.85 -15.17
C GLU H 14 2.84 -28.63 -15.79
N ASN H 15 4.07 -28.31 -15.35
CA ASN H 15 5.29 -29.05 -15.69
C ASN H 15 5.50 -29.21 -17.20
N ALA H 16 5.32 -28.12 -17.95
CA ALA H 16 5.79 -28.11 -19.32
C ALA H 16 7.30 -28.31 -19.37
N ASN H 17 7.77 -29.08 -20.37
CA ASN H 17 9.19 -29.35 -20.51
C ASN H 17 9.92 -28.08 -20.90
N ALA H 18 10.67 -27.50 -19.95
CA ALA H 18 11.26 -26.19 -20.11
C ALA H 18 12.68 -26.21 -20.65
N PHE H 19 13.34 -27.37 -20.73
CA PHE H 19 14.75 -27.46 -21.06
C PHE H 19 14.97 -27.82 -22.53
N ASN H 20 15.77 -27.02 -23.21
CA ASN H 20 16.35 -27.32 -24.52
C ASN H 20 17.87 -27.19 -24.40
N ASN H 21 18.57 -27.77 -25.40
CA ASN H 21 20.03 -27.96 -25.34
C ASN H 21 20.78 -26.68 -24.99
N ILE H 22 20.27 -25.52 -25.42
CA ILE H 22 20.90 -24.22 -25.18
C ILE H 22 20.07 -23.33 -24.26
N ILE H 23 18.82 -23.70 -23.98
CA ILE H 23 17.84 -22.76 -23.43
C ILE H 23 17.08 -23.46 -22.30
N VAL H 24 16.83 -22.70 -21.23
CA VAL H 24 15.92 -23.08 -20.15
C VAL H 24 14.87 -21.99 -20.05
N GLY H 25 13.60 -22.40 -20.00
CA GLY H 25 12.50 -21.46 -19.90
C GLY H 25 11.31 -21.80 -20.78
N ILE H 26 10.97 -20.87 -21.67
CA ILE H 26 9.86 -21.07 -22.61
C ILE H 26 10.12 -22.33 -23.45
N PRO H 27 9.17 -23.27 -23.58
CA PRO H 27 9.39 -24.44 -24.44
C PRO H 27 9.70 -24.06 -25.88
N ALA H 28 10.14 -25.05 -26.64
CA ALA H 28 10.30 -24.88 -28.08
C ALA H 28 8.95 -24.55 -28.72
N ILE H 29 9.01 -23.71 -29.76
CA ILE H 29 7.81 -23.34 -30.52
C ILE H 29 7.19 -24.59 -31.14
N THR H 30 8.04 -25.51 -31.59
CA THR H 30 7.58 -26.77 -32.15
C THR H 30 6.73 -27.56 -31.16
N SER H 31 6.96 -27.40 -29.85
CA SER H 31 6.12 -28.07 -28.86
C SER H 31 4.67 -27.61 -28.98
N PHE H 32 4.46 -26.30 -29.07
CA PHE H 32 3.10 -25.76 -29.17
C PHE H 32 2.46 -26.10 -30.51
N LEU H 33 3.21 -25.95 -31.61
CA LEU H 33 2.61 -26.26 -32.91
C LEU H 33 2.35 -27.75 -33.05
N GLY H 34 3.21 -28.61 -32.51
CA GLY H 34 2.92 -30.03 -32.48
C GLY H 34 1.70 -30.38 -31.65
N PHE H 35 1.50 -29.67 -30.53
CA PHE H 35 0.25 -29.80 -29.78
C PHE H 35 -0.96 -29.46 -30.67
N ALA H 36 -0.89 -28.34 -31.39
CA ALA H 36 -1.98 -27.97 -32.28
C ALA H 36 -2.22 -29.03 -33.36
N ARG H 37 -1.14 -29.60 -33.91
CA ARG H 37 -1.27 -30.68 -34.88
C ARG H 37 -1.91 -31.93 -34.27
N ALA H 38 -1.55 -32.25 -33.03
CA ALA H 38 -2.18 -33.38 -32.34
C ALA H 38 -3.67 -33.14 -32.14
N LEU H 39 -4.04 -31.91 -31.80
CA LEU H 39 -5.46 -31.57 -31.71
C LEU H 39 -6.17 -31.73 -33.04
N GLU H 40 -5.53 -31.28 -34.13
CA GLU H 40 -6.06 -31.53 -35.47
C GLU H 40 -6.29 -33.02 -35.71
N ARG H 41 -5.29 -33.85 -35.42
CA ARG H 41 -5.42 -35.28 -35.67
C ARG H 41 -6.53 -35.90 -34.82
N LYS H 42 -6.67 -35.47 -33.57
CA LYS H 42 -7.76 -35.95 -32.72
C LYS H 42 -9.12 -35.56 -33.28
N LEU H 43 -9.27 -34.31 -33.71
CA LEU H 43 -10.53 -33.88 -34.30
C LEU H 43 -10.83 -34.63 -35.60
N ASN H 44 -9.82 -34.80 -36.45
CA ASN H 44 -10.02 -35.48 -37.73
C ASN H 44 -10.39 -36.93 -37.53
N ALA H 45 -9.83 -37.59 -36.52
CA ALA H 45 -10.20 -38.98 -36.24
C ALA H 45 -11.65 -39.11 -35.78
N LYS H 46 -12.26 -38.04 -35.28
CA LYS H 46 -13.69 -37.99 -35.00
C LYS H 46 -14.52 -37.57 -36.21
N GLU H 47 -13.90 -37.38 -37.38
CA GLU H 47 -14.55 -36.92 -38.61
C GLU H 47 -15.09 -35.48 -38.51
N ILE H 48 -14.57 -34.66 -37.59
CA ILE H 48 -14.89 -33.24 -37.60
C ILE H 48 -14.19 -32.54 -38.78
N ALA H 49 -13.14 -33.15 -39.33
CA ALA H 49 -12.46 -32.72 -40.55
C ALA H 49 -11.88 -31.31 -40.48
N ILE H 50 -11.77 -30.71 -39.29
CA ILE H 50 -11.05 -29.46 -39.15
C ILE H 50 -9.58 -29.67 -39.48
N ARG H 51 -8.95 -28.63 -40.07
CA ARG H 51 -7.51 -28.52 -40.16
C ARG H 51 -7.07 -27.18 -39.60
N ILE H 52 -5.92 -27.17 -38.93
CA ILE H 52 -5.42 -26.01 -38.19
C ILE H 52 -4.10 -25.59 -38.84
N ASN H 53 -4.13 -24.45 -39.54
CA ASN H 53 -2.99 -24.00 -40.35
C ASN H 53 -1.97 -23.17 -39.58
N GLY H 54 -2.31 -22.62 -38.42
CA GLY H 54 -1.35 -21.80 -37.69
C GLY H 54 -1.83 -21.51 -36.28
N VAL H 55 -0.88 -21.07 -35.44
CA VAL H 55 -1.10 -20.90 -34.01
C VAL H 55 -0.53 -19.55 -33.58
N GLY H 56 -1.27 -18.86 -32.70
CA GLY H 56 -0.78 -17.69 -31.99
C GLY H 56 -0.70 -17.91 -30.49
N LEU H 57 0.47 -17.67 -29.91
CA LEU H 57 0.78 -18.01 -28.52
C LEU H 57 0.81 -16.73 -27.68
N GLU H 58 -0.12 -16.62 -26.72
CA GLU H 58 -0.22 -15.46 -25.85
C GLU H 58 0.04 -15.87 -24.41
N PHE H 59 1.07 -15.30 -23.80
CA PHE H 59 1.41 -15.59 -22.41
C PHE H 59 0.60 -14.72 -21.46
N HIS H 60 0.13 -15.32 -20.36
CA HIS H 60 -0.58 -14.61 -19.30
C HIS H 60 0.09 -14.72 -17.94
N GLU H 61 0.64 -15.89 -17.60
CA GLU H 61 1.41 -16.07 -16.38
C GLU H 61 2.43 -17.17 -16.62
N TYR H 62 3.49 -17.17 -15.82
CA TYR H 62 4.41 -18.30 -15.79
C TYR H 62 4.99 -18.45 -14.39
N GLU H 63 5.45 -19.67 -14.10
CA GLU H 63 6.29 -19.91 -12.94
C GLU H 63 7.26 -21.03 -13.29
N LEU H 64 8.54 -20.70 -13.41
CA LEU H 64 9.56 -21.72 -13.56
C LEU H 64 9.70 -22.48 -12.24
N LYS H 65 9.71 -23.80 -12.31
CA LYS H 65 9.84 -24.62 -11.10
C LYS H 65 11.24 -24.43 -10.53
N GLY H 66 11.31 -23.67 -9.45
CA GLY H 66 12.58 -23.23 -8.92
C GLY H 66 12.39 -22.07 -7.96
N TYR H 67 13.52 -21.52 -7.52
CA TYR H 67 13.53 -20.34 -6.68
C TYR H 67 14.65 -19.42 -7.14
N LYS H 68 14.56 -18.16 -6.73
CA LYS H 68 15.60 -17.17 -7.00
C LYS H 68 16.64 -17.17 -5.88
N ASN H 69 17.90 -17.34 -6.27
CA ASN H 69 19.02 -17.07 -5.38
C ASN H 69 18.98 -15.62 -4.93
N LYS H 70 19.69 -15.32 -3.83
CA LYS H 70 19.85 -13.93 -3.42
C LYS H 70 20.54 -13.10 -4.51
N ARG H 71 21.39 -13.73 -5.32
CA ARG H 71 21.96 -13.12 -6.52
C ARG H 71 20.98 -13.08 -7.70
N GLY H 72 19.69 -13.36 -7.48
CA GLY H 72 18.66 -13.20 -8.49
C GLY H 72 18.54 -14.32 -9.51
N GLN H 73 19.56 -15.15 -9.69
CA GLN H 73 19.45 -16.24 -10.64
C GLN H 73 18.46 -17.31 -10.15
N TYR H 74 17.75 -17.91 -11.10
CA TYR H 74 16.92 -19.08 -10.81
C TYR H 74 17.78 -20.31 -10.56
N VAL H 75 17.28 -21.19 -9.68
CA VAL H 75 17.78 -22.56 -9.52
C VAL H 75 16.65 -23.52 -9.89
N THR H 76 16.91 -24.40 -10.86
CA THR H 76 15.89 -25.29 -11.40
C THR H 76 15.65 -26.52 -10.53
N SER H 77 14.38 -26.85 -10.32
CA SER H 77 13.98 -28.06 -9.61
C SER H 77 13.93 -29.27 -10.53
N CYS H 78 14.12 -30.46 -9.94
CA CYS H 78 13.86 -31.74 -10.58
C CYS H 78 12.87 -32.58 -9.75
N PRO H 79 12.05 -33.42 -10.40
CA PRO H 79 11.48 -34.58 -9.69
C PRO H 79 12.56 -35.62 -9.39
N LEU H 80 12.44 -36.28 -8.23
CA LEU H 80 13.32 -37.39 -7.92
C LEU H 80 13.11 -38.50 -8.96
N PRO H 81 14.14 -38.92 -9.71
CA PRO H 81 13.90 -39.89 -10.79
C PRO H 81 13.54 -41.28 -10.30
N GLY H 82 12.60 -41.91 -11.01
CA GLY H 82 12.30 -43.31 -10.82
C GLY H 82 13.27 -44.20 -11.58
N SER H 83 12.90 -45.48 -11.68
CA SER H 83 13.71 -46.45 -12.40
C SER H 83 13.81 -46.08 -13.87
N ILE H 84 15.04 -45.96 -14.36
CA ILE H 84 15.34 -45.70 -15.77
C ILE H 84 15.71 -47.02 -16.44
N PRO H 85 15.12 -47.37 -17.60
CA PRO H 85 15.53 -48.62 -18.26
C PRO H 85 17.01 -48.62 -18.63
N GLY H 86 17.51 -49.81 -18.95
CA GLY H 86 18.90 -50.05 -19.24
C GLY H 86 19.58 -50.86 -18.14
N GLN H 87 20.92 -50.91 -18.23
CA GLN H 87 21.69 -51.92 -17.54
C GLN H 87 21.60 -51.82 -16.01
N ASN H 88 21.30 -50.63 -15.47
CA ASN H 88 21.34 -50.37 -14.03
C ASN H 88 19.95 -50.13 -13.43
N GLU H 89 18.89 -50.53 -14.13
CA GLU H 89 17.53 -50.13 -13.76
C GLU H 89 17.07 -50.69 -12.42
N LYS H 90 17.69 -51.76 -11.91
CA LYS H 90 17.20 -52.38 -10.68
C LYS H 90 17.49 -51.56 -9.43
N LYS H 91 18.51 -50.70 -9.44
CA LYS H 91 18.91 -50.00 -8.23
C LYS H 91 17.89 -48.94 -7.82
N LEU H 92 17.76 -48.75 -6.51
CA LEU H 92 16.77 -47.82 -5.97
C LEU H 92 17.12 -46.37 -6.28
N ASP H 93 18.40 -46.05 -6.43
CA ASP H 93 18.85 -44.72 -6.82
C ASP H 93 19.20 -44.70 -8.29
N ALA H 94 18.62 -43.76 -9.04
CA ALA H 94 18.76 -43.67 -10.48
C ALA H 94 19.35 -42.33 -10.88
N HIS H 95 20.06 -42.33 -12.01
CA HIS H 95 20.86 -41.18 -12.40
C HIS H 95 20.00 -39.96 -12.68
N ILE H 96 20.58 -38.78 -12.43
CA ILE H 96 19.92 -37.49 -12.63
C ILE H 96 20.51 -36.86 -13.90
N MET H 97 19.65 -36.60 -14.88
CA MET H 97 20.02 -35.98 -16.15
C MET H 97 19.56 -34.53 -16.18
N ASN H 98 20.07 -33.78 -17.17
CA ASN H 98 19.68 -32.39 -17.35
C ASN H 98 18.20 -32.27 -17.67
N GLN H 99 17.48 -31.49 -16.85
CA GLN H 99 16.07 -31.23 -17.10
C GLN H 99 15.67 -29.94 -16.38
N ALA H 100 14.60 -29.32 -16.87
CA ALA H 100 13.92 -28.24 -16.16
C ALA H 100 12.46 -28.23 -16.58
N TYR H 101 11.61 -27.68 -15.70
CA TYR H 101 10.17 -27.68 -15.90
C TYR H 101 9.60 -26.31 -15.57
N ILE H 102 8.61 -25.89 -16.36
CA ILE H 102 7.97 -24.59 -16.23
C ILE H 102 6.45 -24.77 -16.20
N ASP H 103 5.78 -23.96 -15.38
CA ASP H 103 4.32 -23.87 -15.36
C ASP H 103 3.88 -22.62 -16.09
N LEU H 104 2.91 -22.76 -16.99
CA LEU H 104 2.49 -21.69 -17.88
C LEU H 104 0.98 -21.46 -17.74
N ASN H 105 0.57 -20.19 -17.83
CA ASN H 105 -0.81 -19.81 -18.09
C ASN H 105 -0.82 -19.12 -19.45
N MET H 106 -1.56 -19.69 -20.41
CA MET H 106 -1.38 -19.34 -21.81
C MET H 106 -2.72 -19.44 -22.53
N SER H 107 -2.91 -18.57 -23.52
CA SER H 107 -4.06 -18.59 -24.41
C SER H 107 -3.58 -18.81 -25.85
N PHE H 108 -4.23 -19.76 -26.54
CA PHE H 108 -3.84 -20.18 -27.89
C PHE H 108 -4.86 -19.65 -28.89
N LEU H 109 -4.40 -18.85 -29.84
CA LEU H 109 -5.15 -18.53 -31.05
C LEU H 109 -4.90 -19.62 -32.08
N LEU H 110 -5.96 -20.18 -32.66
CA LEU H 110 -5.88 -21.13 -33.76
C LEU H 110 -6.48 -20.54 -35.02
N GLU H 111 -5.79 -20.72 -36.14
CA GLU H 111 -6.33 -20.41 -37.47
C GLU H 111 -6.80 -21.70 -38.13
N VAL H 112 -8.06 -21.72 -38.55
CA VAL H 112 -8.79 -22.96 -38.79
C VAL H 112 -9.39 -22.95 -40.18
N GLU H 113 -9.33 -24.09 -40.86
CA GLU H 113 -10.17 -24.40 -42.02
C GLU H 113 -11.18 -25.49 -41.63
N GLY H 114 -12.42 -25.33 -42.07
CA GLY H 114 -13.40 -26.38 -41.91
C GLY H 114 -14.77 -26.01 -42.47
N PRO H 115 -15.60 -27.02 -42.80
CA PRO H 115 -16.94 -26.70 -43.31
C PRO H 115 -17.92 -26.19 -42.26
N HIS H 116 -17.72 -26.53 -40.98
CA HIS H 116 -18.68 -26.29 -39.92
C HIS H 116 -18.02 -25.62 -38.73
N VAL H 117 -17.20 -24.60 -39.01
CA VAL H 117 -16.58 -23.81 -37.94
C VAL H 117 -17.68 -23.02 -37.23
N ASP H 118 -18.01 -23.45 -36.03
CA ASP H 118 -19.16 -22.97 -35.27
C ASP H 118 -18.99 -23.39 -33.81
N MET H 119 -20.04 -23.20 -33.01
CA MET H 119 -20.00 -23.60 -31.60
C MET H 119 -20.00 -25.10 -31.38
N SER H 120 -20.49 -25.90 -32.33
CA SER H 120 -20.43 -27.34 -32.16
C SER H 120 -19.00 -27.85 -32.22
N THR H 121 -18.20 -27.32 -33.14
CA THR H 121 -16.79 -27.70 -33.20
C THR H 121 -15.98 -27.12 -32.03
N CYS H 122 -16.40 -25.98 -31.48
CA CYS H 122 -15.83 -25.57 -30.19
C CYS H 122 -16.14 -26.58 -29.08
N LYS H 123 -17.38 -27.05 -29.01
CA LYS H 123 -17.71 -28.07 -28.02
C LYS H 123 -16.94 -29.37 -28.27
N SER H 124 -16.67 -29.68 -29.55
CA SER H 124 -15.86 -30.84 -29.89
C SER H 124 -14.40 -30.66 -29.46
N ILE H 125 -13.86 -29.46 -29.61
CA ILE H 125 -12.52 -29.16 -29.10
C ILE H 125 -12.51 -29.31 -27.58
N LYS H 126 -13.54 -28.77 -26.90
CA LYS H 126 -13.66 -28.91 -25.46
C LYS H 126 -13.64 -30.37 -25.03
N SER H 127 -14.43 -31.21 -25.69
CA SER H 127 -14.45 -32.64 -25.36
C SER H 127 -13.17 -33.35 -25.78
N THR H 128 -12.41 -32.81 -26.73
CA THR H 128 -11.17 -33.41 -27.20
C THR H 128 -9.97 -33.00 -26.36
N MET H 129 -9.87 -31.71 -26.01
CA MET H 129 -8.65 -31.17 -25.40
C MET H 129 -8.31 -31.81 -24.06
N GLU H 130 -9.30 -32.37 -23.36
CA GLU H 130 -9.05 -33.03 -22.09
C GLU H 130 -8.10 -34.21 -22.19
N THR H 131 -7.94 -34.82 -23.36
CA THR H 131 -7.05 -35.98 -23.52
C THR H 131 -5.61 -35.62 -23.89
N LEU H 132 -5.30 -34.36 -24.18
CA LEU H 132 -4.00 -33.97 -24.69
C LEU H 132 -3.10 -33.36 -23.63
N ARG H 133 -1.84 -33.13 -24.02
CA ARG H 133 -0.82 -32.49 -23.22
C ARG H 133 -0.24 -31.33 -24.04
N ILE H 134 0.38 -30.38 -23.36
CA ILE H 134 1.12 -29.29 -24.01
C ILE H 134 2.57 -29.36 -23.55
N ALA H 135 3.48 -29.61 -24.51
CA ALA H 135 4.92 -29.72 -24.25
C ALA H 135 5.22 -30.70 -23.12
N GLY H 136 4.51 -31.83 -23.11
CA GLY H 136 4.58 -32.77 -22.01
C GLY H 136 3.94 -32.31 -20.72
N GLY H 137 3.39 -31.09 -20.65
CA GLY H 137 2.70 -30.61 -19.47
C GLY H 137 1.22 -30.98 -19.47
N ILE H 138 0.65 -31.02 -18.26
CA ILE H 138 -0.72 -31.47 -18.06
C ILE H 138 -1.59 -30.22 -18.04
N ILE H 139 -2.68 -30.24 -18.81
CA ILE H 139 -3.65 -29.16 -18.83
C ILE H 139 -4.54 -29.30 -17.60
N ARG H 140 -4.30 -28.46 -16.59
CA ARG H 140 -5.12 -28.51 -15.39
C ARG H 140 -6.50 -27.89 -15.61
N ASN H 141 -6.56 -26.72 -16.23
CA ASN H 141 -7.80 -25.96 -16.30
C ASN H 141 -7.73 -24.97 -17.45
N TYR H 142 -8.90 -24.48 -17.87
CA TYR H 142 -9.02 -23.44 -18.89
C TYR H 142 -10.35 -22.71 -18.70
N LYS H 143 -10.34 -21.40 -18.98
CA LYS H 143 -11.55 -20.61 -18.73
C LYS H 143 -12.64 -20.92 -19.75
N LYS H 144 -12.34 -20.82 -21.04
CA LYS H 144 -13.34 -21.03 -22.08
C LYS H 144 -12.66 -21.32 -23.41
N ILE H 145 -13.43 -21.93 -24.31
CA ILE H 145 -13.08 -22.08 -25.71
C ILE H 145 -14.16 -21.36 -26.51
N ARG H 146 -13.75 -20.49 -27.42
CA ARG H 146 -14.71 -19.68 -28.19
C ARG H 146 -14.11 -19.30 -29.54
N LEU H 147 -15.01 -19.00 -30.47
CA LEU H 147 -14.66 -18.30 -31.70
C LEU H 147 -14.45 -16.82 -31.44
N ILE H 148 -13.60 -16.20 -32.26
CA ILE H 148 -13.37 -14.76 -32.24
C ILE H 148 -13.28 -14.22 -33.66
N ASP H 149 -13.53 -12.90 -33.78
CA ASP H 149 -13.64 -12.22 -35.06
C ASP H 149 -12.70 -11.04 -35.20
N THR H 150 -12.25 -10.42 -34.10
CA THR H 150 -11.50 -9.18 -34.12
C THR H 150 -10.46 -9.19 -33.01
N LEU H 151 -9.42 -8.37 -33.19
CA LEU H 151 -8.37 -8.22 -32.19
C LEU H 151 -8.84 -7.57 -30.90
N ALA H 152 -10.05 -7.01 -30.86
CA ALA H 152 -10.66 -6.55 -29.61
C ALA H 152 -11.22 -7.69 -28.76
N ASP H 153 -11.36 -8.89 -29.32
CA ASP H 153 -11.90 -10.02 -28.58
C ASP H 153 -10.87 -10.68 -27.67
N ILE H 154 -9.60 -10.65 -28.03
CA ILE H 154 -8.56 -11.30 -27.23
C ILE H 154 -8.45 -10.60 -25.87
N PRO H 155 -8.48 -11.31 -24.73
CA PRO H 155 -8.28 -10.63 -23.45
C PRO H 155 -6.82 -10.28 -23.24
N TYR H 156 -6.60 -9.21 -22.48
CA TYR H 156 -5.29 -8.58 -22.31
C TYR H 156 -4.20 -9.58 -21.95
N GLY H 157 -3.15 -9.59 -22.77
CA GLY H 157 -2.02 -10.48 -22.60
C GLY H 157 -0.96 -10.15 -23.63
N TYR H 158 0.10 -10.96 -23.69
CA TYR H 158 1.26 -10.68 -24.51
C TYR H 158 1.55 -11.83 -25.45
N PHE H 159 1.50 -11.56 -26.76
CA PHE H 159 1.86 -12.54 -27.78
C PHE H 159 3.37 -12.63 -27.95
N LEU H 160 3.83 -13.83 -28.34
CA LEU H 160 5.24 -14.09 -28.67
C LEU H 160 5.38 -14.18 -30.20
N THR H 161 6.33 -13.41 -30.74
CA THR H 161 6.51 -13.28 -32.18
C THR H 161 7.99 -13.33 -32.54
N LEU H 162 8.25 -13.67 -33.80
CA LEU H 162 9.59 -13.86 -34.32
C LEU H 162 10.29 -12.51 -34.56
N ARG H 163 11.62 -12.50 -34.39
CA ARG H 163 12.44 -11.29 -34.51
C ARG H 163 13.73 -11.54 -35.31
N GLN H 164 13.62 -12.17 -36.49
CA GLN H 164 14.80 -12.41 -37.32
C GLN H 164 15.53 -11.13 -37.70
N ASP H 165 14.79 -10.02 -37.87
CA ASP H 165 15.41 -8.74 -38.23
C ASP H 165 16.44 -8.29 -37.20
N ASN H 166 16.05 -8.27 -35.91
CA ASN H 166 16.97 -7.81 -34.87
C ASN H 166 18.20 -8.71 -34.77
N LEU H 167 18.03 -10.01 -35.01
CA LEU H 167 19.16 -10.93 -34.99
C LEU H 167 20.12 -10.68 -36.14
N ASN H 168 19.61 -10.54 -37.36
CA ASN H 168 20.49 -10.29 -38.49
C ASN H 168 21.16 -8.93 -38.40
N ASP H 169 20.46 -7.92 -37.89
CA ASP H 169 21.02 -6.57 -37.78
C ASP H 169 22.04 -6.43 -36.65
N ALA H 170 22.20 -7.43 -35.78
CA ALA H 170 23.15 -7.34 -34.69
C ALA H 170 24.60 -7.28 -35.20
N ALA H 171 25.50 -6.92 -34.28
CA ALA H 171 26.93 -6.81 -34.57
C ALA H 171 27.50 -8.11 -35.13
N GLY H 172 28.13 -8.00 -36.29
CA GLY H 172 28.24 -9.11 -37.21
C GLY H 172 29.37 -10.12 -36.98
N ASP H 173 29.91 -10.22 -35.77
CA ASP H 173 31.09 -11.06 -35.56
C ASP H 173 30.75 -12.54 -35.77
N ASP H 174 29.68 -13.02 -35.15
CA ASP H 174 29.32 -14.42 -35.18
C ASP H 174 27.85 -14.53 -34.83
N MET H 175 27.20 -15.61 -35.29
CA MET H 175 25.77 -15.77 -35.03
C MET H 175 25.48 -15.88 -33.54
N LEU H 176 26.33 -16.59 -32.79
CA LEU H 176 26.16 -16.60 -31.34
C LEU H 176 26.49 -15.23 -30.77
N ASP H 177 27.49 -14.57 -31.34
CA ASP H 177 27.76 -13.19 -30.96
C ASP H 177 26.63 -12.26 -31.40
N LYS H 178 25.98 -12.53 -32.54
CA LYS H 178 24.83 -11.74 -32.92
C LYS H 178 23.69 -11.87 -31.91
N MET H 179 23.41 -13.11 -31.47
CA MET H 179 22.42 -13.30 -30.41
C MET H 179 22.84 -12.58 -29.13
N ILE H 180 24.10 -12.73 -28.73
CA ILE H 180 24.56 -12.14 -27.47
C ILE H 180 24.46 -10.62 -27.51
N HIS H 181 24.98 -9.99 -28.57
CA HIS H 181 24.90 -8.54 -28.71
C HIS H 181 23.45 -8.07 -28.81
N ALA H 182 22.61 -8.77 -29.57
CA ALA H 182 21.20 -8.39 -29.67
C ALA H 182 20.52 -8.43 -28.31
N LEU H 183 20.68 -9.54 -27.58
CA LEU H 183 20.09 -9.65 -26.25
C LEU H 183 20.64 -8.62 -25.28
N GLN H 184 21.93 -8.27 -25.42
CA GLN H 184 22.53 -7.28 -24.56
C GLN H 184 22.12 -5.86 -24.93
N GLN H 185 21.64 -5.64 -26.15
CA GLN H 185 21.10 -4.34 -26.57
C GLN H 185 19.59 -4.22 -26.38
N GLU H 186 18.85 -5.34 -26.50
CA GLU H 186 17.37 -5.33 -26.54
C GLU H 186 16.85 -6.27 -25.44
N ASP H 187 16.82 -5.76 -24.21
CA ASP H 187 16.59 -6.57 -23.02
C ASP H 187 15.26 -7.32 -23.04
N THR H 188 14.27 -6.87 -23.82
CA THR H 188 12.97 -7.53 -23.86
C THR H 188 12.93 -8.77 -24.75
N LEU H 189 13.89 -8.95 -25.66
CA LEU H 189 13.92 -10.12 -26.52
C LEU H 189 14.42 -11.35 -25.77
N VAL H 190 14.02 -12.51 -26.26
CA VAL H 190 14.37 -13.80 -25.65
C VAL H 190 14.79 -14.81 -26.74
N PRO H 191 15.77 -15.68 -26.51
CA PRO H 191 16.03 -16.75 -27.49
C PRO H 191 14.97 -17.84 -27.40
N ILE H 192 14.72 -18.51 -28.53
CA ILE H 192 13.74 -19.59 -28.61
C ILE H 192 14.24 -20.63 -29.58
N ALA H 193 13.88 -21.89 -29.31
CA ALA H 193 14.10 -22.97 -30.27
C ALA H 193 13.01 -22.95 -31.33
N VAL H 194 13.40 -22.88 -32.61
CA VAL H 194 12.46 -22.67 -33.71
C VAL H 194 12.18 -23.95 -34.49
N GLY H 195 13.06 -24.92 -34.47
CA GLY H 195 12.92 -26.03 -35.39
C GLY H 195 14.20 -26.84 -35.49
N PHE H 196 14.39 -27.49 -36.64
CA PHE H 196 15.36 -28.56 -36.77
C PHE H 196 16.06 -28.51 -38.13
N LYS H 197 17.37 -28.80 -38.14
CA LYS H 197 18.18 -28.97 -39.35
C LYS H 197 18.57 -30.42 -39.51
N ALA H 198 18.38 -30.96 -40.72
CA ALA H 198 18.82 -32.32 -41.03
C ALA H 198 20.32 -32.47 -40.88
N LEU H 199 20.75 -33.37 -40.00
CA LEU H 199 22.14 -33.79 -39.90
C LEU H 199 22.49 -34.96 -40.81
N SER H 200 21.49 -35.66 -41.37
CA SER H 200 21.72 -36.74 -42.31
C SER H 200 20.57 -36.79 -43.30
N GLU H 201 20.85 -37.30 -44.48
CA GLU H 201 19.82 -37.46 -45.50
C GLU H 201 18.71 -38.39 -45.03
N VAL H 202 17.50 -38.11 -45.53
CA VAL H 202 16.30 -38.87 -45.19
C VAL H 202 16.53 -40.35 -45.48
N GLY H 203 16.16 -41.20 -44.54
CA GLY H 203 16.25 -42.63 -44.73
C GLY H 203 15.49 -43.37 -43.65
N HIS H 204 15.65 -44.70 -43.66
CA HIS H 204 15.16 -45.58 -42.61
C HIS H 204 16.34 -46.18 -41.86
N VAL H 205 16.19 -46.29 -40.53
CA VAL H 205 17.22 -46.85 -39.65
C VAL H 205 16.54 -47.74 -38.62
N GLU H 206 17.33 -48.61 -38.02
CA GLU H 206 16.84 -49.48 -36.97
C GLU H 206 16.40 -48.68 -35.74
N GLY H 207 15.37 -49.17 -35.05
CA GLY H 207 14.98 -48.62 -33.77
C GLY H 207 13.93 -47.53 -33.82
N GLN H 208 13.40 -47.20 -35.00
CA GLN H 208 12.48 -46.08 -35.14
C GLN H 208 11.23 -46.24 -34.27
N ARG H 209 10.72 -45.10 -33.81
CA ARG H 209 9.41 -45.02 -33.19
C ARG H 209 8.34 -45.69 -34.05
N ASP H 210 8.31 -45.36 -35.35
CA ASP H 210 7.51 -46.06 -36.34
C ASP H 210 8.42 -46.63 -37.43
N PRO H 211 8.33 -47.93 -37.77
CA PRO H 211 9.25 -48.46 -38.79
C PRO H 211 8.97 -48.02 -40.21
N GLU H 212 7.94 -47.20 -40.47
CA GLU H 212 7.40 -47.01 -41.81
C GLU H 212 7.20 -45.55 -42.18
N LYS H 213 7.73 -44.61 -41.41
CA LYS H 213 7.71 -43.19 -41.73
C LYS H 213 9.15 -42.68 -41.77
N ASP H 214 9.47 -41.94 -42.84
CA ASP H 214 10.86 -41.63 -43.14
C ASP H 214 11.48 -40.73 -42.08
N HIS H 215 12.78 -40.90 -41.86
CA HIS H 215 13.46 -40.47 -40.64
C HIS H 215 14.66 -39.60 -40.95
N CYS H 216 14.92 -38.64 -40.05
CA CYS H 216 16.13 -37.84 -40.05
C CYS H 216 16.71 -37.75 -38.64
N PHE H 217 18.03 -37.66 -38.55
CA PHE H 217 18.69 -37.09 -37.39
C PHE H 217 18.71 -35.58 -37.55
N VAL H 218 18.55 -34.84 -36.44
CA VAL H 218 18.51 -33.38 -36.51
C VAL H 218 19.17 -32.70 -35.32
N GLU H 219 19.67 -31.48 -35.57
CA GLU H 219 20.03 -30.51 -34.54
C GLU H 219 18.91 -29.47 -34.43
N SER H 220 18.59 -29.10 -33.19
CA SER H 220 17.70 -27.97 -32.92
C SER H 220 18.23 -26.66 -33.49
N ILE H 221 17.34 -25.91 -34.19
CA ILE H 221 17.60 -24.54 -34.64
C ILE H 221 17.05 -23.59 -33.58
N PHE H 222 17.82 -22.55 -33.26
CA PHE H 222 17.42 -21.49 -32.33
C PHE H 222 17.34 -20.15 -33.06
N SER H 223 16.50 -19.24 -32.54
CA SER H 223 16.48 -17.87 -33.03
C SER H 223 16.13 -16.93 -31.87
N LEU H 224 15.97 -15.64 -32.21
CA LEU H 224 15.57 -14.58 -31.29
C LEU H 224 14.11 -14.20 -31.52
N GLY H 225 13.33 -14.09 -30.43
CA GLY H 225 11.96 -13.63 -30.49
C GLY H 225 11.69 -12.56 -29.45
N GLY H 226 10.47 -12.00 -29.51
CA GLY H 226 10.09 -10.90 -28.65
C GLY H 226 8.59 -10.87 -28.40
N PHE H 227 8.19 -10.06 -27.42
CA PHE H 227 6.83 -10.03 -26.89
C PHE H 227 6.08 -8.77 -27.32
N GLU H 228 4.85 -8.95 -27.79
CA GLU H 228 3.95 -7.87 -28.23
C GLU H 228 2.63 -7.95 -27.48
N CYS H 229 2.24 -6.84 -26.84
CA CYS H 229 0.94 -6.77 -26.18
C CYS H 229 -0.21 -6.94 -27.17
N SER H 230 -1.20 -7.75 -26.79
CA SER H 230 -2.36 -7.96 -27.64
C SER H 230 -3.18 -6.69 -27.87
N LYS H 231 -3.13 -5.73 -26.96
CA LYS H 231 -3.75 -4.42 -27.21
C LYS H 231 -3.00 -3.60 -28.26
N ILE H 232 -1.78 -3.99 -28.61
CA ILE H 232 -0.92 -3.23 -29.51
C ILE H 232 -0.78 -3.92 -30.87
N LEU H 233 -1.21 -5.18 -31.01
CA LEU H 233 -1.24 -5.83 -32.30
C LEU H 233 -2.13 -5.07 -33.28
N GLU H 234 -1.73 -5.12 -34.56
CA GLU H 234 -2.44 -4.47 -35.66
C GLU H 234 -3.01 -5.46 -36.67
N ASP H 235 -2.19 -6.40 -37.15
CA ASP H 235 -2.63 -7.48 -38.02
C ASP H 235 -2.58 -8.79 -37.23
N ILE H 236 -3.69 -9.53 -37.24
CA ILE H 236 -3.74 -10.84 -36.60
C ILE H 236 -2.66 -11.78 -37.15
N ASN H 237 -2.36 -11.67 -38.45
CA ASN H 237 -1.33 -12.51 -39.06
C ASN H 237 0.06 -12.30 -38.47
N SER H 238 0.31 -11.16 -37.81
CA SER H 238 1.64 -10.87 -37.27
C SER H 238 2.06 -11.79 -36.12
N CYS H 239 1.15 -12.61 -35.57
CA CYS H 239 1.48 -13.55 -34.49
C CYS H 239 1.20 -15.01 -34.80
N LEU H 240 0.73 -15.35 -36.00
CA LEU H 240 0.36 -16.73 -36.35
C LEU H 240 1.60 -17.49 -36.80
N TRP H 241 2.16 -18.29 -35.89
CA TRP H 241 3.20 -19.26 -36.22
C TRP H 241 2.67 -20.35 -37.13
N ARG H 242 3.43 -20.69 -38.18
CA ARG H 242 3.07 -21.75 -39.11
C ARG H 242 4.28 -22.62 -39.41
N TYR H 243 4.01 -23.86 -39.82
CA TYR H 243 5.04 -24.77 -40.30
C TYR H 243 5.60 -24.33 -41.66
N LYS H 244 6.89 -24.60 -41.86
CA LYS H 244 7.53 -24.47 -43.16
C LYS H 244 8.64 -25.51 -43.26
N THR H 245 8.89 -25.99 -44.50
CA THR H 245 9.97 -26.93 -44.80
C THR H 245 10.78 -26.41 -45.97
N GLU H 246 12.12 -26.51 -45.85
CA GLU H 246 13.04 -26.06 -46.90
C GLU H 246 14.22 -27.03 -47.02
N GLU H 247 14.03 -28.09 -47.83
CA GLU H 247 15.12 -28.93 -48.35
C GLU H 247 16.06 -29.47 -47.27
N GLY H 248 15.51 -29.78 -46.09
CA GLY H 248 16.29 -30.22 -44.94
C GLY H 248 16.31 -29.27 -43.77
N LEU H 249 15.63 -28.12 -43.85
CA LEU H 249 15.28 -27.32 -42.69
C LEU H 249 13.82 -27.57 -42.34
N TYR H 250 13.56 -27.83 -41.06
CA TYR H 250 12.22 -27.95 -40.51
C TYR H 250 12.01 -26.76 -39.59
N LEU H 251 11.09 -25.87 -39.97
CA LEU H 251 11.00 -24.54 -39.38
C LEU H 251 9.57 -24.20 -39.00
N CYS H 252 9.39 -23.70 -37.78
CA CYS H 252 8.28 -22.81 -37.47
C CYS H 252 8.65 -21.39 -37.90
N THR H 253 7.65 -20.64 -38.36
CA THR H 253 7.89 -19.25 -38.76
C THR H 253 6.56 -18.51 -38.83
N ILE H 254 6.66 -17.18 -38.89
CA ILE H 254 5.53 -16.28 -39.07
C ILE H 254 5.63 -15.70 -40.48
N ILE H 255 4.51 -15.75 -41.20
CA ILE H 255 4.42 -15.23 -42.56
C ILE H 255 3.16 -14.39 -42.62
N MET I 1 -69.12 -4.16 -25.72
CA MET I 1 -68.75 -3.20 -24.64
C MET I 1 -68.65 -1.79 -25.23
N PHE I 2 -69.43 -0.87 -24.67
CA PHE I 2 -69.29 0.56 -24.94
C PHE I 2 -68.31 1.19 -23.95
N SER I 3 -67.70 2.30 -24.37
CA SER I 3 -66.67 2.95 -23.56
C SER I 3 -66.60 4.43 -23.87
N GLN I 4 -66.09 5.18 -22.89
CA GLN I 4 -65.74 6.59 -23.01
C GLN I 4 -64.37 6.81 -22.39
N ILE I 5 -63.61 7.74 -22.98
CA ILE I 5 -62.19 7.92 -22.68
C ILE I 5 -61.98 9.18 -21.86
N LEU I 6 -61.24 9.05 -20.75
CA LEU I 6 -60.77 10.17 -19.94
C LEU I 6 -59.26 10.25 -20.04
N ILE I 7 -58.74 11.44 -20.37
CA ILE I 7 -57.30 11.70 -20.46
C ILE I 7 -56.93 12.74 -19.41
N ILE I 8 -55.96 12.39 -18.56
CA ILE I 8 -55.32 13.34 -17.66
C ILE I 8 -54.26 14.10 -18.46
N LYS I 9 -54.36 15.42 -18.46
CA LYS I 9 -53.47 16.23 -19.29
C LYS I 9 -52.03 16.16 -18.78
N PRO I 10 -51.04 15.86 -19.63
CA PRO I 10 -49.64 16.06 -19.23
C PRO I 10 -49.29 17.53 -19.06
N GLY I 11 -48.13 17.76 -18.45
CA GLY I 11 -47.57 19.10 -18.33
C GLY I 11 -48.25 19.99 -17.34
N THR I 12 -49.08 19.46 -16.46
CA THR I 12 -49.75 20.22 -15.41
C THR I 12 -48.91 20.36 -14.15
N GLY I 13 -47.80 19.62 -14.04
CA GLY I 13 -47.00 19.64 -12.83
C GLY I 13 -47.57 18.86 -11.67
N ILE I 14 -48.52 17.96 -11.93
CA ILE I 14 -49.14 17.12 -10.92
C ILE I 14 -49.03 15.68 -11.40
N SER I 15 -48.62 14.79 -10.50
CA SER I 15 -48.51 13.38 -10.84
C SER I 15 -49.91 12.85 -11.21
N PRO I 16 -50.06 12.11 -12.33
CA PRO I 16 -51.43 11.69 -12.73
C PRO I 16 -52.18 10.89 -11.68
N ASN I 17 -51.48 10.04 -10.93
CA ASN I 17 -52.13 9.25 -9.88
C ASN I 17 -52.74 10.13 -8.78
N ILE I 18 -52.24 11.35 -8.60
CA ILE I 18 -52.87 12.27 -7.66
C ILE I 18 -54.23 12.71 -8.20
N ILE I 19 -54.30 13.04 -9.49
CA ILE I 19 -55.57 13.45 -10.10
C ILE I 19 -56.56 12.28 -10.10
N ILE I 20 -56.07 11.06 -10.33
CA ILE I 20 -56.90 9.86 -10.20
C ILE I 20 -57.47 9.77 -8.79
N SER I 21 -56.58 9.72 -7.80
CA SER I 21 -57.00 9.42 -6.44
C SER I 21 -57.89 10.51 -5.85
N GLU I 22 -57.66 11.77 -6.21
CA GLU I 22 -58.39 12.87 -5.61
C GLU I 22 -59.62 13.32 -6.38
N ASP I 23 -59.61 13.28 -7.73
CA ASP I 23 -60.66 13.89 -8.54
C ASP I 23 -61.43 12.89 -9.37
N ILE I 24 -60.77 12.17 -10.29
CA ILE I 24 -61.48 11.31 -11.23
C ILE I 24 -62.12 10.14 -10.50
N PHE I 25 -61.31 9.39 -9.75
CA PHE I 25 -61.78 8.14 -9.18
C PHE I 25 -62.93 8.31 -8.18
N PRO I 26 -62.92 9.29 -7.26
CA PRO I 26 -64.11 9.49 -6.43
C PRO I 26 -65.37 9.87 -7.20
N VAL I 27 -65.24 10.65 -8.28
CA VAL I 27 -66.40 11.01 -9.08
C VAL I 27 -66.97 9.78 -9.78
N LEU I 28 -66.09 8.96 -10.39
CA LEU I 28 -66.55 7.74 -11.04
C LEU I 28 -67.19 6.79 -10.03
N HIS I 29 -66.57 6.63 -8.86
CA HIS I 29 -67.16 5.84 -7.78
C HIS I 29 -68.55 6.35 -7.40
N SER I 30 -68.68 7.66 -7.24
CA SER I 30 -69.98 8.26 -6.90
C SER I 30 -71.02 7.95 -7.97
N LEU I 31 -70.65 8.12 -9.24
CA LEU I 31 -71.56 7.78 -10.33
C LEU I 31 -71.95 6.30 -10.30
N PHE I 32 -70.99 5.41 -10.04
CA PHE I 32 -71.30 3.99 -10.05
C PHE I 32 -72.22 3.60 -8.89
N VAL I 33 -72.06 4.24 -7.74
CA VAL I 33 -73.00 4.04 -6.64
C VAL I 33 -74.37 4.61 -7.00
N GLU I 34 -74.39 5.80 -7.61
CA GLU I 34 -75.66 6.42 -8.00
C GLU I 34 -76.40 5.62 -9.06
N HIS I 35 -75.68 4.97 -9.97
CA HIS I 35 -76.25 4.29 -11.13
C HIS I 35 -75.98 2.77 -11.09
N ASP I 36 -76.08 2.20 -9.89
CA ASP I 36 -76.25 0.76 -9.67
C ASP I 36 -75.14 -0.09 -10.27
N LYS I 37 -73.89 0.41 -10.19
CA LYS I 37 -72.69 -0.40 -10.41
C LYS I 37 -72.65 -1.07 -11.80
N LYS I 38 -73.32 -0.49 -12.79
CA LYS I 38 -73.40 -1.06 -14.12
C LYS I 38 -72.08 -1.00 -14.90
N PHE I 39 -71.07 -0.29 -14.39
CA PHE I 39 -69.95 0.20 -15.18
C PHE I 39 -68.62 -0.34 -14.69
N GLY I 40 -67.69 -0.52 -15.63
CA GLY I 40 -66.33 -0.90 -15.35
C GLY I 40 -65.34 0.24 -15.59
N ILE I 41 -64.08 -0.01 -15.22
CA ILE I 41 -62.95 0.89 -15.50
C ILE I 41 -61.81 0.07 -16.10
N THR I 42 -61.10 0.69 -17.04
CA THR I 42 -59.84 0.13 -17.56
C THR I 42 -58.82 1.24 -17.76
N PHE I 43 -57.55 0.84 -17.81
CA PHE I 43 -56.39 1.74 -17.83
C PHE I 43 -55.55 1.39 -19.07
N PRO I 44 -55.81 2.01 -20.23
CA PRO I 44 -55.17 1.54 -21.48
C PRO I 44 -53.65 1.56 -21.48
N ALA I 45 -53.03 2.57 -20.85
CA ALA I 45 -51.59 2.72 -20.80
C ALA I 45 -50.91 1.96 -19.66
N TYR I 46 -51.63 1.06 -18.99
CA TYR I 46 -51.07 0.29 -17.88
C TYR I 46 -49.81 -0.46 -18.30
N SER I 47 -48.80 -0.45 -17.42
CA SER I 47 -47.60 -1.25 -17.58
C SER I 47 -47.08 -1.62 -16.20
N PHE I 48 -46.54 -2.84 -16.08
CA PHE I 48 -46.11 -3.35 -14.78
C PHE I 48 -44.65 -3.06 -14.46
N ASP I 49 -43.74 -3.29 -15.42
CA ASP I 49 -42.30 -3.02 -15.29
C ASP I 49 -41.73 -3.53 -13.95
N LYS I 50 -41.13 -2.67 -13.12
CA LYS I 50 -40.80 -3.01 -11.74
C LYS I 50 -41.93 -2.69 -10.76
N LYS I 51 -42.66 -1.59 -10.99
CA LYS I 51 -43.82 -1.22 -10.18
C LYS I 51 -44.96 -0.81 -11.11
N GLY I 52 -46.16 -1.27 -10.79
CA GLY I 52 -47.34 -0.97 -11.59
C GLY I 52 -47.63 0.51 -11.75
N HIS I 53 -47.81 0.94 -12.99
CA HIS I 53 -48.23 2.29 -13.33
C HIS I 53 -49.55 2.23 -14.10
N LEU I 54 -50.49 3.10 -13.72
CA LEU I 54 -51.77 3.18 -14.43
C LEU I 54 -51.66 3.91 -15.75
N GLY I 55 -50.70 4.82 -15.88
CA GLY I 55 -50.68 5.76 -16.99
C GLY I 55 -51.72 6.85 -16.87
N ASN I 56 -51.65 7.83 -17.76
CA ASN I 56 -52.44 9.05 -17.66
C ASN I 56 -53.84 8.95 -18.27
N ILE I 57 -54.33 7.75 -18.63
CA ILE I 57 -55.57 7.59 -19.37
C ILE I 57 -56.46 6.60 -18.62
N ILE I 58 -57.74 6.95 -18.50
CA ILE I 58 -58.78 6.08 -17.97
C ILE I 58 -59.85 5.96 -19.06
N GLU I 59 -60.41 4.76 -19.20
CA GLU I 59 -61.64 4.55 -19.95
C GLU I 59 -62.69 3.92 -19.04
N VAL I 60 -63.87 4.55 -18.99
CA VAL I 60 -65.04 3.97 -18.34
C VAL I 60 -65.69 2.99 -19.32
N LEU I 61 -66.16 1.85 -18.81
CA LEU I 61 -66.73 0.78 -19.60
C LEU I 61 -68.19 0.54 -19.22
N SER I 62 -69.00 0.18 -20.22
CA SER I 62 -70.42 -0.08 -19.99
C SER I 62 -70.92 -1.11 -21.00
N GLU I 63 -71.84 -1.97 -20.54
CA GLU I 63 -72.57 -2.87 -21.43
C GLU I 63 -73.67 -2.17 -22.21
N ASP I 64 -74.04 -0.93 -21.86
CA ASP I 64 -75.15 -0.22 -22.49
C ASP I 64 -74.67 1.18 -22.85
N LYS I 65 -74.96 1.60 -24.09
CA LYS I 65 -74.52 2.92 -24.56
C LYS I 65 -75.28 4.04 -23.86
N GLU I 66 -76.60 3.93 -23.75
CA GLU I 66 -77.40 4.99 -23.15
C GLU I 66 -77.12 5.13 -21.65
N ALA I 67 -76.88 4.01 -20.96
CA ALA I 67 -76.45 4.07 -19.57
C ALA I 67 -75.18 4.89 -19.41
N LEU I 68 -74.18 4.63 -20.25
CA LEU I 68 -72.93 5.38 -20.17
C LEU I 68 -73.12 6.84 -20.54
N ALA I 69 -73.90 7.12 -21.58
CA ALA I 69 -74.18 8.51 -21.96
C ALA I 69 -74.89 9.26 -20.84
N SER I 70 -75.77 8.58 -20.10
CA SER I 70 -76.50 9.22 -19.01
C SER I 70 -75.58 9.70 -17.88
N LEU I 71 -74.36 9.18 -17.77
CA LEU I 71 -73.44 9.68 -16.76
C LEU I 71 -72.93 11.10 -17.04
N CYS I 72 -73.01 11.57 -18.30
CA CYS I 72 -72.73 12.98 -18.67
C CYS I 72 -71.42 13.50 -18.09
N LEU I 73 -70.35 12.73 -18.25
CA LEU I 73 -69.10 12.94 -17.52
C LEU I 73 -68.53 14.35 -17.73
N GLU I 74 -68.72 14.91 -18.93
CA GLU I 74 -68.28 16.28 -19.20
C GLU I 74 -68.86 17.30 -18.23
N GLU I 75 -70.08 17.06 -17.72
CA GLU I 75 -70.72 18.01 -16.83
C GLU I 75 -70.27 17.87 -15.38
N HIS I 76 -69.88 16.66 -14.96
CA HIS I 76 -69.45 16.42 -13.59
C HIS I 76 -67.98 16.74 -13.36
N LEU I 77 -67.13 16.53 -14.35
CA LEU I 77 -65.71 16.85 -14.30
C LEU I 77 -65.40 18.30 -14.67
N ALA I 78 -66.43 19.13 -14.88
CA ALA I 78 -66.26 20.50 -15.39
C ALA I 78 -65.22 21.32 -14.61
N GLU I 79 -65.32 21.35 -13.28
CA GLU I 79 -64.42 22.20 -12.50
C GLU I 79 -62.96 21.73 -12.48
N VAL I 80 -62.67 20.51 -12.95
CA VAL I 80 -61.31 20.00 -13.05
C VAL I 80 -60.79 20.00 -14.49
N THR I 81 -61.52 20.63 -15.43
CA THR I 81 -61.14 20.67 -16.83
C THR I 81 -59.81 21.38 -17.11
N ASP I 82 -59.23 22.07 -16.14
CA ASP I 82 -57.89 22.60 -16.31
C ASP I 82 -56.84 21.50 -16.50
N TYR I 83 -57.13 20.27 -16.08
CA TYR I 83 -56.18 19.16 -16.19
C TYR I 83 -56.80 17.80 -16.47
N VAL I 84 -58.13 17.69 -16.53
CA VAL I 84 -58.83 16.48 -16.97
C VAL I 84 -59.54 16.79 -18.29
N LYS I 85 -59.21 16.02 -19.33
CA LYS I 85 -59.87 16.11 -20.63
C LYS I 85 -60.81 14.92 -20.84
N VAL I 86 -62.04 15.21 -21.29
CA VAL I 86 -63.03 14.20 -21.60
C VAL I 86 -63.21 14.15 -23.12
N LYS I 87 -63.08 12.97 -23.70
CA LYS I 87 -63.44 12.78 -25.10
C LYS I 87 -64.94 12.75 -25.27
N LYS I 88 -65.41 13.45 -26.31
CA LYS I 88 -66.85 13.65 -26.51
C LYS I 88 -67.54 12.39 -27.01
N GLU I 89 -66.84 11.52 -27.74
CA GLU I 89 -67.45 10.31 -28.27
C GLU I 89 -67.54 9.20 -27.23
N ILE I 90 -68.57 8.37 -27.36
CA ILE I 90 -68.64 7.04 -26.77
C ILE I 90 -68.37 6.04 -27.88
N THR I 91 -67.43 5.13 -27.64
CA THR I 91 -66.97 4.14 -28.61
C THR I 91 -67.34 2.73 -28.18
N PHE I 92 -68.03 1.99 -29.05
CA PHE I 92 -68.06 0.55 -28.94
C PHE I 92 -66.65 0.00 -29.18
N THR I 93 -66.28 -1.04 -28.43
CA THR I 93 -64.99 -1.69 -28.61
C THR I 93 -65.07 -3.17 -28.29
N ASP I 94 -64.39 -3.97 -29.10
CA ASP I 94 -64.10 -5.36 -28.78
C ASP I 94 -62.80 -5.54 -27.99
N ASP I 95 -61.94 -4.51 -27.95
CA ASP I 95 -60.66 -4.56 -27.25
C ASP I 95 -60.78 -3.79 -25.93
N TYR I 96 -60.62 -4.50 -24.82
CA TYR I 96 -60.49 -3.86 -23.51
C TYR I 96 -59.93 -4.87 -22.52
N VAL I 97 -59.29 -4.35 -21.48
CA VAL I 97 -58.75 -5.15 -20.38
C VAL I 97 -59.50 -4.75 -19.12
N LEU I 98 -60.18 -5.72 -18.49
CA LEU I 98 -60.77 -5.50 -17.17
C LEU I 98 -59.70 -5.64 -16.09
N PHE I 99 -59.94 -4.98 -14.95
CA PHE I 99 -59.07 -5.03 -13.79
C PHE I 99 -59.86 -5.49 -12.57
N LYS I 100 -59.17 -6.19 -11.66
CA LYS I 100 -59.75 -6.70 -10.42
C LYS I 100 -59.01 -6.17 -9.21
N ARG I 101 -59.75 -5.95 -8.12
CA ARG I 101 -59.13 -5.74 -6.81
C ARG I 101 -58.41 -7.01 -6.39
N ILE I 102 -57.15 -6.86 -5.98
CA ILE I 102 -56.31 -8.01 -5.66
C ILE I 102 -56.89 -8.71 -4.45
N ARG I 103 -57.04 -10.04 -4.54
CA ARG I 103 -57.76 -10.83 -3.55
C ARG I 103 -57.04 -10.95 -2.21
N GLU I 104 -55.87 -10.35 -2.04
CA GLU I 104 -55.32 -10.09 -0.72
C GLU I 104 -54.68 -8.70 -0.75
N GLU I 105 -54.65 -8.05 0.43
CA GLU I 105 -54.42 -6.62 0.48
C GLU I 105 -53.38 -6.20 1.51
N ASN I 106 -53.62 -6.50 2.80
CA ASN I 106 -52.60 -6.36 3.82
C ASN I 106 -52.87 -7.44 4.87
N GLN I 107 -52.42 -8.66 4.59
CA GLN I 107 -52.61 -9.75 5.54
C GLN I 107 -51.85 -9.51 6.84
N TYR I 108 -50.76 -8.73 6.81
CA TYR I 108 -49.97 -8.50 8.01
C TYR I 108 -50.78 -7.79 9.09
N GLU I 109 -51.19 -6.56 8.82
CA GLU I 109 -51.94 -5.80 9.79
C GLU I 109 -53.37 -6.33 9.94
N THR I 110 -53.93 -6.96 8.90
CA THR I 110 -55.21 -7.62 9.05
C THR I 110 -55.11 -8.78 10.05
N THR I 111 -54.01 -9.54 10.01
CA THR I 111 -53.82 -10.61 10.98
C THR I 111 -53.55 -10.06 12.38
N ALA I 112 -52.80 -8.95 12.46
CA ALA I 112 -52.64 -8.28 13.75
C ALA I 112 -54.00 -7.85 14.33
N ARG I 113 -54.83 -7.23 13.49
CA ARG I 113 -56.21 -6.92 13.86
C ARG I 113 -56.99 -8.15 14.29
N ARG I 114 -56.85 -9.27 13.57
CA ARG I 114 -57.56 -10.50 13.93
C ARG I 114 -57.06 -11.09 15.25
N MET I 115 -55.77 -10.95 15.57
CA MET I 115 -55.29 -11.39 16.88
C MET I 115 -55.70 -10.44 17.98
N ARG I 116 -55.93 -9.16 17.66
CA ARG I 116 -56.59 -8.27 18.60
C ARG I 116 -58.05 -8.67 18.80
N LYS I 117 -58.71 -9.12 17.73
CA LYS I 117 -60.04 -9.71 17.83
C LYS I 117 -60.00 -11.02 18.63
N ARG I 118 -59.14 -11.94 18.22
CA ARG I 118 -59.01 -13.24 18.90
C ARG I 118 -58.11 -13.12 20.12
N LEU I 123 -48.12 -12.16 16.40
CA LEU I 123 -48.04 -13.24 15.42
C LEU I 123 -46.90 -14.20 15.74
N GLY I 124 -47.08 -15.47 15.36
CA GLY I 124 -45.95 -16.36 15.26
C GLY I 124 -45.04 -15.96 14.12
N ARG I 125 -43.73 -16.05 14.36
CA ARG I 125 -42.74 -15.52 13.41
C ARG I 125 -42.86 -16.11 12.02
N PRO I 126 -42.91 -17.43 11.81
CA PRO I 126 -43.01 -17.94 10.43
C PRO I 126 -44.26 -17.45 9.69
N LEU I 127 -45.39 -17.43 10.38
CA LEU I 127 -46.62 -16.83 9.86
C LEU I 127 -46.40 -15.38 9.49
N GLU I 128 -45.89 -14.58 10.44
CA GLU I 128 -45.67 -13.16 10.25
C GLU I 128 -44.77 -12.90 9.04
N MET I 129 -43.68 -13.65 8.94
CA MET I 129 -42.74 -13.51 7.83
C MET I 129 -43.39 -13.81 6.47
N HIS I 130 -44.03 -14.98 6.37
CA HIS I 130 -44.66 -15.35 5.10
C HIS I 130 -45.71 -14.33 4.69
N ILE I 131 -46.51 -13.89 5.64
CA ILE I 131 -47.49 -12.84 5.38
C ILE I 131 -46.81 -11.53 4.96
N LYS I 132 -45.69 -11.17 5.59
CA LYS I 132 -44.89 -10.02 5.14
C LYS I 132 -44.55 -10.12 3.66
N LYS I 133 -44.09 -11.28 3.22
CA LYS I 133 -43.72 -11.43 1.82
C LYS I 133 -44.93 -11.48 0.90
N LYS I 134 -46.06 -11.99 1.40
CA LYS I 134 -47.30 -11.90 0.63
C LYS I 134 -47.73 -10.45 0.45
N ASN I 135 -47.65 -9.65 1.52
CA ASN I 135 -47.83 -8.20 1.42
C ASN I 135 -46.92 -7.58 0.38
N GLN I 136 -45.62 -7.89 0.45
CA GLN I 136 -44.67 -7.27 -0.46
C GLN I 136 -44.86 -7.69 -1.92
N GLN I 137 -45.44 -8.88 -2.16
CA GLN I 137 -45.89 -9.18 -3.51
C GLN I 137 -47.00 -8.22 -3.95
N ILE I 138 -47.97 -7.98 -3.08
CA ILE I 138 -49.11 -7.12 -3.40
C ILE I 138 -48.64 -5.69 -3.70
N PHE I 139 -47.75 -5.16 -2.86
CA PHE I 139 -47.38 -3.74 -2.90
C PHE I 139 -46.66 -3.30 -4.17
N CYS I 140 -46.22 -4.23 -5.03
CA CYS I 140 -45.62 -3.83 -6.32
C CYS I 140 -46.65 -3.49 -7.39
N HIS I 141 -47.92 -3.86 -7.23
CA HIS I 141 -48.93 -3.57 -8.23
C HIS I 141 -49.29 -2.08 -8.22
N ALA I 142 -50.19 -1.69 -9.12
CA ALA I 142 -50.77 -0.35 -9.10
C ALA I 142 -51.80 -0.23 -7.98
N TYR I 143 -51.99 1.01 -7.50
CA TYR I 143 -52.90 1.25 -6.39
C TYR I 143 -53.45 2.67 -6.43
N ILE I 144 -54.66 2.83 -5.91
CA ILE I 144 -55.37 4.10 -5.82
C ILE I 144 -55.71 4.35 -4.34
N LYS I 145 -55.32 5.51 -3.83
CA LYS I 145 -55.73 5.91 -2.49
C LYS I 145 -57.20 6.34 -2.50
N VAL I 146 -57.97 5.78 -1.56
CA VAL I 146 -59.41 6.07 -1.42
C VAL I 146 -59.70 6.32 0.05
N LYS I 147 -60.55 7.32 0.31
CA LYS I 147 -61.15 7.54 1.62
C LYS I 147 -62.64 7.23 1.55
N SER I 148 -63.08 6.22 2.31
CA SER I 148 -64.46 5.76 2.25
C SER I 148 -65.41 6.83 2.77
N ALA I 149 -66.40 7.19 1.95
CA ALA I 149 -67.43 8.12 2.38
C ALA I 149 -68.30 7.53 3.49
N SER I 150 -68.60 6.24 3.42
CA SER I 150 -69.52 5.63 4.36
C SER I 150 -68.89 5.33 5.72
N THR I 151 -67.56 5.29 5.82
CA THR I 151 -66.86 4.95 7.05
C THR I 151 -65.70 5.88 7.39
N GLY I 152 -65.26 6.72 6.47
CA GLY I 152 -64.12 7.61 6.70
C GLY I 152 -62.76 6.94 6.70
N GLN I 153 -62.69 5.62 6.58
CA GLN I 153 -61.40 4.95 6.55
C GLN I 153 -60.68 5.27 5.25
N SER I 154 -59.36 5.46 5.34
CA SER I 154 -58.49 5.69 4.18
C SER I 154 -57.69 4.44 3.89
N TYR I 155 -57.66 4.03 2.62
CA TYR I 155 -56.96 2.80 2.24
C TYR I 155 -56.57 2.84 0.77
N ASN I 156 -55.61 1.97 0.43
CA ASN I 156 -55.14 1.78 -0.95
C ASN I 156 -55.81 0.56 -1.57
N ILE I 157 -56.57 0.78 -2.64
CA ILE I 157 -57.12 -0.31 -3.45
C ILE I 157 -56.05 -0.75 -4.43
N PHE I 158 -55.47 -1.93 -4.21
CA PHE I 158 -54.52 -2.51 -5.16
C PHE I 158 -55.26 -3.17 -6.34
N LEU I 159 -54.74 -2.94 -7.54
CA LEU I 159 -55.37 -3.38 -8.80
C LEU I 159 -54.43 -4.30 -9.56
N ALA I 160 -55.02 -5.30 -10.25
CA ALA I 160 -54.32 -6.16 -11.20
C ALA I 160 -55.12 -6.33 -12.48
N PRO I 161 -54.48 -6.40 -13.67
CA PRO I 161 -55.24 -6.72 -14.88
C PRO I 161 -55.67 -8.17 -14.93
N THR I 162 -56.71 -8.44 -15.72
CA THR I 162 -57.14 -9.79 -16.02
C THR I 162 -57.67 -9.87 -17.45
N ASP I 163 -57.54 -11.06 -18.04
CA ASP I 163 -58.05 -11.33 -19.38
C ASP I 163 -59.56 -11.55 -19.43
N ILE I 164 -60.21 -11.78 -18.28
CA ILE I 164 -61.64 -12.07 -18.23
C ILE I 164 -62.38 -10.81 -18.70
N LYS I 165 -63.07 -10.91 -19.84
CA LYS I 165 -63.72 -9.77 -20.48
C LYS I 165 -65.12 -9.46 -19.96
N HIS I 166 -65.74 -10.33 -19.15
CA HIS I 166 -67.12 -10.13 -18.71
C HIS I 166 -67.30 -10.56 -17.27
N GLY I 167 -68.22 -9.87 -16.59
CA GLY I 167 -68.63 -10.22 -15.26
C GLY I 167 -69.17 -9.03 -14.51
N SER I 168 -69.52 -9.29 -13.24
CA SER I 168 -70.10 -8.27 -12.36
C SER I 168 -69.03 -7.31 -11.85
N PHE I 169 -69.31 -6.02 -11.92
CA PHE I 169 -68.43 -4.99 -11.37
C PHE I 169 -68.74 -4.72 -9.90
N SER I 170 -67.75 -4.14 -9.22
CA SER I 170 -67.88 -3.59 -7.88
C SER I 170 -68.30 -2.12 -7.94
N ALA I 171 -68.50 -1.53 -6.75
CA ALA I 171 -68.74 -0.10 -6.62
C ALA I 171 -67.58 0.76 -7.15
N TYR I 172 -66.40 0.18 -7.33
CA TYR I 172 -65.24 0.86 -7.90
C TYR I 172 -65.01 0.49 -9.36
N GLY I 173 -65.95 -0.21 -9.99
CA GLY I 173 -65.81 -0.59 -11.38
C GLY I 173 -64.81 -1.69 -11.64
N LEU I 174 -64.49 -2.49 -10.63
CA LEU I 174 -63.54 -3.59 -10.73
C LEU I 174 -64.30 -4.91 -10.83
N LEU I 175 -63.74 -5.83 -11.60
CA LEU I 175 -64.35 -7.13 -11.80
C LEU I 175 -64.35 -7.93 -10.50
N ARG I 176 -65.53 -8.23 -9.98
CA ARG I 176 -65.68 -9.08 -8.80
C ARG I 176 -65.66 -10.55 -9.19
#